data_8HCJ
#
_entry.id   8HCJ
#
_cell.length_a   73.340
_cell.length_b   89.662
_cell.length_c   138.437
_cell.angle_alpha   102.734
_cell.angle_beta   93.985
_cell.angle_gamma   98.237
#
_symmetry.space_group_name_H-M   'P 1'
#
loop_
_entity.id
_entity.type
_entity.pdbx_description
1 polymer 'Xylan 1,4-beta-xylosidase'
2 non-polymer 'CALCIUM ION'
3 water water
#
_entity_poly.entity_id   1
_entity_poly.type   'polypeptide(L)'
_entity_poly.pdbx_seq_one_letter_code
;MGSSHHHHHHSSGLVPRGSHMQNPIIQTMYTADPAPMVYNNRLYVYTTHDEDQSTWFNMNDWKVYSTNDMVNWTDHGTIL
KYSDFAWAKGDAWAAQCVEKNGKFYLYVPVVSKVNNKGAIGVAVGDSPLGPFYDVLGKPLVQSEWGDIDPTVFIDDDGQA
HMYWGNPKLKYVKLNEDMISYSGDIIEVPMTEESFGKRDGNPERPTKYEEGPWLYKRKDLYYLFWPGGPLPEFIGYSTSK
SAKGPWKYGGIVMPAEGKSFTNHPGVIDFRGKTYFFYHNGALPGGSGFTRSVCVQELNFNKDGTIPQMKMTEGITKGIAA
LNPYQLTQAETISWSEHVKAFQNDKVGVFVRALQNGAYTSVKNVDFGDIGASAFSARVGTTHNGGVTMEIRMGSQEGPIA
GTVKVPLTGGDDRWEIINVKLDRKITGIQDVYFVFKGKASSNIMYFDYWKFSK
;
_entity_poly.pdbx_strand_id   D,E,H,A,B,G,C,F
#
# COMPACT_ATOMS: atom_id res chain seq x y z
N MET A 21 -2.28 15.97 -8.29
CA MET A 21 -2.37 17.22 -9.07
C MET A 21 -3.73 17.27 -9.77
N GLN A 22 -3.87 18.20 -10.74
CA GLN A 22 -5.11 18.32 -11.50
C GLN A 22 -4.88 18.14 -12.99
N ASN A 23 -3.66 17.87 -13.43
CA ASN A 23 -3.40 17.57 -14.83
C ASN A 23 -2.46 16.36 -14.89
N PRO A 24 -2.67 15.37 -15.78
CA PRO A 24 -3.87 15.19 -16.65
C PRO A 24 -5.13 14.94 -15.82
N ILE A 25 -6.28 15.29 -16.36
CA ILE A 25 -7.54 15.17 -15.62
C ILE A 25 -8.07 13.73 -15.63
N ILE A 26 -7.57 12.89 -16.56
CA ILE A 26 -7.95 11.48 -16.63
C ILE A 26 -6.68 10.64 -16.55
N GLN A 27 -6.65 9.74 -15.57
CA GLN A 27 -5.43 8.91 -15.36
C GLN A 27 -5.73 7.42 -15.49
N THR A 28 -6.99 7.05 -15.75
CA THR A 28 -7.45 5.67 -15.76
C THR A 28 -7.42 5.06 -17.15
N MET A 29 -6.95 5.81 -18.14
CA MET A 29 -6.98 5.42 -19.56
C MET A 29 -6.17 6.49 -20.29
N TYR A 30 -5.65 6.10 -21.48
CA TYR A 30 -4.98 7.08 -22.32
C TYR A 30 -6.04 7.74 -23.20
N THR A 31 -6.11 9.09 -23.09
CA THR A 31 -7.12 9.87 -23.77
C THR A 31 -6.43 10.97 -24.57
N ALA A 32 -7.11 11.48 -25.61
CA ALA A 32 -6.54 12.55 -26.39
C ALA A 32 -7.64 13.31 -27.12
N ASP A 33 -7.22 14.37 -27.82
CA ASP A 33 -8.04 15.13 -28.74
C ASP A 33 -9.31 15.65 -28.08
N PRO A 34 -9.22 16.39 -26.96
CA PRO A 34 -10.40 16.70 -26.18
C PRO A 34 -11.33 17.65 -26.91
N ALA A 35 -12.65 17.40 -26.76
CA ALA A 35 -13.71 18.18 -27.39
C ALA A 35 -14.80 18.46 -26.35
N PRO A 36 -14.76 19.62 -25.68
CA PRO A 36 -15.74 19.93 -24.64
C PRO A 36 -17.09 20.33 -25.19
N MET A 37 -18.11 20.24 -24.32
CA MET A 37 -19.46 20.65 -24.65
C MET A 37 -20.23 20.84 -23.33
N VAL A 38 -21.02 21.92 -23.25
CA VAL A 38 -21.85 22.14 -22.07
C VAL A 38 -23.29 21.71 -22.41
N TYR A 39 -23.91 20.98 -21.48
CA TYR A 39 -25.36 20.81 -21.59
C TYR A 39 -25.97 20.83 -20.18
N ASN A 40 -27.01 21.65 -20.04
CA ASN A 40 -27.81 21.72 -18.82
C ASN A 40 -26.93 21.81 -17.57
N ASN A 41 -26.01 22.81 -17.58
CA ASN A 41 -25.17 23.08 -16.41
C ASN A 41 -24.24 21.92 -16.06
N ARG A 42 -23.82 21.13 -17.06
CA ARG A 42 -22.80 20.12 -16.82
C ARG A 42 -21.78 20.24 -17.95
N LEU A 43 -20.49 20.06 -17.62
CA LEU A 43 -19.45 20.17 -18.61
C LEU A 43 -19.00 18.77 -19.00
N TYR A 44 -19.13 18.45 -20.29
CA TYR A 44 -18.67 17.18 -20.85
C TYR A 44 -17.44 17.42 -21.70
N VAL A 45 -16.57 16.41 -21.79
CA VAL A 45 -15.47 16.42 -22.75
C VAL A 45 -15.44 15.04 -23.44
N TYR A 46 -15.60 15.05 -24.77
CA TYR A 46 -15.49 13.85 -25.57
C TYR A 46 -14.02 13.69 -25.99
N THR A 47 -13.52 12.45 -25.99
CA THR A 47 -12.11 12.22 -26.25
C THR A 47 -11.93 11.00 -27.13
N THR A 48 -10.79 10.93 -27.82
CA THR A 48 -10.31 9.70 -28.40
C THR A 48 -9.59 8.88 -27.33
N HIS A 49 -9.35 7.61 -27.66
CA HIS A 49 -8.84 6.62 -26.75
C HIS A 49 -7.61 5.95 -27.37
N ASP A 50 -6.44 6.20 -26.79
CA ASP A 50 -5.22 5.48 -27.19
C ASP A 50 -5.20 4.13 -26.46
N GLU A 51 -5.12 3.05 -27.22
CA GLU A 51 -5.00 1.73 -26.56
C GLU A 51 -3.71 1.67 -25.74
N ASP A 52 -3.72 0.88 -24.66
CA ASP A 52 -2.51 0.62 -23.90
C ASP A 52 -1.42 0.01 -24.79
N GLN A 53 -0.17 0.37 -24.48
CA GLN A 53 1.06 -0.16 -25.08
C GLN A 53 1.11 0.07 -26.59
N SER A 54 0.55 1.23 -27.04
CA SER A 54 0.60 1.57 -28.44
C SER A 54 1.99 2.12 -28.77
N THR A 55 2.50 1.71 -29.94
CA THR A 55 3.69 2.30 -30.53
C THR A 55 3.34 3.04 -31.82
N TRP A 56 2.05 3.00 -32.19
CA TRP A 56 1.49 3.74 -33.32
C TRP A 56 0.08 4.16 -32.88
N PHE A 57 -0.63 4.91 -33.72
CA PHE A 57 -2.00 5.30 -33.41
C PHE A 57 -2.94 4.10 -33.43
N ASN A 58 -3.35 3.65 -32.24
CA ASN A 58 -4.30 2.55 -32.09
C ASN A 58 -5.55 3.12 -31.43
N MET A 59 -6.51 3.57 -32.26
CA MET A 59 -7.63 4.34 -31.75
C MET A 59 -8.92 3.80 -32.37
N ASN A 60 -9.81 3.29 -31.52
CA ASN A 60 -10.94 2.47 -31.96
C ASN A 60 -12.30 3.00 -31.48
N ASP A 61 -12.35 3.77 -30.38
CA ASP A 61 -13.63 4.21 -29.86
C ASP A 61 -13.46 5.58 -29.26
N TRP A 62 -14.60 6.19 -28.90
CA TRP A 62 -14.64 7.53 -28.35
C TRP A 62 -15.25 7.45 -26.95
N LYS A 63 -14.75 8.34 -26.06
CA LYS A 63 -15.19 8.36 -24.67
C LYS A 63 -15.82 9.71 -24.37
N VAL A 64 -16.56 9.78 -23.26
CA VAL A 64 -17.02 11.08 -22.76
C VAL A 64 -16.88 11.11 -21.24
N TYR A 65 -16.35 12.22 -20.70
CA TYR A 65 -16.23 12.46 -19.27
C TYR A 65 -17.01 13.72 -18.91
N SER A 66 -17.34 13.90 -17.63
CA SER A 66 -18.13 15.06 -17.27
C SER A 66 -17.74 15.54 -15.87
N THR A 67 -18.04 16.82 -15.61
CA THR A 67 -17.78 17.39 -14.29
C THR A 67 -18.86 18.40 -13.94
N ASN A 68 -19.06 18.52 -12.63
CA ASN A 68 -19.90 19.56 -12.05
C ASN A 68 -19.07 20.62 -11.30
N ASP A 69 -17.77 20.36 -11.11
CA ASP A 69 -16.97 21.14 -10.17
C ASP A 69 -15.56 21.46 -10.66
N MET A 70 -15.14 20.90 -11.80
CA MET A 70 -13.85 21.14 -12.45
C MET A 70 -12.68 20.43 -11.78
N VAL A 71 -12.90 19.63 -10.72
CA VAL A 71 -11.79 18.93 -10.08
C VAL A 71 -12.04 17.43 -10.09
N ASN A 72 -13.32 17.01 -10.11
CA ASN A 72 -13.68 15.61 -10.18
C ASN A 72 -14.30 15.32 -11.55
N TRP A 73 -13.80 14.29 -12.23
CA TRP A 73 -14.27 13.94 -13.58
C TRP A 73 -14.87 12.54 -13.57
N THR A 74 -16.12 12.45 -14.00
CA THR A 74 -16.83 11.20 -14.11
C THR A 74 -16.56 10.56 -15.48
N ASP A 75 -16.14 9.29 -15.47
CA ASP A 75 -15.91 8.52 -16.67
C ASP A 75 -17.24 7.83 -17.08
N HIS A 76 -17.78 8.22 -18.25
CA HIS A 76 -19.05 7.66 -18.69
C HIS A 76 -18.86 6.52 -19.68
N GLY A 77 -17.59 6.16 -19.95
CA GLY A 77 -17.27 4.99 -20.74
C GLY A 77 -17.35 5.30 -22.22
N THR A 78 -17.35 4.21 -23.02
CA THR A 78 -17.45 4.31 -24.46
C THR A 78 -18.85 4.76 -24.82
N ILE A 79 -18.94 5.78 -25.70
CA ILE A 79 -20.25 6.20 -26.20
C ILE A 79 -20.38 6.01 -27.71
N LEU A 80 -19.29 5.63 -28.40
CA LEU A 80 -19.33 5.37 -29.84
C LEU A 80 -18.08 4.61 -30.24
N LYS A 81 -18.19 3.80 -31.29
CA LYS A 81 -17.06 3.01 -31.78
C LYS A 81 -16.93 3.21 -33.28
N TYR A 82 -15.73 2.98 -33.82
CA TYR A 82 -15.57 3.05 -35.26
C TYR A 82 -16.53 2.09 -35.96
N SER A 83 -16.74 0.91 -35.34
CA SER A 83 -17.56 -0.12 -35.96
C SER A 83 -19.05 0.22 -35.93
N ASP A 84 -19.45 1.25 -35.19
CA ASP A 84 -20.82 1.74 -35.28
C ASP A 84 -21.13 2.40 -36.63
N PHE A 85 -20.09 2.68 -37.42
CA PHE A 85 -20.24 3.06 -38.81
C PHE A 85 -19.88 1.85 -39.65
N ALA A 86 -20.89 1.20 -40.27
CA ALA A 86 -20.66 -0.07 -40.97
C ALA A 86 -19.67 0.06 -42.12
N TRP A 87 -19.45 1.28 -42.61
CA TRP A 87 -18.56 1.54 -43.73
C TRP A 87 -17.15 1.95 -43.27
N ALA A 88 -16.89 1.99 -41.95
CA ALA A 88 -15.59 2.43 -41.42
C ALA A 88 -14.61 1.27 -41.28
N LYS A 89 -13.37 1.50 -41.67
CA LYS A 89 -12.30 0.51 -41.58
C LYS A 89 -11.56 0.55 -40.24
N GLY A 90 -11.50 1.76 -39.63
CA GLY A 90 -10.78 1.95 -38.40
C GLY A 90 -10.42 3.43 -38.25
N ASP A 91 -9.52 3.70 -37.30
CA ASP A 91 -8.98 5.03 -37.06
C ASP A 91 -10.02 5.99 -36.52
N ALA A 92 -10.43 5.77 -35.26
CA ALA A 92 -11.39 6.64 -34.60
C ALA A 92 -10.64 7.88 -34.07
N TRP A 93 -10.53 8.91 -34.93
CA TRP A 93 -9.69 10.05 -34.58
C TRP A 93 -10.52 11.21 -34.04
N ALA A 94 -9.92 12.41 -33.97
CA ALA A 94 -10.43 13.51 -33.16
C ALA A 94 -11.86 13.92 -33.59
N ALA A 95 -12.82 13.87 -32.64
CA ALA A 95 -14.22 14.12 -32.91
C ALA A 95 -14.73 15.30 -32.09
N GLN A 96 -15.96 15.78 -32.40
CA GLN A 96 -16.61 16.82 -31.61
C GLN A 96 -18.10 16.58 -31.54
N CYS A 97 -18.71 16.80 -30.37
CA CYS A 97 -20.14 16.72 -30.21
C CYS A 97 -20.70 18.12 -29.94
N VAL A 98 -21.78 18.49 -30.68
CA VAL A 98 -22.50 19.72 -30.42
C VAL A 98 -23.99 19.43 -30.17
N GLU A 99 -24.63 20.27 -29.36
CA GLU A 99 -26.03 20.07 -29.00
C GLU A 99 -26.91 21.13 -29.70
N LYS A 100 -28.13 20.74 -30.04
CA LYS A 100 -29.12 21.68 -30.57
C LYS A 100 -30.52 21.08 -30.31
N ASN A 101 -31.34 21.83 -29.58
CA ASN A 101 -32.72 21.41 -29.28
C ASN A 101 -32.78 20.02 -28.67
N GLY A 102 -31.85 19.73 -27.78
CA GLY A 102 -31.91 18.46 -27.05
C GLY A 102 -31.43 17.26 -27.87
N LYS A 103 -30.88 17.49 -29.09
CA LYS A 103 -30.24 16.43 -29.86
C LYS A 103 -28.74 16.71 -29.90
N PHE A 104 -27.95 15.64 -29.94
CA PHE A 104 -26.50 15.72 -29.83
C PHE A 104 -25.87 15.10 -31.06
N TYR A 105 -25.09 15.91 -31.79
CA TYR A 105 -24.50 15.53 -33.05
C TYR A 105 -23.01 15.36 -32.87
N LEU A 106 -22.53 14.15 -33.11
CA LEU A 106 -21.12 13.80 -32.91
C LEU A 106 -20.47 13.60 -34.28
N TYR A 107 -19.57 14.49 -34.61
CA TYR A 107 -18.87 14.48 -35.90
C TYR A 107 -17.53 13.79 -35.70
N VAL A 108 -17.26 12.78 -36.53
CA VAL A 108 -16.10 11.91 -36.31
C VAL A 108 -15.31 11.71 -37.59
N PRO A 109 -13.98 11.65 -37.54
CA PRO A 109 -13.19 11.18 -38.69
C PRO A 109 -12.90 9.70 -38.59
N VAL A 110 -13.11 8.98 -39.68
CA VAL A 110 -12.76 7.56 -39.77
C VAL A 110 -12.24 7.29 -41.17
N VAL A 111 -11.44 6.23 -41.32
CA VAL A 111 -11.06 5.77 -42.64
C VAL A 111 -12.21 4.92 -43.19
N SER A 112 -12.60 5.19 -44.43
CA SER A 112 -13.70 4.45 -45.06
C SER A 112 -13.20 3.14 -45.65
N LYS A 113 -14.03 2.10 -45.61
CA LYS A 113 -13.73 0.83 -46.25
C LYS A 113 -13.90 0.90 -47.76
N VAL A 114 -14.76 1.79 -48.26
CA VAL A 114 -15.09 1.80 -49.69
C VAL A 114 -13.88 2.19 -50.54
N ASN A 115 -13.09 3.17 -50.07
CA ASN A 115 -11.97 3.67 -50.85
C ASN A 115 -10.71 3.84 -50.00
N ASN A 116 -10.75 3.38 -48.76
CA ASN A 116 -9.53 3.23 -47.96
C ASN A 116 -8.87 4.57 -47.65
N LYS A 117 -9.65 5.63 -47.58
CA LYS A 117 -9.13 6.96 -47.23
C LYS A 117 -10.08 7.62 -46.23
N GLY A 118 -9.59 8.66 -45.54
CA GLY A 118 -10.32 9.38 -44.52
C GLY A 118 -11.67 9.93 -44.99
N ALA A 119 -12.59 10.09 -44.02
CA ALA A 119 -13.90 10.66 -44.25
C ALA A 119 -14.44 11.16 -42.92
N ILE A 120 -15.42 12.07 -42.99
CA ILE A 120 -16.13 12.53 -41.81
C ILE A 120 -17.53 11.95 -41.83
N GLY A 121 -17.91 11.32 -40.71
CA GLY A 121 -19.24 10.84 -40.48
C GLY A 121 -19.89 11.63 -39.35
N VAL A 122 -21.18 11.37 -39.15
CA VAL A 122 -21.94 12.02 -38.09
C VAL A 122 -22.88 10.98 -37.47
N ALA A 123 -22.89 10.92 -36.13
CA ALA A 123 -23.85 10.13 -35.37
C ALA A 123 -24.73 11.12 -34.59
N VAL A 124 -25.91 10.66 -34.18
CA VAL A 124 -26.85 11.50 -33.46
C VAL A 124 -27.35 10.72 -32.26
N GLY A 125 -27.49 11.42 -31.14
CA GLY A 125 -28.03 10.85 -29.93
C GLY A 125 -29.02 11.79 -29.27
N ASP A 126 -29.76 11.25 -28.32
CA ASP A 126 -30.75 12.07 -27.59
C ASP A 126 -30.30 12.33 -26.16
N SER A 127 -29.08 12.00 -25.82
CA SER A 127 -28.49 12.34 -24.55
C SER A 127 -27.02 12.59 -24.82
N PRO A 128 -26.34 13.31 -23.92
CA PRO A 128 -24.89 13.40 -24.07
C PRO A 128 -24.18 12.04 -24.03
N LEU A 129 -24.84 11.04 -23.42
CA LEU A 129 -24.25 9.72 -23.31
C LEU A 129 -24.72 8.78 -24.41
N GLY A 130 -25.51 9.32 -25.36
CA GLY A 130 -26.03 8.46 -26.40
C GLY A 130 -27.35 7.82 -26.02
N PRO A 131 -27.68 6.67 -26.64
CA PRO A 131 -26.82 5.99 -27.61
C PRO A 131 -26.70 6.81 -28.90
N PHE A 132 -25.56 6.71 -29.59
CA PHE A 132 -25.33 7.49 -30.79
C PHE A 132 -25.39 6.54 -31.98
N TYR A 133 -26.09 6.96 -33.05
CA TYR A 133 -26.23 6.10 -34.22
C TYR A 133 -25.82 6.86 -35.47
N ASP A 134 -25.10 6.19 -36.36
CA ASP A 134 -24.83 6.67 -37.71
C ASP A 134 -26.16 6.93 -38.42
N VAL A 135 -26.47 8.20 -38.70
CA VAL A 135 -27.75 8.51 -39.33
C VAL A 135 -27.67 8.53 -40.87
N LEU A 136 -26.46 8.46 -41.42
CA LEU A 136 -26.31 8.54 -42.88
C LEU A 136 -26.02 7.19 -43.55
N GLY A 137 -25.27 6.31 -42.89
CA GLY A 137 -24.86 5.06 -43.54
C GLY A 137 -23.72 5.27 -44.53
N LYS A 138 -23.13 6.46 -44.54
CA LYS A 138 -22.09 6.85 -45.48
C LYS A 138 -21.47 8.14 -44.92
N PRO A 139 -20.36 8.64 -45.49
CA PRO A 139 -19.76 9.88 -45.00
C PRO A 139 -20.69 11.08 -45.11
N LEU A 140 -20.59 11.99 -44.13
CA LEU A 140 -21.16 13.32 -44.29
C LEU A 140 -20.39 14.11 -45.34
N VAL A 141 -19.06 13.99 -45.35
CA VAL A 141 -18.21 14.65 -46.31
C VAL A 141 -16.96 13.78 -46.50
N GLN A 142 -16.58 13.65 -47.76
CA GLN A 142 -15.34 13.01 -48.14
C GLN A 142 -14.77 13.80 -49.32
N SER A 143 -13.53 14.24 -49.17
CA SER A 143 -12.86 15.07 -50.16
C SER A 143 -11.90 14.20 -50.95
N GLU A 144 -10.90 14.86 -51.54
CA GLU A 144 -9.87 14.16 -52.29
C GLU A 144 -8.97 13.38 -51.36
N TRP A 145 -8.62 14.00 -50.22
CA TRP A 145 -7.74 13.41 -49.23
C TRP A 145 -7.52 14.37 -48.05
N GLY A 146 -7.34 13.83 -46.85
CA GLY A 146 -7.04 14.65 -45.69
C GLY A 146 -8.28 15.06 -44.90
N ASP A 147 -9.28 14.18 -44.87
CA ASP A 147 -10.54 14.42 -44.21
C ASP A 147 -10.48 13.94 -42.76
N ILE A 148 -9.88 14.74 -41.88
CA ILE A 148 -9.85 14.45 -40.46
C ILE A 148 -10.17 15.72 -39.66
N ASP A 149 -10.41 15.51 -38.36
CA ASP A 149 -10.44 16.55 -37.33
C ASP A 149 -11.54 17.59 -37.53
N PRO A 150 -12.83 17.21 -37.57
CA PRO A 150 -13.87 18.22 -37.74
C PRO A 150 -14.08 19.04 -36.45
N THR A 151 -14.44 20.31 -36.67
CA THR A 151 -15.02 21.14 -35.64
C THR A 151 -16.29 21.74 -36.24
N VAL A 152 -17.33 21.82 -35.40
CA VAL A 152 -18.63 22.34 -35.79
C VAL A 152 -19.05 23.36 -34.76
N PHE A 153 -19.61 24.48 -35.21
CA PHE A 153 -20.02 25.56 -34.32
C PHE A 153 -21.36 26.12 -34.82
N ILE A 154 -22.29 26.32 -33.89
CA ILE A 154 -23.57 26.94 -34.20
C ILE A 154 -23.51 28.38 -33.70
N ASP A 155 -23.72 29.31 -34.65
CA ASP A 155 -23.60 30.73 -34.35
C ASP A 155 -24.85 31.24 -33.63
N ASP A 156 -24.82 32.53 -33.27
CA ASP A 156 -25.95 33.17 -32.61
C ASP A 156 -27.17 33.21 -33.53
N ASP A 157 -26.94 33.37 -34.84
CA ASP A 157 -28.04 33.41 -35.78
C ASP A 157 -28.62 32.02 -36.09
N GLY A 158 -28.10 30.97 -35.44
CA GLY A 158 -28.57 29.61 -35.67
C GLY A 158 -27.87 28.85 -36.80
N GLN A 159 -26.96 29.49 -37.51
CA GLN A 159 -26.26 28.90 -38.65
C GLN A 159 -25.03 28.10 -38.17
N ALA A 160 -24.87 26.90 -38.76
CA ALA A 160 -23.86 25.96 -38.30
C ALA A 160 -22.74 25.84 -39.33
N HIS A 161 -21.51 25.78 -38.85
CA HIS A 161 -20.33 25.88 -39.71
C HIS A 161 -19.36 24.76 -39.33
N MET A 162 -18.77 24.11 -40.34
CA MET A 162 -17.82 23.05 -40.06
C MET A 162 -16.49 23.31 -40.76
N TYR A 163 -15.40 23.20 -39.97
CA TYR A 163 -14.04 23.27 -40.48
C TYR A 163 -13.34 21.94 -40.18
N TRP A 164 -12.37 21.58 -41.04
CA TRP A 164 -11.62 20.36 -40.77
C TRP A 164 -10.41 20.33 -41.72
N GLY A 165 -9.56 19.31 -41.58
CA GLY A 165 -8.59 19.04 -42.61
C GLY A 165 -7.12 19.00 -42.14
N ASN A 166 -6.36 18.13 -42.82
CA ASN A 166 -4.93 17.98 -42.71
C ASN A 166 -4.46 17.29 -43.98
N PRO A 167 -3.62 17.92 -44.84
CA PRO A 167 -2.94 19.20 -44.59
C PRO A 167 -3.74 20.47 -44.90
N LYS A 168 -4.81 20.36 -45.73
CA LYS A 168 -5.52 21.56 -46.14
C LYS A 168 -6.75 21.82 -45.26
N LEU A 169 -6.87 23.05 -44.76
CA LEU A 169 -8.06 23.48 -44.05
C LEU A 169 -9.23 23.65 -45.02
N LYS A 170 -10.35 23.02 -44.68
CA LYS A 170 -11.55 23.03 -45.50
C LYS A 170 -12.73 23.45 -44.63
N TYR A 171 -13.80 23.90 -45.31
CA TYR A 171 -14.94 24.52 -44.67
C TYR A 171 -16.20 24.16 -45.46
N VAL A 172 -17.30 23.93 -44.74
CA VAL A 172 -18.61 23.79 -45.38
C VAL A 172 -19.63 24.44 -44.46
N LYS A 173 -20.72 24.91 -45.05
CA LYS A 173 -21.80 25.42 -44.23
C LYS A 173 -22.78 24.29 -44.11
N LEU A 174 -23.13 23.98 -42.88
CA LEU A 174 -24.05 22.89 -42.66
C LEU A 174 -25.49 23.38 -42.73
N ASN A 175 -26.38 22.50 -43.20
CA ASN A 175 -27.78 22.82 -43.23
C ASN A 175 -28.34 22.80 -41.80
N GLU A 176 -29.54 23.36 -41.61
CA GLU A 176 -30.18 23.25 -40.30
C GLU A 176 -30.30 21.81 -39.78
N ASP A 177 -30.40 20.78 -40.68
CA ASP A 177 -30.54 19.42 -40.19
C ASP A 177 -29.26 18.92 -39.50
N MET A 178 -28.14 19.61 -39.72
CA MET A 178 -26.84 19.33 -39.11
C MET A 178 -26.16 18.08 -39.69
N ILE A 179 -26.78 17.40 -40.64
CA ILE A 179 -26.32 16.12 -41.12
C ILE A 179 -26.20 16.16 -42.63
N SER A 180 -26.10 17.37 -43.18
CA SER A 180 -25.87 17.52 -44.63
C SER A 180 -25.35 18.93 -44.83
N TYR A 181 -24.80 19.17 -46.01
CA TYR A 181 -24.35 20.48 -46.41
C TYR A 181 -24.79 20.67 -47.87
N SER A 182 -25.03 21.93 -48.21
CA SER A 182 -25.19 22.33 -49.60
C SER A 182 -24.25 23.50 -49.80
N GLY A 183 -23.92 23.74 -51.07
CA GLY A 183 -22.77 24.54 -51.39
C GLY A 183 -21.61 23.59 -51.65
N ASP A 184 -20.44 24.20 -51.82
CA ASP A 184 -19.24 23.41 -52.11
C ASP A 184 -18.34 23.29 -50.87
N ILE A 185 -17.38 22.39 -50.97
CA ILE A 185 -16.26 22.34 -50.03
C ILE A 185 -15.32 23.48 -50.35
N ILE A 186 -15.15 24.38 -49.39
CA ILE A 186 -14.32 25.58 -49.57
C ILE A 186 -12.92 25.27 -49.00
N GLU A 187 -11.89 25.42 -49.85
CA GLU A 187 -10.51 25.28 -49.39
C GLU A 187 -10.01 26.65 -48.92
N VAL A 188 -9.82 26.79 -47.60
CA VAL A 188 -9.46 28.05 -46.99
C VAL A 188 -8.06 28.45 -47.44
N PRO A 189 -7.85 29.68 -47.94
CA PRO A 189 -6.52 30.07 -48.45
C PRO A 189 -5.47 29.98 -47.36
N MET A 190 -4.45 29.15 -47.62
CA MET A 190 -3.37 28.89 -46.67
C MET A 190 -2.36 30.02 -46.75
N THR A 191 -2.75 31.15 -46.13
CA THR A 191 -1.94 32.36 -46.24
C THR A 191 -1.17 32.59 -44.97
N GLU A 192 -0.03 33.20 -45.16
CA GLU A 192 0.88 33.54 -44.10
C GLU A 192 0.26 34.59 -43.16
N GLU A 193 -0.58 35.51 -43.68
CA GLU A 193 -1.39 36.42 -42.90
C GLU A 193 -2.44 35.71 -42.05
N SER A 194 -2.97 34.56 -42.51
CA SER A 194 -4.06 33.90 -41.79
C SER A 194 -3.51 32.91 -40.74
N PHE A 195 -2.37 32.26 -41.03
CA PHE A 195 -1.90 31.17 -40.18
C PHE A 195 -0.39 31.17 -39.96
N GLY A 196 0.29 32.25 -40.32
CA GLY A 196 1.71 32.36 -40.01
C GLY A 196 2.59 31.67 -41.04
N LYS A 197 3.90 31.75 -40.77
CA LYS A 197 4.85 31.20 -41.74
C LYS A 197 5.61 30.01 -41.21
N ARG A 198 5.64 28.96 -41.98
CA ARG A 198 6.48 27.83 -41.69
C ARG A 198 7.52 27.84 -42.80
N ASP A 199 8.73 27.34 -42.56
CA ASP A 199 9.68 27.29 -43.68
C ASP A 199 10.13 25.90 -44.12
N GLY A 200 10.21 25.71 -45.45
CA GLY A 200 10.78 24.51 -46.01
C GLY A 200 9.76 23.45 -46.36
N ASN A 201 8.47 23.82 -46.42
CA ASN A 201 7.44 22.83 -46.71
C ASN A 201 6.44 23.40 -47.70
N PRO A 202 6.26 22.70 -48.82
CA PRO A 202 5.34 23.16 -49.85
C PRO A 202 3.95 22.58 -49.69
N GLU A 203 3.86 21.43 -49.02
CA GLU A 203 2.55 20.88 -48.69
C GLU A 203 1.97 21.78 -47.60
N ARG A 204 2.85 22.53 -46.94
CA ARG A 204 2.44 23.26 -45.76
C ARG A 204 3.05 24.63 -45.80
N PRO A 205 2.33 25.61 -46.38
CA PRO A 205 2.89 26.95 -46.49
C PRO A 205 2.82 27.72 -45.17
N THR A 206 1.94 27.29 -44.25
CA THR A 206 1.70 28.03 -43.02
C THR A 206 1.94 27.14 -41.81
N LYS A 207 1.80 27.72 -40.62
CA LYS A 207 1.98 26.99 -39.40
C LYS A 207 0.85 25.97 -39.17
N TYR A 208 -0.32 26.16 -39.82
CA TYR A 208 -1.45 25.27 -39.61
C TYR A 208 -1.06 23.83 -39.95
N GLU A 209 -1.40 22.91 -39.04
CA GLU A 209 -1.15 21.49 -39.24
C GLU A 209 -2.42 20.68 -39.39
N GLU A 210 -3.36 20.86 -38.45
CA GLU A 210 -4.59 20.09 -38.41
C GLU A 210 -5.53 20.64 -37.35
N GLY A 211 -6.53 19.84 -36.96
CA GLY A 211 -7.25 20.01 -35.71
C GLY A 211 -7.85 21.38 -35.41
N PRO A 212 -8.62 22.00 -36.34
CA PRO A 212 -9.19 23.31 -36.04
C PRO A 212 -10.29 23.21 -34.98
N TRP A 213 -10.45 24.29 -34.21
CA TRP A 213 -11.49 24.42 -33.21
C TRP A 213 -12.06 25.84 -33.28
N LEU A 214 -13.36 25.93 -33.56
CA LEU A 214 -14.03 27.22 -33.76
C LEU A 214 -14.75 27.63 -32.48
N TYR A 215 -14.50 28.84 -32.02
CA TYR A 215 -14.96 29.35 -30.72
C TYR A 215 -15.33 30.84 -30.86
N LYS A 216 -16.23 31.36 -30.01
CA LYS A 216 -16.58 32.76 -30.03
C LYS A 216 -16.51 33.37 -28.64
N ARG A 217 -15.98 34.61 -28.55
CA ARG A 217 -16.02 35.40 -27.32
C ARG A 217 -16.29 36.85 -27.69
N LYS A 218 -17.33 37.43 -27.06
CA LYS A 218 -17.76 38.81 -27.34
C LYS A 218 -18.04 38.89 -28.86
N ASP A 219 -17.36 39.82 -29.55
CA ASP A 219 -17.61 40.00 -30.98
C ASP A 219 -16.54 39.33 -31.85
N LEU A 220 -15.73 38.44 -31.27
CA LEU A 220 -14.59 37.87 -31.98
C LEU A 220 -14.71 36.35 -32.12
N TYR A 221 -14.42 35.87 -33.34
CA TYR A 221 -14.33 34.44 -33.58
C TYR A 221 -12.86 34.01 -33.50
N TYR A 222 -12.62 32.84 -32.88
CA TYR A 222 -11.31 32.26 -32.76
C TYR A 222 -11.27 30.91 -33.43
N LEU A 223 -10.19 30.66 -34.18
CA LEU A 223 -9.88 29.35 -34.70
C LEU A 223 -8.58 28.89 -34.05
N PHE A 224 -8.66 27.94 -33.11
CA PHE A 224 -7.48 27.34 -32.52
C PHE A 224 -7.05 26.15 -33.38
N TRP A 225 -5.74 25.88 -33.42
CA TRP A 225 -5.30 24.77 -34.24
C TRP A 225 -3.93 24.27 -33.81
N PRO A 226 -3.67 22.95 -33.84
CA PRO A 226 -2.29 22.48 -33.78
C PRO A 226 -1.49 23.07 -34.93
N GLY A 227 -0.25 23.47 -34.60
CA GLY A 227 0.66 23.97 -35.61
C GLY A 227 1.95 23.16 -35.67
N GLY A 228 2.58 23.21 -36.84
CA GLY A 228 3.85 22.59 -37.08
C GLY A 228 4.91 23.63 -37.47
N PRO A 229 6.15 23.19 -37.77
CA PRO A 229 6.55 21.78 -37.85
C PRO A 229 6.55 21.06 -36.50
N LEU A 230 6.45 19.73 -36.53
CA LEU A 230 6.44 18.93 -35.31
C LEU A 230 7.71 19.14 -34.48
N PRO A 231 7.67 19.03 -33.15
CA PRO A 231 6.48 18.70 -32.34
C PRO A 231 5.43 19.83 -32.33
N GLU A 232 4.14 19.45 -32.32
CA GLU A 232 3.07 20.41 -32.49
C GLU A 232 2.94 21.40 -31.33
N PHE A 233 2.61 22.64 -31.67
CA PHE A 233 2.18 23.65 -30.70
C PHE A 233 0.73 23.97 -30.96
N ILE A 234 0.12 24.86 -30.18
CA ILE A 234 -1.23 25.33 -30.45
C ILE A 234 -1.16 26.81 -30.79
N GLY A 235 -1.58 27.13 -32.01
CA GLY A 235 -1.74 28.51 -32.44
C GLY A 235 -3.22 28.89 -32.57
N TYR A 236 -3.46 30.17 -32.85
CA TYR A 236 -4.81 30.63 -33.06
C TYR A 236 -4.86 31.74 -34.10
N SER A 237 -6.05 31.91 -34.68
CA SER A 237 -6.38 32.97 -35.60
C SER A 237 -7.69 33.61 -35.11
N THR A 238 -7.95 34.85 -35.59
CA THR A 238 -9.20 35.54 -35.24
C THR A 238 -9.89 35.99 -36.51
N SER A 239 -11.19 36.26 -36.35
CA SER A 239 -11.99 36.75 -37.47
C SER A 239 -13.22 37.44 -36.91
N LYS A 240 -13.84 38.22 -37.80
CA LYS A 240 -15.00 39.00 -37.46
C LYS A 240 -16.30 38.21 -37.68
N SER A 241 -16.22 37.20 -38.54
CA SER A 241 -17.32 36.30 -38.82
C SER A 241 -16.75 34.85 -38.79
N ALA A 242 -17.66 33.88 -38.64
CA ALA A 242 -17.29 32.48 -38.58
C ALA A 242 -16.72 31.97 -39.89
N LYS A 243 -17.00 32.60 -41.04
CA LYS A 243 -16.50 32.02 -42.28
C LYS A 243 -15.16 32.60 -42.68
N GLY A 244 -14.58 33.44 -41.81
CA GLY A 244 -13.34 34.10 -42.14
C GLY A 244 -13.63 35.51 -42.58
N PRO A 245 -12.61 36.28 -43.02
CA PRO A 245 -11.23 35.80 -43.21
C PRO A 245 -10.46 35.70 -41.90
N TRP A 246 -9.43 34.85 -41.83
CA TRP A 246 -8.76 34.62 -40.56
C TRP A 246 -7.45 35.38 -40.40
N LYS A 247 -7.14 35.77 -39.16
CA LYS A 247 -6.03 36.63 -38.85
C LYS A 247 -5.10 35.95 -37.87
N TYR A 248 -3.83 35.69 -38.21
CA TYR A 248 -2.98 34.98 -37.25
C TYR A 248 -2.87 35.76 -35.92
N GLY A 249 -3.03 35.05 -34.79
CA GLY A 249 -2.99 35.68 -33.48
C GLY A 249 -1.66 35.44 -32.80
N GLY A 250 -1.17 34.19 -32.85
CA GLY A 250 0.09 33.83 -32.25
C GLY A 250 0.03 32.40 -31.71
N ILE A 251 0.99 32.07 -30.85
CA ILE A 251 1.08 30.78 -30.21
C ILE A 251 0.28 30.85 -28.90
N VAL A 252 -0.66 29.93 -28.74
CA VAL A 252 -1.35 29.82 -27.45
C VAL A 252 -0.50 28.95 -26.51
N MET A 253 0.05 27.84 -27.05
CA MET A 253 0.81 26.97 -26.17
C MET A 253 1.95 26.30 -26.93
N PRO A 254 3.21 26.63 -26.60
CA PRO A 254 4.35 26.02 -27.30
C PRO A 254 4.42 24.52 -27.06
N ALA A 255 5.08 23.82 -28.00
CA ALA A 255 5.35 22.40 -27.87
C ALA A 255 6.12 22.15 -26.56
N GLU A 256 5.75 21.09 -25.86
CA GLU A 256 6.21 20.80 -24.52
C GLU A 256 5.79 19.36 -24.21
N GLY A 257 6.67 18.62 -23.51
CA GLY A 257 6.37 17.31 -22.99
C GLY A 257 6.65 16.18 -23.99
N LYS A 258 6.10 14.99 -23.65
CA LYS A 258 6.42 13.78 -24.39
C LYS A 258 5.47 13.45 -25.55
N SER A 259 4.44 14.27 -25.83
CA SER A 259 3.53 13.96 -26.93
C SER A 259 3.79 14.92 -28.10
N PHE A 260 4.17 14.38 -29.25
CA PHE A 260 4.47 15.21 -30.40
C PHE A 260 3.22 15.86 -31.02
N THR A 261 2.02 15.45 -30.59
CA THR A 261 0.80 16.13 -30.98
C THR A 261 0.24 16.86 -29.79
N ASN A 262 -0.49 17.96 -30.08
CA ASN A 262 -1.35 18.61 -29.11
C ASN A 262 -2.63 18.98 -29.86
N HIS A 263 -3.75 19.00 -29.13
CA HIS A 263 -5.04 19.14 -29.79
C HIS A 263 -5.99 19.94 -28.91
N PRO A 264 -6.49 21.10 -29.40
CA PRO A 264 -7.19 22.01 -28.50
C PRO A 264 -8.72 21.86 -28.55
N GLY A 265 -9.34 22.08 -27.37
CA GLY A 265 -10.77 22.33 -27.29
C GLY A 265 -11.05 23.43 -26.28
N VAL A 266 -11.78 24.48 -26.68
CA VAL A 266 -11.95 25.67 -25.84
C VAL A 266 -13.45 25.89 -25.63
N ILE A 267 -13.84 26.29 -24.41
CA ILE A 267 -15.24 26.40 -24.10
C ILE A 267 -15.44 27.25 -22.84
N ASP A 268 -16.59 27.95 -22.78
CA ASP A 268 -17.00 28.67 -21.56
C ASP A 268 -17.84 27.80 -20.66
N PHE A 269 -17.60 27.89 -19.35
CA PHE A 269 -18.37 27.19 -18.34
C PHE A 269 -18.48 28.08 -17.11
N ARG A 270 -19.73 28.41 -16.72
CA ARG A 270 -20.03 29.21 -15.52
C ARG A 270 -19.14 30.46 -15.44
N GLY A 271 -19.04 31.17 -16.58
CA GLY A 271 -18.38 32.46 -16.62
C GLY A 271 -16.85 32.41 -16.78
N LYS A 272 -16.22 31.23 -16.88
CA LYS A 272 -14.80 31.16 -17.19
C LYS A 272 -14.55 30.38 -18.48
N THR A 273 -13.40 30.66 -19.11
CA THR A 273 -13.03 29.93 -20.31
C THR A 273 -11.96 28.89 -20.00
N TYR A 274 -12.13 27.69 -20.54
CA TYR A 274 -11.24 26.57 -20.29
C TYR A 274 -10.66 26.06 -21.59
N PHE A 275 -9.36 25.73 -21.49
CA PHE A 275 -8.52 25.26 -22.58
C PHE A 275 -8.18 23.81 -22.27
N PHE A 276 -8.81 22.89 -23.04
CA PHE A 276 -8.48 21.48 -23.00
C PHE A 276 -7.41 21.18 -24.02
N TYR A 277 -6.51 20.25 -23.65
CA TYR A 277 -5.43 19.87 -24.56
C TYR A 277 -5.02 18.47 -24.14
N HIS A 278 -3.88 17.98 -24.67
CA HIS A 278 -3.38 16.70 -24.18
C HIS A 278 -1.86 16.71 -24.17
N ASN A 279 -1.27 15.73 -23.48
CA ASN A 279 0.18 15.61 -23.39
C ASN A 279 0.53 14.14 -23.22
N GLY A 280 1.78 13.85 -22.80
CA GLY A 280 2.21 12.49 -22.51
C GLY A 280 2.70 12.29 -21.09
N ALA A 281 1.98 12.83 -20.11
CA ALA A 281 2.49 12.95 -18.73
C ALA A 281 2.10 11.77 -17.83
N LEU A 282 1.34 10.77 -18.34
CA LEU A 282 1.02 9.64 -17.49
C LEU A 282 2.19 8.65 -17.47
N PRO A 283 2.27 7.76 -16.47
CA PRO A 283 3.25 6.67 -16.57
C PRO A 283 2.97 5.91 -17.86
N GLY A 284 4.05 5.60 -18.60
CA GLY A 284 3.91 4.95 -19.90
C GLY A 284 3.39 5.90 -20.98
N GLY A 285 3.29 7.21 -20.69
CA GLY A 285 2.75 8.15 -21.65
C GLY A 285 3.73 8.44 -22.77
N SER A 286 3.18 8.83 -23.93
CA SER A 286 3.98 9.08 -25.11
C SER A 286 3.07 9.73 -26.17
N GLY A 287 3.61 9.93 -27.37
CA GLY A 287 2.84 10.45 -28.47
C GLY A 287 1.73 9.51 -28.94
N PHE A 288 1.82 8.22 -28.54
CA PHE A 288 0.77 7.26 -28.90
C PHE A 288 -0.02 6.78 -27.69
N THR A 289 0.32 7.29 -26.50
CA THR A 289 -0.35 6.98 -25.24
C THR A 289 -0.50 8.31 -24.50
N ARG A 290 -1.46 9.13 -24.96
CA ARG A 290 -1.56 10.50 -24.51
C ARG A 290 -2.56 10.60 -23.35
N SER A 291 -2.72 11.83 -22.83
CA SER A 291 -3.59 12.08 -21.70
C SER A 291 -4.17 13.48 -21.81
N VAL A 292 -5.49 13.62 -21.59
CA VAL A 292 -6.19 14.90 -21.71
C VAL A 292 -5.92 15.75 -20.46
N CYS A 293 -5.74 17.07 -20.67
CA CYS A 293 -5.48 18.04 -19.60
C CYS A 293 -6.41 19.24 -19.79
N VAL A 294 -6.52 20.07 -18.73
CA VAL A 294 -7.28 21.31 -18.87
C VAL A 294 -6.68 22.38 -17.95
N GLN A 295 -6.68 23.63 -18.44
CA GLN A 295 -6.39 24.78 -17.59
C GLN A 295 -7.22 25.96 -18.05
N GLU A 296 -7.32 26.97 -17.19
CA GLU A 296 -8.10 28.16 -17.53
C GLU A 296 -7.42 28.93 -18.68
N LEU A 297 -8.22 29.49 -19.58
CA LEU A 297 -7.73 30.34 -20.66
C LEU A 297 -8.02 31.81 -20.34
N ASN A 298 -6.95 32.61 -20.22
CA ASN A 298 -7.05 34.03 -19.87
C ASN A 298 -6.88 34.87 -21.13
N PHE A 299 -7.71 35.94 -21.23
CA PHE A 299 -7.61 36.84 -22.38
C PHE A 299 -7.05 38.21 -21.93
N ASN A 300 -6.32 38.84 -22.82
CA ASN A 300 -5.96 40.23 -22.64
C ASN A 300 -7.18 41.11 -22.95
N LYS A 301 -7.06 42.39 -22.56
CA LYS A 301 -8.18 43.32 -22.66
C LYS A 301 -8.60 43.52 -24.10
N ASP A 302 -7.70 43.44 -25.08
CA ASP A 302 -8.06 43.59 -26.47
C ASP A 302 -8.60 42.30 -27.10
N GLY A 303 -8.66 41.19 -26.34
CA GLY A 303 -9.15 39.93 -26.89
C GLY A 303 -8.05 39.01 -27.44
N THR A 304 -6.80 39.45 -27.41
CA THR A 304 -5.69 38.58 -27.77
C THR A 304 -5.42 37.63 -26.60
N ILE A 305 -4.60 36.60 -26.88
CA ILE A 305 -4.34 35.54 -25.94
C ILE A 305 -2.84 35.50 -25.66
N PRO A 306 -2.42 35.67 -24.40
CA PRO A 306 -0.99 35.51 -24.07
C PRO A 306 -0.56 34.04 -24.12
N GLN A 307 0.67 33.81 -24.58
CA GLN A 307 1.34 32.52 -24.56
C GLN A 307 1.32 31.97 -23.14
N MET A 308 1.04 30.65 -23.05
CA MET A 308 0.98 30.04 -21.74
C MET A 308 1.65 28.66 -21.82
N LYS A 309 2.10 28.20 -20.67
CA LYS A 309 2.68 26.91 -20.58
C LYS A 309 1.65 25.92 -20.02
N MET A 310 2.07 24.68 -19.91
CA MET A 310 1.21 23.69 -19.33
C MET A 310 1.34 23.87 -17.83
N THR A 311 0.20 24.00 -17.17
CA THR A 311 0.16 24.19 -15.72
C THR A 311 -0.40 22.94 -15.05
N GLU A 312 -0.50 23.00 -13.73
CA GLU A 312 -1.02 21.91 -12.94
C GLU A 312 -2.55 21.97 -12.92
N GLY A 313 -3.14 22.93 -13.64
CA GLY A 313 -4.56 22.93 -13.88
C GLY A 313 -5.36 23.66 -12.81
N ILE A 314 -6.59 23.20 -12.61
CA ILE A 314 -7.54 23.84 -11.73
C ILE A 314 -7.17 23.48 -10.29
N THR A 315 -6.89 24.52 -9.50
CA THR A 315 -6.45 24.32 -8.12
C THR A 315 -7.61 24.30 -7.15
N LYS A 316 -8.72 24.96 -7.50
CA LYS A 316 -9.89 25.02 -6.62
C LYS A 316 -11.17 24.63 -7.36
N GLY A 317 -11.97 23.77 -6.74
CA GLY A 317 -13.25 23.42 -7.32
C GLY A 317 -14.27 24.53 -7.24
N ILE A 318 -15.16 24.58 -8.22
CA ILE A 318 -16.19 25.62 -8.27
C ILE A 318 -17.50 25.15 -7.64
N ALA A 319 -17.53 23.92 -7.11
CA ALA A 319 -18.71 23.42 -6.39
C ALA A 319 -18.28 22.22 -5.56
N ALA A 320 -19.08 21.85 -4.55
CA ALA A 320 -18.77 20.72 -3.68
C ALA A 320 -19.36 19.44 -4.26
N LEU A 321 -18.79 18.30 -3.85
CA LEU A 321 -19.36 17.00 -4.16
C LEU A 321 -20.11 16.49 -2.92
N ASN A 322 -21.33 15.96 -3.14
CA ASN A 322 -22.18 15.52 -2.06
C ASN A 322 -21.87 14.04 -1.79
N PRO A 323 -21.27 13.69 -0.63
CA PRO A 323 -20.91 12.31 -0.37
C PRO A 323 -22.08 11.46 0.11
N TYR A 324 -23.26 12.06 0.29
CA TYR A 324 -24.43 11.31 0.77
C TYR A 324 -25.28 10.80 -0.38
N GLN A 325 -24.76 10.91 -1.61
CA GLN A 325 -25.31 10.36 -2.83
C GLN A 325 -24.42 9.22 -3.31
N LEU A 326 -25.00 8.34 -4.15
CA LEU A 326 -24.18 7.37 -4.87
C LEU A 326 -23.16 8.16 -5.72
N THR A 327 -21.88 7.84 -5.51
CA THR A 327 -20.81 8.47 -6.24
C THR A 327 -19.94 7.37 -6.87
N GLN A 328 -19.63 7.52 -8.16
CA GLN A 328 -19.02 6.44 -8.90
C GLN A 328 -17.53 6.34 -8.54
N ALA A 329 -17.04 5.09 -8.51
CA ALA A 329 -15.60 4.87 -8.38
C ALA A 329 -14.84 5.55 -9.51
N GLU A 330 -15.48 5.73 -10.66
CA GLU A 330 -14.88 6.32 -11.84
C GLU A 330 -15.07 7.84 -11.89
N THR A 331 -15.60 8.43 -10.81
CA THR A 331 -15.55 9.88 -10.64
C THR A 331 -14.28 10.20 -9.86
N ILE A 332 -13.26 10.68 -10.57
CA ILE A 332 -11.92 10.71 -10.01
C ILE A 332 -11.32 12.10 -10.23
N SER A 333 -10.66 12.61 -9.18
CA SER A 333 -9.83 13.80 -9.27
C SER A 333 -8.40 13.41 -9.64
N TRP A 334 -7.75 12.66 -8.73
CA TRP A 334 -6.41 12.16 -8.99
C TRP A 334 -6.34 10.71 -8.55
N SER A 335 -5.51 9.94 -9.25
CA SER A 335 -5.37 8.52 -8.96
C SER A 335 -3.97 8.09 -9.38
N GLU A 336 -3.54 6.94 -8.84
CA GLU A 336 -2.36 6.26 -9.38
C GLU A 336 -2.61 4.77 -9.38
N HIS A 337 -2.12 4.12 -10.44
CA HIS A 337 -2.14 2.66 -10.62
C HIS A 337 -3.58 2.14 -10.59
N VAL A 338 -4.50 2.92 -11.18
CA VAL A 338 -5.88 2.55 -11.37
C VAL A 338 -6.21 2.61 -12.85
N LYS A 339 -6.90 1.59 -13.36
CA LYS A 339 -7.43 1.59 -14.73
C LYS A 339 -8.95 1.43 -14.69
N ALA A 340 -9.63 1.98 -15.71
CA ALA A 340 -11.08 1.96 -15.85
C ALA A 340 -11.50 0.92 -16.87
N PHE A 341 -12.67 0.28 -16.60
CA PHE A 341 -13.23 -0.76 -17.44
C PHE A 341 -14.73 -0.57 -17.49
N GLN A 342 -15.44 -1.36 -18.31
CA GLN A 342 -16.88 -1.34 -18.20
C GLN A 342 -17.47 -2.66 -18.68
N ASN A 343 -18.69 -2.95 -18.19
CA ASN A 343 -19.48 -4.06 -18.69
C ASN A 343 -20.95 -3.68 -18.59
N ASP A 344 -21.81 -4.60 -19.04
CA ASP A 344 -23.23 -4.39 -19.16
C ASP A 344 -23.94 -4.48 -17.82
N LYS A 345 -23.33 -5.16 -16.85
CA LYS A 345 -24.01 -5.43 -15.59
C LYS A 345 -23.92 -4.22 -14.63
N VAL A 346 -22.74 -3.58 -14.50
CA VAL A 346 -22.57 -2.49 -13.56
C VAL A 346 -22.17 -1.19 -14.26
N GLY A 347 -21.76 -1.27 -15.53
CA GLY A 347 -21.38 -0.04 -16.20
C GLY A 347 -19.87 0.15 -16.10
N VAL A 348 -19.43 1.38 -15.83
CA VAL A 348 -18.02 1.68 -15.69
C VAL A 348 -17.59 1.37 -14.27
N PHE A 349 -16.38 0.78 -14.13
CA PHE A 349 -15.82 0.48 -12.82
C PHE A 349 -14.31 0.65 -12.94
N VAL A 350 -13.63 0.58 -11.80
CA VAL A 350 -12.17 0.74 -11.80
C VAL A 350 -11.53 -0.49 -11.16
N ARG A 351 -10.32 -0.80 -11.60
CA ARG A 351 -9.51 -1.86 -11.01
C ARG A 351 -8.20 -1.27 -10.52
N ALA A 352 -7.83 -1.65 -9.27
CA ALA A 352 -6.52 -1.30 -8.73
C ALA A 352 -5.47 -2.27 -9.27
N LEU A 353 -4.44 -1.76 -9.94
CA LEU A 353 -3.47 -2.61 -10.60
C LEU A 353 -2.35 -3.11 -9.69
N GLN A 354 -2.15 -2.50 -8.52
CA GLN A 354 -1.07 -2.95 -7.63
C GLN A 354 -1.32 -2.43 -6.22
N ASN A 355 -0.58 -2.98 -5.25
CA ASN A 355 -0.78 -2.63 -3.85
C ASN A 355 -0.48 -1.16 -3.63
N GLY A 356 -1.35 -0.49 -2.87
CA GLY A 356 -1.17 0.93 -2.58
C GLY A 356 -1.69 1.86 -3.67
N ALA A 357 -2.32 1.34 -4.74
CA ALA A 357 -2.97 2.18 -5.74
C ALA A 357 -4.10 2.94 -5.05
N TYR A 358 -4.46 4.09 -5.64
CA TYR A 358 -5.51 4.86 -4.97
C TYR A 358 -6.26 5.72 -5.97
N THR A 359 -7.49 6.07 -5.56
CA THR A 359 -8.27 7.14 -6.18
C THR A 359 -8.53 8.23 -5.14
N SER A 360 -8.83 9.43 -5.62
CA SER A 360 -9.13 10.55 -4.73
C SER A 360 -10.22 11.40 -5.36
N VAL A 361 -11.04 12.00 -4.49
CA VAL A 361 -12.00 13.00 -4.87
C VAL A 361 -11.75 14.26 -4.02
N LYS A 362 -11.94 15.44 -4.63
CA LYS A 362 -11.65 16.71 -3.98
C LYS A 362 -12.94 17.45 -3.60
N ASN A 363 -12.84 18.29 -2.56
CA ASN A 363 -13.88 19.24 -2.21
C ASN A 363 -15.21 18.53 -1.89
N VAL A 364 -15.14 17.52 -1.03
CA VAL A 364 -16.30 16.76 -0.62
C VAL A 364 -16.86 17.37 0.65
N ASP A 365 -18.15 17.74 0.63
CA ASP A 365 -18.75 18.40 1.77
C ASP A 365 -19.54 17.42 2.62
N PHE A 366 -18.93 16.94 3.71
CA PHE A 366 -19.66 16.11 4.65
C PHE A 366 -20.59 16.89 5.58
N GLY A 367 -20.49 18.22 5.58
CA GLY A 367 -21.39 19.07 6.31
C GLY A 367 -21.14 19.10 7.81
N ASP A 368 -22.15 19.59 8.52
CA ASP A 368 -22.01 19.84 9.96
C ASP A 368 -22.37 18.61 10.79
N ILE A 369 -23.36 17.83 10.32
CA ILE A 369 -23.86 16.69 11.05
C ILE A 369 -22.84 15.56 11.00
N GLY A 370 -22.50 15.14 9.79
CA GLY A 370 -21.36 14.26 9.53
C GLY A 370 -21.79 12.85 9.13
N ALA A 371 -20.82 12.15 8.52
CA ALA A 371 -21.01 10.79 8.04
C ALA A 371 -20.50 9.81 9.08
N SER A 372 -21.28 8.78 9.36
CA SER A 372 -20.94 7.77 10.35
C SER A 372 -20.87 6.37 9.76
N ALA A 373 -21.50 6.16 8.59
CA ALA A 373 -21.51 4.89 7.90
C ALA A 373 -21.01 5.08 6.46
N PHE A 374 -20.58 4.00 5.84
CA PHE A 374 -20.05 4.04 4.49
C PHE A 374 -20.40 2.73 3.77
N SER A 375 -20.75 2.87 2.48
CA SER A 375 -21.11 1.72 1.66
C SER A 375 -20.30 1.72 0.37
N ALA A 376 -19.96 0.54 -0.15
CA ALA A 376 -19.21 0.45 -1.40
C ALA A 376 -19.51 -0.85 -2.17
N ARG A 377 -19.54 -0.78 -3.51
CA ARG A 377 -19.69 -1.96 -4.33
C ARG A 377 -18.30 -2.37 -4.78
N VAL A 378 -17.87 -3.55 -4.35
CA VAL A 378 -16.50 -3.96 -4.56
C VAL A 378 -16.39 -5.45 -4.77
N GLY A 379 -15.21 -5.90 -5.22
CA GLY A 379 -14.96 -7.32 -5.26
C GLY A 379 -13.50 -7.57 -5.57
N THR A 380 -13.09 -8.84 -5.46
CA THR A 380 -11.71 -9.22 -5.75
C THR A 380 -11.68 -10.70 -6.18
N THR A 381 -10.58 -11.06 -6.84
CA THR A 381 -10.30 -12.43 -7.20
C THR A 381 -9.39 -13.14 -6.18
N HIS A 382 -8.93 -12.44 -5.15
CA HIS A 382 -8.01 -13.00 -4.15
C HIS A 382 -8.77 -13.46 -2.90
N ASN A 383 -8.26 -14.48 -2.22
CA ASN A 383 -8.90 -15.11 -1.09
C ASN A 383 -8.35 -14.58 0.23
N GLY A 384 -8.88 -13.45 0.70
CA GLY A 384 -8.37 -12.91 1.96
C GLY A 384 -7.32 -11.84 1.75
N GLY A 385 -7.23 -10.92 2.71
CA GLY A 385 -6.12 -9.97 2.68
C GLY A 385 -6.33 -8.77 1.75
N VAL A 386 -7.57 -8.52 1.33
CA VAL A 386 -7.85 -7.37 0.48
C VAL A 386 -8.64 -6.36 1.29
N THR A 387 -8.16 -5.12 1.33
CA THR A 387 -8.83 -4.05 2.04
C THR A 387 -8.83 -2.80 1.19
N MET A 388 -9.80 -1.91 1.47
CA MET A 388 -9.81 -0.57 0.89
C MET A 388 -9.93 0.42 2.06
N GLU A 389 -8.96 1.32 2.15
CA GLU A 389 -8.88 2.30 3.22
C GLU A 389 -9.50 3.60 2.73
N ILE A 390 -10.40 4.17 3.52
CA ILE A 390 -10.92 5.52 3.35
C ILE A 390 -10.12 6.45 4.27
N ARG A 391 -9.38 7.37 3.62
CA ARG A 391 -8.48 8.29 4.30
C ARG A 391 -8.77 9.73 3.87
N MET A 392 -8.36 10.70 4.70
CA MET A 392 -8.65 12.11 4.47
C MET A 392 -7.35 12.85 4.10
N GLY A 393 -7.44 13.79 3.14
CA GLY A 393 -6.38 14.74 2.89
C GLY A 393 -5.29 14.28 1.90
N SER A 394 -4.80 13.05 2.08
CA SER A 394 -3.76 12.50 1.21
C SER A 394 -3.85 10.97 1.31
N GLN A 395 -3.01 10.30 0.54
CA GLN A 395 -3.01 8.84 0.52
C GLN A 395 -2.44 8.25 1.80
N GLU A 396 -1.76 9.09 2.60
CA GLU A 396 -1.23 8.64 3.89
C GLU A 396 -1.91 9.38 5.03
N GLY A 397 -3.05 10.01 4.76
CA GLY A 397 -3.75 10.77 5.78
C GLY A 397 -4.56 9.88 6.71
N PRO A 398 -5.21 10.50 7.71
CA PRO A 398 -5.86 9.73 8.76
C PRO A 398 -6.95 8.81 8.19
N ILE A 399 -6.99 7.57 8.70
CA ILE A 399 -7.89 6.54 8.21
C ILE A 399 -9.25 6.71 8.87
N ALA A 400 -10.28 6.91 8.05
CA ALA A 400 -11.66 7.02 8.50
C ALA A 400 -12.30 5.64 8.58
N GLY A 401 -11.87 4.70 7.70
CA GLY A 401 -12.53 3.40 7.76
C GLY A 401 -11.81 2.43 6.84
N THR A 402 -11.97 1.16 7.14
CA THR A 402 -11.40 0.11 6.33
C THR A 402 -12.50 -0.86 5.93
N VAL A 403 -12.55 -1.17 4.62
CA VAL A 403 -13.51 -2.09 4.07
C VAL A 403 -12.76 -3.39 3.71
N LYS A 404 -13.28 -4.52 4.23
CA LYS A 404 -12.78 -5.83 3.86
C LYS A 404 -13.46 -6.25 2.55
N VAL A 405 -12.66 -6.44 1.50
CA VAL A 405 -13.23 -6.70 0.18
C VAL A 405 -13.35 -8.21 0.00
N PRO A 406 -14.57 -8.74 -0.24
CA PRO A 406 -14.76 -10.18 -0.32
C PRO A 406 -14.39 -10.77 -1.67
N LEU A 407 -14.08 -12.06 -1.64
CA LEU A 407 -13.81 -12.78 -2.88
C LEU A 407 -15.14 -12.88 -3.63
N THR A 408 -15.16 -12.43 -4.89
CA THR A 408 -16.34 -12.56 -5.73
C THR A 408 -16.11 -13.44 -6.96
N GLY A 409 -14.85 -13.64 -7.35
CA GLY A 409 -14.48 -14.57 -8.41
C GLY A 409 -13.96 -13.87 -9.66
N GLY A 410 -14.38 -12.61 -9.89
CA GLY A 410 -14.10 -11.89 -11.11
C GLY A 410 -15.01 -10.67 -11.23
N ASP A 411 -14.66 -9.74 -12.11
CA ASP A 411 -15.38 -8.45 -12.10
C ASP A 411 -16.76 -8.55 -12.74
N ASP A 412 -17.25 -9.76 -12.98
CA ASP A 412 -18.68 -9.94 -13.30
C ASP A 412 -19.51 -10.20 -12.04
N ARG A 413 -18.86 -10.26 -10.86
CA ARG A 413 -19.56 -10.54 -9.61
C ARG A 413 -19.15 -9.52 -8.55
N TRP A 414 -20.15 -9.00 -7.80
CA TRP A 414 -19.91 -7.88 -6.91
C TRP A 414 -20.64 -8.06 -5.60
N GLU A 415 -20.14 -7.41 -4.54
CA GLU A 415 -20.81 -7.36 -3.25
C GLU A 415 -20.83 -5.92 -2.76
N ILE A 416 -21.84 -5.61 -1.94
CA ILE A 416 -21.94 -4.33 -1.26
C ILE A 416 -21.48 -4.49 0.19
N ILE A 417 -20.48 -3.69 0.60
CA ILE A 417 -19.94 -3.73 1.94
C ILE A 417 -20.31 -2.45 2.67
N ASN A 418 -21.00 -2.61 3.81
CA ASN A 418 -21.42 -1.54 4.69
C ASN A 418 -20.58 -1.59 5.96
N VAL A 419 -19.95 -0.48 6.30
CA VAL A 419 -19.10 -0.42 7.48
C VAL A 419 -19.45 0.83 8.30
N LYS A 420 -19.27 0.70 9.62
CA LYS A 420 -19.45 1.84 10.49
C LYS A 420 -18.09 2.46 10.66
N LEU A 421 -18.05 3.77 10.65
CA LEU A 421 -16.76 4.43 10.63
C LEU A 421 -16.18 4.59 12.03
N ASP A 422 -14.87 4.48 12.12
CA ASP A 422 -14.15 4.78 13.35
C ASP A 422 -14.55 6.13 13.97
N ARG A 423 -14.65 7.17 13.13
CA ARG A 423 -15.17 8.43 13.64
C ARG A 423 -15.97 9.24 12.62
N LYS A 424 -17.14 9.74 13.03
CA LYS A 424 -17.88 10.72 12.25
C LYS A 424 -16.94 11.70 11.53
N ILE A 425 -17.27 12.01 10.27
CA ILE A 425 -16.52 12.92 9.43
C ILE A 425 -17.40 14.12 9.09
N THR A 426 -16.83 15.34 9.22
CA THR A 426 -17.56 16.58 8.97
C THR A 426 -16.74 17.52 8.10
N GLY A 427 -17.40 18.54 7.53
CA GLY A 427 -16.72 19.60 6.80
C GLY A 427 -16.22 19.19 5.42
N ILE A 428 -15.43 20.09 4.81
CA ILE A 428 -14.88 19.88 3.48
C ILE A 428 -13.66 18.95 3.57
N GLN A 429 -13.66 17.89 2.78
CA GLN A 429 -12.56 16.93 2.80
C GLN A 429 -12.17 16.53 1.37
N ASP A 430 -10.90 16.13 1.25
CA ASP A 430 -10.46 15.36 0.11
C ASP A 430 -10.39 13.90 0.55
N VAL A 431 -11.06 13.02 -0.22
CA VAL A 431 -11.25 11.64 0.21
C VAL A 431 -10.39 10.75 -0.68
N TYR A 432 -9.56 9.92 -0.05
CA TYR A 432 -8.69 8.98 -0.75
C TYR A 432 -9.15 7.57 -0.43
N PHE A 433 -9.27 6.73 -1.47
CA PHE A 433 -9.54 5.32 -1.34
C PHE A 433 -8.26 4.59 -1.79
N VAL A 434 -7.63 3.88 -0.84
CA VAL A 434 -6.39 3.16 -1.09
C VAL A 434 -6.67 1.66 -1.08
N PHE A 435 -6.16 0.95 -2.11
CA PHE A 435 -6.49 -0.45 -2.31
C PHE A 435 -5.28 -1.30 -1.97
N LYS A 436 -5.50 -2.28 -1.09
CA LYS A 436 -4.43 -3.06 -0.47
C LYS A 436 -4.72 -4.55 -0.64
N GLY A 437 -3.67 -5.30 -0.95
CA GLY A 437 -3.78 -6.73 -1.15
C GLY A 437 -2.41 -7.36 -1.34
N LYS A 438 -2.38 -8.69 -1.28
CA LYS A 438 -1.12 -9.41 -1.30
C LYS A 438 -0.60 -9.74 -2.70
N ALA A 439 -1.41 -9.56 -3.72
CA ALA A 439 -1.03 -9.94 -5.06
C ALA A 439 -0.17 -8.87 -5.73
N SER A 440 0.41 -9.24 -6.87
CA SER A 440 1.25 -8.32 -7.61
C SER A 440 0.45 -7.50 -8.63
N SER A 441 -0.73 -7.98 -9.03
CA SER A 441 -1.59 -7.28 -9.98
C SER A 441 -3.06 -7.46 -9.56
N ASN A 442 -3.93 -6.67 -10.19
CA ASN A 442 -5.39 -6.82 -10.08
C ASN A 442 -5.86 -7.04 -8.65
N ILE A 443 -5.64 -6.03 -7.82
CA ILE A 443 -5.88 -6.17 -6.39
C ILE A 443 -7.38 -6.30 -6.12
N MET A 444 -8.19 -5.40 -6.70
CA MET A 444 -9.64 -5.43 -6.51
C MET A 444 -10.30 -4.55 -7.58
N TYR A 445 -11.64 -4.61 -7.59
CA TYR A 445 -12.46 -3.80 -8.50
C TYR A 445 -13.51 -3.07 -7.67
N PHE A 446 -13.86 -1.87 -8.16
CA PHE A 446 -14.58 -0.87 -7.38
C PHE A 446 -15.58 -0.17 -8.32
N ASP A 447 -16.86 -0.12 -7.92
CA ASP A 447 -17.92 0.39 -8.79
C ASP A 447 -18.44 1.75 -8.34
N TYR A 448 -18.89 1.84 -7.08
CA TYR A 448 -19.40 3.11 -6.55
C TYR A 448 -19.26 3.08 -5.03
N TRP A 449 -19.46 4.26 -4.41
CA TRP A 449 -19.47 4.36 -2.94
C TRP A 449 -20.49 5.41 -2.52
N LYS A 450 -20.76 5.46 -1.21
CA LYS A 450 -21.64 6.44 -0.60
C LYS A 450 -21.38 6.46 0.92
N PHE A 451 -21.65 7.62 1.53
CA PHE A 451 -21.65 7.75 2.98
C PHE A 451 -23.08 7.98 3.46
N SER A 452 -23.31 7.69 4.75
CA SER A 452 -24.62 7.88 5.39
C SER A 452 -24.40 8.56 6.74
N LYS A 453 -25.44 9.32 7.16
CA LYS A 453 -25.36 10.08 8.41
C LYS A 453 -25.38 9.21 9.67
N MET B 21 57.49 -6.03 34.35
CA MET B 21 57.29 -4.77 33.57
C MET B 21 55.79 -4.67 33.21
N GLN B 22 55.46 -3.80 32.24
CA GLN B 22 54.15 -3.84 31.61
C GLN B 22 54.22 -4.37 30.17
N ASN B 23 55.41 -4.57 29.63
CA ASN B 23 55.59 -5.10 28.30
C ASN B 23 56.50 -6.31 28.36
N PRO B 24 56.23 -7.39 27.59
CA PRO B 24 55.02 -7.56 26.74
C PRO B 24 53.73 -7.67 27.57
N ILE B 25 52.59 -7.27 26.99
CA ILE B 25 51.33 -7.26 27.74
C ILE B 25 50.72 -8.66 27.89
N ILE B 26 51.19 -9.61 27.04
CA ILE B 26 50.76 -11.00 27.08
C ILE B 26 51.99 -11.87 27.31
N GLN B 27 51.95 -12.70 28.37
CA GLN B 27 53.13 -13.52 28.69
C GLN B 27 52.78 -15.03 28.72
N THR B 28 51.51 -15.37 28.53
CA THR B 28 51.04 -16.74 28.73
C THR B 28 51.00 -17.48 27.39
N MET B 29 51.43 -16.79 26.30
CA MET B 29 51.43 -17.37 24.95
C MET B 29 52.32 -16.46 24.11
N TYR B 30 52.83 -17.00 23.01
CA TYR B 30 53.56 -16.20 22.06
C TYR B 30 52.57 -15.61 21.07
N THR B 31 52.54 -14.27 21.01
CA THR B 31 51.54 -13.55 20.20
C THR B 31 52.25 -12.57 19.29
N ALA B 32 51.62 -12.21 18.18
CA ALA B 32 52.25 -11.25 17.27
C ALA B 32 51.18 -10.56 16.43
N ASP B 33 51.66 -9.61 15.61
CA ASP B 33 50.87 -8.90 14.62
C ASP B 33 49.63 -8.26 15.23
N PRO B 34 49.78 -7.42 16.25
CA PRO B 34 48.60 -6.95 17.00
C PRO B 34 47.72 -6.05 16.15
N ALA B 35 46.40 -6.20 16.34
CA ALA B 35 45.41 -5.40 15.61
C ALA B 35 44.33 -4.95 16.60
N PRO B 36 44.45 -3.73 17.15
CA PRO B 36 43.45 -3.26 18.10
C PRO B 36 42.13 -2.84 17.46
N MET B 37 41.09 -2.82 18.29
CA MET B 37 39.74 -2.47 17.89
C MET B 37 38.96 -2.08 19.14
N VAL B 38 38.22 -0.97 19.09
CA VAL B 38 37.42 -0.52 20.21
C VAL B 38 35.96 -0.88 19.94
N TYR B 39 35.29 -1.45 20.93
CA TYR B 39 33.85 -1.68 20.81
C TYR B 39 33.19 -1.45 22.16
N ASN B 40 32.18 -0.55 22.16
CA ASN B 40 31.39 -0.27 23.35
C ASN B 40 32.29 0.01 24.56
N ASN B 41 33.26 0.92 24.37
CA ASN B 41 34.12 1.37 25.47
C ASN B 41 34.97 0.22 26.08
N ARG B 42 35.28 -0.82 25.31
CA ARG B 42 36.29 -1.78 25.69
C ARG B 42 37.30 -1.88 24.54
N LEU B 43 38.58 -2.05 24.88
CA LEU B 43 39.63 -2.14 23.87
C LEU B 43 40.01 -3.60 23.67
N TYR B 44 39.87 -4.08 22.43
CA TYR B 44 40.27 -5.43 22.04
C TYR B 44 41.53 -5.35 21.21
N VAL B 45 42.31 -6.44 21.21
CA VAL B 45 43.46 -6.57 20.33
C VAL B 45 43.44 -8.02 19.79
N TYR B 46 43.31 -8.16 18.48
CA TYR B 46 43.39 -9.44 17.82
C TYR B 46 44.84 -9.72 17.47
N THR B 47 45.27 -10.96 17.66
CA THR B 47 46.67 -11.29 17.46
C THR B 47 46.77 -12.64 16.75
N THR B 48 47.90 -12.82 16.07
CA THR B 48 48.30 -14.13 15.63
C THR B 48 48.99 -14.84 16.78
N HIS B 49 49.26 -16.12 16.58
CA HIS B 49 49.68 -17.02 17.64
C HIS B 49 50.87 -17.80 17.09
N ASP B 50 52.07 -17.55 17.68
CA ASP B 50 53.24 -18.36 17.37
C ASP B 50 53.19 -19.61 18.24
N GLU B 51 53.24 -20.79 17.62
CA GLU B 51 53.31 -22.01 18.40
C GLU B 51 54.56 -22.03 19.28
N ASP B 52 54.46 -22.70 20.45
CA ASP B 52 55.63 -22.94 21.27
C ASP B 52 56.73 -23.67 20.50
N GLN B 53 57.99 -23.32 20.79
CA GLN B 53 59.18 -23.99 20.26
C GLN B 53 59.29 -23.88 18.74
N SER B 54 58.81 -22.79 18.16
CA SER B 54 58.93 -22.58 16.71
C SER B 54 60.34 -22.14 16.33
N THR B 55 60.84 -22.72 15.25
CA THR B 55 62.08 -22.27 14.60
C THR B 55 61.76 -21.73 13.21
N TRP B 56 60.48 -21.76 12.83
CA TRP B 56 59.95 -21.15 11.63
C TRP B 56 58.55 -20.61 11.98
N PHE B 57 57.91 -19.93 11.05
CA PHE B 57 56.55 -19.43 11.28
C PHE B 57 55.55 -20.58 11.37
N ASN B 58 55.09 -20.87 12.60
CA ASN B 58 54.10 -21.89 12.84
C ASN B 58 52.87 -21.19 13.41
N MET B 59 51.94 -20.82 12.52
CA MET B 59 50.85 -19.93 12.91
C MET B 59 49.55 -20.50 12.36
N ASN B 60 48.62 -20.86 13.27
CA ASN B 60 47.47 -21.67 12.90
C ASN B 60 46.13 -21.01 13.25
N ASP B 61 46.11 -20.13 14.26
CA ASP B 61 44.85 -19.61 14.74
C ASP B 61 45.08 -18.18 15.22
N TRP B 62 43.96 -17.52 15.49
CA TRP B 62 43.96 -16.12 15.90
C TRP B 62 43.32 -16.01 17.27
N LYS B 63 43.81 -15.07 18.06
CA LYS B 63 43.34 -14.84 19.42
C LYS B 63 42.79 -13.42 19.52
N VAL B 64 42.05 -13.16 20.59
CA VAL B 64 41.69 -11.79 20.92
C VAL B 64 41.84 -11.62 22.43
N TYR B 65 42.42 -10.48 22.83
CA TYR B 65 42.52 -10.08 24.22
C TYR B 65 41.77 -8.75 24.37
N SER B 66 41.43 -8.39 25.61
CA SER B 66 40.68 -7.15 25.83
C SER B 66 41.09 -6.51 27.14
N THR B 67 40.85 -5.19 27.24
CA THR B 67 41.14 -4.47 28.46
C THR B 67 40.09 -3.38 28.68
N ASN B 68 39.92 -3.05 29.97
CA ASN B 68 39.12 -1.93 30.43
C ASN B 68 39.99 -0.81 31.03
N ASP B 69 41.29 -1.07 31.21
CA ASP B 69 42.09 -0.23 32.09
C ASP B 69 43.54 -0.04 31.59
N MET B 70 43.94 -0.74 30.52
CA MET B 70 45.23 -0.60 29.87
C MET B 70 46.37 -1.31 30.64
N VAL B 71 46.09 -1.97 31.78
CA VAL B 71 47.14 -2.64 32.51
C VAL B 71 46.79 -4.13 32.70
N ASN B 72 45.49 -4.46 32.71
CA ASN B 72 45.08 -5.86 32.83
C ASN B 72 44.43 -6.29 31.52
N TRP B 73 44.89 -7.43 30.99
CA TRP B 73 44.43 -7.93 29.70
C TRP B 73 43.80 -9.30 29.87
N THR B 74 42.55 -9.41 29.40
CA THR B 74 41.79 -10.65 29.43
C THR B 74 42.06 -11.46 28.18
N ASP B 75 42.40 -12.75 28.37
CA ASP B 75 42.61 -13.66 27.28
C ASP B 75 41.27 -14.34 26.95
N HIS B 76 40.78 -14.10 25.73
CA HIS B 76 39.48 -14.66 25.32
C HIS B 76 39.66 -15.91 24.48
N GLY B 77 40.92 -16.35 24.28
CA GLY B 77 41.16 -17.63 23.63
C GLY B 77 41.10 -17.52 22.11
N THR B 78 41.07 -18.69 21.46
CA THR B 78 41.00 -18.74 20.01
C THR B 78 39.62 -18.27 19.56
N ILE B 79 39.55 -17.37 18.59
CA ILE B 79 38.28 -16.97 18.01
C ILE B 79 38.17 -17.34 16.52
N LEU B 80 39.26 -17.83 15.90
CA LEU B 80 39.24 -18.25 14.51
C LEU B 80 40.44 -19.08 14.21
N LYS B 81 40.32 -19.99 13.24
CA LYS B 81 41.42 -20.86 12.84
C LYS B 81 41.54 -20.83 11.32
N TYR B 82 42.75 -21.16 10.83
CA TYR B 82 42.95 -21.27 9.39
C TYR B 82 41.94 -22.27 8.79
N SER B 83 41.65 -23.35 9.54
CA SER B 83 40.81 -24.41 9.01
C SER B 83 39.34 -24.03 8.92
N ASP B 84 38.95 -22.92 9.55
CA ASP B 84 37.58 -22.44 9.40
C ASP B 84 37.34 -21.83 8.00
N PHE B 85 38.40 -21.67 7.20
CA PHE B 85 38.29 -21.42 5.78
C PHE B 85 38.61 -22.73 5.09
N ALA B 86 37.58 -23.39 4.52
CA ALA B 86 37.75 -24.73 3.96
C ALA B 86 38.74 -24.75 2.79
N TRP B 87 39.01 -23.60 2.22
CA TRP B 87 39.93 -23.48 1.07
C TRP B 87 41.36 -23.12 1.48
N ALA B 88 41.60 -22.93 2.79
CA ALA B 88 42.90 -22.46 3.26
C ALA B 88 43.81 -23.66 3.60
N LYS B 89 45.08 -23.56 3.21
CA LYS B 89 46.08 -24.58 3.47
C LYS B 89 46.79 -24.39 4.82
N GLY B 90 46.88 -23.14 5.30
CA GLY B 90 47.63 -22.86 6.52
C GLY B 90 48.10 -21.42 6.51
N ASP B 91 49.02 -21.11 7.43
CA ASP B 91 49.64 -19.79 7.56
C ASP B 91 48.59 -18.76 7.96
N ALA B 92 48.19 -18.81 9.23
CA ALA B 92 47.25 -17.85 9.78
C ALA B 92 48.02 -16.58 10.14
N TRP B 93 48.14 -15.68 9.17
CA TRP B 93 49.02 -14.52 9.37
C TRP B 93 48.24 -13.27 9.79
N ALA B 94 48.91 -12.12 9.71
CA ALA B 94 48.47 -10.91 10.38
C ALA B 94 47.08 -10.45 9.91
N ALA B 95 46.14 -10.36 10.83
CA ALA B 95 44.73 -10.10 10.55
C ALA B 95 44.28 -8.83 11.26
N GLN B 96 43.11 -8.33 10.81
CA GLN B 96 42.50 -7.19 11.49
C GLN B 96 40.98 -7.36 11.54
N CYS B 97 40.40 -7.00 12.69
CA CYS B 97 38.94 -6.99 12.84
C CYS B 97 38.48 -5.54 12.95
N VAL B 98 37.40 -5.22 12.20
CA VAL B 98 36.75 -3.92 12.32
C VAL B 98 35.27 -4.15 12.62
N GLU B 99 34.62 -3.16 13.22
CA GLU B 99 33.22 -3.23 13.61
C GLU B 99 32.39 -2.28 12.76
N LYS B 100 31.12 -2.62 12.50
CA LYS B 100 30.15 -1.67 11.95
C LYS B 100 28.76 -2.18 12.29
N ASN B 101 27.97 -1.35 12.95
CA ASN B 101 26.59 -1.67 13.31
C ASN B 101 26.48 -2.97 14.08
N GLY B 102 27.44 -3.24 14.94
CA GLY B 102 27.42 -4.43 15.79
C GLY B 102 27.71 -5.73 15.03
N LYS B 103 28.24 -5.64 13.81
CA LYS B 103 28.82 -6.80 13.13
C LYS B 103 30.33 -6.59 13.02
N PHE B 104 31.09 -7.69 13.10
CA PHE B 104 32.53 -7.63 13.21
C PHE B 104 33.15 -8.40 12.04
N TYR B 105 33.98 -7.71 11.27
CA TYR B 105 34.58 -8.22 10.05
C TYR B 105 36.06 -8.43 10.28
N LEU B 106 36.51 -9.67 10.20
CA LEU B 106 37.88 -10.07 10.46
C LEU B 106 38.51 -10.46 9.13
N TYR B 107 39.47 -9.66 8.69
CA TYR B 107 40.18 -9.84 7.43
C TYR B 107 41.47 -10.58 7.75
N VAL B 108 41.67 -11.69 7.08
CA VAL B 108 42.75 -12.62 7.44
C VAL B 108 43.52 -13.01 6.20
N PRO B 109 44.87 -13.09 6.28
CA PRO B 109 45.62 -13.70 5.19
C PRO B 109 45.88 -15.16 5.47
N VAL B 110 45.64 -16.02 4.47
CA VAL B 110 45.93 -17.44 4.56
C VAL B 110 46.42 -17.90 3.19
N VAL B 111 47.19 -18.98 3.16
CA VAL B 111 47.60 -19.59 1.92
C VAL B 111 46.47 -20.47 1.39
N SER B 112 46.10 -20.30 0.12
CA SER B 112 45.01 -21.07 -0.47
C SER B 112 45.49 -22.46 -0.91
N LYS B 113 44.62 -23.47 -0.74
CA LYS B 113 44.90 -24.80 -1.21
C LYS B 113 44.79 -24.91 -2.73
N VAL B 114 44.00 -24.02 -3.37
CA VAL B 114 43.74 -24.09 -4.79
C VAL B 114 45.04 -23.91 -5.59
N ASN B 115 45.88 -22.96 -5.18
CA ASN B 115 47.03 -22.56 -6.00
C ASN B 115 48.26 -22.31 -5.16
N ASN B 116 48.20 -22.60 -3.84
CA ASN B 116 49.37 -22.56 -2.97
C ASN B 116 49.98 -21.15 -2.90
N LYS B 117 49.15 -20.11 -2.98
CA LYS B 117 49.67 -18.77 -2.72
C LYS B 117 48.79 -18.09 -1.68
N GLY B 118 49.34 -17.08 -1.01
CA GLY B 118 48.62 -16.22 -0.10
C GLY B 118 47.36 -15.62 -0.74
N ALA B 119 46.35 -15.36 0.11
CA ALA B 119 45.10 -14.77 -0.29
C ALA B 119 44.48 -14.17 0.97
N ILE B 120 43.54 -13.26 0.77
CA ILE B 120 42.86 -12.60 1.88
C ILE B 120 41.42 -13.08 1.90
N GLY B 121 40.99 -13.55 3.08
CA GLY B 121 39.60 -13.90 3.34
C GLY B 121 39.00 -12.95 4.35
N VAL B 122 37.72 -13.16 4.63
CA VAL B 122 36.95 -12.35 5.56
C VAL B 122 35.98 -13.29 6.30
N ALA B 123 35.96 -13.18 7.62
CA ALA B 123 35.02 -13.85 8.49
C ALA B 123 34.17 -12.78 9.15
N VAL B 124 32.95 -13.15 9.56
CA VAL B 124 32.01 -12.20 10.12
C VAL B 124 31.44 -12.81 11.37
N GLY B 125 31.31 -11.98 12.42
CA GLY B 125 30.72 -12.45 13.67
C GLY B 125 29.86 -11.37 14.26
N ASP B 126 29.05 -11.78 15.25
CA ASP B 126 28.06 -10.86 15.81
C ASP B 126 28.46 -10.39 17.21
N SER B 127 29.66 -10.75 17.66
CA SER B 127 30.24 -10.13 18.84
C SER B 127 31.76 -10.12 18.61
N PRO B 128 32.51 -9.33 19.40
CA PRO B 128 33.97 -9.31 19.24
C PRO B 128 34.61 -10.67 19.50
N LEU B 129 33.88 -11.57 20.19
CA LEU B 129 34.42 -12.89 20.52
C LEU B 129 33.94 -13.93 19.52
N GLY B 130 33.23 -13.50 18.48
CA GLY B 130 32.68 -14.45 17.52
C GLY B 130 31.29 -14.94 17.95
N PRO B 131 30.88 -16.11 17.45
CA PRO B 131 31.71 -16.95 16.55
C PRO B 131 31.90 -16.27 15.19
N PHE B 132 33.02 -16.54 14.54
CA PHE B 132 33.32 -15.94 13.24
C PHE B 132 33.23 -17.05 12.20
N TYR B 133 32.59 -16.74 11.05
CA TYR B 133 32.44 -17.73 10.00
C TYR B 133 32.92 -17.12 8.68
N ASP B 134 33.56 -17.96 7.88
CA ASP B 134 33.91 -17.58 6.51
C ASP B 134 32.61 -17.33 5.74
N VAL B 135 32.36 -16.07 5.33
CA VAL B 135 31.09 -15.76 4.67
C VAL B 135 31.17 -15.89 3.14
N LEU B 136 32.38 -16.10 2.61
CA LEU B 136 32.54 -16.23 1.16
C LEU B 136 32.76 -17.70 0.71
N GLY B 137 33.51 -18.49 1.46
CA GLY B 137 33.86 -19.83 1.01
C GLY B 137 34.99 -19.80 -0.01
N LYS B 138 35.62 -18.64 -0.20
CA LYS B 138 36.69 -18.42 -1.17
C LYS B 138 37.34 -17.09 -0.82
N PRO B 139 38.48 -16.72 -1.44
CA PRO B 139 39.12 -15.45 -1.10
C PRO B 139 38.26 -14.24 -1.38
N LEU B 140 38.41 -13.22 -0.51
CA LEU B 140 37.94 -11.88 -0.85
C LEU B 140 38.86 -11.27 -1.94
N VAL B 141 40.16 -11.55 -1.87
CA VAL B 141 41.13 -11.08 -2.83
C VAL B 141 42.20 -12.13 -3.04
N GLN B 142 42.51 -12.42 -4.31
CA GLN B 142 43.70 -13.17 -4.63
C GLN B 142 44.27 -12.59 -5.91
N SER B 143 45.51 -12.11 -5.81
CA SER B 143 46.17 -11.46 -6.93
C SER B 143 47.21 -12.40 -7.50
N GLU B 144 48.20 -11.80 -8.15
CA GLU B 144 49.24 -12.56 -8.80
C GLU B 144 50.21 -13.14 -7.77
N TRP B 145 50.53 -12.34 -6.76
CA TRP B 145 51.41 -12.83 -5.73
C TRP B 145 51.45 -11.88 -4.55
N GLY B 146 51.70 -12.40 -3.34
CA GLY B 146 51.99 -11.56 -2.18
C GLY B 146 50.75 -10.96 -1.48
N ASP B 147 49.68 -11.76 -1.38
CA ASP B 147 48.44 -11.29 -0.76
C ASP B 147 48.46 -11.57 0.74
N ILE B 148 49.13 -10.70 1.50
CA ILE B 148 49.19 -10.83 2.95
C ILE B 148 48.92 -9.48 3.61
N ASP B 149 48.70 -9.51 4.93
CA ASP B 149 48.71 -8.37 5.84
C ASP B 149 47.67 -7.31 5.50
N PRO B 150 46.36 -7.63 5.51
CA PRO B 150 45.37 -6.60 5.20
C PRO B 150 45.17 -5.63 6.38
N THR B 151 44.88 -4.37 6.02
CA THR B 151 44.31 -3.40 6.92
C THR B 151 43.05 -2.81 6.26
N VAL B 152 42.03 -2.58 7.07
CA VAL B 152 40.74 -2.08 6.63
C VAL B 152 40.37 -0.93 7.56
N PHE B 153 39.87 0.16 6.97
CA PHE B 153 39.54 1.35 7.73
C PHE B 153 38.23 1.90 7.18
N ILE B 154 37.30 2.25 8.10
CA ILE B 154 36.06 2.88 7.68
C ILE B 154 36.20 4.38 7.90
N ASP B 155 36.03 5.14 6.81
CA ASP B 155 36.22 6.58 6.84
C ASP B 155 34.99 7.25 7.46
N ASP B 156 35.04 8.59 7.58
CA ASP B 156 33.97 9.31 8.26
C ASP B 156 32.67 9.24 7.46
N ASP B 157 32.80 9.23 6.13
CA ASP B 157 31.61 9.20 5.29
C ASP B 157 31.08 7.78 5.12
N GLY B 158 31.59 6.82 5.92
CA GLY B 158 31.07 5.45 5.90
C GLY B 158 31.78 4.53 4.89
N GLN B 159 32.73 5.08 4.12
CA GLN B 159 33.43 4.34 3.09
C GLN B 159 34.64 3.58 3.63
N ALA B 160 34.79 2.32 3.16
CA ALA B 160 35.80 1.42 3.68
C ALA B 160 36.94 1.24 2.68
N HIS B 161 38.17 1.26 3.20
CA HIS B 161 39.34 1.19 2.36
C HIS B 161 40.22 0.05 2.87
N MET B 162 40.78 -0.72 1.93
CA MET B 162 41.65 -1.82 2.29
C MET B 162 43.02 -1.67 1.62
N TYR B 163 44.08 -1.79 2.43
CA TYR B 163 45.45 -1.90 1.96
C TYR B 163 46.04 -3.23 2.37
N TRP B 164 46.99 -3.73 1.58
CA TRP B 164 47.67 -4.96 1.96
C TRP B 164 48.90 -5.13 1.07
N GLY B 165 49.68 -6.19 1.33
CA GLY B 165 50.66 -6.63 0.36
C GLY B 165 52.10 -6.74 0.88
N ASN B 166 52.81 -7.73 0.30
CA ASN B 166 54.23 -7.92 0.49
C ASN B 166 54.73 -8.71 -0.73
N PRO B 167 55.56 -8.11 -1.63
CA PRO B 167 56.32 -6.89 -1.41
C PRO B 167 55.59 -5.60 -1.77
N LYS B 168 54.57 -5.67 -2.60
CA LYS B 168 53.98 -4.45 -3.13
C LYS B 168 52.66 -4.06 -2.43
N LEU B 169 52.53 -2.76 -2.15
CA LEU B 169 51.35 -2.26 -1.50
C LEU B 169 50.22 -2.17 -2.48
N LYS B 170 49.07 -2.74 -2.11
CA LYS B 170 47.88 -2.75 -2.92
C LYS B 170 46.72 -2.14 -2.16
N TYR B 171 45.71 -1.66 -2.91
CA TYR B 171 44.64 -0.86 -2.36
C TYR B 171 43.33 -1.14 -3.10
N VAL B 172 42.21 -1.13 -2.37
CA VAL B 172 40.93 -1.32 -3.02
C VAL B 172 39.88 -0.62 -2.18
N LYS B 173 38.74 -0.31 -2.79
CA LYS B 173 37.64 0.20 -2.01
C LYS B 173 36.74 -0.97 -1.76
N LEU B 174 36.47 -1.23 -0.48
CA LEU B 174 35.49 -2.25 -0.20
C LEU B 174 34.13 -1.69 -0.51
N ASN B 175 33.23 -2.55 -0.96
CA ASN B 175 31.83 -2.20 -1.05
C ASN B 175 31.25 -1.96 0.34
N GLU B 176 30.08 -1.31 0.36
CA GLU B 176 29.35 -1.05 1.59
C GLU B 176 29.18 -2.32 2.46
N ASP B 177 29.00 -3.49 1.84
CA ASP B 177 28.73 -4.74 2.53
C ASP B 177 29.98 -5.30 3.21
N MET B 178 31.18 -4.77 2.90
CA MET B 178 32.43 -5.09 3.56
C MET B 178 32.98 -6.48 3.19
N ILE B 179 32.30 -7.22 2.33
CA ILE B 179 32.76 -8.56 1.98
C ILE B 179 32.91 -8.69 0.47
N SER B 180 33.04 -7.53 -0.20
CA SER B 180 33.25 -7.50 -1.64
C SER B 180 33.84 -6.15 -2.00
N TYR B 181 34.38 -6.06 -3.21
CA TYR B 181 34.91 -4.82 -3.76
C TYR B 181 34.51 -4.76 -5.24
N SER B 182 34.27 -3.54 -5.71
CA SER B 182 33.74 -3.33 -7.06
C SER B 182 34.75 -2.82 -8.07
N GLY B 183 35.69 -1.96 -7.65
CA GLY B 183 36.63 -1.35 -8.57
C GLY B 183 37.78 -2.29 -8.96
N ASP B 184 38.94 -1.71 -9.25
CA ASP B 184 40.12 -2.52 -9.56
C ASP B 184 41.05 -2.54 -8.34
N ILE B 185 41.97 -3.52 -8.33
CA ILE B 185 43.09 -3.50 -7.40
C ILE B 185 44.09 -2.46 -7.88
N ILE B 186 44.36 -1.47 -7.03
CA ILE B 186 45.32 -0.41 -7.32
C ILE B 186 46.65 -0.80 -6.71
N GLU B 187 47.71 -0.82 -7.55
CA GLU B 187 49.07 -0.94 -7.03
C GLU B 187 49.59 0.46 -6.67
N VAL B 188 49.76 0.71 -5.37
CA VAL B 188 50.15 2.03 -4.90
C VAL B 188 51.59 2.31 -5.34
N PRO B 189 51.86 3.49 -5.98
CA PRO B 189 53.22 3.78 -6.45
C PRO B 189 54.24 3.76 -5.32
N MET B 190 55.24 2.88 -5.48
CA MET B 190 56.29 2.72 -4.50
C MET B 190 57.40 3.70 -4.85
N THR B 191 57.21 4.96 -4.46
CA THR B 191 58.14 6.05 -4.75
C THR B 191 58.89 6.44 -3.49
N GLU B 192 60.08 7.01 -3.67
CA GLU B 192 60.88 7.44 -2.50
C GLU B 192 60.12 8.49 -1.67
N GLU B 193 59.34 9.33 -2.34
CA GLU B 193 58.47 10.26 -1.66
C GLU B 193 57.37 9.57 -0.82
N SER B 194 56.81 8.44 -1.29
CA SER B 194 55.75 7.93 -0.43
C SER B 194 56.33 7.12 0.73
N PHE B 195 57.46 6.42 0.48
CA PHE B 195 57.90 5.39 1.42
C PHE B 195 59.40 5.35 1.59
N GLY B 196 60.14 6.39 1.15
CA GLY B 196 61.57 6.42 1.43
C GLY B 196 62.39 5.56 0.48
N LYS B 197 63.71 5.56 0.73
CA LYS B 197 64.62 4.85 -0.15
C LYS B 197 65.32 3.66 0.50
N ARG B 198 65.45 2.62 -0.32
CA ARG B 198 66.13 1.36 -0.10
C ARG B 198 66.98 1.13 -1.34
N ASP B 199 68.11 0.43 -1.17
CA ASP B 199 69.07 0.26 -2.24
C ASP B 199 69.32 -1.22 -2.48
N GLY B 200 69.49 -1.61 -3.74
CA GLY B 200 70.02 -2.92 -4.05
C GLY B 200 68.96 -4.01 -4.18
N ASN B 201 67.68 -3.64 -4.00
CA ASN B 201 66.62 -4.63 -4.02
C ASN B 201 65.62 -4.28 -5.10
N PRO B 202 65.67 -4.98 -6.25
CA PRO B 202 64.79 -4.65 -7.36
C PRO B 202 63.31 -4.80 -7.00
N GLU B 203 62.97 -5.79 -6.16
CA GLU B 203 61.59 -6.04 -5.83
C GLU B 203 61.08 -5.05 -4.77
N ARG B 204 61.99 -4.24 -4.22
CA ARG B 204 61.65 -3.36 -3.11
C ARG B 204 62.36 -2.04 -3.29
N PRO B 205 61.75 -1.08 -4.03
CA PRO B 205 62.40 0.20 -4.27
C PRO B 205 62.43 1.10 -3.05
N THR B 206 61.51 0.90 -2.08
CA THR B 206 61.38 1.81 -0.95
C THR B 206 61.54 1.05 0.37
N LYS B 207 61.43 1.78 1.48
CA LYS B 207 61.54 1.19 2.80
C LYS B 207 60.37 0.27 3.11
N TYR B 208 59.23 0.40 2.41
CA TYR B 208 58.08 -0.45 2.69
C TYR B 208 58.43 -1.94 2.54
N GLU B 209 58.02 -2.72 3.54
CA GLU B 209 58.23 -4.18 3.51
C GLU B 209 56.90 -4.91 3.47
N GLU B 210 55.97 -4.57 4.38
CA GLU B 210 54.69 -5.27 4.48
C GLU B 210 53.79 -4.55 5.48
N GLY B 211 52.74 -5.25 5.94
CA GLY B 211 52.01 -4.93 7.17
C GLY B 211 51.45 -3.52 7.30
N PRO B 212 50.75 -2.98 6.29
CA PRO B 212 50.23 -1.61 6.40
C PRO B 212 49.11 -1.54 7.45
N TRP B 213 48.99 -0.36 8.08
CA TRP B 213 47.91 -0.07 9.01
C TRP B 213 47.41 1.35 8.75
N LEU B 214 46.13 1.48 8.42
CA LEU B 214 45.50 2.76 8.07
C LEU B 214 44.78 3.33 9.27
N TYR B 215 45.13 4.57 9.65
CA TYR B 215 44.62 5.21 10.86
C TYR B 215 44.39 6.68 10.55
N LYS B 216 43.45 7.33 11.24
CA LYS B 216 43.20 8.75 11.05
C LYS B 216 43.28 9.49 12.39
N ARG B 217 43.88 10.69 12.37
CA ARG B 217 43.88 11.55 13.54
C ARG B 217 43.71 12.99 13.10
N LYS B 218 42.65 13.64 13.64
CA LYS B 218 42.25 14.98 13.21
C LYS B 218 42.06 14.94 11.69
N ASP B 219 42.84 15.71 10.93
CA ASP B 219 42.56 15.66 9.50
C ASP B 219 43.67 15.02 8.69
N LEU B 220 44.41 14.11 9.31
CA LEU B 220 45.57 13.50 8.63
C LEU B 220 45.41 11.99 8.70
N TYR B 221 45.60 11.35 7.56
CA TYR B 221 45.51 9.90 7.49
C TYR B 221 46.94 9.39 7.58
N TYR B 222 47.12 8.24 8.22
CA TYR B 222 48.44 7.70 8.45
C TYR B 222 48.49 6.27 7.99
N LEU B 223 49.58 5.91 7.31
CA LEU B 223 49.84 4.53 6.97
C LEU B 223 51.08 4.11 7.72
N PHE B 224 50.91 3.26 8.75
CA PHE B 224 52.06 2.66 9.42
C PHE B 224 52.47 1.40 8.69
N TRP B 225 53.76 1.07 8.74
CA TRP B 225 54.16 -0.14 8.03
C TRP B 225 55.52 -0.63 8.52
N PRO B 226 55.72 -1.96 8.63
CA PRO B 226 57.09 -2.48 8.78
C PRO B 226 57.93 -2.08 7.58
N GLY B 227 59.17 -1.67 7.90
CA GLY B 227 60.12 -1.33 6.87
C GLY B 227 61.39 -2.18 6.94
N GLY B 228 62.03 -2.26 5.80
CA GLY B 228 63.29 -2.96 5.65
C GLY B 228 64.40 -2.07 5.11
N PRO B 229 65.60 -2.62 4.90
CA PRO B 229 65.93 -4.06 5.05
C PRO B 229 65.87 -4.54 6.50
N LEU B 230 65.70 -5.85 6.65
CA LEU B 230 65.66 -6.51 7.94
C LEU B 230 66.93 -6.22 8.74
N PRO B 231 66.85 -6.16 10.08
CA PRO B 231 65.61 -6.33 10.89
C PRO B 231 64.64 -5.17 10.71
N GLU B 232 63.33 -5.48 10.77
CA GLU B 232 62.32 -4.50 10.47
C GLU B 232 62.22 -3.39 11.48
N PHE B 233 61.93 -2.18 10.99
CA PHE B 233 61.57 -1.06 11.86
C PHE B 233 60.10 -0.71 11.53
N ILE B 234 59.54 0.28 12.23
CA ILE B 234 58.23 0.78 11.89
C ILE B 234 58.37 2.19 11.34
N GLY B 235 57.92 2.37 10.11
CA GLY B 235 57.84 3.67 9.50
C GLY B 235 56.38 4.11 9.33
N TYR B 236 56.21 5.36 8.88
CA TYR B 236 54.87 5.84 8.61
C TYR B 236 54.88 6.81 7.43
N SER B 237 53.72 6.98 6.82
CA SER B 237 53.45 7.96 5.79
C SER B 237 52.15 8.71 6.16
N THR B 238 51.94 9.89 5.57
CA THR B 238 50.71 10.67 5.81
C THR B 238 50.07 11.09 4.49
N SER B 239 48.78 11.41 4.58
CA SER B 239 48.01 11.91 3.48
C SER B 239 46.83 12.71 4.02
N LYS B 240 46.17 13.46 3.11
CA LYS B 240 44.95 14.15 3.44
C LYS B 240 43.76 13.28 3.07
N SER B 241 44.03 12.15 2.42
CA SER B 241 42.97 11.28 1.99
C SER B 241 43.31 9.82 2.31
N ALA B 242 42.29 9.01 2.52
CA ALA B 242 42.51 7.59 2.77
C ALA B 242 43.05 6.89 1.53
N LYS B 243 42.78 7.45 0.34
CA LYS B 243 43.31 6.85 -0.89
C LYS B 243 44.70 7.39 -1.26
N GLY B 244 45.28 8.28 -0.45
CA GLY B 244 46.58 8.77 -0.85
C GLY B 244 46.41 10.10 -1.56
N PRO B 245 47.47 10.66 -2.15
CA PRO B 245 48.82 10.07 -2.25
C PRO B 245 49.58 10.09 -0.92
N TRP B 246 50.58 9.21 -0.77
CA TRP B 246 51.25 9.11 0.52
C TRP B 246 52.58 9.85 0.53
N LYS B 247 52.87 10.50 1.65
CA LYS B 247 54.13 11.21 1.80
C LYS B 247 54.86 10.60 3.01
N TYR B 248 56.11 10.18 2.75
CA TYR B 248 56.90 9.52 3.76
C TYR B 248 57.03 10.40 4.99
N GLY B 249 56.85 9.80 6.17
CA GLY B 249 56.87 10.54 7.42
C GLY B 249 58.21 10.36 8.14
N GLY B 250 58.65 9.12 8.29
CA GLY B 250 59.88 8.85 8.99
C GLY B 250 59.82 7.51 9.71
N ILE B 251 60.71 7.34 10.68
CA ILE B 251 60.75 6.12 11.48
C ILE B 251 59.91 6.37 12.74
N VAL B 252 58.93 5.51 13.00
CA VAL B 252 58.23 5.54 14.29
C VAL B 252 59.06 4.81 15.34
N MET B 253 59.55 3.62 14.97
CA MET B 253 60.28 2.85 15.96
C MET B 253 61.38 2.05 15.29
N PRO B 254 62.66 2.38 15.60
CA PRO B 254 63.77 1.65 14.98
C PRO B 254 63.79 0.19 15.41
N ALA B 255 64.46 -0.65 14.61
CA ALA B 255 64.59 -2.07 14.92
C ALA B 255 65.30 -2.20 16.27
N GLU B 256 64.83 -3.14 17.09
CA GLU B 256 65.32 -3.31 18.43
C GLU B 256 64.85 -4.67 18.94
N GLY B 257 65.71 -5.36 19.67
CA GLY B 257 65.36 -6.58 20.40
C GLY B 257 65.50 -7.83 19.52
N LYS B 258 64.84 -8.92 19.98
CA LYS B 258 65.14 -10.24 19.45
C LYS B 258 64.27 -10.69 18.27
N SER B 259 63.29 -9.87 17.81
CA SER B 259 62.44 -10.29 16.71
C SER B 259 62.81 -9.51 15.44
N PHE B 260 63.17 -10.22 14.36
CA PHE B 260 63.46 -9.52 13.11
C PHE B 260 62.22 -8.94 12.42
N THR B 261 61.01 -9.26 12.91
CA THR B 261 59.82 -8.58 12.46
C THR B 261 59.31 -7.64 13.54
N ASN B 262 58.65 -6.56 13.13
CA ASN B 262 57.82 -5.77 13.99
C ASN B 262 56.58 -5.39 13.15
N HIS B 263 55.44 -5.23 13.82
CA HIS B 263 54.18 -5.16 13.12
C HIS B 263 53.26 -4.25 13.91
N PRO B 264 52.78 -3.13 13.31
CA PRO B 264 52.10 -2.10 14.10
C PRO B 264 50.56 -2.20 14.06
N GLY B 265 49.94 -1.81 15.19
CA GLY B 265 48.51 -1.54 15.20
C GLY B 265 48.26 -0.29 16.04
N VAL B 266 47.58 0.72 15.48
CA VAL B 266 47.45 2.00 16.16
C VAL B 266 45.96 2.31 16.34
N ILE B 267 45.59 2.87 17.50
CA ILE B 267 44.19 3.13 17.77
C ILE B 267 44.05 4.15 18.88
N ASP B 268 42.94 4.92 18.84
CA ASP B 268 42.53 5.80 19.94
C ASP B 268 41.67 5.05 20.95
N PHE B 269 41.92 5.30 22.24
CA PHE B 269 41.07 4.78 23.29
C PHE B 269 40.99 5.83 24.40
N ARG B 270 39.75 6.28 24.68
CA ARG B 270 39.43 7.23 25.75
C ARG B 270 40.38 8.43 25.73
N GLY B 271 40.58 9.00 24.52
CA GLY B 271 41.29 10.25 24.38
C GLY B 271 42.82 10.12 24.30
N LYS B 272 43.38 8.91 24.33
CA LYS B 272 44.80 8.75 24.05
C LYS B 272 45.02 7.83 22.87
N THR B 273 46.22 7.93 22.27
CA THR B 273 46.56 7.09 21.13
C THR B 273 47.57 6.02 21.55
N TYR B 274 47.34 4.77 21.12
CA TYR B 274 48.19 3.65 21.54
C TYR B 274 48.76 2.95 20.34
N PHE B 275 50.04 2.59 20.49
CA PHE B 275 50.87 1.94 19.48
C PHE B 275 51.14 0.52 19.97
N PHE B 276 50.47 -0.46 19.31
CA PHE B 276 50.72 -1.87 19.55
C PHE B 276 51.78 -2.37 18.59
N TYR B 277 52.65 -3.24 19.08
CA TYR B 277 53.72 -3.80 18.27
C TYR B 277 54.05 -5.17 18.88
N HIS B 278 55.14 -5.77 18.46
CA HIS B 278 55.58 -7.01 19.08
C HIS B 278 57.11 -7.07 19.11
N ASN B 279 57.64 -7.99 19.92
CA ASN B 279 59.07 -8.19 20.03
C ASN B 279 59.31 -9.64 20.44
N GLY B 280 60.54 -9.95 20.86
CA GLY B 280 60.84 -11.29 21.32
C GLY B 280 61.37 -11.32 22.75
N ALA B 281 60.69 -10.62 23.67
CA ALA B 281 61.25 -10.34 24.99
C ALA B 281 60.83 -11.37 26.05
N LEU B 282 59.96 -12.35 25.71
CA LEU B 282 59.56 -13.34 26.70
C LEU B 282 60.64 -14.40 26.84
N PRO B 283 60.64 -15.18 27.93
CA PRO B 283 61.53 -16.35 27.98
C PRO B 283 61.27 -17.22 26.77
N GLY B 284 62.36 -17.66 26.10
CA GLY B 284 62.22 -18.45 24.89
C GLY B 284 61.79 -17.61 23.68
N GLY B 285 61.77 -16.27 23.81
CA GLY B 285 61.28 -15.43 22.73
C GLY B 285 62.28 -15.33 21.58
N SER B 286 61.77 -15.05 20.39
CA SER B 286 62.58 -14.99 19.18
C SER B 286 61.71 -14.39 18.06
N GLY B 287 62.28 -14.37 16.85
CA GLY B 287 61.54 -13.93 15.67
C GLY B 287 60.36 -14.86 15.33
N PHE B 288 60.35 -16.09 15.86
CA PHE B 288 59.28 -17.02 15.60
C PHE B 288 58.48 -17.36 16.86
N THR B 289 58.86 -16.74 18.00
CA THR B 289 58.15 -16.87 19.27
C THR B 289 58.04 -15.46 19.84
N ARG B 290 57.14 -14.68 19.24
CA ARG B 290 57.06 -13.25 19.50
C ARG B 290 56.06 -12.99 20.62
N SER B 291 55.92 -11.71 21.01
CA SER B 291 55.06 -11.30 22.10
C SER B 291 54.59 -9.87 21.83
N VAL B 292 53.28 -9.63 21.98
CA VAL B 292 52.66 -8.34 21.70
C VAL B 292 52.95 -7.35 22.83
N CYS B 293 53.18 -6.08 22.46
CA CYS B 293 53.47 -4.99 23.38
C CYS B 293 52.61 -3.77 23.00
N VAL B 294 52.55 -2.78 23.88
CA VAL B 294 51.86 -1.54 23.61
C VAL B 294 52.50 -0.39 24.40
N GLN B 295 52.52 0.79 23.81
CA GLN B 295 52.86 2.02 24.53
C GLN B 295 52.11 3.19 23.91
N GLU B 296 52.01 4.29 24.62
CA GLU B 296 51.34 5.47 24.13
C GLU B 296 52.08 6.07 22.92
N LEU B 297 51.32 6.56 21.93
CA LEU B 297 51.85 7.23 20.76
C LEU B 297 51.61 8.73 20.89
N ASN B 298 52.70 9.50 20.82
CA ASN B 298 52.66 10.97 20.97
C ASN B 298 52.83 11.66 19.62
N PHE B 299 52.10 12.76 19.40
CA PHE B 299 52.20 13.50 18.13
C PHE B 299 52.72 14.92 18.38
N ASN B 300 53.46 15.46 17.40
CA ASN B 300 53.79 16.87 17.38
C ASN B 300 52.58 17.67 16.89
N LYS B 301 52.66 19.00 17.02
CA LYS B 301 51.48 19.81 16.70
C LYS B 301 51.11 19.74 15.22
N ASP B 302 52.11 19.53 14.35
CA ASP B 302 51.85 19.43 12.91
C ASP B 302 51.43 18.04 12.48
N GLY B 303 51.34 17.07 13.43
CA GLY B 303 50.86 15.75 13.08
C GLY B 303 51.97 14.75 12.77
N THR B 304 53.23 15.18 12.78
CA THR B 304 54.31 14.24 12.60
C THR B 304 54.54 13.50 13.92
N ILE B 305 55.33 12.41 13.84
CA ILE B 305 55.46 11.50 14.96
C ILE B 305 56.93 11.45 15.32
N PRO B 306 57.31 11.83 16.56
CA PRO B 306 58.69 11.70 16.98
C PRO B 306 59.10 10.23 17.15
N GLN B 307 60.33 9.94 16.76
CA GLN B 307 60.96 8.64 16.89
C GLN B 307 60.92 8.21 18.35
N MET B 308 60.60 6.93 18.55
CA MET B 308 60.54 6.39 19.90
C MET B 308 61.11 4.98 19.91
N LYS B 309 61.53 4.54 21.08
CA LYS B 309 62.02 3.20 21.22
C LYS B 309 61.03 2.38 22.06
N MET B 310 61.40 1.15 22.37
CA MET B 310 60.59 0.30 23.17
C MET B 310 60.66 0.72 24.63
N THR B 311 59.52 0.92 25.24
CA THR B 311 59.42 1.38 26.62
C THR B 311 58.82 0.29 27.51
N GLU B 312 58.68 0.60 28.78
CA GLU B 312 58.10 -0.30 29.75
C GLU B 312 56.59 -0.34 29.62
N GLY B 313 56.00 0.52 28.77
CA GLY B 313 54.59 0.47 28.50
C GLY B 313 53.77 1.32 29.46
N ILE B 314 52.53 0.88 29.71
CA ILE B 314 51.60 1.70 30.48
C ILE B 314 51.92 1.49 31.96
N THR B 315 52.23 2.58 32.65
CA THR B 315 52.60 2.49 34.07
C THR B 315 51.38 2.57 34.98
N LYS B 316 50.32 3.26 34.54
CA LYS B 316 49.15 3.50 35.39
C LYS B 316 47.88 3.04 34.66
N GLY B 317 47.01 2.34 35.41
CA GLY B 317 45.69 2.02 34.91
C GLY B 317 44.84 3.27 34.72
N ILE B 318 44.01 3.27 33.69
CA ILE B 318 43.07 4.35 33.48
C ILE B 318 41.72 4.06 34.16
N ALA B 319 41.59 2.91 34.83
CA ALA B 319 40.39 2.55 35.57
C ALA B 319 40.79 1.44 36.55
N ALA B 320 39.89 1.18 37.50
CA ALA B 320 40.14 0.18 38.53
C ALA B 320 39.55 -1.15 38.07
N LEU B 321 40.03 -2.23 38.70
CA LEU B 321 39.41 -3.53 38.58
C LEU B 321 38.60 -3.83 39.82
N ASN B 322 37.36 -4.33 39.63
CA ASN B 322 36.47 -4.58 40.76
C ASN B 322 36.70 -6.02 41.21
N PRO B 323 37.30 -6.26 42.39
CA PRO B 323 37.59 -7.63 42.82
C PRO B 323 36.36 -8.37 43.37
N TYR B 324 35.20 -7.72 43.45
CA TYR B 324 34.01 -8.34 44.03
C TYR B 324 33.12 -8.95 42.94
N GLN B 325 33.64 -9.03 41.72
CA GLN B 325 32.97 -9.72 40.62
C GLN B 325 33.85 -10.87 40.18
N LEU B 326 33.24 -11.84 39.45
CA LEU B 326 34.03 -12.91 38.87
C LEU B 326 35.10 -12.30 37.95
N THR B 327 36.37 -12.60 38.24
CA THR B 327 37.48 -12.10 37.46
C THR B 327 38.31 -13.30 37.00
N GLN B 328 38.63 -13.32 35.71
CA GLN B 328 39.21 -14.52 35.12
C GLN B 328 40.68 -14.66 35.53
N ALA B 329 41.11 -15.90 35.75
CA ALA B 329 42.52 -16.17 35.99
C ALA B 329 43.38 -15.67 34.82
N GLU B 330 42.80 -15.62 33.63
CA GLU B 330 43.52 -15.24 32.42
C GLU B 330 43.36 -13.75 32.14
N THR B 331 42.83 -12.97 33.08
CA THR B 331 42.94 -11.52 33.08
C THR B 331 44.20 -11.17 33.85
N ILE B 332 45.26 -10.83 33.10
CA ILE B 332 46.59 -10.78 33.69
C ILE B 332 47.26 -9.48 33.28
N SER B 333 47.92 -8.83 34.27
CA SER B 333 48.82 -7.73 34.01
C SER B 333 50.24 -8.25 33.73
N TRP B 334 50.84 -8.91 34.73
CA TRP B 334 52.16 -9.49 34.58
C TRP B 334 52.18 -10.87 35.23
N SER B 335 53.02 -11.76 34.70
CA SER B 335 53.08 -13.14 35.19
C SER B 335 54.43 -13.74 34.88
N GLU B 336 54.77 -14.83 35.58
CA GLU B 336 55.96 -15.63 35.25
C GLU B 336 55.62 -17.10 35.41
N HIS B 337 56.11 -17.89 34.44
CA HIS B 337 56.01 -19.34 34.42
C HIS B 337 54.55 -19.80 34.46
N VAL B 338 53.69 -19.05 33.75
CA VAL B 338 52.29 -19.39 33.59
C VAL B 338 51.98 -19.49 32.10
N LYS B 339 51.28 -20.58 31.72
CA LYS B 339 50.80 -20.74 30.36
C LYS B 339 49.28 -20.81 30.32
N ALA B 340 48.68 -20.34 29.20
CA ALA B 340 47.22 -20.30 29.05
C ALA B 340 46.74 -21.46 28.18
N PHE B 341 45.53 -21.96 28.49
CA PHE B 341 44.90 -23.05 27.74
C PHE B 341 43.42 -22.77 27.64
N GLN B 342 42.73 -23.62 26.85
CA GLN B 342 41.28 -23.57 26.95
C GLN B 342 40.66 -24.92 26.63
N ASN B 343 39.43 -25.10 27.11
CA ASN B 343 38.61 -26.25 26.75
C ASN B 343 37.14 -25.83 26.82
N ASP B 344 36.26 -26.73 26.45
CA ASP B 344 34.85 -26.48 26.27
C ASP B 344 34.10 -26.29 27.59
N LYS B 345 34.63 -26.83 28.69
CA LYS B 345 33.77 -26.80 29.86
C LYS B 345 33.95 -25.51 30.68
N VAL B 346 35.19 -24.97 30.79
CA VAL B 346 35.40 -23.76 31.56
C VAL B 346 35.84 -22.59 30.70
N GLY B 347 36.24 -22.84 29.45
CA GLY B 347 36.73 -21.77 28.61
C GLY B 347 38.26 -21.65 28.74
N VAL B 348 38.75 -20.40 28.89
CA VAL B 348 40.17 -20.18 29.05
C VAL B 348 40.55 -20.31 30.52
N PHE B 349 41.74 -20.90 30.76
CA PHE B 349 42.28 -21.03 32.10
C PHE B 349 43.79 -20.95 32.00
N VAL B 350 44.46 -20.91 33.16
CA VAL B 350 45.92 -20.87 33.18
C VAL B 350 46.46 -22.04 34.03
N ARG B 351 47.66 -22.49 33.65
CA ARG B 351 48.38 -23.50 34.39
C ARG B 351 49.71 -22.92 34.88
N ALA B 352 50.00 -23.17 36.18
CA ALA B 352 51.33 -22.87 36.73
C ALA B 352 52.31 -23.98 36.31
N LEU B 353 53.41 -23.58 35.66
CA LEU B 353 54.36 -24.55 35.13
C LEU B 353 55.37 -25.02 36.17
N GLN B 354 55.56 -24.29 37.28
CA GLN B 354 56.60 -24.62 38.25
C GLN B 354 56.32 -23.89 39.55
N ASN B 355 56.98 -24.33 40.63
CA ASN B 355 56.77 -23.77 41.96
C ASN B 355 57.19 -22.30 41.98
N GLY B 356 56.36 -21.45 42.57
CA GLY B 356 56.62 -20.01 42.60
C GLY B 356 56.20 -19.26 41.34
N ALA B 357 55.51 -19.91 40.40
CA ALA B 357 54.92 -19.20 39.27
C ALA B 357 53.87 -18.23 39.80
N TYR B 358 53.56 -17.18 39.03
CA TYR B 358 52.57 -16.25 39.55
C TYR B 358 51.88 -15.51 38.42
N THR B 359 50.65 -15.07 38.72
CA THR B 359 49.95 -14.05 37.95
C THR B 359 49.71 -12.83 38.85
N SER B 360 49.48 -11.68 38.22
CA SER B 360 49.29 -10.44 38.93
C SER B 360 48.22 -9.62 38.23
N VAL B 361 47.46 -8.87 38.99
CA VAL B 361 46.48 -7.92 38.45
C VAL B 361 46.75 -6.59 39.15
N LYS B 362 46.67 -5.50 38.41
CA LYS B 362 47.00 -4.19 38.94
C LYS B 362 45.81 -3.25 39.13
N ASN B 363 45.93 -2.32 40.10
CA ASN B 363 44.96 -1.27 40.31
C ASN B 363 43.59 -1.87 40.68
N VAL B 364 43.59 -2.78 41.67
CA VAL B 364 42.36 -3.44 42.10
C VAL B 364 41.80 -2.65 43.29
N ASP B 365 40.54 -2.25 43.18
CA ASP B 365 39.97 -1.33 44.16
C ASP B 365 39.06 -2.10 45.12
N PHE B 366 39.60 -2.41 46.31
CA PHE B 366 38.84 -3.13 47.32
C PHE B 366 37.91 -2.19 48.10
N GLY B 367 38.07 -0.85 47.94
CA GLY B 367 37.15 0.10 48.53
C GLY B 367 37.38 0.32 50.04
N ASP B 368 36.36 0.92 50.66
CA ASP B 368 36.43 1.38 52.02
C ASP B 368 36.16 0.28 53.05
N ILE B 369 35.23 -0.63 52.73
CA ILE B 369 34.88 -1.68 53.68
C ILE B 369 35.96 -2.76 53.64
N GLY B 370 36.15 -3.33 52.45
CA GLY B 370 37.18 -4.32 52.21
C GLY B 370 36.68 -5.75 52.07
N ALA B 371 37.60 -6.61 51.63
CA ALA B 371 37.32 -8.03 51.39
C ALA B 371 37.68 -8.83 52.62
N SER B 372 36.81 -9.79 52.98
CA SER B 372 37.09 -10.69 54.09
C SER B 372 37.15 -12.15 53.66
N ALA B 373 36.58 -12.49 52.49
CA ALA B 373 36.58 -13.85 51.96
C ALA B 373 37.14 -13.83 50.52
N PHE B 374 37.45 -15.03 50.01
CA PHE B 374 37.99 -15.19 48.67
C PHE B 374 37.56 -16.55 48.16
N SER B 375 37.22 -16.62 46.86
CA SER B 375 36.81 -17.87 46.23
C SER B 375 37.55 -18.05 44.90
N ALA B 376 37.87 -19.29 44.56
CA ALA B 376 38.63 -19.57 43.33
C ALA B 376 38.34 -20.95 42.76
N ARG B 377 38.19 -21.03 41.42
CA ARG B 377 38.00 -22.31 40.75
C ARG B 377 39.37 -22.85 40.34
N VAL B 378 39.71 -24.02 40.87
CA VAL B 378 41.06 -24.52 40.75
C VAL B 378 41.10 -26.04 40.71
N GLY B 379 42.27 -26.58 40.39
CA GLY B 379 42.47 -28.01 40.52
C GLY B 379 43.93 -28.36 40.31
N THR B 380 44.27 -29.62 40.58
CA THR B 380 45.63 -30.11 40.40
C THR B 380 45.63 -31.61 40.10
N THR B 381 46.75 -32.06 39.49
CA THR B 381 46.96 -33.48 39.27
C THR B 381 47.81 -34.11 40.37
N HIS B 382 48.31 -33.32 41.33
CA HIS B 382 49.17 -33.84 42.39
C HIS B 382 48.38 -34.10 43.67
N ASN B 383 48.89 -35.04 44.48
CA ASN B 383 48.19 -35.55 45.66
C ASN B 383 48.69 -34.82 46.91
N GLY B 384 48.14 -33.65 47.19
CA GLY B 384 48.61 -32.89 48.34
C GLY B 384 49.70 -31.88 48.02
N GLY B 385 49.85 -30.92 48.92
CA GLY B 385 51.01 -30.05 48.89
C GLY B 385 50.88 -28.89 47.90
N VAL B 386 49.68 -28.61 47.37
CA VAL B 386 49.52 -27.55 46.40
C VAL B 386 48.72 -26.44 47.06
N THR B 387 49.27 -25.22 47.00
CA THR B 387 48.66 -24.04 47.57
C THR B 387 48.72 -22.90 46.57
N MET B 388 47.80 -21.95 46.69
CA MET B 388 47.89 -20.67 46.01
C MET B 388 47.83 -19.57 47.08
N GLU B 389 48.86 -18.73 47.09
CA GLU B 389 48.95 -17.62 48.04
C GLU B 389 48.44 -16.36 47.35
N ILE B 390 47.59 -15.62 48.07
CA ILE B 390 47.11 -14.32 47.64
C ILE B 390 47.95 -13.29 48.36
N ARG B 391 48.71 -12.50 47.56
CA ARG B 391 49.65 -11.55 48.15
C ARG B 391 49.36 -10.16 47.60
N MET B 392 49.72 -9.14 48.38
CA MET B 392 49.53 -7.75 48.00
C MET B 392 50.86 -7.14 47.57
N GLY B 393 50.86 -6.36 46.50
CA GLY B 393 52.01 -5.55 46.13
C GLY B 393 53.08 -6.25 45.26
N SER B 394 53.47 -7.46 45.63
CA SER B 394 54.53 -8.18 44.92
C SER B 394 54.33 -9.68 45.15
N GLN B 395 55.14 -10.49 44.49
CA GLN B 395 55.05 -11.94 44.65
C GLN B 395 55.66 -12.36 45.96
N GLU B 396 56.27 -11.41 46.65
CA GLU B 396 56.85 -11.67 47.95
C GLU B 396 56.25 -10.72 48.96
N GLY B 397 55.12 -10.12 48.65
CA GLY B 397 54.49 -9.18 49.57
C GLY B 397 53.62 -9.89 50.60
N PRO B 398 52.99 -9.13 51.50
CA PRO B 398 52.28 -9.77 52.61
C PRO B 398 51.14 -10.68 52.12
N ILE B 399 51.03 -11.84 52.76
CA ILE B 399 50.03 -12.85 52.41
C ILE B 399 48.70 -12.52 53.05
N ALA B 400 47.66 -12.35 52.22
CA ALA B 400 46.31 -12.11 52.68
C ALA B 400 45.54 -13.42 52.94
N GLY B 401 45.90 -14.50 52.24
CA GLY B 401 45.18 -15.75 52.37
C GLY B 401 45.85 -16.83 51.55
N THR B 402 45.58 -18.08 51.96
CA THR B 402 46.12 -19.22 51.26
C THR B 402 44.99 -20.19 50.90
N VAL B 403 44.98 -20.66 49.62
CA VAL B 403 44.06 -21.68 49.17
C VAL B 403 44.79 -23.01 49.04
N LYS B 404 44.29 -24.05 49.70
CA LYS B 404 44.75 -25.43 49.47
C LYS B 404 44.00 -26.00 48.28
N VAL B 405 44.74 -26.37 47.23
CA VAL B 405 44.15 -26.79 45.96
C VAL B 405 43.94 -28.30 45.99
N PRO B 406 42.72 -28.80 45.77
CA PRO B 406 42.47 -30.24 45.84
C PRO B 406 42.83 -31.00 44.57
N LEU B 407 43.11 -32.29 44.74
CA LEU B 407 43.35 -33.18 43.64
C LEU B 407 42.04 -33.36 42.88
N THR B 408 42.06 -33.08 41.56
CA THR B 408 40.85 -33.27 40.74
C THR B 408 41.09 -34.28 39.62
N GLY B 409 42.35 -34.56 39.26
CA GLY B 409 42.66 -35.60 38.30
C GLY B 409 43.21 -35.06 36.97
N GLY B 410 42.82 -33.83 36.60
CA GLY B 410 43.20 -33.25 35.32
C GLY B 410 42.36 -32.02 35.05
N ASP B 411 42.78 -31.21 34.07
CA ASP B 411 42.14 -29.90 33.88
C ASP B 411 40.79 -30.04 33.17
N ASP B 412 40.24 -31.23 33.10
CA ASP B 412 38.81 -31.39 32.77
C ASP B 412 37.94 -31.42 34.04
N ARG B 413 38.56 -31.37 35.24
CA ARG B 413 37.80 -31.46 36.47
C ARG B 413 38.28 -30.37 37.43
N TRP B 414 37.30 -29.72 38.09
CA TRP B 414 37.54 -28.50 38.82
C TRP B 414 36.78 -28.49 40.13
N GLU B 415 37.29 -27.71 41.09
CA GLU B 415 36.63 -27.46 42.35
C GLU B 415 36.70 -25.97 42.65
N ILE B 416 35.72 -25.51 43.43
CA ILE B 416 35.68 -24.15 43.95
C ILE B 416 36.11 -24.19 45.42
N ILE B 417 37.11 -23.38 45.76
CA ILE B 417 37.60 -23.31 47.14
C ILE B 417 37.32 -21.92 47.67
N ASN B 418 36.68 -21.87 48.84
CA ASN B 418 36.38 -20.67 49.61
C ASN B 418 37.28 -20.60 50.84
N VAL B 419 37.90 -19.42 51.06
CA VAL B 419 38.63 -19.21 52.30
C VAL B 419 38.23 -17.87 52.88
N LYS B 420 38.34 -17.79 54.22
CA LYS B 420 38.26 -16.53 54.92
C LYS B 420 39.67 -15.97 55.03
N LEU B 421 39.83 -14.70 54.70
CA LEU B 421 41.16 -14.07 54.69
C LEU B 421 41.65 -13.83 56.12
N ASP B 422 42.97 -13.95 56.30
CA ASP B 422 43.58 -13.69 57.60
C ASP B 422 43.37 -12.23 58.02
N ARG B 423 43.30 -11.32 57.03
CA ARG B 423 43.08 -9.92 57.31
C ARG B 423 42.13 -9.34 56.25
N LYS B 424 41.34 -8.34 56.61
CA LYS B 424 40.57 -7.59 55.65
C LYS B 424 41.49 -6.80 54.69
N ILE B 425 41.07 -6.65 53.44
CA ILE B 425 41.86 -5.93 52.45
C ILE B 425 41.05 -4.73 51.97
N THR B 426 41.68 -3.55 51.98
CA THR B 426 40.99 -2.30 51.65
C THR B 426 41.85 -1.49 50.70
N GLY B 427 41.21 -0.51 50.03
CA GLY B 427 41.95 0.42 49.19
C GLY B 427 42.40 -0.19 47.89
N ILE B 428 43.19 0.58 47.13
CA ILE B 428 43.76 0.13 45.88
C ILE B 428 44.96 -0.77 46.13
N GLN B 429 44.96 -1.94 45.47
CA GLN B 429 46.02 -2.91 45.65
C GLN B 429 46.39 -3.52 44.30
N ASP B 430 47.62 -4.03 44.22
CA ASP B 430 48.02 -4.97 43.18
C ASP B 430 47.96 -6.36 43.80
N VAL B 431 47.29 -7.29 43.10
CA VAL B 431 47.08 -8.62 43.62
C VAL B 431 47.97 -9.61 42.89
N TYR B 432 48.73 -10.41 43.65
CA TYR B 432 49.55 -11.48 43.11
C TYR B 432 48.98 -12.81 43.56
N PHE B 433 48.82 -13.75 42.62
CA PHE B 433 48.45 -15.12 42.90
C PHE B 433 49.66 -15.99 42.62
N VAL B 434 50.23 -16.56 43.70
CA VAL B 434 51.47 -17.33 43.63
C VAL B 434 51.12 -18.80 43.82
N PHE B 435 51.59 -19.64 42.89
CA PHE B 435 51.20 -21.05 42.87
C PHE B 435 52.36 -21.90 43.36
N LYS B 436 52.09 -22.74 44.36
CA LYS B 436 53.13 -23.49 45.06
C LYS B 436 52.76 -24.97 45.11
N GLY B 437 53.77 -25.82 44.92
CA GLY B 437 53.57 -27.25 44.98
C GLY B 437 54.89 -27.97 45.23
N LYS B 438 54.78 -29.27 45.60
CA LYS B 438 55.99 -30.03 45.86
C LYS B 438 56.56 -30.72 44.62
N ALA B 439 55.79 -30.72 43.52
CA ALA B 439 56.12 -31.40 42.30
C ALA B 439 57.09 -30.56 41.47
N SER B 440 57.48 -31.15 40.32
CA SER B 440 58.50 -30.57 39.47
C SER B 440 57.88 -29.60 38.46
N SER B 441 56.70 -29.95 37.93
CA SER B 441 56.09 -29.15 36.85
C SER B 441 54.57 -29.26 36.94
N ASN B 442 53.86 -28.46 36.14
CA ASN B 442 52.39 -28.45 36.09
C ASN B 442 51.77 -28.50 37.50
N ILE B 443 51.98 -27.44 38.26
CA ILE B 443 51.66 -27.43 39.68
C ILE B 443 50.15 -27.47 39.87
N MET B 444 49.40 -26.61 39.14
CA MET B 444 47.96 -26.50 39.31
C MET B 444 47.37 -25.70 38.16
N TYR B 445 46.03 -25.69 38.08
CA TYR B 445 45.29 -24.94 37.05
C TYR B 445 44.23 -24.08 37.75
N PHE B 446 43.93 -22.95 37.12
CA PHE B 446 43.24 -21.83 37.71
C PHE B 446 42.31 -21.22 36.65
N ASP B 447 41.02 -21.05 36.98
CA ASP B 447 40.01 -20.60 36.02
C ASP B 447 39.55 -19.16 36.29
N TYR B 448 39.06 -18.87 37.52
CA TYR B 448 38.61 -17.53 37.88
C TYR B 448 38.69 -17.39 39.39
N TRP B 449 38.52 -16.14 39.86
CA TRP B 449 38.46 -15.86 41.28
C TRP B 449 37.44 -14.75 41.55
N LYS B 450 37.16 -14.51 42.83
CA LYS B 450 36.35 -13.39 43.31
C LYS B 450 36.57 -13.22 44.81
N PHE B 451 36.43 -11.98 45.29
CA PHE B 451 36.41 -11.67 46.72
C PHE B 451 34.99 -11.34 47.18
N SER B 452 34.79 -11.38 48.49
CA SER B 452 33.48 -11.07 49.08
C SER B 452 33.69 -10.14 50.27
N LYS B 453 32.65 -9.34 50.59
CA LYS B 453 32.77 -8.37 51.69
C LYS B 453 32.88 -9.02 53.09
N MET C 21 47.92 32.31 42.61
CA MET C 21 47.38 31.13 43.33
C MET C 21 46.05 30.71 42.69
N GLN C 22 45.35 29.82 43.41
CA GLN C 22 43.96 29.51 43.12
C GLN C 22 43.04 29.90 44.27
N ASN C 23 43.58 30.33 45.40
CA ASN C 23 42.76 30.80 46.50
C ASN C 23 43.27 32.19 46.89
N PRO C 24 42.37 33.15 47.20
CA PRO C 24 40.91 33.07 47.02
C PRO C 24 40.48 32.98 45.54
N ILE C 25 39.32 32.36 45.29
CA ILE C 25 38.87 32.12 43.93
C ILE C 25 38.21 33.38 43.33
N ILE C 26 37.83 34.34 44.17
CA ILE C 26 37.27 35.62 43.73
C ILE C 26 38.10 36.74 44.32
N GLN C 27 38.63 37.62 43.45
CA GLN C 27 39.52 38.69 43.89
C GLN C 27 38.99 40.08 43.52
N THR C 28 37.86 40.17 42.85
CA THR C 28 37.37 41.42 42.27
C THR C 28 36.32 42.05 43.18
N MET C 29 36.07 41.43 44.33
CA MET C 29 35.09 41.92 45.31
C MET C 29 35.32 41.13 46.58
N TYR C 30 34.80 41.66 47.69
CA TYR C 30 34.86 40.91 48.94
C TYR C 30 33.62 40.04 49.03
N THR C 31 33.84 38.72 49.13
CA THR C 31 32.76 37.75 49.12
C THR C 31 32.90 36.86 50.34
N ALA C 32 31.78 36.27 50.77
CA ALA C 32 31.85 35.45 51.96
C ALA C 32 30.70 34.43 51.96
N ASP C 33 30.74 33.54 52.94
CA ASP C 33 29.66 32.60 53.23
C ASP C 33 29.26 31.79 52.00
N PRO C 34 30.20 31.07 51.37
CA PRO C 34 29.90 30.40 50.10
C PRO C 34 28.88 29.27 50.26
N ALA C 35 28.00 29.16 49.27
CA ALA C 35 26.94 28.15 49.22
C ALA C 35 26.89 27.56 47.82
N PRO C 36 27.58 26.42 47.59
CA PRO C 36 27.61 25.84 46.25
C PRO C 36 26.33 25.12 45.88
N MET C 37 26.17 24.91 44.55
CA MET C 37 25.00 24.25 44.01
C MET C 37 25.34 23.80 42.59
N VAL C 38 24.99 22.54 42.24
CA VAL C 38 25.22 22.04 40.89
C VAL C 38 23.91 22.08 40.11
N TYR C 39 23.95 22.63 38.88
CA TYR C 39 22.80 22.56 38.01
C TYR C 39 23.27 22.32 36.57
N ASN C 40 22.70 21.26 35.95
CA ASN C 40 22.96 20.95 34.57
C ASN C 40 24.46 20.94 34.26
N ASN C 41 25.22 20.21 35.09
CA ASN C 41 26.66 20.04 34.88
C ASN C 41 27.45 21.35 34.92
N ARG C 42 26.97 22.34 35.69
CA ARG C 42 27.77 23.54 35.98
C ARG C 42 27.74 23.74 37.50
N LEU C 43 28.85 24.21 38.06
CA LEU C 43 28.96 24.44 39.49
C LEU C 43 28.82 25.92 39.80
N TYR C 44 27.78 26.25 40.59
CA TYR C 44 27.53 27.61 41.03
C TYR C 44 27.91 27.74 42.50
N VAL C 45 28.28 28.97 42.92
CA VAL C 45 28.50 29.29 44.32
C VAL C 45 27.83 30.63 44.59
N TYR C 46 26.82 30.63 45.47
CA TYR C 46 26.19 31.86 45.90
C TYR C 46 26.96 32.39 47.11
N THR C 47 27.14 33.71 47.16
CA THR C 47 27.92 34.27 48.23
C THR C 47 27.25 35.56 48.72
N THR C 48 27.58 35.93 49.96
CA THR C 48 27.31 37.27 50.44
C THR C 48 28.41 38.21 49.93
N HIS C 49 28.20 39.51 50.19
CA HIS C 49 29.02 40.56 49.64
C HIS C 49 29.38 41.53 50.77
N ASP C 50 30.67 41.58 51.13
CA ASP C 50 31.17 42.58 52.05
C ASP C 50 31.48 43.86 51.29
N GLU C 51 30.89 44.99 51.71
CA GLU C 51 31.22 46.26 51.06
C GLU C 51 32.71 46.56 51.25
N ASP C 52 33.30 47.31 50.30
CA ASP C 52 34.68 47.73 50.45
C ASP C 52 34.87 48.57 51.71
N GLN C 53 36.06 48.44 52.34
CA GLN C 53 36.50 49.19 53.48
C GLN C 53 35.53 49.15 54.68
N SER C 54 34.95 47.97 54.89
CA SER C 54 34.05 47.74 56.03
C SER C 54 34.87 47.56 57.30
N THR C 55 34.38 48.15 58.38
CA THR C 55 34.90 47.92 59.73
C THR C 55 33.85 47.21 60.60
N TRP C 56 32.68 46.94 60.00
CA TRP C 56 31.63 46.13 60.61
C TRP C 56 30.98 45.36 59.46
N PHE C 57 30.07 44.45 59.76
CA PHE C 57 29.37 43.72 58.70
C PHE C 57 28.45 44.66 57.91
N ASN C 58 28.88 44.97 56.68
CA ASN C 58 28.10 45.81 55.78
C ASN C 58 27.72 44.93 54.59
N MET C 59 26.53 44.30 54.69
CA MET C 59 26.17 43.27 53.74
C MET C 59 24.75 43.50 53.25
N ASN C 60 24.64 43.71 51.91
CA ASN C 60 23.41 44.25 51.34
C ASN C 60 22.80 43.37 50.26
N ASP C 61 23.63 42.58 49.55
CA ASP C 61 23.13 41.87 48.37
C ASP C 61 23.88 40.55 48.26
N TRP C 62 23.41 39.70 47.35
CA TRP C 62 23.96 38.37 47.15
C TRP C 62 24.47 38.23 45.71
N LYS C 63 25.56 37.47 45.56
CA LYS C 63 26.18 37.23 44.28
C LYS C 63 26.13 35.73 43.95
N VAL C 64 26.34 35.39 42.69
CA VAL C 64 26.55 34.00 42.31
C VAL C 64 27.66 33.96 41.25
N TYR C 65 28.60 33.00 41.43
CA TYR C 65 29.68 32.75 40.49
C TYR C 65 29.51 31.32 39.98
N SER C 66 30.17 30.99 38.87
CA SER C 66 30.01 29.65 38.34
C SER C 66 31.27 29.22 37.64
N THR C 67 31.45 27.89 37.53
CA THR C 67 32.60 27.36 36.85
C THR C 67 32.21 26.08 36.10
N ASN C 68 32.99 25.84 35.04
CA ASN C 68 32.98 24.61 34.28
C ASN C 68 34.24 23.76 34.52
N ASP C 69 35.24 24.31 35.22
CA ASP C 69 36.58 23.73 35.19
C ASP C 69 37.32 23.79 36.52
N MET C 70 36.75 24.48 37.53
CA MET C 70 37.26 24.55 38.90
C MET C 70 38.46 25.52 39.04
N VAL C 71 38.88 26.19 37.95
CA VAL C 71 40.00 27.12 38.04
C VAL C 71 39.60 28.48 37.51
N ASN C 72 38.60 28.52 36.60
CA ASN C 72 38.07 29.79 36.08
C ASN C 72 36.67 29.99 36.60
N TRP C 73 36.41 31.18 37.17
CA TRP C 73 35.10 31.48 37.77
C TRP C 73 34.47 32.69 37.10
N THR C 74 33.24 32.49 36.61
CA THR C 74 32.46 33.56 36.02
C THR C 74 31.65 34.31 37.10
N ASP C 75 31.76 35.64 37.08
CA ASP C 75 31.02 36.51 37.97
C ASP C 75 29.68 36.86 37.31
N HIS C 76 28.58 36.44 37.92
CA HIS C 76 27.27 36.69 37.34
C HIS C 76 26.60 37.91 37.99
N GLY C 77 27.28 38.59 38.92
CA GLY C 77 26.79 39.84 39.46
C GLY C 77 25.78 39.63 40.58
N THR C 78 25.07 40.71 40.92
CA THR C 78 24.02 40.66 41.92
C THR C 78 22.84 39.87 41.37
N ILE C 79 22.35 38.90 42.16
CA ILE C 79 21.14 38.17 41.78
C ILE C 79 20.00 38.37 42.79
N LEU C 80 20.27 39.06 43.92
CA LEU C 80 19.22 39.34 44.90
C LEU C 80 19.74 40.42 45.85
N LYS C 81 18.82 41.23 46.39
CA LYS C 81 19.16 42.26 47.36
C LYS C 81 18.26 42.14 48.59
N TYR C 82 18.72 42.66 49.72
CA TYR C 82 17.89 42.65 50.92
C TYR C 82 16.57 43.37 50.66
N SER C 83 16.62 44.44 49.87
CA SER C 83 15.45 45.27 49.64
C SER C 83 14.43 44.58 48.73
N ASP C 84 14.79 43.47 48.10
CA ASP C 84 13.83 42.65 47.37
C ASP C 84 12.84 41.96 48.30
N PHE C 85 13.10 41.98 49.61
CA PHE C 85 12.12 41.63 50.62
C PHE C 85 11.62 42.93 51.26
N ALA C 86 10.37 43.29 50.99
CA ALA C 86 9.85 44.59 51.44
C ALA C 86 9.85 44.73 52.97
N TRP C 87 9.92 43.60 53.67
CA TRP C 87 9.88 43.59 55.13
C TRP C 87 11.27 43.54 55.77
N ALA C 88 12.34 43.56 54.94
CA ALA C 88 13.71 43.45 55.44
C ALA C 88 14.32 44.80 55.74
N LYS C 89 15.00 44.90 56.89
CA LYS C 89 15.65 46.14 57.32
C LYS C 89 17.10 46.23 56.82
N GLY C 90 17.75 45.07 56.64
CA GLY C 90 19.13 45.01 56.21
C GLY C 90 19.76 43.69 56.61
N ASP C 91 21.08 43.62 56.51
CA ASP C 91 21.89 42.47 56.91
C ASP C 91 21.60 41.25 56.03
N ALA C 92 22.07 41.31 54.78
CA ALA C 92 21.93 40.21 53.84
C ALA C 92 23.02 39.18 54.13
N TRP C 93 22.73 38.25 55.02
CA TRP C 93 23.79 37.34 55.51
C TRP C 93 23.69 35.98 54.81
N ALA C 94 24.35 34.97 55.38
CA ALA C 94 24.68 33.72 54.69
C ALA C 94 23.42 33.00 54.17
N ALA C 95 23.37 32.80 52.84
CA ALA C 95 22.21 32.24 52.15
C ALA C 95 22.58 30.93 51.45
N GLN C 96 21.55 30.18 51.05
CA GLN C 96 21.77 28.94 50.29
C GLN C 96 20.68 28.78 49.23
N CYS C 97 21.10 28.40 48.01
CA CYS C 97 20.16 28.09 46.94
C CYS C 97 20.14 26.58 46.68
N VAL C 98 18.94 26.01 46.59
CA VAL C 98 18.79 24.62 46.17
C VAL C 98 17.85 24.56 44.96
N GLU C 99 18.05 23.52 44.14
CA GLU C 99 17.26 23.33 42.93
C GLU C 99 16.29 22.16 43.10
N LYS C 100 15.13 22.24 42.46
CA LYS C 100 14.21 21.11 42.37
C LYS C 100 13.32 21.34 41.17
N ASN C 101 13.32 20.38 40.23
CA ASN C 101 12.47 20.43 39.04
C ASN C 101 12.63 21.74 38.29
N GLY C 102 13.88 22.21 38.20
CA GLY C 102 14.20 23.41 37.42
C GLY C 102 13.70 24.70 38.05
N LYS C 103 13.30 24.66 39.33
CA LYS C 103 13.02 25.86 40.11
C LYS C 103 14.12 25.99 41.17
N PHE C 104 14.47 27.26 41.48
CA PHE C 104 15.61 27.52 42.36
C PHE C 104 15.12 28.31 43.57
N TYR C 105 15.35 27.73 44.75
CA TYR C 105 14.86 28.29 46.01
C TYR C 105 16.05 28.79 46.81
N LEU C 106 16.08 30.09 47.05
CA LEU C 106 17.18 30.75 47.73
C LEU C 106 16.69 31.18 49.09
N TYR C 107 17.26 30.56 50.13
CA TYR C 107 16.91 30.81 51.51
C TYR C 107 17.92 31.82 52.06
N VAL C 108 17.41 32.91 52.63
CA VAL C 108 18.27 34.03 53.01
C VAL C 108 17.91 34.45 54.44
N PRO C 109 18.90 34.82 55.27
CA PRO C 109 18.59 35.51 56.50
C PRO C 109 18.64 37.02 56.34
N VAL C 110 17.62 37.71 56.84
CA VAL C 110 17.63 39.16 56.88
C VAL C 110 17.02 39.60 58.22
N VAL C 111 17.36 40.81 58.65
CA VAL C 111 16.70 41.39 59.80
C VAL C 111 15.38 41.97 59.34
N SER C 112 14.29 41.64 60.07
CA SER C 112 12.97 42.13 59.75
C SER C 112 12.78 43.55 60.28
N LYS C 113 12.07 44.39 59.51
CA LYS C 113 11.71 45.72 59.96
C LYS C 113 10.59 45.69 61.01
N VAL C 114 9.75 44.63 60.99
CA VAL C 114 8.58 44.55 61.84
C VAL C 114 8.98 44.55 63.31
N ASN C 115 10.04 43.84 63.69
CA ASN C 115 10.41 43.68 65.08
C ASN C 115 11.91 43.77 65.27
N ASN C 116 12.64 44.16 64.23
CA ASN C 116 14.09 44.36 64.31
C ASN C 116 14.83 43.09 64.69
N LYS C 117 14.30 41.95 64.27
CA LYS C 117 15.00 40.72 64.55
C LYS C 117 15.15 39.88 63.29
N GLY C 118 16.19 39.07 63.29
CA GLY C 118 16.53 38.25 62.15
C GLY C 118 15.42 37.25 61.82
N ALA C 119 15.40 36.86 60.56
CA ALA C 119 14.40 35.96 60.08
C ALA C 119 14.90 35.35 58.79
N ILE C 120 14.29 34.22 58.41
CA ILE C 120 14.63 33.57 57.16
C ILE C 120 13.51 33.79 56.17
N GLY C 121 13.90 34.26 54.97
CA GLY C 121 13.01 34.37 53.83
C GLY C 121 13.43 33.39 52.75
N VAL C 122 12.60 33.29 51.71
CA VAL C 122 12.87 32.41 50.57
C VAL C 122 12.40 33.15 49.32
N ALA C 123 13.31 33.20 48.33
CA ALA C 123 13.04 33.73 47.01
C ALA C 123 13.08 32.57 46.03
N VAL C 124 12.38 32.72 44.89
CA VAL C 124 12.29 31.64 43.91
C VAL C 124 12.61 32.26 42.57
N GLY C 125 13.36 31.47 41.76
CA GLY C 125 13.68 31.89 40.41
C GLY C 125 13.61 30.68 39.48
N ASP C 126 13.64 30.98 38.16
CA ASP C 126 13.51 29.88 37.20
C ASP C 126 14.82 29.59 36.48
N SER C 127 15.91 30.24 36.90
CA SER C 127 17.24 29.85 36.49
C SER C 127 18.17 30.15 37.67
N PRO C 128 19.41 29.60 37.66
CA PRO C 128 20.34 29.91 38.76
C PRO C 128 20.69 31.39 38.83
N LEU C 129 20.47 32.15 37.74
CA LEU C 129 20.82 33.57 37.73
C LEU C 129 19.62 34.44 38.07
N GLY C 130 18.48 33.81 38.45
CA GLY C 130 17.29 34.58 38.75
C GLY C 130 16.47 34.82 37.48
N PRO C 131 15.63 35.88 37.46
CA PRO C 131 15.44 36.79 38.60
C PRO C 131 14.80 36.05 39.80
N PHE C 132 15.13 36.49 41.02
CA PHE C 132 14.61 35.88 42.22
C PHE C 132 13.60 36.83 42.86
N TYR C 133 12.47 36.30 43.35
CA TYR C 133 11.44 37.14 43.96
C TYR C 133 11.00 36.51 45.28
N ASP C 134 10.80 37.36 46.29
CA ASP C 134 10.17 37.00 47.53
C ASP C 134 8.77 36.46 47.25
N VAL C 135 8.53 35.16 47.50
CA VAL C 135 7.26 34.54 47.20
C VAL C 135 6.32 34.54 48.40
N LEU C 136 6.80 34.94 49.59
CA LEU C 136 5.97 34.96 50.78
C LEU C 136 5.52 36.36 51.20
N GLY C 137 6.39 37.38 51.01
CA GLY C 137 6.05 38.72 51.44
C GLY C 137 6.20 38.88 52.95
N LYS C 138 6.80 37.86 53.60
CA LYS C 138 6.98 37.83 55.06
C LYS C 138 7.96 36.66 55.30
N PRO C 139 8.48 36.50 56.53
CA PRO C 139 9.42 35.42 56.77
C PRO C 139 8.85 34.03 56.53
N LEU C 140 9.72 33.14 56.07
CA LEU C 140 9.42 31.70 56.13
C LEU C 140 9.48 31.23 57.59
N VAL C 141 10.41 31.74 58.39
CA VAL C 141 10.56 31.37 59.78
C VAL C 141 11.02 32.57 60.60
N GLN C 142 10.35 32.80 61.73
CA GLN C 142 10.87 33.72 62.73
C GLN C 142 10.57 33.17 64.11
N SER C 143 11.61 32.91 64.89
CA SER C 143 11.49 32.34 66.22
C SER C 143 11.77 33.41 67.26
N GLU C 144 12.39 33.01 68.36
CA GLU C 144 12.64 33.83 69.54
C GLU C 144 13.79 34.80 69.26
N TRP C 145 14.85 34.30 68.64
CA TRP C 145 16.10 34.98 68.47
C TRP C 145 17.02 34.10 67.62
N GLY C 146 17.96 34.70 66.88
CA GLY C 146 19.05 33.97 66.26
C GLY C 146 18.61 33.17 65.02
N ASP C 147 17.70 33.79 64.25
CA ASP C 147 17.21 33.23 62.99
C ASP C 147 18.14 33.65 61.86
N ILE C 148 19.31 33.02 61.77
CA ILE C 148 20.26 33.26 60.70
C ILE C 148 20.79 31.92 60.18
N ASP C 149 21.45 32.01 59.02
CA ASP C 149 22.31 30.98 58.44
C ASP C 149 21.56 29.69 58.13
N PRO C 150 20.55 29.71 57.23
CA PRO C 150 19.86 28.47 56.88
C PRO C 150 20.70 27.57 55.96
N THR C 151 20.52 26.26 56.16
CA THR C 151 20.92 25.26 55.17
C THR C 151 19.69 24.38 54.91
N VAL C 152 19.54 24.01 53.64
CA VAL C 152 18.40 23.24 53.18
C VAL C 152 18.97 22.13 52.30
N PHE C 153 18.45 20.92 52.49
CA PHE C 153 18.93 19.76 51.76
C PHE C 153 17.74 18.88 51.38
N ILE C 154 17.70 18.45 50.12
CA ILE C 154 16.69 17.51 49.65
C ILE C 154 17.27 16.09 49.68
N ASP C 155 16.61 15.22 50.44
CA ASP C 155 17.07 13.84 50.63
C ASP C 155 16.73 12.96 49.43
N ASP C 156 17.18 11.71 49.48
CA ASP C 156 16.91 10.71 48.45
C ASP C 156 15.42 10.40 48.36
N ASP C 157 14.71 10.42 49.50
CA ASP C 157 13.27 10.15 49.47
C ASP C 157 12.47 11.34 48.93
N GLY C 158 13.16 12.40 48.48
CA GLY C 158 12.53 13.53 47.83
C GLY C 158 12.10 14.64 48.78
N GLN C 159 12.35 14.49 50.10
CA GLN C 159 11.84 15.39 51.11
C GLN C 159 12.93 16.24 51.78
N ALA C 160 12.59 17.50 52.11
CA ALA C 160 13.56 18.56 52.38
C ALA C 160 13.67 18.90 53.87
N HIS C 161 14.92 19.15 54.29
CA HIS C 161 15.20 19.43 55.68
C HIS C 161 15.95 20.75 55.78
N MET C 162 15.59 21.56 56.79
CA MET C 162 16.26 22.82 57.04
C MET C 162 16.85 22.88 58.45
N TYR C 163 18.13 23.25 58.55
CA TYR C 163 18.78 23.59 59.80
C TYR C 163 19.22 25.06 59.76
N TRP C 164 19.32 25.69 60.91
CA TRP C 164 19.82 27.07 60.97
C TRP C 164 20.09 27.41 62.43
N GLY C 165 20.61 28.64 62.67
CA GLY C 165 20.58 29.14 64.03
C GLY C 165 21.92 29.57 64.65
N ASN C 166 21.86 30.66 65.42
CA ASN C 166 22.95 31.20 66.22
C ASN C 166 22.35 31.99 67.36
N PRO C 167 22.52 31.56 68.65
CA PRO C 167 23.44 30.48 69.07
C PRO C 167 22.84 29.08 69.02
N LYS C 168 21.51 28.94 68.95
CA LYS C 168 20.90 27.63 69.05
C LYS C 168 20.61 27.04 67.67
N LEU C 169 21.07 25.79 67.48
CA LEU C 169 20.75 25.07 66.25
C LEU C 169 19.27 24.65 66.27
N LYS C 170 18.56 24.97 65.18
CA LYS C 170 17.16 24.63 65.01
C LYS C 170 16.95 23.89 63.71
N TYR C 171 15.80 23.19 63.62
CA TYR C 171 15.53 22.26 62.55
C TYR C 171 14.02 22.27 62.25
N VAL C 172 13.68 22.17 60.96
CA VAL C 172 12.31 21.92 60.55
C VAL C 172 12.34 21.04 59.30
N LYS C 173 11.27 20.28 59.12
CA LYS C 173 11.04 19.61 57.86
C LYS C 173 10.22 20.56 56.99
N LEU C 174 10.74 20.84 55.80
CA LEU C 174 9.99 21.65 54.86
C LEU C 174 8.96 20.80 54.13
N ASN C 175 7.85 21.45 53.79
CA ASN C 175 6.87 20.86 52.89
C ASN C 175 7.44 20.67 51.49
N GLU C 176 6.78 19.78 50.73
CA GLU C 176 7.01 19.55 49.32
C GLU C 176 7.26 20.86 48.52
N ASP C 177 6.50 21.93 48.80
CA ASP C 177 6.52 23.15 48.02
C ASP C 177 7.75 24.00 48.33
N MET C 178 8.48 23.68 49.41
CA MET C 178 9.80 24.28 49.72
C MET C 178 9.66 25.69 50.30
N ILE C 179 8.46 26.23 50.41
CA ILE C 179 8.30 27.61 50.85
C ILE C 179 7.32 27.64 52.05
N SER C 180 7.20 26.48 52.74
CA SER C 180 6.43 26.40 53.96
C SER C 180 6.88 25.13 54.69
N TYR C 181 6.48 25.07 55.97
CA TYR C 181 6.74 23.92 56.81
C TYR C 181 5.48 23.64 57.63
N SER C 182 5.35 22.37 58.03
CA SER C 182 4.18 21.74 58.64
C SER C 182 4.15 21.92 60.16
N GLY C 183 5.23 21.34 60.72
CA GLY C 183 5.31 20.79 62.04
C GLY C 183 5.86 21.86 62.98
N ASP C 184 6.65 21.38 63.92
CA ASP C 184 7.25 22.28 64.90
C ASP C 184 8.70 22.60 64.56
N ILE C 185 9.15 23.75 65.08
CA ILE C 185 10.55 24.08 65.11
C ILE C 185 11.18 23.28 66.24
N ILE C 186 12.13 22.42 65.87
CA ILE C 186 12.86 21.58 66.79
C ILE C 186 14.15 22.29 67.17
N GLU C 187 14.40 22.41 68.47
CA GLU C 187 15.72 22.78 68.97
C GLU C 187 16.59 21.54 69.10
N VAL C 188 17.65 21.46 68.30
CA VAL C 188 18.56 20.33 68.35
C VAL C 188 19.31 20.35 69.69
N PRO C 189 19.33 19.23 70.44
CA PRO C 189 20.02 19.21 71.73
C PRO C 189 21.49 19.55 71.61
N MET C 190 21.89 20.62 72.33
CA MET C 190 23.26 21.13 72.30
C MET C 190 24.11 20.36 73.30
N THR C 191 24.46 19.13 72.96
CA THR C 191 25.14 18.19 73.85
C THR C 191 26.59 18.00 73.41
N GLU C 192 27.43 17.56 74.33
CA GLU C 192 28.82 17.32 74.07
C GLU C 192 29.04 16.16 73.09
N GLU C 193 28.20 15.10 73.08
CA GLU C 193 28.26 14.18 71.97
C GLU C 193 28.03 14.90 70.62
N SER C 194 27.03 15.75 70.57
CA SER C 194 26.71 16.09 69.21
C SER C 194 27.74 17.08 68.65
N PHE C 195 28.23 17.99 69.50
CA PHE C 195 28.99 19.13 68.99
C PHE C 195 30.19 19.50 69.85
N GLY C 196 30.63 18.60 70.75
CA GLY C 196 31.83 18.85 71.52
C GLY C 196 31.58 19.79 72.69
N LYS C 197 32.63 20.08 73.44
CA LYS C 197 32.48 20.88 74.65
C LYS C 197 33.17 22.24 74.51
N ARG C 198 32.53 23.25 75.09
CA ARG C 198 33.08 24.58 75.26
C ARG C 198 32.83 24.94 76.72
N ASP C 199 33.83 25.57 77.34
CA ASP C 199 33.66 25.95 78.75
C ASP C 199 33.57 27.46 78.85
N GLY C 200 32.69 27.92 79.75
CA GLY C 200 32.71 29.31 80.14
C GLY C 200 31.60 30.15 79.51
N ASN C 201 30.79 29.55 78.62
CA ASN C 201 29.76 30.30 77.94
C ASN C 201 28.45 29.57 78.08
N PRO C 202 27.61 29.97 79.04
CA PRO C 202 26.39 29.22 79.30
C PRO C 202 25.43 29.21 78.10
N GLU C 203 25.53 30.22 77.23
CA GLU C 203 24.65 30.28 76.09
C GLU C 203 25.19 29.47 74.93
N ARG C 204 26.41 28.95 75.09
CA ARG C 204 27.03 28.16 74.05
C ARG C 204 27.69 27.00 74.70
N PRO C 205 26.94 25.92 75.00
CA PRO C 205 27.52 24.83 75.78
C PRO C 205 28.44 23.94 74.95
N THR C 206 28.32 24.01 73.61
CA THR C 206 29.13 23.16 72.71
C THR C 206 29.99 24.02 71.79
N LYS C 207 30.78 23.35 70.95
CA LYS C 207 31.63 24.05 70.00
C LYS C 207 30.80 24.69 68.87
N TYR C 208 29.54 24.24 68.66
CA TYR C 208 28.71 24.84 67.63
C TYR C 208 28.54 26.34 67.85
N GLU C 209 28.76 27.14 66.79
CA GLU C 209 28.58 28.59 66.86
C GLU C 209 27.43 29.05 65.93
N GLU C 210 27.45 28.62 64.67
CA GLU C 210 26.45 29.03 63.70
C GLU C 210 26.61 28.24 62.39
N GLY C 211 26.00 28.77 61.31
CA GLY C 211 26.33 28.39 59.93
C GLY C 211 26.31 26.91 59.57
N PRO C 212 25.24 26.17 59.92
CA PRO C 212 25.24 24.73 59.61
C PRO C 212 25.10 24.48 58.11
N TRP C 213 25.68 23.36 57.66
CA TRP C 213 25.61 22.94 56.26
C TRP C 213 25.39 21.44 56.22
N LEU C 214 24.27 21.01 55.61
CA LEU C 214 23.85 19.61 55.59
C LEU C 214 24.24 19.00 54.23
N TYR C 215 24.97 17.89 54.29
CA TYR C 215 25.54 17.26 53.11
C TYR C 215 25.47 15.75 53.27
N LYS C 216 25.38 15.03 52.15
CA LYS C 216 25.35 13.56 52.25
C LYS C 216 26.43 12.90 51.39
N ARG C 217 27.08 11.86 51.92
CA ARG C 217 28.02 11.08 51.14
C ARG C 217 27.85 9.60 51.52
N LYS C 218 27.63 8.76 50.48
CA LYS C 218 27.31 7.35 50.64
C LYS C 218 26.16 7.22 51.65
N ASP C 219 26.37 6.52 52.79
CA ASP C 219 25.27 6.32 53.72
C ASP C 219 25.27 7.29 54.89
N LEU C 220 26.11 8.33 54.84
CA LEU C 220 26.38 9.15 56.02
C LEU C 220 26.00 10.62 55.73
N TYR C 221 25.33 11.21 56.72
CA TYR C 221 24.97 12.63 56.69
C TYR C 221 26.00 13.40 57.50
N TYR C 222 26.37 14.58 56.98
CA TYR C 222 27.32 15.47 57.65
C TYR C 222 26.65 16.81 57.87
N LEU C 223 26.90 17.36 59.08
CA LEU C 223 26.56 18.74 59.37
C LEU C 223 27.88 19.45 59.66
N PHE C 224 28.32 20.31 58.72
CA PHE C 224 29.46 21.18 58.94
C PHE C 224 28.99 22.45 59.63
N TRP C 225 29.89 23.06 60.42
CA TRP C 225 29.47 24.29 61.09
C TRP C 225 30.67 25.09 61.54
N PRO C 226 30.63 26.43 61.47
CA PRO C 226 31.59 27.24 62.21
C PRO C 226 31.49 26.95 63.70
N GLY C 227 32.66 26.81 64.33
CA GLY C 227 32.73 26.57 65.75
C GLY C 227 33.51 27.66 66.48
N GLY C 228 33.17 27.81 67.76
CA GLY C 228 33.83 28.77 68.62
C GLY C 228 34.50 28.11 69.81
N PRO C 229 35.13 28.89 70.69
CA PRO C 229 35.12 30.36 70.67
C PRO C 229 35.94 30.92 69.51
N LEU C 230 35.70 32.21 69.21
CA LEU C 230 36.42 32.94 68.18
C LEU C 230 37.91 32.96 68.48
N PRO C 231 38.77 32.96 67.43
CA PRO C 231 38.39 32.97 66.00
C PRO C 231 37.81 31.62 65.54
N GLU C 232 36.86 31.66 64.60
CA GLU C 232 36.10 30.46 64.26
C GLU C 232 36.91 29.42 63.53
N PHE C 233 36.58 28.17 63.80
CA PHE C 233 37.11 27.04 63.04
C PHE C 233 35.93 26.37 62.37
N ILE C 234 36.19 25.33 61.56
CA ILE C 234 35.10 24.54 61.00
C ILE C 234 35.16 23.16 61.65
N GLY C 235 34.06 22.82 62.35
CA GLY C 235 33.87 21.46 62.83
C GLY C 235 32.77 20.75 62.06
N TYR C 236 32.59 19.47 62.36
CA TYR C 236 31.54 18.71 61.72
C TYR C 236 30.99 17.66 62.68
N SER C 237 29.77 17.19 62.38
CA SER C 237 29.15 16.08 63.05
C SER C 237 28.55 15.15 61.98
N THR C 238 28.29 13.89 62.36
CA THR C 238 27.74 12.91 61.42
C THR C 238 26.50 12.27 62.01
N SER C 239 25.69 11.67 61.11
CA SER C 239 24.49 10.99 61.49
C SER C 239 24.17 9.97 60.40
N LYS C 240 23.29 9.03 60.77
CA LYS C 240 22.77 8.06 59.82
C LYS C 240 21.50 8.61 59.15
N SER C 241 20.91 9.66 59.71
CA SER C 241 19.72 10.28 59.16
C SER C 241 19.92 11.81 59.08
N ALA C 242 19.13 12.44 58.19
CA ALA C 242 19.19 13.88 57.98
C ALA C 242 18.67 14.64 59.19
N LYS C 243 17.73 14.04 59.93
CA LYS C 243 17.18 14.68 61.11
C LYS C 243 17.96 14.40 62.38
N GLY C 244 19.01 13.59 62.29
CA GLY C 244 19.80 13.28 63.47
C GLY C 244 19.56 11.86 63.97
N PRO C 245 20.11 11.49 65.15
CA PRO C 245 20.86 12.40 66.06
C PRO C 245 22.30 12.64 65.60
N TRP C 246 22.96 13.69 66.08
CA TRP C 246 24.27 14.04 65.54
C TRP C 246 25.38 13.62 66.47
N LYS C 247 26.49 13.15 65.89
CA LYS C 247 27.63 12.67 66.62
C LYS C 247 28.86 13.51 66.23
N TYR C 248 29.54 14.09 67.23
CA TYR C 248 30.63 14.99 66.94
C TYR C 248 31.71 14.28 66.13
N GLY C 249 32.21 14.96 65.09
CA GLY C 249 33.21 14.37 64.24
C GLY C 249 34.61 14.87 64.55
N GLY C 250 34.75 16.19 64.65
CA GLY C 250 36.04 16.79 64.94
C GLY C 250 36.20 18.11 64.21
N ILE C 251 37.46 18.55 64.08
CA ILE C 251 37.80 19.77 63.38
C ILE C 251 38.08 19.45 61.92
N VAL C 252 37.34 20.11 61.01
CA VAL C 252 37.68 20.03 59.60
C VAL C 252 38.80 21.02 59.29
N MET C 253 38.68 22.25 59.82
CA MET C 253 39.70 23.25 59.49
C MET C 253 39.90 24.23 60.64
N PRO C 254 41.08 24.24 61.28
CA PRO C 254 41.30 25.17 62.39
C PRO C 254 41.33 26.62 61.92
N ALA C 255 41.05 27.56 62.83
CA ALA C 255 41.09 28.98 62.53
C ALA C 255 42.45 29.36 61.96
N GLU C 256 42.41 30.19 60.90
CA GLU C 256 43.65 30.53 60.20
C GLU C 256 43.41 31.79 59.39
N GLY C 257 44.39 32.69 59.43
CA GLY C 257 44.40 33.89 58.59
C GLY C 257 43.64 35.06 59.20
N LYS C 258 43.21 35.98 58.33
CA LYS C 258 42.82 37.31 58.78
C LYS C 258 41.32 37.50 59.03
N SER C 259 40.49 36.46 58.83
CA SER C 259 39.05 36.56 59.04
C SER C 259 38.68 35.78 60.29
N PHE C 260 38.11 36.44 61.28
CA PHE C 260 37.73 35.72 62.50
C PHE C 260 36.51 34.80 62.31
N THR C 261 35.84 34.88 61.16
CA THR C 261 34.82 33.91 60.81
C THR C 261 35.35 33.00 59.70
N ASN C 262 34.81 31.77 59.69
CA ASN C 262 34.86 30.91 58.51
C ASN C 262 33.49 30.27 58.37
N HIS C 263 33.13 29.96 57.13
CA HIS C 263 31.78 29.53 56.82
C HIS C 263 31.82 28.49 55.72
N PRO C 264 31.31 27.24 55.97
CA PRO C 264 31.49 26.16 55.02
C PRO C 264 30.36 25.97 54.04
N GLY C 265 30.73 25.55 52.81
CA GLY C 265 29.79 24.96 51.88
C GLY C 265 30.43 23.77 51.20
N VAL C 266 29.77 22.61 51.25
CA VAL C 266 30.39 21.37 50.77
C VAL C 266 29.50 20.79 49.66
N ILE C 267 30.11 20.28 48.59
CA ILE C 267 29.32 19.74 47.50
C ILE C 267 30.18 18.79 46.65
N ASP C 268 29.52 17.80 46.02
CA ASP C 268 30.14 16.96 44.99
C ASP C 268 29.97 17.57 43.61
N PHE C 269 31.04 17.49 42.81
CA PHE C 269 31.00 17.92 41.43
C PHE C 269 31.90 16.98 40.64
N ARG C 270 31.30 16.29 39.65
CA ARG C 270 31.99 15.38 38.73
C ARG C 270 32.87 14.40 39.50
N GLY C 271 32.32 13.81 40.57
CA GLY C 271 32.94 12.74 41.29
C GLY C 271 34.00 13.16 42.32
N LYS C 272 34.18 14.46 42.56
CA LYS C 272 35.05 14.91 43.65
C LYS C 272 34.24 15.78 44.59
N THR C 273 34.69 15.85 45.85
CA THR C 273 34.02 16.70 46.84
C THR C 273 34.84 17.96 47.10
N TYR C 274 34.16 19.10 47.19
CA TYR C 274 34.83 20.39 47.38
C TYR C 274 34.29 21.06 48.65
N PHE C 275 35.25 21.67 49.35
CA PHE C 275 35.06 22.41 50.60
C PHE C 275 35.29 23.87 50.27
N PHE C 276 34.19 24.63 50.23
CA PHE C 276 34.20 26.07 50.04
C PHE C 276 34.21 26.71 51.43
N TYR C 277 34.94 27.82 51.55
CA TYR C 277 35.04 28.52 52.80
C TYR C 277 35.39 29.96 52.48
N HIS C 278 35.78 30.76 53.49
CA HIS C 278 36.28 32.08 53.20
C HIS C 278 37.41 32.43 54.17
N ASN C 279 38.16 33.49 53.83
CA ASN C 279 39.25 33.99 54.64
C ASN C 279 39.35 35.49 54.43
N GLY C 280 40.46 36.10 54.83
CA GLY C 280 40.66 37.53 54.55
C GLY C 280 41.97 37.80 53.80
N ALA C 281 42.24 37.07 52.72
CA ALA C 281 43.57 37.06 52.09
C ALA C 281 43.74 38.08 50.97
N LEU C 282 42.71 38.84 50.64
CA LEU C 282 42.86 39.88 49.62
C LEU C 282 43.51 41.11 50.22
N PRO C 283 44.13 41.97 49.39
CA PRO C 283 44.60 43.27 49.91
C PRO C 283 43.42 43.98 50.57
N GLY C 284 43.69 44.53 51.75
CA GLY C 284 42.65 45.17 52.54
C GLY C 284 41.71 44.16 53.20
N GLY C 285 42.03 42.86 53.14
CA GLY C 285 41.12 41.84 53.67
C GLY C 285 41.16 41.81 55.19
N SER C 286 40.07 41.32 55.76
CA SER C 286 39.84 41.27 57.20
C SER C 286 38.54 40.49 57.45
N GLY C 287 38.12 40.46 58.72
CA GLY C 287 36.91 39.76 59.10
C GLY C 287 35.64 40.39 58.53
N PHE C 288 35.74 41.64 58.04
CA PHE C 288 34.57 42.30 57.43
C PHE C 288 34.80 42.58 55.95
N THR C 289 35.91 42.11 55.39
CA THR C 289 36.25 42.22 53.98
C THR C 289 36.82 40.86 53.57
N ARG C 290 35.93 39.88 53.44
CA ARG C 290 36.37 38.50 53.30
C ARG C 290 36.46 38.11 51.82
N SER C 291 36.89 36.86 51.57
CA SER C 291 37.10 36.35 50.23
C SER C 291 36.85 34.86 50.24
N VAL C 292 36.05 34.39 49.26
CA VAL C 292 35.66 32.98 49.19
C VAL C 292 36.82 32.16 48.63
N CYS C 293 36.99 30.93 49.18
CA CYS C 293 38.03 29.99 48.77
C CYS C 293 37.37 28.62 48.56
N VAL C 294 38.13 27.70 47.95
CA VAL C 294 37.71 26.33 47.77
C VAL C 294 38.95 25.43 47.69
N GLN C 295 38.84 24.22 48.25
CA GLN C 295 39.81 23.17 48.02
C GLN C 295 39.08 21.84 48.08
N GLU C 296 39.72 20.79 47.57
CA GLU C 296 39.11 19.48 47.57
C GLU C 296 39.00 18.93 49.00
N LEU C 297 37.89 18.23 49.28
CA LEU C 297 37.66 17.59 50.57
C LEU C 297 37.93 16.09 50.47
N ASN C 298 38.83 15.61 51.33
CA ASN C 298 39.19 14.18 51.41
C ASN C 298 38.55 13.52 52.61
N PHE C 299 38.07 12.28 52.43
CA PHE C 299 37.50 11.49 53.52
C PHE C 299 38.37 10.28 53.84
N ASN C 300 38.38 9.87 55.11
CA ASN C 300 38.98 8.58 55.49
C ASN C 300 38.01 7.45 55.09
N LYS C 301 38.52 6.22 55.11
CA LYS C 301 37.73 5.08 54.65
C LYS C 301 36.46 4.86 55.48
N ASP C 302 36.47 5.22 56.78
CA ASP C 302 35.27 5.07 57.59
C ASP C 302 34.28 6.24 57.44
N GLY C 303 34.63 7.24 56.62
CA GLY C 303 33.75 8.36 56.41
C GLY C 303 34.08 9.59 57.27
N THR C 304 35.02 9.48 58.21
CA THR C 304 35.44 10.67 58.94
C THR C 304 36.34 11.52 58.05
N ILE C 305 36.61 12.75 58.51
CA ILE C 305 37.30 13.73 57.67
C ILE C 305 38.59 14.12 58.41
N PRO C 306 39.76 13.92 57.80
CA PRO C 306 40.99 14.36 58.45
C PRO C 306 41.12 15.88 58.39
N GLN C 307 41.57 16.46 59.51
CA GLN C 307 41.81 17.87 59.66
C GLN C 307 42.75 18.36 58.55
N MET C 308 42.45 19.55 58.03
CA MET C 308 43.26 20.12 56.96
C MET C 308 43.44 21.61 57.22
N LYS C 309 44.48 22.18 56.62
CA LYS C 309 44.73 23.59 56.70
C LYS C 309 44.32 24.24 55.37
N MET C 310 44.45 25.56 55.32
CA MET C 310 44.12 26.25 54.08
C MET C 310 45.22 25.99 53.06
N THR C 311 44.80 25.63 51.85
CA THR C 311 45.72 25.25 50.80
C THR C 311 45.61 26.27 49.67
N GLU C 312 46.39 26.04 48.63
CA GLU C 312 46.38 26.92 47.48
C GLU C 312 45.21 26.65 46.58
N GLY C 313 44.49 25.58 46.87
CA GLY C 313 43.29 25.28 46.13
C GLY C 313 43.47 24.32 44.98
N ILE C 314 42.68 24.54 43.93
CA ILE C 314 42.68 23.62 42.83
C ILE C 314 43.90 23.87 41.95
N THR C 315 44.73 22.85 41.78
CA THR C 315 46.00 23.00 41.08
C THR C 315 45.85 22.77 39.58
N LYS C 316 44.83 22.02 39.16
CA LYS C 316 44.65 21.74 37.74
C LYS C 316 43.19 21.76 37.35
N GLY C 317 42.88 22.47 36.25
CA GLY C 317 41.54 22.46 35.70
C GLY C 317 41.02 21.09 35.29
N ILE C 318 39.75 20.86 35.55
CA ILE C 318 39.14 19.58 35.19
C ILE C 318 38.53 19.64 33.81
N ALA C 319 38.65 20.77 33.10
CA ALA C 319 38.20 20.92 31.72
C ALA C 319 38.92 22.16 31.14
N ALA C 320 38.92 22.24 29.81
CA ALA C 320 39.61 23.33 29.13
C ALA C 320 38.65 24.48 28.88
N LEU C 321 39.21 25.68 28.70
CA LEU C 321 38.44 26.83 28.26
C LEU C 321 38.66 27.04 26.77
N ASN C 322 37.57 27.30 26.04
CA ASN C 322 37.61 27.47 24.61
C ASN C 322 37.82 28.97 24.33
N PRO C 323 38.98 29.40 23.80
CA PRO C 323 39.22 30.81 23.55
C PRO C 323 38.54 31.34 22.28
N TYR C 324 37.90 30.48 21.51
CA TYR C 324 37.31 30.86 20.24
C TYR C 324 35.81 31.13 20.39
N GLN C 325 35.33 31.21 21.63
CA GLN C 325 33.98 31.68 21.92
C GLN C 325 34.10 32.92 22.79
N LEU C 326 32.99 33.68 22.86
CA LEU C 326 32.93 34.87 23.69
C LEU C 326 33.19 34.43 25.14
N THR C 327 34.22 35.04 25.75
CA THR C 327 34.57 34.77 27.13
C THR C 327 34.55 36.09 27.91
N GLN C 328 33.89 36.08 29.07
CA GLN C 328 33.68 37.31 29.81
C GLN C 328 34.96 37.77 30.49
N ALA C 329 35.17 39.09 30.54
CA ALA C 329 36.28 39.64 31.30
C ALA C 329 36.21 39.25 32.78
N GLU C 330 35.02 38.97 33.27
CA GLU C 330 34.78 38.61 34.67
C GLU C 330 34.77 37.09 34.84
N THR C 331 35.19 36.34 33.83
CA THR C 331 35.56 34.94 34.00
C THR C 331 37.06 34.92 34.30
N ILE C 332 37.40 34.73 35.58
CA ILE C 332 38.77 34.99 36.03
C ILE C 332 39.22 33.82 36.91
N SER C 333 40.47 33.40 36.72
CA SER C 333 41.18 32.49 37.59
C SER C 333 41.89 33.25 38.69
N TRP C 334 42.84 34.12 38.28
CA TRP C 334 43.56 34.94 39.26
C TRP C 334 43.69 36.35 38.70
N SER C 335 43.72 37.34 39.59
CA SER C 335 43.81 38.73 39.17
C SER C 335 44.46 39.54 40.27
N GLU C 336 44.94 40.74 39.93
CA GLU C 336 45.40 41.71 40.93
C GLU C 336 45.00 43.11 40.51
N HIS C 337 44.52 43.90 41.49
CA HIS C 337 44.19 45.33 41.29
C HIS C 337 43.07 45.48 40.24
N VAL C 338 42.15 44.52 40.21
CA VAL C 338 40.99 44.54 39.36
C VAL C 338 39.73 44.43 40.22
N LYS C 339 38.73 45.27 39.95
CA LYS C 339 37.46 45.22 40.65
C LYS C 339 36.32 45.03 39.65
N ALA C 340 35.22 44.43 40.11
CA ALA C 340 34.09 44.10 39.25
C ALA C 340 32.92 45.04 39.46
N PHE C 341 32.17 45.32 38.38
CA PHE C 341 31.02 46.21 38.43
C PHE C 341 29.94 45.65 37.49
N GLN C 342 28.75 46.28 37.48
CA GLN C 342 27.80 45.90 36.45
C GLN C 342 26.87 47.06 36.11
N ASN C 343 26.28 47.00 34.94
CA ASN C 343 25.29 47.97 34.51
C ASN C 343 24.30 47.16 33.68
N ASP C 344 23.27 47.84 33.20
CA ASP C 344 22.19 47.17 32.51
C ASP C 344 22.48 47.05 31.01
N LYS C 345 23.41 47.85 30.54
CA LYS C 345 23.75 47.84 29.14
C LYS C 345 24.73 46.71 28.79
N VAL C 346 25.75 46.45 29.64
CA VAL C 346 26.72 45.43 29.26
C VAL C 346 26.70 44.24 30.20
N GLY C 347 26.09 44.41 31.37
CA GLY C 347 26.13 43.32 32.34
C GLY C 347 27.28 43.54 33.31
N VAL C 348 27.96 42.43 33.65
CA VAL C 348 29.12 42.52 34.52
C VAL C 348 30.35 42.85 33.69
N PHE C 349 31.22 43.71 34.25
CA PHE C 349 32.49 44.06 33.61
C PHE C 349 33.52 44.30 34.71
N VAL C 350 34.79 44.46 34.31
CA VAL C 350 35.84 44.72 35.29
C VAL C 350 36.60 46.00 34.96
N ARG C 351 37.11 46.66 36.02
CA ARG C 351 37.93 47.84 35.90
C ARG C 351 39.30 47.58 36.52
N ALA C 352 40.36 47.97 35.78
CA ALA C 352 41.70 47.96 36.31
C ALA C 352 41.94 49.23 37.15
N LEU C 353 42.33 49.06 38.41
CA LEU C 353 42.47 50.16 39.35
C LEU C 353 43.83 50.85 39.27
N GLN C 354 44.85 50.21 38.69
CA GLN C 354 46.15 50.86 38.59
C GLN C 354 46.97 50.18 37.49
N ASN C 355 48.08 50.82 37.12
CA ASN C 355 48.96 50.31 36.08
C ASN C 355 49.53 48.95 36.50
N GLY C 356 49.54 48.00 35.57
CA GLY C 356 50.01 46.67 35.86
C GLY C 356 48.98 45.74 36.52
N ALA C 357 47.73 46.16 36.63
CA ALA C 357 46.66 45.26 37.00
C ALA C 357 46.56 44.14 35.96
N TYR C 358 46.02 42.99 36.36
CA TYR C 358 45.85 41.93 35.39
C TYR C 358 44.74 40.98 35.81
N THR C 359 44.17 40.31 34.81
CA THR C 359 43.31 39.15 34.99
C THR C 359 43.96 37.92 34.35
N SER C 360 43.47 36.74 34.79
CA SER C 360 44.07 35.50 34.31
C SER C 360 42.95 34.51 34.02
N VAL C 361 43.18 33.69 32.99
CA VAL C 361 42.36 32.51 32.79
C VAL C 361 43.32 31.35 32.57
N LYS C 362 43.00 30.17 33.10
CA LYS C 362 43.87 29.01 33.07
C LYS C 362 43.32 27.93 32.14
N ASN C 363 44.23 27.08 31.63
CA ASN C 363 43.88 25.85 30.89
C ASN C 363 43.06 26.19 29.63
N VAL C 364 43.55 27.14 28.83
CA VAL C 364 42.89 27.56 27.61
C VAL C 364 43.45 26.77 26.44
N ASP C 365 42.57 26.10 25.68
CA ASP C 365 42.98 25.19 24.63
C ASP C 365 42.89 25.89 23.26
N PHE C 366 44.04 26.39 22.77
CA PHE C 366 44.08 27.04 21.48
C PHE C 366 44.16 26.03 20.33
N GLY C 367 44.45 24.76 20.64
CA GLY C 367 44.56 23.71 19.62
C GLY C 367 45.90 23.76 18.88
N ASP C 368 46.01 23.01 17.79
CA ASP C 368 47.29 22.85 17.09
C ASP C 368 47.57 23.99 16.10
N ILE C 369 46.52 24.49 15.44
CA ILE C 369 46.70 25.53 14.44
C ILE C 369 46.88 26.88 15.14
N GLY C 370 45.90 27.24 15.99
CA GLY C 370 46.05 28.38 16.86
C GLY C 370 45.24 29.60 16.42
N ALA C 371 45.31 30.62 17.27
CA ALA C 371 44.62 31.88 17.07
C ALA C 371 45.56 32.89 16.41
N SER C 372 45.02 33.66 15.46
CA SER C 372 45.77 34.73 14.82
C SER C 372 45.21 36.12 15.10
N ALA C 373 43.95 36.21 15.55
CA ALA C 373 43.29 37.49 15.78
C ALA C 373 42.69 37.49 17.19
N PHE C 374 42.37 38.69 17.69
CA PHE C 374 41.82 38.85 19.03
C PHE C 374 40.88 40.04 19.04
N SER C 375 39.76 39.89 19.76
CA SER C 375 38.78 40.97 19.90
C SER C 375 38.47 41.20 21.38
N ALA C 376 38.28 42.47 21.77
CA ALA C 376 37.85 42.78 23.12
C ALA C 376 36.93 43.99 23.13
N ARG C 377 35.92 43.95 24.01
CA ARG C 377 35.10 45.12 24.31
C ARG C 377 35.69 45.85 25.51
N VAL C 378 36.10 47.10 25.30
CA VAL C 378 36.91 47.84 26.24
C VAL C 378 36.58 49.32 26.18
N GLY C 379 37.09 50.08 27.16
CA GLY C 379 37.04 51.52 27.10
C GLY C 379 37.89 52.12 28.21
N THR C 380 38.05 53.45 28.15
CA THR C 380 38.81 54.17 29.15
C THR C 380 38.33 55.62 29.24
N THR C 381 38.66 56.27 30.37
CA THR C 381 38.38 57.68 30.55
C THR C 381 39.60 58.56 30.26
N HIS C 382 40.75 57.96 29.91
CA HIS C 382 41.98 58.70 29.70
C HIS C 382 42.24 58.98 28.22
N ASN C 383 43.03 60.01 27.92
CA ASN C 383 43.23 60.46 26.55
C ASN C 383 44.57 59.97 26.02
N GLY C 384 44.62 58.74 25.54
CA GLY C 384 45.89 58.20 25.06
C GLY C 384 46.55 57.31 26.10
N GLY C 385 47.41 56.40 25.65
CA GLY C 385 48.38 55.81 26.56
C GLY C 385 47.85 54.54 27.23
N VAL C 386 46.65 54.03 26.85
CA VAL C 386 46.09 52.89 27.56
C VAL C 386 46.16 51.67 26.65
N THR C 387 46.78 50.61 27.15
CA THR C 387 46.96 49.39 26.41
C THR C 387 46.59 48.20 27.30
N MET C 388 46.19 47.11 26.63
CA MET C 388 45.99 45.85 27.30
C MET C 388 46.84 44.82 26.56
N GLU C 389 47.74 44.19 27.32
CA GLU C 389 48.70 43.24 26.78
C GLU C 389 48.13 41.85 27.01
N ILE C 390 48.21 41.01 25.96
CA ILE C 390 47.89 39.60 26.04
C ILE C 390 49.20 38.84 26.22
N ARG C 391 49.34 38.15 27.34
CA ARG C 391 50.57 37.43 27.67
C ARG C 391 50.28 35.96 27.98
N MET C 392 51.29 35.12 27.84
CA MET C 392 51.17 33.68 28.05
C MET C 392 51.92 33.30 29.33
N GLY C 393 51.32 32.40 30.13
CA GLY C 393 52.04 31.79 31.24
C GLY C 393 52.05 32.59 32.54
N SER C 394 52.32 33.92 32.45
CA SER C 394 52.29 34.74 33.63
C SER C 394 52.11 36.20 33.19
N GLN C 395 52.00 37.08 34.19
CA GLN C 395 51.82 38.50 33.92
C GLN C 395 53.11 39.13 33.38
N GLU C 396 54.25 38.41 33.45
CA GLU C 396 55.46 38.86 32.80
C GLU C 396 55.86 37.90 31.70
N GLY C 397 54.94 37.06 31.25
CA GLY C 397 55.27 36.11 30.21
C GLY C 397 55.24 36.77 28.84
N PRO C 398 55.55 35.98 27.80
CA PRO C 398 55.74 36.58 26.47
C PRO C 398 54.45 37.24 26.00
N ILE C 399 54.59 38.40 25.34
CA ILE C 399 53.48 39.15 24.77
C ILE C 399 53.05 38.57 23.44
N ALA C 400 51.78 38.16 23.37
CA ALA C 400 51.15 37.67 22.15
C ALA C 400 50.55 38.80 21.32
N GLY C 401 50.12 39.88 21.97
CA GLY C 401 49.41 40.95 21.28
C GLY C 401 49.19 42.11 22.21
N THR C 402 48.98 43.28 21.63
CA THR C 402 48.68 44.49 22.39
C THR C 402 47.44 45.15 21.78
N VAL C 403 46.49 45.54 22.65
CA VAL C 403 45.31 46.30 22.27
C VAL C 403 45.45 47.74 22.75
N LYS C 404 45.28 48.68 21.81
CA LYS C 404 45.19 50.10 22.14
C LYS C 404 43.75 50.42 22.52
N VAL C 405 43.55 50.89 23.75
CA VAL C 405 42.22 51.11 24.30
C VAL C 405 41.81 52.55 24.01
N PRO C 406 40.67 52.77 23.33
CA PRO C 406 40.27 54.14 22.99
C PRO C 406 39.52 54.85 24.12
N LEU C 407 39.57 56.17 24.08
CA LEU C 407 38.79 56.99 24.99
C LEU C 407 37.31 56.83 24.66
N THR C 408 36.50 56.43 25.66
CA THR C 408 35.07 56.31 25.46
C THR C 408 34.27 57.23 26.36
N GLY C 409 34.88 57.73 27.45
CA GLY C 409 34.27 58.76 28.30
C GLY C 409 33.86 58.25 29.68
N GLY C 410 33.57 56.93 29.80
CA GLY C 410 33.07 56.39 31.07
C GLY C 410 32.54 54.98 30.84
N ASP C 411 32.33 54.20 31.91
CA ASP C 411 32.03 52.79 31.70
C ASP C 411 30.60 52.52 31.23
N ASP C 412 29.90 53.60 30.86
CA ASP C 412 28.64 53.50 30.14
C ASP C 412 28.87 53.56 28.62
N ARG C 413 30.11 53.68 28.16
CA ARG C 413 30.41 53.74 26.73
C ARG C 413 31.57 52.79 26.41
N TRP C 414 31.40 52.03 25.30
CA TRP C 414 32.32 50.94 25.01
C TRP C 414 32.65 50.89 23.53
N GLU C 415 33.81 50.30 23.22
CA GLU C 415 34.21 50.04 21.84
C GLU C 415 34.73 48.60 21.75
N ILE C 416 34.56 47.98 20.55
CA ILE C 416 35.18 46.69 20.29
C ILE C 416 36.45 46.88 19.44
N ILE C 417 37.58 46.37 19.91
CA ILE C 417 38.87 46.48 19.23
C ILE C 417 39.31 45.11 18.74
N ASN C 418 39.60 45.02 17.44
CA ASN C 418 40.06 43.82 16.76
C ASN C 418 41.52 44.00 16.36
N VAL C 419 42.39 43.05 16.71
CA VAL C 419 43.78 43.12 16.37
C VAL C 419 44.25 41.78 15.80
N LYS C 420 45.29 41.86 14.94
CA LYS C 420 46.02 40.69 14.53
C LYS C 420 47.18 40.48 15.50
N LEU C 421 47.35 39.23 15.98
CA LEU C 421 48.37 38.94 16.99
C LEU C 421 49.76 39.01 16.38
N ASP C 422 50.74 39.41 17.18
CA ASP C 422 52.12 39.44 16.72
C ASP C 422 52.62 38.04 16.32
N ARG C 423 52.13 37.02 17.02
CA ARG C 423 52.47 35.64 16.72
C ARG C 423 51.26 34.77 17.06
N LYS C 424 51.08 33.70 16.30
CA LYS C 424 50.02 32.73 16.53
C LYS C 424 50.17 32.03 17.88
N ILE C 425 49.04 31.69 18.52
CA ILE C 425 49.05 31.03 19.82
C ILE C 425 48.48 29.61 19.68
N THR C 426 49.18 28.62 20.23
CA THR C 426 48.79 27.23 20.03
C THR C 426 48.88 26.48 21.36
N GLY C 427 48.15 25.37 21.45
CA GLY C 427 48.23 24.48 22.59
C GLY C 427 47.54 25.00 23.84
N ILE C 428 47.77 24.30 24.97
CA ILE C 428 47.17 24.68 26.24
C ILE C 428 47.98 25.80 26.86
N GLN C 429 47.30 26.88 27.26
CA GLN C 429 47.96 28.09 27.76
C GLN C 429 47.19 28.66 28.94
N ASP C 430 47.92 29.41 29.78
CA ASP C 430 47.30 30.31 30.74
C ASP C 430 47.43 31.70 30.18
N VAL C 431 46.30 32.42 30.06
CA VAL C 431 46.28 33.69 29.36
C VAL C 431 46.12 34.81 30.39
N TYR C 432 47.02 35.80 30.30
CA TYR C 432 47.02 36.95 31.17
C TYR C 432 46.68 38.21 30.37
N PHE C 433 45.76 39.02 30.87
CA PHE C 433 45.44 40.33 30.31
C PHE C 433 45.93 41.39 31.28
N VAL C 434 46.97 42.13 30.89
CA VAL C 434 47.59 43.15 31.73
C VAL C 434 47.19 44.54 31.23
N PHE C 435 46.71 45.40 32.13
CA PHE C 435 46.16 46.70 31.80
C PHE C 435 47.16 47.79 32.21
N LYS C 436 47.56 48.60 31.22
CA LYS C 436 48.66 49.55 31.41
C LYS C 436 48.22 50.92 30.96
N GLY C 437 48.58 51.95 31.74
CA GLY C 437 48.32 53.33 31.37
C GLY C 437 49.18 54.25 32.22
N LYS C 438 49.20 55.52 31.84
CA LYS C 438 50.01 56.53 32.50
C LYS C 438 49.33 57.15 33.73
N ALA C 439 48.04 56.91 33.95
CA ALA C 439 47.36 57.48 35.10
C ALA C 439 47.63 56.65 36.35
N SER C 440 47.25 57.21 37.50
CA SER C 440 47.48 56.55 38.79
C SER C 440 46.32 55.66 39.20
N SER C 441 45.14 55.87 38.60
CA SER C 441 43.95 55.09 38.96
C SER C 441 43.09 54.88 37.72
N ASN C 442 42.15 53.92 37.85
CA ASN C 442 41.09 53.67 36.87
C ASN C 442 41.62 53.67 35.44
N ILE C 443 42.48 52.68 35.16
CA ILE C 443 43.16 52.62 33.88
C ILE C 443 42.15 52.39 32.73
N MET C 444 41.27 51.40 32.86
CA MET C 444 40.37 51.03 31.79
C MET C 444 39.33 50.04 32.31
N TYR C 445 38.33 49.76 31.45
CA TYR C 445 37.27 48.80 31.75
C TYR C 445 37.14 47.83 30.60
N PHE C 446 36.70 46.61 30.93
CA PHE C 446 36.85 45.43 30.10
C PHE C 446 35.61 44.54 30.31
N ASP C 447 34.94 44.17 29.19
CA ASP C 447 33.69 43.44 29.26
C ASP C 447 33.82 41.98 28.81
N TYR C 448 34.37 41.74 27.61
CA TYR C 448 34.55 40.35 27.15
C TYR C 448 35.65 40.32 26.10
N TRP C 449 36.10 39.11 25.75
CA TRP C 449 37.09 38.92 24.70
C TRP C 449 36.80 37.65 23.90
N LYS C 450 37.52 37.46 22.79
CA LYS C 450 37.47 36.24 21.98
C LYS C 450 38.64 36.21 21.02
N PHE C 451 39.11 35.00 20.68
CA PHE C 451 40.13 34.81 19.66
C PHE C 451 39.50 34.23 18.40
N SER C 452 40.23 34.39 17.28
CA SER C 452 39.83 33.83 15.99
C SER C 452 41.02 33.14 15.36
N LYS C 453 40.74 32.17 14.47
CA LYS C 453 41.81 31.53 13.67
C LYS C 453 42.40 32.53 12.66
N MET D 21 5.47 -33.08 -29.07
CA MET D 21 4.54 -33.12 -27.91
C MET D 21 5.13 -32.31 -26.79
N GLN D 22 5.99 -32.98 -25.97
CA GLN D 22 6.67 -32.36 -24.84
C GLN D 22 5.63 -31.97 -23.80
N ASN D 23 6.06 -31.66 -22.57
CA ASN D 23 5.09 -31.32 -21.54
C ASN D 23 5.46 -29.98 -20.95
N PRO D 24 4.46 -29.15 -20.51
CA PRO D 24 3.01 -29.41 -20.68
C PRO D 24 2.57 -29.38 -22.14
N ILE D 25 1.45 -30.02 -22.48
CA ILE D 25 1.00 -30.10 -23.88
C ILE D 25 0.31 -28.80 -24.33
N ILE D 26 -0.10 -27.96 -23.36
CA ILE D 26 -0.71 -26.67 -23.64
C ILE D 26 0.12 -25.58 -22.96
N GLN D 27 0.57 -24.61 -23.74
CA GLN D 27 1.42 -23.53 -23.20
C GLN D 27 0.82 -22.14 -23.43
N THR D 28 -0.35 -22.06 -24.10
CA THR D 28 -0.96 -20.80 -24.47
C THR D 28 -2.00 -20.39 -23.43
N MET D 29 -2.16 -21.18 -22.36
CA MET D 29 -3.17 -20.90 -21.33
C MET D 29 -2.83 -21.78 -20.15
N TYR D 30 -3.35 -21.37 -18.97
CA TYR D 30 -3.27 -22.21 -17.80
C TYR D 30 -4.47 -23.13 -17.79
N THR D 31 -4.21 -24.44 -17.83
CA THR D 31 -5.25 -25.45 -17.94
C THR D 31 -5.06 -26.47 -16.83
N ALA D 32 -6.13 -27.15 -16.45
CA ALA D 32 -6.03 -28.13 -15.39
C ALA D 32 -7.15 -29.17 -15.52
N ASP D 33 -7.09 -30.18 -14.65
CA ASP D 33 -8.12 -31.18 -14.48
C ASP D 33 -8.49 -31.86 -15.82
N PRO D 34 -7.50 -32.46 -16.53
CA PRO D 34 -7.78 -33.00 -17.86
C PRO D 34 -8.76 -34.18 -17.83
N ALA D 35 -9.64 -34.19 -18.84
CA ALA D 35 -10.68 -35.22 -18.99
C ALA D 35 -10.72 -35.63 -20.45
N PRO D 36 -10.00 -36.71 -20.83
CA PRO D 36 -9.97 -37.13 -22.24
C PRO D 36 -11.23 -37.87 -22.67
N MET D 37 -11.39 -37.91 -24.00
CA MET D 37 -12.54 -38.56 -24.62
C MET D 37 -12.19 -38.80 -26.09
N VAL D 38 -12.50 -40.00 -26.60
CA VAL D 38 -12.28 -40.34 -27.98
C VAL D 38 -13.60 -40.25 -28.73
N TYR D 39 -13.58 -39.58 -29.90
CA TYR D 39 -14.73 -39.63 -30.78
C TYR D 39 -14.24 -39.67 -32.23
N ASN D 40 -14.76 -40.64 -32.99
CA ASN D 40 -14.48 -40.78 -34.41
C ASN D 40 -12.97 -40.67 -34.70
N ASN D 41 -12.16 -41.47 -33.99
CA ASN D 41 -10.72 -41.55 -34.24
C ASN D 41 -10.00 -40.21 -34.01
N ARG D 42 -10.53 -39.39 -33.09
CA ARG D 42 -9.81 -38.19 -32.65
C ARG D 42 -9.83 -38.18 -31.13
N LEU D 43 -8.74 -37.69 -30.53
CA LEU D 43 -8.63 -37.65 -29.08
C LEU D 43 -8.84 -36.22 -28.61
N TYR D 44 -9.87 -36.03 -27.79
CA TYR D 44 -10.18 -34.73 -27.19
C TYR D 44 -9.80 -34.78 -25.73
N VAL D 45 -9.41 -33.62 -25.17
CA VAL D 45 -9.23 -33.48 -23.74
C VAL D 45 -9.93 -32.19 -23.30
N TYR D 46 -10.92 -32.34 -22.43
CA TYR D 46 -11.62 -31.21 -21.84
C TYR D 46 -10.87 -30.79 -20.59
N THR D 47 -10.79 -29.48 -20.35
CA THR D 47 -9.99 -29.00 -19.22
C THR D 47 -10.73 -27.84 -18.57
N THR D 48 -10.36 -27.60 -17.30
CA THR D 48 -10.66 -26.33 -16.68
C THR D 48 -9.60 -25.31 -17.05
N HIS D 49 -9.85 -24.06 -16.70
CA HIS D 49 -9.06 -22.92 -17.13
C HIS D 49 -8.73 -22.06 -15.91
N ASP D 50 -7.46 -22.02 -15.53
CA ASP D 50 -6.98 -21.10 -14.49
C ASP D 50 -6.74 -19.73 -15.11
N GLU D 51 -7.42 -18.71 -14.58
CA GLU D 51 -7.17 -17.37 -15.10
C GLU D 51 -5.71 -16.96 -14.86
N ASP D 52 -5.16 -16.12 -15.75
CA ASP D 52 -3.86 -15.55 -15.54
C ASP D 52 -3.73 -14.84 -14.19
N GLN D 53 -2.52 -14.93 -13.60
CA GLN D 53 -2.17 -14.21 -12.37
C GLN D 53 -3.04 -14.54 -11.17
N SER D 54 -3.48 -15.80 -11.08
CA SER D 54 -4.31 -16.22 -9.95
C SER D 54 -3.46 -16.51 -8.72
N THR D 55 -3.95 -16.05 -7.57
CA THR D 55 -3.41 -16.41 -6.27
C THR D 55 -4.42 -17.26 -5.48
N TRP D 56 -5.59 -17.52 -6.08
CA TRP D 56 -6.58 -18.45 -5.60
C TRP D 56 -7.20 -19.12 -6.83
N PHE D 57 -8.09 -20.10 -6.64
CA PHE D 57 -8.72 -20.74 -7.80
C PHE D 57 -9.69 -19.76 -8.48
N ASN D 58 -9.28 -19.28 -9.68
CA ASN D 58 -10.14 -18.42 -10.48
C ASN D 58 -10.51 -19.17 -11.76
N MET D 59 -11.63 -19.94 -11.71
CA MET D 59 -11.95 -20.86 -12.78
C MET D 59 -13.40 -20.66 -13.20
N ASN D 60 -13.59 -20.28 -14.47
CA ASN D 60 -14.87 -19.73 -14.91
C ASN D 60 -15.48 -20.50 -16.09
N ASP D 61 -14.65 -21.17 -16.91
CA ASP D 61 -15.11 -21.78 -18.12
C ASP D 61 -14.28 -23.02 -18.39
N TRP D 62 -14.74 -23.81 -19.36
CA TRP D 62 -14.14 -25.08 -19.71
C TRP D 62 -13.69 -25.05 -21.16
N LYS D 63 -12.60 -25.77 -21.45
CA LYS D 63 -11.99 -25.76 -22.77
C LYS D 63 -11.94 -27.19 -23.29
N VAL D 64 -11.75 -27.33 -24.61
CA VAL D 64 -11.45 -28.64 -25.16
C VAL D 64 -10.34 -28.48 -26.18
N TYR D 65 -9.37 -29.40 -26.14
CA TYR D 65 -8.29 -29.48 -27.13
C TYR D 65 -8.39 -30.84 -27.81
N SER D 66 -7.77 -30.99 -28.99
CA SER D 66 -7.86 -32.27 -29.66
C SER D 66 -6.55 -32.57 -30.40
N THR D 67 -6.34 -33.86 -30.67
CA THR D 67 -5.17 -34.26 -31.42
C THR D 67 -5.51 -35.46 -32.30
N ASN D 68 -4.77 -35.53 -33.40
CA ASN D 68 -4.77 -36.64 -34.34
C ASN D 68 -3.43 -37.42 -34.29
N ASP D 69 -2.45 -36.93 -33.53
CA ASP D 69 -1.08 -37.41 -33.66
C ASP D 69 -0.32 -37.51 -32.34
N MET D 70 -0.89 -37.01 -31.23
CA MET D 70 -0.32 -37.05 -29.90
C MET D 70 0.80 -36.04 -29.66
N VAL D 71 1.18 -35.26 -30.66
CA VAL D 71 2.27 -34.30 -30.49
C VAL D 71 1.78 -32.88 -30.80
N ASN D 72 0.76 -32.76 -31.65
CA ASN D 72 0.18 -31.47 -32.00
C ASN D 72 -1.23 -31.40 -31.43
N TRP D 73 -1.51 -30.29 -30.71
CA TRP D 73 -2.81 -30.13 -30.05
C TRP D 73 -3.51 -28.88 -30.59
N THR D 74 -4.75 -29.08 -31.03
CA THR D 74 -5.59 -27.99 -31.49
C THR D 74 -6.39 -27.44 -30.31
N ASP D 75 -6.34 -26.10 -30.14
CA ASP D 75 -7.13 -25.39 -29.15
C ASP D 75 -8.50 -25.02 -29.72
N HIS D 76 -9.56 -25.58 -29.15
CA HIS D 76 -10.91 -25.30 -29.69
C HIS D 76 -11.63 -24.20 -28.89
N GLY D 77 -10.95 -23.64 -27.88
CA GLY D 77 -11.49 -22.51 -27.15
C GLY D 77 -12.51 -22.93 -26.10
N THR D 78 -13.24 -21.93 -25.62
CA THR D 78 -14.24 -22.16 -24.59
C THR D 78 -15.44 -22.88 -25.23
N ILE D 79 -15.88 -23.96 -24.59
CA ILE D 79 -17.04 -24.70 -25.05
C ILE D 79 -18.18 -24.67 -24.03
N LEU D 80 -17.92 -24.14 -22.80
CA LEU D 80 -18.99 -23.99 -21.81
C LEU D 80 -18.49 -23.06 -20.73
N LYS D 81 -19.42 -22.35 -20.09
CA LYS D 81 -19.09 -21.41 -19.02
C LYS D 81 -19.98 -21.71 -17.82
N TYR D 82 -19.51 -21.34 -16.61
CA TYR D 82 -20.33 -21.49 -15.43
C TYR D 82 -21.66 -20.78 -15.62
N SER D 83 -21.63 -19.61 -16.28
CA SER D 83 -22.84 -18.79 -16.41
C SER D 83 -23.84 -19.40 -17.39
N ASP D 84 -23.45 -20.43 -18.14
CA ASP D 84 -24.41 -21.16 -18.96
C ASP D 84 -25.36 -22.01 -18.11
N PHE D 85 -25.07 -22.14 -16.81
CA PHE D 85 -26.04 -22.66 -15.84
C PHE D 85 -26.56 -21.45 -15.06
N ALA D 86 -27.82 -21.09 -15.30
CA ALA D 86 -28.40 -19.88 -14.72
C ALA D 86 -28.42 -19.94 -13.17
N TRP D 87 -28.30 -21.13 -12.60
CA TRP D 87 -28.35 -21.29 -11.15
C TRP D 87 -26.96 -21.39 -10.53
N ALA D 88 -25.90 -21.23 -11.32
CA ALA D 88 -24.52 -21.38 -10.83
C ALA D 88 -23.96 -20.03 -10.33
N LYS D 89 -23.26 -20.06 -9.20
CA LYS D 89 -22.61 -18.89 -8.62
C LYS D 89 -21.18 -18.70 -9.16
N GLY D 90 -20.51 -19.82 -9.50
CA GLY D 90 -19.13 -19.74 -9.93
C GLY D 90 -18.43 -21.07 -9.73
N ASP D 91 -17.10 -21.04 -9.84
CA ASP D 91 -16.24 -22.19 -9.55
C ASP D 91 -16.45 -23.31 -10.56
N ALA D 92 -15.98 -23.07 -11.79
CA ALA D 92 -16.08 -24.05 -12.85
C ALA D 92 -14.93 -25.07 -12.69
N TRP D 93 -15.18 -26.13 -11.92
CA TRP D 93 -14.12 -27.05 -11.54
C TRP D 93 -14.14 -28.31 -12.42
N ALA D 94 -13.42 -29.36 -11.99
CA ALA D 94 -13.05 -30.49 -12.83
C ALA D 94 -14.28 -31.21 -13.42
N ALA D 95 -14.37 -31.27 -14.75
CA ALA D 95 -15.50 -31.78 -15.49
C ALA D 95 -15.12 -32.98 -16.35
N GLN D 96 -16.12 -33.73 -16.84
CA GLN D 96 -15.86 -34.83 -17.77
C GLN D 96 -16.94 -34.92 -18.85
N CYS D 97 -16.50 -35.10 -20.12
CA CYS D 97 -17.45 -35.29 -21.21
C CYS D 97 -17.41 -36.72 -21.71
N VAL D 98 -18.60 -37.35 -21.83
CA VAL D 98 -18.68 -38.70 -22.43
C VAL D 98 -19.66 -38.67 -23.59
N GLU D 99 -19.45 -39.58 -24.54
CA GLU D 99 -20.23 -39.65 -25.78
C GLU D 99 -21.13 -40.90 -25.76
N LYS D 100 -22.30 -40.81 -26.36
CA LYS D 100 -23.15 -41.96 -26.58
C LYS D 100 -24.08 -41.62 -27.76
N ASN D 101 -23.98 -42.45 -28.81
CA ASN D 101 -24.84 -42.30 -30.00
C ASN D 101 -24.81 -40.87 -30.55
N GLY D 102 -23.61 -40.29 -30.59
CA GLY D 102 -23.43 -38.98 -31.21
C GLY D 102 -23.94 -37.81 -30.35
N LYS D 103 -24.29 -38.06 -29.09
CA LYS D 103 -24.61 -36.98 -28.17
C LYS D 103 -23.52 -36.95 -27.08
N PHE D 104 -23.21 -35.74 -26.62
CA PHE D 104 -22.09 -35.52 -25.72
C PHE D 104 -22.60 -34.92 -24.41
N TYR D 105 -22.30 -35.59 -23.31
CA TYR D 105 -22.77 -35.22 -21.98
C TYR D 105 -21.58 -34.76 -21.17
N LEU D 106 -21.62 -33.48 -20.76
CA LEU D 106 -20.51 -32.87 -20.02
C LEU D 106 -21.00 -32.63 -18.60
N TYR D 107 -20.42 -33.38 -17.66
CA TYR D 107 -20.78 -33.31 -16.26
C TYR D 107 -19.80 -32.34 -15.57
N VAL D 108 -20.34 -31.36 -14.86
CA VAL D 108 -19.57 -30.24 -14.35
C VAL D 108 -19.89 -30.01 -12.88
N PRO D 109 -18.88 -29.68 -12.05
CA PRO D 109 -19.19 -29.21 -10.69
C PRO D 109 -19.17 -27.68 -10.64
N VAL D 110 -20.22 -27.10 -10.04
CA VAL D 110 -20.29 -25.65 -9.87
C VAL D 110 -20.93 -25.39 -8.52
N VAL D 111 -20.65 -24.21 -7.94
CA VAL D 111 -21.36 -23.80 -6.73
C VAL D 111 -22.73 -23.24 -7.12
N SER D 112 -23.77 -23.68 -6.44
CA SER D 112 -25.12 -23.20 -6.69
C SER D 112 -25.37 -21.85 -6.01
N LYS D 113 -26.13 -20.98 -6.67
CA LYS D 113 -26.60 -19.74 -6.06
C LYS D 113 -27.72 -19.98 -5.05
N VAL D 114 -28.50 -21.05 -5.22
CA VAL D 114 -29.67 -21.30 -4.39
C VAL D 114 -29.28 -21.51 -2.93
N ASN D 115 -28.17 -22.22 -2.68
CA ASN D 115 -27.79 -22.61 -1.33
C ASN D 115 -26.30 -22.40 -1.09
N ASN D 116 -25.58 -21.83 -2.06
CA ASN D 116 -24.19 -21.44 -1.87
C ASN D 116 -23.28 -22.64 -1.56
N LYS D 117 -23.65 -23.82 -2.08
CA LYS D 117 -22.82 -24.99 -1.92
C LYS D 117 -22.69 -25.69 -3.28
N GLY D 118 -21.66 -26.54 -3.38
CA GLY D 118 -21.37 -27.29 -4.58
C GLY D 118 -22.54 -28.13 -5.10
N ALA D 119 -22.50 -28.41 -6.41
CA ALA D 119 -23.52 -29.22 -7.07
C ALA D 119 -22.92 -29.72 -8.37
N ILE D 120 -23.52 -30.78 -8.90
CA ILE D 120 -23.12 -31.32 -10.19
C ILE D 120 -24.24 -31.05 -11.16
N GLY D 121 -23.89 -30.41 -12.30
CA GLY D 121 -24.80 -30.21 -13.40
C GLY D 121 -24.33 -31.00 -14.61
N VAL D 122 -25.13 -30.98 -15.67
CA VAL D 122 -24.83 -31.70 -16.88
C VAL D 122 -25.35 -30.83 -18.04
N ALA D 123 -24.49 -30.66 -19.06
CA ALA D 123 -24.85 -30.05 -20.31
C ALA D 123 -24.80 -31.10 -21.40
N VAL D 124 -25.58 -30.88 -22.48
CA VAL D 124 -25.63 -31.83 -23.58
C VAL D 124 -25.40 -31.07 -24.88
N GLY D 125 -24.61 -31.69 -25.77
CA GLY D 125 -24.32 -31.10 -27.07
C GLY D 125 -24.31 -32.15 -28.13
N ASP D 126 -24.31 -31.69 -29.39
CA ASP D 126 -24.40 -32.64 -30.51
C ASP D 126 -23.10 -32.72 -31.29
N SER D 127 -22.05 -32.09 -30.80
CA SER D 127 -20.69 -32.34 -31.30
C SER D 127 -19.75 -32.19 -30.12
N PRO D 128 -18.50 -32.67 -30.22
CA PRO D 128 -17.55 -32.51 -29.10
C PRO D 128 -17.27 -31.04 -28.77
N LEU D 129 -17.51 -30.14 -29.74
CA LEU D 129 -17.25 -28.73 -29.56
C LEU D 129 -18.53 -27.99 -29.15
N GLY D 130 -19.62 -28.73 -28.91
CA GLY D 130 -20.88 -28.11 -28.56
C GLY D 130 -21.71 -27.78 -29.78
N PRO D 131 -22.64 -26.81 -29.66
CA PRO D 131 -22.84 -26.03 -28.42
C PRO D 131 -23.39 -26.92 -27.30
N PHE D 132 -23.05 -26.59 -26.04
CA PHE D 132 -23.51 -27.38 -24.90
C PHE D 132 -24.53 -26.57 -24.13
N TYR D 133 -25.63 -27.22 -23.71
CA TYR D 133 -26.66 -26.50 -22.98
C TYR D 133 -27.02 -27.24 -21.70
N ASP D 134 -27.25 -26.46 -20.62
CA ASP D 134 -27.84 -26.98 -19.40
C ASP D 134 -29.22 -27.56 -19.73
N VAL D 135 -29.39 -28.88 -19.65
CA VAL D 135 -30.67 -29.48 -20.05
C VAL D 135 -31.62 -29.64 -18.85
N LEU D 136 -31.12 -29.39 -17.63
CA LEU D 136 -31.95 -29.58 -16.44
C LEU D 136 -32.43 -28.27 -15.82
N GLY D 137 -31.62 -27.21 -15.88
CA GLY D 137 -32.02 -25.96 -15.25
C GLY D 137 -31.84 -25.99 -13.74
N LYS D 138 -31.18 -27.05 -13.23
CA LYS D 138 -30.98 -27.27 -11.81
C LYS D 138 -29.88 -28.34 -11.72
N PRO D 139 -29.35 -28.65 -10.52
CA PRO D 139 -28.33 -29.70 -10.42
C PRO D 139 -28.84 -31.07 -10.87
N LEU D 140 -27.93 -31.85 -11.47
CA LEU D 140 -28.14 -33.27 -11.67
C LEU D 140 -28.13 -34.00 -10.31
N VAL D 141 -27.23 -33.60 -9.42
CA VAL D 141 -27.13 -34.17 -8.09
C VAL D 141 -26.59 -33.11 -7.15
N GLN D 142 -27.20 -33.02 -5.97
CA GLN D 142 -26.63 -32.19 -4.91
C GLN D 142 -26.86 -32.94 -3.64
N SER D 143 -25.79 -33.17 -2.90
CA SER D 143 -25.86 -33.83 -1.61
C SER D 143 -25.73 -32.78 -0.53
N GLU D 144 -25.16 -33.20 0.59
CA GLU D 144 -25.06 -32.31 1.72
C GLU D 144 -23.82 -31.44 1.58
N TRP D 145 -22.72 -32.03 1.11
CA TRP D 145 -21.54 -31.24 0.91
C TRP D 145 -20.47 -31.98 0.12
N GLY D 146 -19.62 -31.24 -0.61
CA GLY D 146 -18.46 -31.79 -1.27
C GLY D 146 -18.82 -32.39 -2.63
N ASP D 147 -19.76 -31.72 -3.33
CA ASP D 147 -20.20 -32.16 -4.63
C ASP D 147 -19.29 -31.56 -5.70
N ILE D 148 -18.10 -32.17 -5.86
CA ILE D 148 -17.16 -31.77 -6.90
C ILE D 148 -16.62 -32.99 -7.60
N ASP D 149 -15.93 -32.77 -8.75
CA ASP D 149 -15.12 -33.73 -9.45
C ASP D 149 -15.87 -34.98 -9.93
N PRO D 150 -16.89 -34.85 -10.80
CA PRO D 150 -17.58 -36.04 -11.29
C PRO D 150 -16.76 -36.82 -12.32
N THR D 151 -16.95 -38.14 -12.31
CA THR D 151 -16.52 -39.02 -13.39
C THR D 151 -17.70 -39.92 -13.76
N VAL D 152 -17.83 -40.20 -15.05
CA VAL D 152 -18.92 -40.95 -15.62
C VAL D 152 -18.34 -41.96 -16.58
N PHE D 153 -18.87 -43.19 -16.53
CA PHE D 153 -18.36 -44.27 -17.37
C PHE D 153 -19.53 -45.14 -17.84
N ILE D 154 -19.54 -45.44 -19.13
CA ILE D 154 -20.54 -46.30 -19.75
C ILE D 154 -19.94 -47.70 -19.89
N ASP D 155 -20.58 -48.69 -19.27
CA ASP D 155 -20.06 -50.06 -19.27
C ASP D 155 -20.30 -50.74 -20.61
N ASP D 156 -19.78 -51.94 -20.77
CA ASP D 156 -19.99 -52.74 -21.98
C ASP D 156 -21.46 -53.11 -22.13
N ASP D 157 -22.15 -53.32 -21.01
CA ASP D 157 -23.56 -53.64 -21.02
C ASP D 157 -24.45 -52.41 -21.29
N GLY D 158 -23.86 -51.23 -21.46
CA GLY D 158 -24.62 -50.01 -21.71
C GLY D 158 -25.04 -49.23 -20.45
N GLN D 159 -24.66 -49.69 -19.27
CA GLN D 159 -25.00 -49.03 -18.02
C GLN D 159 -23.98 -47.94 -17.65
N ALA D 160 -24.47 -46.79 -17.16
CA ALA D 160 -23.65 -45.64 -16.86
C ALA D 160 -23.50 -45.46 -15.34
N HIS D 161 -22.28 -45.11 -14.93
CA HIS D 161 -21.97 -45.01 -13.51
C HIS D 161 -21.32 -43.68 -13.26
N MET D 162 -21.66 -43.05 -12.14
CA MET D 162 -21.03 -41.80 -11.78
C MET D 162 -20.43 -41.88 -10.37
N TYR D 163 -19.17 -41.46 -10.27
CA TYR D 163 -18.52 -41.21 -8.98
C TYR D 163 -18.14 -39.75 -8.85
N TRP D 164 -18.05 -39.25 -7.62
CA TRP D 164 -17.59 -37.89 -7.40
C TRP D 164 -17.32 -37.72 -5.91
N GLY D 165 -16.83 -36.52 -5.52
CA GLY D 165 -16.87 -36.18 -4.11
C GLY D 165 -15.55 -35.80 -3.46
N ASN D 166 -15.65 -34.84 -2.52
CA ASN D 166 -14.56 -34.42 -1.66
C ASN D 166 -15.17 -33.77 -0.43
N PRO D 167 -15.05 -34.34 0.78
CA PRO D 167 -14.15 -35.46 1.11
C PRO D 167 -14.70 -36.85 0.87
N LYS D 168 -16.03 -37.01 0.77
CA LYS D 168 -16.61 -38.36 0.73
C LYS D 168 -16.80 -38.81 -0.72
N LEU D 169 -16.29 -40.01 -1.03
CA LEU D 169 -16.52 -40.58 -2.36
C LEU D 169 -17.97 -41.06 -2.45
N LYS D 170 -18.67 -40.60 -3.49
CA LYS D 170 -20.09 -40.87 -3.69
C LYS D 170 -20.28 -41.50 -5.06
N TYR D 171 -21.41 -42.22 -5.19
CA TYR D 171 -21.70 -43.02 -6.38
C TYR D 171 -23.20 -43.00 -6.66
N VAL D 172 -23.55 -42.96 -7.96
CA VAL D 172 -24.94 -43.22 -8.35
C VAL D 172 -24.95 -44.00 -9.65
N LYS D 173 -26.03 -44.76 -9.81
CA LYS D 173 -26.36 -45.41 -11.05
C LYS D 173 -27.11 -44.40 -11.93
N LEU D 174 -26.54 -44.09 -13.10
CA LEU D 174 -27.23 -43.14 -13.98
C LEU D 174 -28.25 -43.88 -14.83
N ASN D 175 -29.32 -43.19 -15.14
CA ASN D 175 -30.30 -43.75 -16.06
C ASN D 175 -29.75 -43.68 -17.49
N GLU D 176 -30.34 -44.45 -18.38
CA GLU D 176 -30.06 -44.42 -19.79
C GLU D 176 -30.08 -43.02 -20.42
N ASP D 177 -30.95 -42.14 -19.94
CA ASP D 177 -30.99 -40.79 -20.51
C ASP D 177 -29.74 -40.00 -20.14
N MET D 178 -28.99 -40.48 -19.13
CA MET D 178 -27.71 -39.88 -18.76
C MET D 178 -27.85 -38.54 -18.01
N ILE D 179 -29.07 -38.07 -17.80
CA ILE D 179 -29.27 -36.75 -17.20
C ILE D 179 -30.19 -36.87 -15.98
N SER D 180 -30.25 -38.08 -15.42
CA SER D 180 -30.98 -38.35 -14.19
C SER D 180 -30.38 -39.60 -13.61
N TYR D 181 -30.73 -39.88 -12.35
CA TYR D 181 -30.19 -41.05 -11.68
C TYR D 181 -31.27 -41.82 -10.97
N SER D 182 -31.01 -43.13 -10.83
CA SER D 182 -31.92 -44.08 -10.21
C SER D 182 -31.42 -44.38 -8.80
N GLY D 183 -32.36 -44.58 -7.88
CA GLY D 183 -32.01 -45.02 -6.54
C GLY D 183 -31.45 -43.91 -5.63
N ASP D 184 -30.62 -44.33 -4.70
CA ASP D 184 -30.07 -43.43 -3.70
C ASP D 184 -28.62 -43.07 -4.02
N ILE D 185 -28.14 -42.01 -3.36
CA ILE D 185 -26.74 -41.64 -3.36
C ILE D 185 -26.01 -42.61 -2.45
N ILE D 186 -25.04 -43.34 -3.01
CA ILE D 186 -24.26 -44.33 -2.26
C ILE D 186 -22.98 -43.70 -1.77
N GLU D 187 -22.75 -43.71 -0.47
CA GLU D 187 -21.45 -43.33 0.10
C GLU D 187 -20.55 -44.56 0.13
N VAL D 188 -19.50 -44.54 -0.69
CA VAL D 188 -18.57 -45.66 -0.79
C VAL D 188 -17.80 -45.78 0.52
N PRO D 189 -17.74 -46.98 1.14
CA PRO D 189 -17.02 -47.13 2.42
C PRO D 189 -15.56 -46.72 2.30
N MET D 190 -15.18 -45.72 3.12
CA MET D 190 -13.83 -45.17 3.07
C MET D 190 -12.91 -45.99 3.96
N THR D 191 -12.51 -47.16 3.45
CA THR D 191 -11.73 -48.15 4.17
C THR D 191 -10.30 -48.13 3.65
N GLU D 192 -9.38 -48.54 4.54
CA GLU D 192 -7.98 -48.69 4.17
C GLU D 192 -7.80 -49.80 3.12
N GLU D 193 -8.62 -50.84 3.20
CA GLU D 193 -8.66 -51.89 2.19
C GLU D 193 -8.91 -51.32 0.78
N SER D 194 -9.75 -50.27 0.69
CA SER D 194 -10.12 -49.76 -0.62
C SER D 194 -9.17 -48.66 -1.11
N PHE D 195 -8.67 -47.82 -0.18
CA PHE D 195 -7.94 -46.64 -0.62
C PHE D 195 -6.68 -46.36 0.20
N GLY D 196 -6.20 -47.33 0.98
CA GLY D 196 -4.96 -47.17 1.72
C GLY D 196 -5.16 -46.34 2.98
N LYS D 197 -4.04 -46.12 3.70
CA LYS D 197 -4.18 -45.43 4.98
C LYS D 197 -3.49 -44.07 5.01
N ARG D 198 -4.22 -43.11 5.59
CA ARG D 198 -3.72 -41.77 5.90
C ARG D 198 -3.68 -41.64 7.43
N ASP D 199 -2.71 -40.87 7.93
CA ASP D 199 -2.42 -40.90 9.36
C ASP D 199 -3.41 -39.98 10.06
N GLY D 200 -3.72 -40.29 11.31
CA GLY D 200 -4.81 -39.60 12.02
C GLY D 200 -5.37 -38.33 11.35
N ASN D 201 -6.35 -38.50 10.45
CA ASN D 201 -7.07 -37.35 9.95
C ASN D 201 -8.51 -37.74 10.07
N PRO D 202 -9.12 -37.38 11.20
CA PRO D 202 -10.50 -37.78 11.45
C PRO D 202 -11.33 -37.69 10.17
N GLU D 203 -11.21 -36.59 9.45
CA GLU D 203 -12.07 -36.36 8.30
C GLU D 203 -11.61 -37.13 7.08
N ARG D 204 -10.39 -37.66 7.12
CA ARG D 204 -9.85 -38.31 5.95
C ARG D 204 -9.18 -39.59 6.38
N PRO D 205 -9.95 -40.69 6.43
CA PRO D 205 -9.40 -41.92 6.97
C PRO D 205 -8.46 -42.64 5.99
N THR D 206 -8.58 -42.32 4.69
CA THR D 206 -7.84 -43.02 3.65
C THR D 206 -7.02 -42.03 2.83
N LYS D 207 -6.23 -42.57 1.89
CA LYS D 207 -5.43 -41.73 1.02
C LYS D 207 -6.31 -40.92 0.03
N TYR D 208 -7.54 -41.39 -0.22
CA TYR D 208 -8.41 -40.72 -1.17
C TYR D 208 -8.63 -39.25 -0.79
N GLU D 209 -8.50 -38.36 -1.78
CA GLU D 209 -8.74 -36.93 -1.56
C GLU D 209 -9.96 -36.44 -2.35
N GLU D 210 -9.97 -36.71 -3.67
CA GLU D 210 -10.99 -36.18 -4.56
C GLU D 210 -10.82 -36.79 -5.95
N GLY D 211 -11.46 -36.18 -6.95
CA GLY D 211 -11.11 -36.37 -8.35
C GLY D 211 -11.12 -37.79 -8.89
N PRO D 212 -12.16 -38.61 -8.64
CA PRO D 212 -12.14 -39.99 -9.14
C PRO D 212 -12.24 -40.03 -10.67
N TRP D 213 -11.63 -41.05 -11.27
CA TRP D 213 -11.71 -41.32 -12.69
C TRP D 213 -11.91 -42.82 -12.88
N LEU D 214 -13.02 -43.21 -13.53
CA LEU D 214 -13.36 -44.63 -13.73
C LEU D 214 -12.96 -45.03 -15.14
N TYR D 215 -12.15 -46.10 -15.23
CA TYR D 215 -11.59 -46.58 -16.48
C TYR D 215 -11.65 -48.10 -16.51
N LYS D 216 -11.70 -48.68 -17.72
CA LYS D 216 -11.72 -50.14 -17.82
C LYS D 216 -10.64 -50.65 -18.77
N ARG D 217 -9.98 -51.75 -18.37
CA ARG D 217 -9.01 -52.42 -19.25
C ARG D 217 -9.15 -53.91 -19.05
N LYS D 218 -9.35 -54.64 -20.16
CA LYS D 218 -9.61 -56.08 -20.14
C LYS D 218 -10.79 -56.35 -19.21
N ASP D 219 -10.59 -57.19 -18.19
CA ASP D 219 -11.66 -57.55 -17.28
C ASP D 219 -11.64 -56.74 -15.98
N LEU D 220 -10.85 -55.66 -15.92
CA LEU D 220 -10.61 -54.98 -14.66
C LEU D 220 -11.04 -53.51 -14.76
N TYR D 221 -11.74 -53.06 -13.70
CA TYR D 221 -12.10 -51.67 -13.56
C TYR D 221 -11.08 -50.98 -12.65
N TYR D 222 -10.73 -49.73 -13.01
CA TYR D 222 -9.79 -48.91 -12.27
C TYR D 222 -10.48 -47.62 -11.85
N LEU D 223 -10.22 -47.21 -10.60
CA LEU D 223 -10.59 -45.89 -10.12
C LEU D 223 -9.28 -45.16 -9.78
N PHE D 224 -8.91 -44.19 -10.61
CA PHE D 224 -7.78 -43.32 -10.33
C PHE D 224 -8.25 -42.14 -9.48
N TRP D 225 -7.35 -41.63 -8.62
CA TRP D 225 -7.79 -40.52 -7.79
C TRP D 225 -6.60 -39.75 -7.25
N PRO D 226 -6.72 -38.40 -7.15
CA PRO D 226 -5.77 -37.65 -6.35
C PRO D 226 -5.83 -38.12 -4.89
N GLY D 227 -4.66 -38.17 -4.28
CA GLY D 227 -4.58 -38.53 -2.90
C GLY D 227 -3.85 -37.53 -2.03
N GLY D 228 -4.20 -37.56 -0.73
CA GLY D 228 -3.54 -36.75 0.26
C GLY D 228 -2.82 -37.65 1.24
N PRO D 229 -2.17 -37.09 2.27
CA PRO D 229 -2.41 -35.77 2.85
C PRO D 229 -1.96 -34.48 2.18
N LEU D 230 -1.28 -34.51 1.04
CA LEU D 230 -0.90 -33.28 0.31
C LEU D 230 0.43 -32.67 0.71
N PRO D 231 1.35 -32.45 -0.24
CA PRO D 231 1.11 -32.34 -1.68
C PRO D 231 0.52 -33.59 -2.36
N GLU D 232 -0.36 -33.36 -3.33
CA GLU D 232 -1.20 -34.41 -3.87
C GLU D 232 -0.41 -35.37 -4.76
N PHE D 233 -0.76 -36.65 -4.68
CA PHE D 233 -0.22 -37.68 -5.58
C PHE D 233 -1.40 -38.32 -6.30
N ILE D 234 -1.15 -39.26 -7.22
CA ILE D 234 -2.22 -40.01 -7.87
C ILE D 234 -2.08 -41.48 -7.48
N GLY D 235 -3.12 -41.99 -6.82
CA GLY D 235 -3.25 -43.40 -6.50
C GLY D 235 -4.37 -44.03 -7.33
N TYR D 236 -4.51 -45.36 -7.19
CA TYR D 236 -5.57 -46.06 -7.90
C TYR D 236 -6.09 -47.23 -7.08
N SER D 237 -7.30 -47.68 -7.41
CA SER D 237 -7.93 -48.87 -6.88
C SER D 237 -8.45 -49.70 -8.06
N THR D 238 -8.70 -50.99 -7.83
CA THR D 238 -9.23 -51.90 -8.84
C THR D 238 -10.48 -52.63 -8.32
N SER D 239 -11.28 -53.14 -9.25
CA SER D 239 -12.48 -53.89 -8.92
C SER D 239 -12.89 -54.73 -10.13
N LYS D 240 -13.79 -55.68 -9.84
CA LYS D 240 -14.31 -56.61 -10.81
C LYS D 240 -15.62 -56.07 -11.39
N SER D 241 -16.19 -55.08 -10.70
CA SER D 241 -17.40 -54.40 -11.13
C SER D 241 -17.16 -52.89 -11.06
N ALA D 242 -17.95 -52.12 -11.81
CA ALA D 242 -17.81 -50.68 -11.83
C ALA D 242 -18.39 -50.07 -10.54
N LYS D 243 -19.15 -50.83 -9.79
CA LYS D 243 -19.70 -50.30 -8.55
C LYS D 243 -18.82 -50.69 -7.38
N GLY D 244 -17.77 -51.49 -7.65
CA GLY D 244 -16.93 -51.92 -6.58
C GLY D 244 -17.20 -53.37 -6.27
N PRO D 245 -16.71 -53.90 -5.12
CA PRO D 245 -15.99 -53.11 -4.11
C PRO D 245 -14.53 -52.83 -4.53
N TRP D 246 -13.92 -51.77 -4.03
CA TRP D 246 -12.62 -51.34 -4.55
C TRP D 246 -11.47 -51.78 -3.65
N LYS D 247 -10.36 -52.18 -4.29
CA LYS D 247 -9.19 -52.65 -3.59
C LYS D 247 -8.01 -51.73 -3.94
N TYR D 248 -7.32 -51.23 -2.91
CA TYR D 248 -6.22 -50.30 -3.12
C TYR D 248 -5.16 -50.89 -4.05
N GLY D 249 -4.69 -50.09 -5.00
CA GLY D 249 -3.75 -50.55 -6.02
C GLY D 249 -2.33 -50.09 -5.75
N GLY D 250 -2.16 -48.79 -5.47
CA GLY D 250 -0.82 -48.28 -5.21
C GLY D 250 -0.70 -46.84 -5.69
N ILE D 251 0.54 -46.36 -5.81
CA ILE D 251 0.81 -45.02 -6.29
C ILE D 251 1.03 -45.08 -7.79
N VAL D 252 0.23 -44.29 -8.55
CA VAL D 252 0.50 -44.14 -9.98
C VAL D 252 1.57 -43.06 -10.18
N MET D 253 1.43 -41.94 -9.45
CA MET D 253 2.40 -40.87 -9.66
C MET D 253 2.58 -40.06 -8.38
N PRO D 254 3.78 -40.07 -7.76
CA PRO D 254 3.99 -39.29 -6.54
C PRO D 254 3.91 -37.79 -6.81
N ALA D 255 3.67 -37.02 -5.73
CA ALA D 255 3.68 -35.57 -5.77
C ALA D 255 5.00 -35.07 -6.36
N GLU D 256 4.92 -34.05 -7.22
CA GLU D 256 6.05 -33.56 -7.96
C GLU D 256 5.67 -32.21 -8.58
N GLY D 257 6.62 -31.26 -8.60
CA GLY D 257 6.47 -30.00 -9.30
C GLY D 257 5.81 -28.91 -8.45
N LYS D 258 5.35 -27.87 -9.15
CA LYS D 258 4.93 -26.64 -8.48
C LYS D 258 3.43 -26.54 -8.18
N SER D 259 2.62 -27.56 -8.47
CA SER D 259 1.19 -27.56 -8.23
C SER D 259 0.86 -28.47 -7.06
N PHE D 260 0.24 -27.90 -6.00
CA PHE D 260 -0.11 -28.77 -4.88
C PHE D 260 -1.25 -29.74 -5.18
N THR D 261 -1.94 -29.57 -6.32
CA THR D 261 -2.95 -30.51 -6.77
C THR D 261 -2.44 -31.29 -7.96
N ASN D 262 -2.98 -32.51 -8.13
CA ASN D 262 -2.84 -33.25 -9.38
C ASN D 262 -4.18 -33.92 -9.66
N HIS D 263 -4.49 -34.13 -10.94
CA HIS D 263 -5.81 -34.59 -11.34
C HIS D 263 -5.72 -35.49 -12.55
N PRO D 264 -6.16 -36.77 -12.45
CA PRO D 264 -5.89 -37.73 -13.53
C PRO D 264 -7.04 -37.90 -14.52
N GLY D 265 -6.68 -38.16 -15.78
CA GLY D 265 -7.61 -38.67 -16.77
C GLY D 265 -6.93 -39.75 -17.60
N VAL D 266 -7.53 -40.96 -17.70
CA VAL D 266 -6.91 -42.10 -18.36
C VAL D 266 -7.78 -42.57 -19.50
N ILE D 267 -7.20 -42.96 -20.62
CA ILE D 267 -7.99 -43.36 -21.78
C ILE D 267 -7.11 -44.10 -22.80
N ASP D 268 -7.75 -45.02 -23.55
CA ASP D 268 -7.11 -45.72 -24.67
C ASP D 268 -7.31 -44.94 -25.97
N PHE D 269 -6.28 -44.93 -26.80
CA PHE D 269 -6.33 -44.30 -28.12
C PHE D 269 -5.39 -45.08 -29.02
N ARG D 270 -5.96 -45.64 -30.12
CA ARG D 270 -5.22 -46.39 -31.13
C ARG D 270 -4.28 -47.44 -30.49
N GLY D 271 -4.79 -48.17 -29.51
CA GLY D 271 -4.09 -49.29 -28.92
C GLY D 271 -3.06 -48.94 -27.84
N LYS D 272 -2.96 -47.67 -27.45
CA LYS D 272 -2.10 -47.32 -26.31
C LYS D 272 -2.92 -46.60 -25.24
N THR D 273 -2.45 -46.65 -24.00
CA THR D 273 -3.15 -45.99 -22.91
C THR D 273 -2.40 -44.73 -22.49
N TYR D 274 -3.15 -43.64 -22.26
CA TYR D 274 -2.55 -42.34 -21.94
C TYR D 274 -3.07 -41.84 -20.61
N PHE D 275 -2.14 -41.25 -19.86
CA PHE D 275 -2.32 -40.70 -18.54
C PHE D 275 -2.16 -39.18 -18.66
N PHE D 276 -3.30 -38.48 -18.54
CA PHE D 276 -3.36 -37.04 -18.49
C PHE D 276 -3.33 -36.59 -17.05
N TYR D 277 -2.66 -35.48 -16.80
CA TYR D 277 -2.55 -34.93 -15.45
C TYR D 277 -2.26 -33.44 -15.60
N HIS D 278 -1.90 -32.78 -14.49
CA HIS D 278 -1.44 -31.40 -14.62
C HIS D 278 -0.32 -31.14 -13.62
N ASN D 279 0.42 -30.04 -13.86
CA ASN D 279 1.53 -29.63 -13.02
C ASN D 279 1.57 -28.09 -13.02
N GLY D 280 2.69 -27.53 -12.54
CA GLY D 280 2.85 -26.09 -12.58
C GLY D 280 4.12 -25.64 -13.32
N ALA D 281 4.41 -26.24 -14.47
CA ALA D 281 5.70 -26.12 -15.13
C ALA D 281 5.78 -24.98 -16.15
N LEU D 282 4.71 -24.24 -16.42
CA LEU D 282 4.84 -23.10 -17.33
C LEU D 282 5.43 -21.90 -16.60
N PRO D 283 6.02 -20.91 -17.30
CA PRO D 283 6.43 -19.69 -16.61
C PRO D 283 5.19 -19.10 -15.92
N GLY D 284 5.37 -18.66 -14.68
CA GLY D 284 4.28 -18.16 -13.88
C GLY D 284 3.39 -19.28 -13.35
N GLY D 285 3.79 -20.55 -13.53
CA GLY D 285 2.97 -21.67 -13.10
C GLY D 285 2.98 -21.84 -11.60
N SER D 286 1.90 -22.43 -11.09
CA SER D 286 1.68 -22.61 -9.66
C SER D 286 0.46 -23.52 -9.48
N GLY D 287 0.07 -23.73 -8.23
CA GLY D 287 -1.12 -24.50 -7.94
C GLY D 287 -2.41 -23.82 -8.39
N PHE D 288 -2.34 -22.50 -8.71
CA PHE D 288 -3.52 -21.80 -9.23
C PHE D 288 -3.31 -21.34 -10.65
N THR D 289 -2.18 -21.68 -11.26
CA THR D 289 -1.85 -21.41 -12.65
C THR D 289 -1.24 -22.69 -13.21
N ARG D 290 -2.09 -23.72 -13.41
CA ARG D 290 -1.60 -25.05 -13.69
C ARG D 290 -1.53 -25.26 -15.20
N SER D 291 -1.04 -26.44 -15.60
CA SER D 291 -0.85 -26.76 -17.01
C SER D 291 -1.02 -28.27 -17.20
N VAL D 292 -1.80 -28.65 -18.20
CA VAL D 292 -2.13 -30.05 -18.47
C VAL D 292 -0.96 -30.74 -19.16
N CYS D 293 -0.71 -32.01 -18.79
CA CYS D 293 0.37 -32.82 -19.36
C CYS D 293 -0.22 -34.20 -19.72
N VAL D 294 0.57 -34.96 -20.50
CA VAL D 294 0.18 -36.32 -20.83
C VAL D 294 1.45 -37.17 -21.05
N GLN D 295 1.40 -38.41 -20.59
CA GLN D 295 2.39 -39.41 -20.95
C GLN D 295 1.71 -40.77 -21.06
N GLU D 296 2.37 -41.73 -21.70
CA GLU D 296 1.81 -43.06 -21.84
C GLU D 296 1.72 -43.77 -20.49
N LEU D 297 0.65 -44.55 -20.27
CA LEU D 297 0.47 -45.37 -19.08
C LEU D 297 0.75 -46.83 -19.43
N ASN D 298 1.71 -47.43 -18.71
CA ASN D 298 2.14 -48.82 -18.93
C ASN D 298 1.57 -49.71 -17.83
N PHE D 299 1.16 -50.93 -18.20
CA PHE D 299 0.61 -51.88 -17.23
C PHE D 299 1.55 -53.09 -17.04
N ASN D 300 1.56 -53.64 -15.84
CA ASN D 300 2.17 -54.94 -15.60
C ASN D 300 1.26 -56.02 -16.19
N LYS D 301 1.83 -57.21 -16.40
CA LYS D 301 1.05 -58.24 -17.10
C LYS D 301 -0.16 -58.69 -16.30
N ASP D 302 -0.12 -58.56 -14.97
CA ASP D 302 -1.24 -58.91 -14.11
C ASP D 302 -2.30 -57.80 -14.02
N GLY D 303 -2.08 -56.66 -14.69
CA GLY D 303 -3.04 -55.58 -14.65
C GLY D 303 -2.71 -54.47 -13.64
N THR D 304 -1.68 -54.66 -12.83
CA THR D 304 -1.28 -53.59 -11.91
C THR D 304 -0.49 -52.55 -12.69
N ILE D 305 -0.26 -51.40 -12.04
CA ILE D 305 0.36 -50.26 -12.69
C ILE D 305 1.65 -49.94 -11.94
N PRO D 306 2.82 -50.00 -12.61
CA PRO D 306 4.04 -49.56 -11.93
C PRO D 306 4.06 -48.03 -11.80
N GLN D 307 4.54 -47.56 -10.64
CA GLN D 307 4.58 -46.14 -10.36
C GLN D 307 5.53 -45.47 -11.31
N MET D 308 5.20 -44.25 -11.68
CA MET D 308 6.06 -43.51 -12.57
C MET D 308 6.18 -42.05 -12.13
N LYS D 309 7.17 -41.38 -12.65
CA LYS D 309 7.34 -39.98 -12.38
C LYS D 309 6.98 -39.21 -13.66
N MET D 310 6.99 -37.91 -13.57
CA MET D 310 6.62 -37.08 -14.71
C MET D 310 7.75 -37.05 -15.75
N THR D 311 7.41 -37.29 -17.01
CA THR D 311 8.37 -37.41 -18.09
C THR D 311 8.17 -36.28 -19.09
N GLU D 312 9.08 -36.13 -20.07
CA GLU D 312 8.92 -35.38 -21.31
C GLU D 312 7.63 -35.66 -22.07
N GLY D 313 6.95 -36.81 -21.82
CA GLY D 313 5.74 -37.09 -22.55
C GLY D 313 6.01 -37.82 -23.86
N ILE D 314 5.20 -37.53 -24.88
CA ILE D 314 5.23 -38.27 -26.12
C ILE D 314 6.44 -37.87 -26.95
N THR D 315 7.28 -38.86 -27.28
CA THR D 315 8.51 -38.60 -28.02
C THR D 315 8.27 -38.62 -29.54
N LYS D 316 7.30 -39.40 -30.02
CA LYS D 316 7.09 -39.59 -31.44
C LYS D 316 5.61 -39.42 -31.80
N GLY D 317 5.34 -38.66 -32.88
CA GLY D 317 3.97 -38.57 -33.40
C GLY D 317 3.49 -39.89 -33.98
N ILE D 318 2.22 -40.22 -33.76
CA ILE D 318 1.67 -41.47 -34.31
C ILE D 318 1.06 -41.24 -35.70
N ALA D 319 1.10 -39.98 -36.19
CA ALA D 319 0.62 -39.65 -37.52
C ALA D 319 1.28 -38.35 -37.93
N ALA D 320 1.29 -38.11 -39.25
CA ALA D 320 1.86 -36.89 -39.81
C ALA D 320 0.78 -35.81 -39.87
N LEU D 321 1.24 -34.55 -39.90
CA LEU D 321 0.36 -33.42 -40.13
C LEU D 321 0.50 -32.96 -41.59
N ASN D 322 -0.64 -32.68 -42.22
CA ASN D 322 -0.65 -32.31 -43.63
C ASN D 322 -0.51 -30.81 -43.76
N PRO D 323 0.64 -30.28 -44.24
CA PRO D 323 0.81 -28.84 -44.32
C PRO D 323 0.11 -28.18 -45.51
N TYR D 324 -0.50 -29.00 -46.39
CA TYR D 324 -1.18 -28.47 -47.57
C TYR D 324 -2.67 -28.27 -47.29
N GLN D 325 -3.07 -28.44 -46.02
CA GLN D 325 -4.42 -28.12 -45.59
C GLN D 325 -4.35 -26.98 -44.58
N LEU D 326 -5.50 -26.29 -44.42
CA LEU D 326 -5.57 -25.23 -43.44
C LEU D 326 -5.23 -25.77 -42.05
N THR D 327 -4.21 -25.17 -41.43
CA THR D 327 -3.78 -25.56 -40.10
C THR D 327 -3.82 -24.34 -39.19
N GLN D 328 -4.45 -24.52 -38.02
CA GLN D 328 -4.69 -23.41 -37.12
C GLN D 328 -3.41 -22.95 -36.45
N ALA D 329 -3.27 -21.64 -36.24
CA ALA D 329 -2.20 -21.12 -35.41
C ALA D 329 -2.24 -21.70 -34.00
N GLU D 330 -3.44 -22.09 -33.55
CA GLU D 330 -3.63 -22.65 -32.22
C GLU D 330 -3.49 -24.19 -32.23
N THR D 331 -3.06 -24.78 -33.35
CA THR D 331 -2.63 -26.16 -33.38
C THR D 331 -1.12 -26.18 -33.10
N ILE D 332 -0.74 -26.51 -31.87
CA ILE D 332 0.62 -26.23 -31.40
C ILE D 332 1.17 -27.47 -30.68
N SER D 333 2.45 -27.77 -30.97
CA SER D 333 3.22 -28.75 -30.20
C SER D 333 3.93 -28.07 -29.04
N TRP D 334 4.85 -27.15 -29.36
CA TRP D 334 5.56 -26.42 -28.31
C TRP D 334 5.64 -24.95 -28.71
N SER D 335 5.63 -24.06 -27.71
CA SER D 335 5.66 -22.63 -27.99
C SER D 335 6.28 -21.92 -26.80
N GLU D 336 6.71 -20.68 -27.05
CA GLU D 336 7.13 -19.80 -25.95
C GLU D 336 6.64 -18.39 -26.24
N HIS D 337 6.13 -17.76 -25.15
CA HIS D 337 5.68 -16.35 -25.17
C HIS D 337 4.54 -16.16 -26.17
N VAL D 338 3.66 -17.17 -26.22
CA VAL D 338 2.44 -17.09 -27.01
C VAL D 338 1.24 -17.30 -26.09
N LYS D 339 0.20 -16.48 -26.26
CA LYS D 339 -1.06 -16.66 -25.54
C LYS D 339 -2.21 -16.82 -26.54
N ALA D 340 -3.26 -17.58 -26.14
CA ALA D 340 -4.39 -17.86 -27.04
C ALA D 340 -5.59 -17.01 -26.66
N PHE D 341 -6.37 -16.61 -27.66
CA PHE D 341 -7.57 -15.79 -27.46
C PHE D 341 -8.63 -16.30 -28.44
N GLN D 342 -9.84 -15.75 -28.32
CA GLN D 342 -10.83 -16.02 -29.34
C GLN D 342 -11.82 -14.88 -29.47
N ASN D 343 -12.48 -14.82 -30.64
CA ASN D 343 -13.60 -13.94 -30.87
C ASN D 343 -14.53 -14.61 -31.88
N ASP D 344 -15.68 -13.99 -32.14
CA ASP D 344 -16.70 -14.57 -33.00
C ASP D 344 -16.38 -14.43 -34.48
N LYS D 345 -15.44 -13.54 -34.84
CA LYS D 345 -15.10 -13.33 -36.24
C LYS D 345 -14.19 -14.45 -36.82
N VAL D 346 -13.13 -14.84 -36.09
CA VAL D 346 -12.18 -15.81 -36.60
C VAL D 346 -12.11 -17.05 -35.70
N GLY D 347 -12.68 -16.99 -34.51
CA GLY D 347 -12.56 -18.14 -33.63
C GLY D 347 -11.35 -17.99 -32.70
N VAL D 348 -10.62 -19.09 -32.50
CA VAL D 348 -9.41 -19.05 -31.70
C VAL D 348 -8.23 -18.56 -32.57
N PHE D 349 -7.37 -17.73 -31.94
CA PHE D 349 -6.18 -17.22 -32.57
C PHE D 349 -5.13 -17.09 -31.49
N VAL D 350 -3.88 -16.78 -31.90
CA VAL D 350 -2.81 -16.63 -30.93
C VAL D 350 -2.15 -15.27 -31.08
N ARG D 351 -1.60 -14.77 -29.97
CA ARG D 351 -0.84 -13.52 -29.97
C ARG D 351 0.57 -13.78 -29.46
N ALA D 352 1.55 -13.21 -30.15
CA ALA D 352 2.94 -13.20 -29.69
C ALA D 352 3.14 -12.06 -28.68
N LEU D 353 3.58 -12.39 -27.47
CA LEU D 353 3.70 -11.43 -26.39
C LEU D 353 5.00 -10.61 -26.41
N GLN D 354 6.03 -11.07 -27.12
CA GLN D 354 7.29 -10.34 -27.18
C GLN D 354 8.11 -10.83 -28.36
N ASN D 355 9.19 -10.10 -28.69
CA ASN D 355 10.01 -10.44 -29.84
C ASN D 355 10.67 -11.79 -29.61
N GLY D 356 10.69 -12.64 -30.63
CA GLY D 356 11.32 -13.94 -30.51
C GLY D 356 10.39 -15.01 -29.94
N ALA D 357 9.12 -14.69 -29.68
CA ALA D 357 8.13 -15.70 -29.37
C ALA D 357 7.99 -16.66 -30.57
N TYR D 358 7.55 -17.90 -30.29
CA TYR D 358 7.41 -18.82 -31.40
C TYR D 358 6.37 -19.89 -31.07
N THR D 359 5.81 -20.47 -32.14
CA THR D 359 5.06 -21.72 -32.11
C THR D 359 5.76 -22.77 -32.96
N SER D 360 5.44 -24.03 -32.71
CA SER D 360 6.04 -25.11 -33.48
C SER D 360 5.04 -26.25 -33.64
N VAL D 361 5.12 -26.94 -34.77
CA VAL D 361 4.35 -28.14 -35.01
C VAL D 361 5.34 -29.23 -35.46
N LYS D 362 5.07 -30.47 -34.99
CA LYS D 362 5.97 -31.58 -35.22
C LYS D 362 5.43 -32.54 -36.31
N ASN D 363 6.36 -33.23 -36.96
CA ASN D 363 6.01 -34.37 -37.82
C ASN D 363 5.15 -33.95 -39.02
N VAL D 364 5.57 -32.89 -39.71
CA VAL D 364 4.84 -32.34 -40.84
C VAL D 364 5.38 -32.96 -42.13
N ASP D 365 4.50 -33.58 -42.92
CA ASP D 365 4.91 -34.34 -44.08
C ASP D 365 4.66 -33.52 -45.35
N PHE D 366 5.73 -32.90 -45.87
CA PHE D 366 5.61 -32.13 -47.10
C PHE D 366 5.67 -33.01 -48.35
N GLY D 367 6.03 -34.29 -48.21
CA GLY D 367 6.02 -35.23 -49.33
C GLY D 367 7.22 -35.05 -50.28
N ASP D 368 7.08 -35.68 -51.46
CA ASP D 368 8.18 -35.74 -52.41
C ASP D 368 8.21 -34.53 -53.35
N ILE D 369 7.03 -33.99 -53.68
CA ILE D 369 6.94 -32.86 -54.58
C ILE D 369 7.43 -31.58 -53.90
N GLY D 370 6.79 -31.25 -52.76
CA GLY D 370 7.26 -30.16 -51.91
C GLY D 370 6.40 -28.90 -52.02
N ALA D 371 6.62 -28.02 -51.04
CA ALA D 371 5.88 -26.76 -50.89
C ALA D 371 6.67 -25.64 -51.56
N SER D 372 5.97 -24.81 -52.35
CA SER D 372 6.60 -23.66 -52.98
C SER D 372 5.99 -22.32 -52.53
N ALA D 373 4.77 -22.35 -51.98
CA ALA D 373 4.09 -21.12 -51.53
C ALA D 373 3.61 -21.30 -50.09
N PHE D 374 3.36 -20.19 -49.41
CA PHE D 374 2.87 -20.19 -48.04
C PHE D 374 1.86 -19.07 -47.85
N SER D 375 0.79 -19.37 -47.11
CA SER D 375 -0.28 -18.43 -46.84
C SER D 375 -0.55 -18.39 -45.34
N ALA D 376 -0.87 -17.22 -44.81
CA ALA D 376 -1.13 -17.09 -43.37
C ALA D 376 -2.03 -15.90 -43.11
N ARG D 377 -3.00 -16.07 -42.20
CA ARG D 377 -3.88 -14.98 -41.82
C ARG D 377 -3.35 -14.35 -40.54
N VAL D 378 -2.98 -13.06 -40.62
CA VAL D 378 -2.20 -12.44 -39.55
C VAL D 378 -2.58 -10.95 -39.45
N GLY D 379 -2.05 -10.30 -38.40
CA GLY D 379 -2.14 -8.87 -38.29
C GLY D 379 -1.28 -8.37 -37.13
N THR D 380 -1.17 -7.03 -37.03
CA THR D 380 -0.44 -6.40 -35.94
C THR D 380 -1.01 -5.00 -35.71
N THR D 381 -0.71 -4.49 -34.51
CA THR D 381 -1.06 -3.12 -34.15
C THR D 381 0.11 -2.15 -34.39
N HIS D 382 1.27 -2.66 -34.79
CA HIS D 382 2.49 -1.88 -34.97
C HIS D 382 2.67 -1.45 -36.43
N ASN D 383 3.35 -0.31 -36.64
CA ASN D 383 3.49 0.29 -37.94
C ASN D 383 4.85 -0.02 -38.54
N GLY D 384 4.97 -1.19 -39.21
CA GLY D 384 6.26 -1.51 -39.80
C GLY D 384 7.09 -2.42 -38.90
N GLY D 385 8.02 -3.16 -39.53
CA GLY D 385 9.00 -3.91 -38.81
C GLY D 385 8.53 -5.24 -38.22
N VAL D 386 7.35 -5.74 -38.65
CA VAL D 386 6.82 -6.97 -38.03
C VAL D 386 6.92 -8.06 -39.07
N THR D 387 7.59 -9.15 -38.70
CA THR D 387 7.78 -10.26 -39.62
C THR D 387 7.49 -11.55 -38.85
N MET D 388 7.12 -12.57 -39.63
CA MET D 388 7.01 -13.93 -39.10
C MET D 388 7.90 -14.81 -39.98
N GLU D 389 8.87 -15.48 -39.32
CA GLU D 389 9.77 -16.37 -40.03
C GLU D 389 9.22 -17.80 -39.98
N ILE D 390 9.23 -18.49 -41.13
CA ILE D 390 9.05 -19.93 -41.18
C ILE D 390 10.42 -20.59 -41.17
N ARG D 391 10.70 -21.36 -40.11
CA ARG D 391 11.95 -22.08 -39.98
C ARG D 391 11.73 -23.58 -39.83
N MET D 392 12.76 -24.35 -40.16
CA MET D 392 12.72 -25.82 -40.07
C MET D 392 13.56 -26.31 -38.90
N GLY D 393 13.04 -27.28 -38.16
CA GLY D 393 13.83 -28.03 -37.19
C GLY D 393 13.83 -27.41 -35.80
N SER D 394 14.03 -26.08 -35.72
CA SER D 394 14.12 -25.41 -34.42
C SER D 394 13.85 -23.94 -34.65
N GLN D 395 13.79 -23.18 -33.55
CA GLN D 395 13.53 -21.75 -33.68
C GLN D 395 14.74 -21.02 -34.25
N GLU D 396 15.83 -21.76 -34.41
CA GLU D 396 17.04 -21.18 -34.92
C GLU D 396 17.44 -21.86 -36.21
N GLY D 397 16.52 -22.63 -36.79
CA GLY D 397 16.89 -23.41 -37.94
C GLY D 397 16.75 -22.66 -39.25
N PRO D 398 17.00 -23.36 -40.35
CA PRO D 398 16.99 -22.68 -41.64
C PRO D 398 15.65 -22.01 -41.94
N ILE D 399 15.71 -20.78 -42.46
CA ILE D 399 14.55 -19.98 -42.81
C ILE D 399 14.07 -20.40 -44.20
N ALA D 400 12.81 -20.86 -44.28
CA ALA D 400 12.17 -21.23 -45.53
C ALA D 400 11.49 -20.02 -46.19
N GLY D 401 11.02 -19.07 -45.37
CA GLY D 401 10.23 -17.96 -45.89
C GLY D 401 10.04 -16.92 -44.80
N THR D 402 9.80 -15.67 -45.22
CA THR D 402 9.42 -14.63 -44.28
C THR D 402 8.11 -13.97 -44.73
N VAL D 403 7.20 -13.72 -43.77
CA VAL D 403 5.99 -12.98 -43.99
C VAL D 403 6.13 -11.60 -43.36
N LYS D 404 5.86 -10.57 -44.18
CA LYS D 404 5.69 -9.21 -43.69
C LYS D 404 4.25 -9.06 -43.18
N VAL D 405 4.10 -8.78 -41.89
CA VAL D 405 2.77 -8.70 -41.28
C VAL D 405 2.31 -7.25 -41.35
N PRO D 406 1.16 -6.96 -41.99
CA PRO D 406 0.72 -5.57 -42.14
C PRO D 406 -0.03 -5.07 -40.91
N LEU D 407 -0.04 -3.74 -40.78
CA LEU D 407 -0.83 -3.08 -39.76
C LEU D 407 -2.32 -3.29 -40.10
N THR D 408 -3.08 -3.81 -39.12
CA THR D 408 -4.53 -3.97 -39.32
C THR D 408 -5.34 -3.17 -38.31
N GLY D 409 -4.72 -2.78 -37.17
CA GLY D 409 -5.40 -1.92 -36.20
C GLY D 409 -5.70 -2.63 -34.88
N GLY D 410 -5.89 -3.97 -34.93
CA GLY D 410 -6.30 -4.71 -33.75
C GLY D 410 -6.76 -6.09 -34.15
N ASP D 411 -6.88 -6.99 -33.17
CA ASP D 411 -7.14 -8.39 -33.50
C ASP D 411 -8.58 -8.64 -33.94
N ASP D 412 -9.34 -7.56 -34.16
CA ASP D 412 -10.64 -7.67 -34.84
C ASP D 412 -10.48 -7.50 -36.36
N ARG D 413 -9.27 -7.22 -36.85
CA ARG D 413 -9.05 -7.01 -38.27
C ARG D 413 -7.81 -7.80 -38.73
N TRP D 414 -7.93 -8.43 -39.90
CA TRP D 414 -6.95 -9.41 -40.35
C TRP D 414 -6.67 -9.24 -41.85
N GLU D 415 -5.51 -9.74 -42.29
CA GLU D 415 -5.18 -9.85 -43.70
C GLU D 415 -4.63 -11.26 -43.95
N ILE D 416 -4.78 -11.73 -45.20
CA ILE D 416 -4.14 -12.96 -45.65
C ILE D 416 -2.90 -12.60 -46.45
N ILE D 417 -1.73 -13.12 -46.06
CA ILE D 417 -0.46 -12.85 -46.74
C ILE D 417 0.01 -14.14 -47.42
N ASN D 418 0.27 -14.02 -48.74
CA ASN D 418 0.75 -15.08 -49.60
C ASN D 418 2.19 -14.76 -50.02
N VAL D 419 3.09 -15.72 -49.81
CA VAL D 419 4.49 -15.55 -50.14
C VAL D 419 4.99 -16.78 -50.90
N LYS D 420 5.99 -16.56 -51.75
CA LYS D 420 6.63 -17.64 -52.46
C LYS D 420 7.85 -17.98 -51.66
N LEU D 421 8.03 -19.26 -51.38
CA LEU D 421 9.17 -19.67 -50.59
C LEU D 421 10.40 -19.66 -51.48
N ASP D 422 11.53 -19.24 -50.95
CA ASP D 422 12.74 -19.34 -51.75
C ASP D 422 13.16 -20.80 -51.80
N ARG D 423 12.92 -21.53 -50.71
CA ARG D 423 13.37 -22.91 -50.65
C ARG D 423 12.18 -23.88 -50.71
N LYS D 424 12.18 -24.80 -51.69
CA LYS D 424 11.13 -25.81 -51.71
C LYS D 424 11.33 -26.77 -50.53
N ILE D 425 10.23 -27.19 -49.91
CA ILE D 425 10.33 -27.97 -48.68
C ILE D 425 9.75 -29.34 -48.95
N THR D 426 10.51 -30.39 -48.58
CA THR D 426 10.09 -31.76 -48.85
C THR D 426 10.34 -32.58 -47.59
N GLY D 427 9.71 -33.76 -47.51
CA GLY D 427 9.99 -34.71 -46.43
C GLY D 427 9.38 -34.30 -45.08
N ILE D 428 9.73 -35.03 -44.03
CA ILE D 428 9.17 -34.82 -42.72
C ILE D 428 9.95 -33.70 -42.05
N GLN D 429 9.24 -32.66 -41.57
CA GLN D 429 9.88 -31.51 -40.94
C GLN D 429 9.12 -31.14 -39.67
N ASP D 430 9.85 -30.47 -38.78
CA ASP D 430 9.24 -29.74 -37.69
C ASP D 430 9.26 -28.27 -38.07
N VAL D 431 8.10 -27.62 -38.00
CA VAL D 431 7.94 -26.26 -38.54
C VAL D 431 7.79 -25.29 -37.37
N TYR D 432 8.65 -24.26 -37.34
CA TYR D 432 8.64 -23.25 -36.32
C TYR D 432 8.23 -21.92 -36.95
N PHE D 433 7.28 -21.22 -36.30
CA PHE D 433 6.87 -19.90 -36.71
C PHE D 433 7.34 -18.92 -35.63
N VAL D 434 8.26 -18.04 -36.04
CA VAL D 434 8.92 -17.11 -35.12
C VAL D 434 8.40 -15.70 -35.39
N PHE D 435 7.94 -15.02 -34.32
CA PHE D 435 7.29 -13.72 -34.49
C PHE D 435 8.24 -12.61 -34.03
N LYS D 436 8.50 -11.66 -34.92
CA LYS D 436 9.56 -10.68 -34.72
C LYS D 436 9.03 -9.28 -34.93
N GLY D 437 9.47 -8.35 -34.09
CA GLY D 437 9.11 -6.95 -34.24
C GLY D 437 9.91 -6.06 -33.30
N LYS D 438 9.75 -4.75 -33.51
CA LYS D 438 10.53 -3.76 -32.75
C LYS D 438 9.88 -3.39 -31.43
N ALA D 439 8.58 -3.71 -31.25
CA ALA D 439 7.92 -3.29 -30.03
C ALA D 439 8.23 -4.26 -28.90
N SER D 440 7.94 -3.82 -27.67
CA SER D 440 8.30 -4.62 -26.51
C SER D 440 7.21 -5.61 -26.10
N SER D 441 6.00 -5.47 -26.61
CA SER D 441 4.89 -6.36 -26.29
C SER D 441 3.97 -6.50 -27.50
N ASN D 442 3.08 -7.53 -27.43
CA ASN D 442 2.01 -7.75 -28.39
C ASN D 442 2.47 -7.53 -29.82
N ILE D 443 3.37 -8.42 -30.28
CA ILE D 443 4.04 -8.25 -31.55
C ILE D 443 3.04 -8.35 -32.71
N MET D 444 2.23 -9.42 -32.69
CA MET D 444 1.30 -9.70 -33.76
C MET D 444 0.33 -10.78 -33.29
N TYR D 445 -0.68 -11.01 -34.14
CA TYR D 445 -1.70 -12.04 -33.92
C TYR D 445 -1.80 -12.89 -35.19
N PHE D 446 -2.16 -14.16 -34.98
CA PHE D 446 -1.99 -15.23 -35.97
C PHE D 446 -3.19 -16.16 -35.86
N ASP D 447 -3.87 -16.42 -37.00
CA ASP D 447 -5.09 -17.23 -36.98
C ASP D 447 -4.86 -18.63 -37.57
N TYR D 448 -4.35 -18.74 -38.79
CA TYR D 448 -4.11 -20.04 -39.44
C TYR D 448 -3.02 -19.89 -40.51
N TRP D 449 -2.51 -21.03 -41.03
CA TRP D 449 -1.56 -21.04 -42.13
C TRP D 449 -1.84 -22.24 -43.06
N LYS D 450 -1.17 -22.26 -44.23
CA LYS D 450 -1.22 -23.34 -45.18
C LYS D 450 -0.07 -23.18 -46.21
N PHE D 451 0.35 -24.31 -46.80
CA PHE D 451 1.30 -24.33 -47.90
C PHE D 451 0.60 -24.76 -49.19
N SER D 452 1.24 -24.48 -50.33
CA SER D 452 0.78 -24.92 -51.64
C SER D 452 1.95 -25.53 -52.41
N LYS D 453 1.62 -26.38 -53.42
CA LYS D 453 2.63 -27.10 -54.18
C LYS D 453 3.37 -26.14 -55.12
N MET E 21 -47.65 -38.90 -47.08
CA MET E 21 -46.78 -37.75 -47.42
C MET E 21 -45.68 -37.61 -46.37
N GLN E 22 -44.47 -37.90 -46.80
CA GLN E 22 -43.34 -37.68 -45.92
C GLN E 22 -42.59 -36.47 -46.44
N ASN E 23 -43.16 -35.80 -47.45
CA ASN E 23 -42.53 -34.65 -48.02
C ASN E 23 -43.52 -33.50 -47.96
N PRO E 24 -43.05 -32.27 -47.65
CA PRO E 24 -41.66 -31.93 -47.31
C PRO E 24 -41.14 -32.51 -46.00
N ILE E 25 -39.82 -32.69 -45.90
CA ILE E 25 -39.24 -33.30 -44.71
C ILE E 25 -39.15 -32.31 -43.55
N ILE E 26 -39.22 -31.01 -43.85
CA ILE E 26 -39.13 -29.95 -42.85
C ILE E 26 -40.37 -29.06 -42.97
N GLN E 27 -41.11 -28.91 -41.86
CA GLN E 27 -42.36 -28.17 -41.90
C GLN E 27 -42.39 -26.99 -40.94
N THR E 28 -41.32 -26.78 -40.16
CA THR E 28 -41.32 -25.76 -39.11
C THR E 28 -40.73 -24.45 -39.60
N MET E 29 -40.32 -24.40 -40.89
CA MET E 29 -39.68 -23.24 -41.49
C MET E 29 -39.61 -23.49 -42.98
N TYR E 30 -39.44 -22.41 -43.74
CA TYR E 30 -39.31 -22.53 -45.18
C TYR E 30 -37.83 -22.74 -45.52
N THR E 31 -37.55 -23.85 -46.19
CA THR E 31 -36.18 -24.26 -46.51
C THR E 31 -36.06 -24.49 -48.01
N ALA E 32 -34.85 -24.36 -48.52
CA ALA E 32 -34.65 -24.55 -49.95
C ALA E 32 -33.20 -24.93 -50.23
N ASP E 33 -32.92 -25.24 -51.50
CA ASP E 33 -31.59 -25.48 -52.04
C ASP E 33 -30.84 -26.52 -51.21
N PRO E 34 -31.40 -27.74 -51.05
CA PRO E 34 -30.77 -28.71 -50.13
C PRO E 34 -29.42 -29.18 -50.66
N ALA E 35 -28.49 -29.36 -49.73
CA ALA E 35 -27.15 -29.83 -50.02
C ALA E 35 -26.79 -30.90 -48.98
N PRO E 36 -26.95 -32.19 -49.31
CA PRO E 36 -26.63 -33.23 -48.34
C PRO E 36 -25.14 -33.48 -48.19
N MET E 37 -24.81 -34.10 -47.04
CA MET E 37 -23.46 -34.45 -46.70
C MET E 37 -23.51 -35.53 -45.62
N VAL E 38 -22.70 -36.59 -45.78
CA VAL E 38 -22.60 -37.65 -44.80
C VAL E 38 -21.35 -37.44 -43.95
N TYR E 39 -21.48 -37.55 -42.64
CA TYR E 39 -20.32 -37.53 -41.77
C TYR E 39 -20.53 -38.53 -40.64
N ASN E 40 -19.53 -39.46 -40.53
CA ASN E 40 -19.54 -40.45 -39.46
C ASN E 40 -20.92 -41.11 -39.32
N ASN E 41 -21.43 -41.61 -40.45
CA ASN E 41 -22.66 -42.40 -40.46
C ASN E 41 -23.90 -41.61 -40.00
N ARG E 42 -23.90 -40.28 -40.20
CA ARG E 42 -25.13 -39.51 -40.04
C ARG E 42 -25.28 -38.65 -41.30
N LEU E 43 -26.52 -38.45 -41.74
CA LEU E 43 -26.79 -37.69 -42.95
C LEU E 43 -27.28 -36.30 -42.58
N TYR E 44 -26.55 -35.29 -43.08
CA TYR E 44 -26.88 -33.90 -42.91
C TYR E 44 -27.42 -33.33 -44.21
N VAL E 45 -28.27 -32.29 -44.10
CA VAL E 45 -28.67 -31.48 -45.23
C VAL E 45 -28.52 -30.01 -44.83
N TYR E 46 -27.65 -29.28 -45.54
CA TYR E 46 -27.55 -27.85 -45.39
C TYR E 46 -28.54 -27.20 -46.34
N THR E 47 -29.24 -26.16 -45.85
CA THR E 47 -30.27 -25.54 -46.66
C THR E 47 -30.18 -24.04 -46.50
N THR E 48 -30.76 -23.35 -47.50
CA THR E 48 -31.08 -21.95 -47.35
C THR E 48 -32.42 -21.83 -46.62
N HIS E 49 -32.72 -20.60 -46.21
CA HIS E 49 -33.87 -20.31 -45.36
C HIS E 49 -34.66 -19.17 -46.01
N ASP E 50 -35.89 -19.48 -46.44
CA ASP E 50 -36.81 -18.45 -46.87
C ASP E 50 -37.51 -17.85 -45.67
N GLU E 51 -37.38 -16.54 -45.51
CA GLU E 51 -38.08 -15.87 -44.44
C GLU E 51 -39.57 -16.01 -44.62
N ASP E 52 -40.29 -16.03 -43.49
CA ASP E 52 -41.73 -16.10 -43.55
C ASP E 52 -42.33 -14.90 -44.27
N GLN E 53 -43.44 -15.16 -44.97
CA GLN E 53 -44.24 -14.15 -45.66
C GLN E 53 -43.44 -13.40 -46.73
N SER E 54 -42.56 -14.13 -47.42
CA SER E 54 -41.77 -13.54 -48.48
C SER E 54 -42.60 -13.42 -49.76
N THR E 55 -42.45 -12.29 -50.44
CA THR E 55 -42.92 -12.14 -51.82
C THR E 55 -41.76 -11.99 -52.79
N TRP E 56 -40.52 -12.02 -52.23
CA TRP E 56 -39.30 -12.05 -53.02
C TRP E 56 -38.33 -12.96 -52.26
N PHE E 57 -37.15 -13.23 -52.84
CA PHE E 57 -36.16 -14.02 -52.12
C PHE E 57 -35.60 -13.23 -50.93
N ASN E 58 -36.01 -13.64 -49.73
CA ASN E 58 -35.51 -13.04 -48.49
C ASN E 58 -34.71 -14.11 -47.76
N MET E 59 -33.39 -14.17 -48.02
CA MET E 59 -32.59 -15.29 -47.55
C MET E 59 -31.33 -14.76 -46.88
N ASN E 60 -31.19 -15.11 -45.58
CA ASN E 60 -30.21 -14.42 -44.74
C ASN E 60 -29.21 -15.37 -44.07
N ASP E 61 -29.61 -16.63 -43.84
CA ASP E 61 -28.79 -17.52 -43.06
C ASP E 61 -28.95 -18.93 -43.62
N TRP E 62 -28.06 -19.82 -43.13
CA TRP E 62 -28.04 -21.19 -43.59
C TRP E 62 -28.33 -22.11 -42.41
N LYS E 63 -28.99 -23.23 -42.73
CA LYS E 63 -29.44 -24.16 -41.71
C LYS E 63 -28.77 -25.51 -41.99
N VAL E 64 -28.77 -26.36 -40.97
CA VAL E 64 -28.41 -27.75 -41.20
C VAL E 64 -29.37 -28.62 -40.39
N TYR E 65 -29.90 -29.66 -41.05
CA TYR E 65 -30.73 -30.67 -40.42
C TYR E 65 -30.01 -32.03 -40.56
N SER E 66 -30.38 -33.00 -39.73
CA SER E 66 -29.70 -34.29 -39.78
C SER E 66 -30.68 -35.41 -39.48
N THR E 67 -30.33 -36.59 -39.96
CA THR E 67 -31.14 -37.78 -39.74
C THR E 67 -30.22 -38.99 -39.56
N ASN E 68 -30.77 -39.93 -38.79
CA ASN E 68 -30.19 -41.25 -38.58
C ASN E 68 -31.03 -42.33 -39.27
N ASP E 69 -32.24 -41.96 -39.75
CA ASP E 69 -33.22 -42.98 -40.10
C ASP E 69 -34.02 -42.66 -41.36
N MET E 70 -33.87 -41.46 -41.93
CA MET E 70 -34.51 -41.02 -43.17
C MET E 70 -35.99 -40.66 -42.98
N VAL E 71 -36.54 -40.70 -41.76
CA VAL E 71 -37.94 -40.30 -41.55
C VAL E 71 -38.03 -39.20 -40.49
N ASN E 72 -37.08 -39.14 -39.56
CA ASN E 72 -37.07 -38.10 -38.53
C ASN E 72 -35.88 -37.17 -38.76
N TRP E 73 -36.14 -35.87 -38.78
CA TRP E 73 -35.14 -34.87 -39.09
C TRP E 73 -34.94 -33.93 -37.91
N THR E 74 -33.67 -33.82 -37.48
CA THR E 74 -33.29 -32.92 -36.40
C THR E 74 -32.94 -31.54 -36.97
N ASP E 75 -33.54 -30.49 -36.39
CA ASP E 75 -33.23 -29.12 -36.70
C ASP E 75 -32.05 -28.64 -35.84
N HIS E 76 -30.92 -28.31 -36.49
CA HIS E 76 -29.75 -27.87 -35.74
C HIS E 76 -29.61 -26.35 -35.74
N GLY E 77 -30.59 -25.64 -36.34
CA GLY E 77 -30.62 -24.19 -36.24
C GLY E 77 -29.73 -23.53 -37.26
N THR E 78 -29.53 -22.23 -37.05
CA THR E 78 -28.63 -21.46 -37.90
C THR E 78 -27.20 -21.89 -37.60
N ILE E 79 -26.43 -22.17 -38.65
CA ILE E 79 -25.01 -22.49 -38.48
C ILE E 79 -24.09 -21.47 -39.18
N LEU E 80 -24.65 -20.55 -39.95
CA LEU E 80 -23.91 -19.51 -40.64
C LEU E 80 -24.89 -18.44 -41.11
N LYS E 81 -24.42 -17.21 -41.19
CA LYS E 81 -25.22 -16.09 -41.67
C LYS E 81 -24.44 -15.32 -42.75
N TYR E 82 -25.16 -14.61 -43.59
CA TYR E 82 -24.51 -13.75 -44.59
C TYR E 82 -23.57 -12.76 -43.90
N SER E 83 -23.96 -12.28 -42.72
CA SER E 83 -23.20 -11.25 -42.03
C SER E 83 -21.91 -11.78 -41.45
N ASP E 84 -21.74 -13.10 -41.39
CA ASP E 84 -20.48 -13.67 -40.93
C ASP E 84 -19.36 -13.47 -41.96
N PHE E 85 -19.73 -13.03 -43.17
CA PHE E 85 -18.78 -12.54 -44.15
C PHE E 85 -18.88 -11.01 -44.13
N ALA E 86 -17.87 -10.33 -43.58
CA ALA E 86 -17.97 -8.89 -43.37
C ALA E 86 -18.11 -8.12 -44.70
N TRP E 87 -17.79 -8.77 -45.81
CA TRP E 87 -17.86 -8.14 -47.12
C TRP E 87 -19.17 -8.42 -47.86
N ALA E 88 -20.09 -9.19 -47.24
CA ALA E 88 -21.31 -9.61 -47.90
C ALA E 88 -22.45 -8.59 -47.64
N LYS E 89 -23.19 -8.26 -48.71
CA LYS E 89 -24.31 -7.35 -48.64
C LYS E 89 -25.62 -8.08 -48.31
N GLY E 90 -25.71 -9.36 -48.70
CA GLY E 90 -26.90 -10.16 -48.47
C GLY E 90 -27.02 -11.27 -49.48
N ASP E 91 -28.24 -11.83 -49.56
CA ASP E 91 -28.59 -12.91 -50.48
C ASP E 91 -27.81 -14.19 -50.13
N ALA E 92 -28.21 -14.83 -49.03
CA ALA E 92 -27.60 -16.09 -48.63
C ALA E 92 -28.22 -17.24 -49.44
N TRP E 93 -27.63 -17.51 -50.61
CA TRP E 93 -28.25 -18.43 -51.57
C TRP E 93 -27.59 -19.82 -51.49
N ALA E 94 -27.86 -20.66 -52.52
CA ALA E 94 -27.62 -22.09 -52.45
C ALA E 94 -26.15 -22.43 -52.17
N ALA E 95 -25.91 -23.13 -51.05
CA ALA E 95 -24.58 -23.45 -50.55
C ALA E 95 -24.39 -24.96 -50.50
N GLN E 96 -23.12 -25.37 -50.38
CA GLN E 96 -22.80 -26.78 -50.17
C GLN E 96 -21.66 -26.91 -49.18
N CYS E 97 -21.81 -27.91 -48.25
CA CYS E 97 -20.72 -28.25 -47.35
C CYS E 97 -20.13 -29.60 -47.74
N VAL E 98 -18.80 -29.68 -47.78
CA VAL E 98 -18.10 -30.95 -47.93
C VAL E 98 -17.17 -31.14 -46.73
N GLU E 99 -16.88 -32.40 -46.41
CA GLU E 99 -16.01 -32.80 -45.32
C GLU E 99 -14.69 -33.34 -45.88
N LYS E 100 -13.59 -33.19 -45.14
CA LYS E 100 -12.34 -33.86 -45.43
C LYS E 100 -11.50 -33.83 -44.14
N ASN E 101 -11.09 -35.02 -43.69
CA ASN E 101 -10.28 -35.18 -42.48
C ASN E 101 -10.89 -34.46 -41.28
N GLY E 102 -12.20 -34.50 -41.14
CA GLY E 102 -12.86 -33.88 -40.01
C GLY E 102 -12.88 -32.36 -40.03
N LYS E 103 -12.56 -31.75 -41.19
CA LYS E 103 -12.82 -30.33 -41.39
C LYS E 103 -13.94 -30.16 -42.42
N PHE E 104 -14.77 -29.13 -42.22
CA PHE E 104 -15.98 -28.97 -43.03
C PHE E 104 -15.92 -27.62 -43.75
N TYR E 105 -16.00 -27.66 -45.06
CA TYR E 105 -15.86 -26.50 -45.92
C TYR E 105 -17.21 -26.19 -46.56
N LEU E 106 -17.75 -25.03 -46.24
CA LEU E 106 -19.08 -24.62 -46.68
C LEU E 106 -18.91 -23.49 -47.68
N TYR E 107 -19.27 -23.78 -48.94
CA TYR E 107 -19.13 -22.85 -50.05
C TYR E 107 -20.49 -22.17 -50.24
N VAL E 108 -20.47 -20.84 -50.23
CA VAL E 108 -21.72 -20.08 -50.22
C VAL E 108 -21.67 -19.00 -51.31
N PRO E 109 -22.79 -18.72 -52.00
CA PRO E 109 -22.86 -17.51 -52.79
C PRO E 109 -23.49 -16.37 -51.99
N VAL E 110 -22.85 -15.20 -52.04
CA VAL E 110 -23.42 -13.99 -51.45
C VAL E 110 -23.10 -12.82 -52.37
N VAL E 111 -23.89 -11.76 -52.28
CA VAL E 111 -23.60 -10.54 -53.00
C VAL E 111 -22.54 -9.75 -52.23
N SER E 112 -21.48 -9.31 -52.93
CA SER E 112 -20.41 -8.55 -52.29
C SER E 112 -20.79 -7.08 -52.19
N LYS E 113 -20.39 -6.45 -51.08
CA LYS E 113 -20.61 -5.01 -50.91
C LYS E 113 -19.62 -4.19 -51.72
N VAL E 114 -18.45 -4.75 -52.07
CA VAL E 114 -17.43 -4.00 -52.79
C VAL E 114 -17.94 -3.55 -54.16
N ASN E 115 -18.70 -4.41 -54.85
CA ASN E 115 -19.09 -4.11 -56.23
C ASN E 115 -20.57 -4.41 -56.49
N ASN E 116 -21.29 -4.89 -55.46
CA ASN E 116 -22.70 -5.14 -55.56
C ASN E 116 -23.01 -6.25 -56.59
N LYS E 117 -22.10 -7.20 -56.74
CA LYS E 117 -22.37 -8.36 -57.59
C LYS E 117 -22.04 -9.65 -56.84
N GLY E 118 -22.59 -10.75 -57.35
CA GLY E 118 -22.43 -12.06 -56.78
C GLY E 118 -20.96 -12.48 -56.58
N ALA E 119 -20.74 -13.34 -55.58
CA ALA E 119 -19.43 -13.88 -55.31
C ALA E 119 -19.61 -15.19 -54.56
N ILE E 120 -18.58 -16.02 -54.60
CA ILE E 120 -18.52 -17.23 -53.80
C ILE E 120 -17.52 -17.00 -52.67
N GLY E 121 -17.97 -17.29 -51.43
CA GLY E 121 -17.10 -17.34 -50.28
C GLY E 121 -17.01 -18.77 -49.77
N VAL E 122 -16.13 -18.98 -48.81
CA VAL E 122 -15.96 -20.29 -48.17
C VAL E 122 -15.76 -20.06 -46.67
N ALA E 123 -16.53 -20.79 -45.86
CA ALA E 123 -16.36 -20.83 -44.42
C ALA E 123 -15.87 -22.22 -44.04
N VAL E 124 -15.16 -22.32 -42.91
CA VAL E 124 -14.59 -23.58 -42.47
C VAL E 124 -14.97 -23.79 -41.01
N GLY E 125 -15.32 -25.04 -40.69
CA GLY E 125 -15.62 -25.38 -39.30
C GLY E 125 -15.07 -26.76 -38.95
N ASP E 126 -15.09 -27.07 -37.66
CA ASP E 126 -14.47 -28.30 -37.16
C ASP E 126 -15.50 -29.32 -36.72
N SER E 127 -16.78 -29.03 -36.93
CA SER E 127 -17.85 -30.03 -36.80
C SER E 127 -18.90 -29.67 -37.84
N PRO E 128 -19.82 -30.60 -38.17
CA PRO E 128 -20.88 -30.27 -39.15
C PRO E 128 -21.77 -29.12 -38.66
N LEU E 129 -21.75 -28.82 -37.35
CA LEU E 129 -22.61 -27.79 -36.78
C LEU E 129 -21.82 -26.50 -36.61
N GLY E 130 -20.57 -26.46 -37.08
CA GLY E 130 -19.74 -25.28 -36.91
C GLY E 130 -18.99 -25.30 -35.59
N PRO E 131 -18.58 -24.14 -35.08
CA PRO E 131 -18.86 -22.83 -35.70
C PRO E 131 -18.12 -22.69 -37.03
N PHE E 132 -18.70 -21.92 -37.97
CA PHE E 132 -18.11 -21.73 -39.28
C PHE E 132 -17.59 -20.30 -39.37
N TYR E 133 -16.39 -20.14 -39.95
CA TYR E 133 -15.81 -18.81 -40.08
C TYR E 133 -15.34 -18.58 -41.50
N ASP E 134 -15.60 -17.38 -42.03
CA ASP E 134 -15.01 -16.89 -43.27
C ASP E 134 -13.49 -16.89 -43.10
N VAL E 135 -12.78 -17.75 -43.83
CA VAL E 135 -11.33 -17.89 -43.63
C VAL E 135 -10.55 -16.99 -44.59
N LEU E 136 -11.23 -16.34 -45.55
CA LEU E 136 -10.53 -15.46 -46.49
C LEU E 136 -10.77 -13.97 -46.21
N GLY E 137 -11.96 -13.58 -45.74
CA GLY E 137 -12.26 -12.17 -45.55
C GLY E 137 -12.60 -11.50 -46.89
N LYS E 138 -12.78 -12.29 -47.95
CA LYS E 138 -13.01 -11.79 -49.29
C LYS E 138 -13.55 -12.98 -50.10
N PRO E 139 -13.99 -12.77 -51.35
CA PRO E 139 -14.46 -13.90 -52.15
C PRO E 139 -13.37 -14.94 -52.39
N LEU E 140 -13.83 -16.22 -52.42
CA LEU E 140 -12.99 -17.28 -52.94
C LEU E 140 -12.84 -17.11 -54.46
N VAL E 141 -13.93 -16.71 -55.13
CA VAL E 141 -13.91 -16.48 -56.57
C VAL E 141 -14.98 -15.45 -56.88
N GLN E 142 -14.65 -14.52 -57.78
CA GLN E 142 -15.61 -13.61 -58.36
C GLN E 142 -15.25 -13.43 -59.83
N SER E 143 -16.21 -13.68 -60.72
CA SER E 143 -16.01 -13.51 -62.15
C SER E 143 -16.65 -12.20 -62.59
N GLU E 144 -16.97 -12.07 -63.88
CA GLU E 144 -17.58 -10.83 -64.35
C GLU E 144 -19.04 -10.70 -63.90
N TRP E 145 -19.75 -11.82 -64.00
CA TRP E 145 -21.11 -11.91 -63.51
C TRP E 145 -21.57 -13.37 -63.59
N GLY E 146 -22.46 -13.73 -62.64
CA GLY E 146 -23.16 -15.00 -62.56
C GLY E 146 -22.65 -15.89 -61.41
N ASP E 147 -22.12 -15.27 -60.35
CA ASP E 147 -21.44 -16.03 -59.31
C ASP E 147 -22.44 -16.48 -58.24
N ILE E 148 -23.19 -17.54 -58.57
CA ILE E 148 -24.10 -18.18 -57.63
C ILE E 148 -23.92 -19.70 -57.73
N ASP E 149 -24.48 -20.41 -56.75
CA ASP E 149 -24.77 -21.83 -56.75
C ASP E 149 -23.55 -22.72 -56.89
N PRO E 150 -22.56 -22.65 -55.98
CA PRO E 150 -21.40 -23.53 -56.09
C PRO E 150 -21.72 -24.97 -55.70
N THR E 151 -21.04 -25.90 -56.39
CA THR E 151 -20.94 -27.29 -55.96
C THR E 151 -19.45 -27.65 -55.96
N VAL E 152 -19.07 -28.44 -54.96
CA VAL E 152 -17.70 -28.88 -54.78
C VAL E 152 -17.70 -30.40 -54.59
N PHE E 153 -16.76 -31.06 -55.25
CA PHE E 153 -16.66 -32.50 -55.11
C PHE E 153 -15.20 -32.90 -54.97
N ILE E 154 -14.92 -33.73 -53.94
CA ILE E 154 -13.60 -34.31 -53.78
C ILE E 154 -13.58 -35.72 -54.39
N ASP E 155 -12.68 -35.90 -55.38
CA ASP E 155 -12.61 -37.13 -56.13
C ASP E 155 -11.91 -38.22 -55.32
N ASP E 156 -11.84 -39.42 -55.93
CA ASP E 156 -11.20 -40.56 -55.29
C ASP E 156 -9.71 -40.32 -55.07
N ASP E 157 -9.08 -39.64 -56.03
CA ASP E 157 -7.64 -39.36 -55.92
C ASP E 157 -7.37 -38.18 -54.98
N GLY E 158 -8.40 -37.57 -54.38
CA GLY E 158 -8.18 -36.51 -53.42
C GLY E 158 -8.15 -35.08 -54.00
N GLN E 159 -8.29 -34.95 -55.34
CA GLN E 159 -8.37 -33.62 -55.93
C GLN E 159 -9.81 -33.10 -55.98
N ALA E 160 -9.97 -31.79 -55.69
CA ALA E 160 -11.27 -31.15 -55.54
C ALA E 160 -11.63 -30.28 -56.75
N HIS E 161 -12.92 -30.28 -57.10
CA HIS E 161 -13.42 -29.63 -58.30
C HIS E 161 -14.61 -28.77 -57.90
N MET E 162 -14.71 -27.57 -58.50
CA MET E 162 -15.84 -26.70 -58.22
C MET E 162 -16.51 -26.28 -59.53
N TYR E 163 -17.84 -26.43 -59.57
CA TYR E 163 -18.67 -25.86 -60.63
C TYR E 163 -19.64 -24.85 -60.01
N TRP E 164 -20.07 -23.87 -60.82
CA TRP E 164 -21.07 -22.91 -60.35
C TRP E 164 -21.57 -22.12 -61.54
N GLY E 165 -22.53 -21.22 -61.31
CA GLY E 165 -22.83 -20.22 -62.32
C GLY E 165 -24.29 -20.13 -62.77
N ASN E 166 -24.72 -18.92 -63.10
CA ASN E 166 -25.98 -18.61 -63.78
C ASN E 166 -25.81 -17.24 -64.41
N PRO E 167 -25.84 -17.11 -65.76
CA PRO E 167 -26.26 -18.15 -66.71
C PRO E 167 -25.18 -19.13 -67.17
N LYS E 168 -23.90 -18.75 -66.99
CA LYS E 168 -22.80 -19.52 -67.55
C LYS E 168 -22.26 -20.49 -66.53
N LEU E 169 -22.20 -21.79 -66.93
CA LEU E 169 -21.56 -22.77 -66.06
C LEU E 169 -20.05 -22.57 -66.12
N LYS E 170 -19.45 -22.45 -64.93
CA LYS E 170 -18.03 -22.20 -64.77
C LYS E 170 -17.43 -23.28 -63.88
N TYR E 171 -16.11 -23.45 -63.99
CA TYR E 171 -15.39 -24.55 -63.36
C TYR E 171 -14.01 -24.07 -62.95
N VAL E 172 -13.54 -24.55 -61.79
CA VAL E 172 -12.15 -24.35 -61.38
C VAL E 172 -11.67 -25.58 -60.65
N LYS E 173 -10.36 -25.81 -60.73
CA LYS E 173 -9.70 -26.84 -59.98
C LYS E 173 -9.28 -26.25 -58.63
N LEU E 174 -9.76 -26.81 -57.53
CA LEU E 174 -9.42 -26.28 -56.22
C LEU E 174 -8.11 -26.86 -55.76
N ASN E 175 -7.36 -26.06 -55.01
CA ASN E 175 -6.15 -26.57 -54.40
C ASN E 175 -6.50 -27.57 -53.29
N GLU E 176 -5.52 -28.39 -52.90
CA GLU E 176 -5.67 -29.27 -51.75
C GLU E 176 -6.25 -28.57 -50.51
N ASP E 177 -5.89 -27.30 -50.25
CA ASP E 177 -6.32 -26.60 -49.05
C ASP E 177 -7.82 -26.25 -49.07
N MET E 178 -8.46 -26.35 -50.24
CA MET E 178 -9.91 -26.22 -50.43
C MET E 178 -10.38 -24.77 -50.34
N ILE E 179 -9.47 -23.80 -50.13
CA ILE E 179 -9.87 -22.41 -49.96
C ILE E 179 -9.13 -21.50 -50.95
N SER E 180 -8.68 -22.10 -52.07
CA SER E 180 -8.00 -21.38 -53.13
C SER E 180 -8.04 -22.21 -54.41
N TYR E 181 -7.65 -21.59 -55.54
CA TYR E 181 -7.64 -22.30 -56.81
C TYR E 181 -6.37 -21.99 -57.63
N SER E 182 -6.17 -22.79 -58.67
CA SER E 182 -4.93 -23.11 -59.35
C SER E 182 -4.66 -22.11 -60.48
N GLY E 183 -5.49 -22.40 -61.52
CA GLY E 183 -5.45 -21.93 -62.88
C GLY E 183 -6.52 -20.88 -63.11
N ASP E 184 -7.22 -20.98 -64.24
CA ASP E 184 -8.19 -19.96 -64.61
C ASP E 184 -9.61 -20.43 -64.33
N ILE E 185 -10.52 -19.46 -64.35
CA ILE E 185 -11.95 -19.75 -64.34
C ILE E 185 -12.30 -20.23 -65.74
N ILE E 186 -12.74 -21.48 -65.82
CA ILE E 186 -13.04 -22.13 -67.09
C ILE E 186 -14.53 -21.97 -67.34
N GLU E 187 -14.88 -21.37 -68.49
CA GLU E 187 -16.27 -21.36 -68.92
C GLU E 187 -16.53 -22.64 -69.70
N VAL E 188 -17.36 -23.51 -69.12
CA VAL E 188 -17.67 -24.78 -69.75
C VAL E 188 -18.42 -24.52 -71.06
N PRO E 189 -18.02 -25.12 -72.19
CA PRO E 189 -18.73 -24.87 -73.45
C PRO E 189 -20.22 -25.21 -73.34
N MET E 190 -21.05 -24.17 -73.49
CA MET E 190 -22.48 -24.34 -73.29
C MET E 190 -23.04 -25.01 -74.54
N THR E 191 -22.81 -26.33 -74.61
CA THR E 191 -23.15 -27.08 -75.83
C THR E 191 -24.41 -27.89 -75.64
N GLU E 192 -25.07 -28.18 -76.75
CA GLU E 192 -26.34 -28.88 -76.71
C GLU E 192 -26.20 -30.39 -76.50
N GLU E 193 -25.05 -30.94 -76.86
CA GLU E 193 -24.75 -32.33 -76.62
C GLU E 193 -24.48 -32.51 -75.13
N SER E 194 -24.09 -31.43 -74.47
CA SER E 194 -23.76 -31.48 -73.07
C SER E 194 -24.99 -31.14 -72.19
N PHE E 195 -25.88 -30.22 -72.64
CA PHE E 195 -26.93 -29.75 -71.76
C PHE E 195 -28.28 -29.56 -72.47
N GLY E 196 -28.45 -30.10 -73.69
CA GLY E 196 -29.73 -30.05 -74.39
C GLY E 196 -29.96 -28.71 -75.07
N LYS E 197 -31.14 -28.56 -75.67
CA LYS E 197 -31.45 -27.35 -76.41
C LYS E 197 -32.61 -26.60 -75.80
N ARG E 198 -32.48 -25.29 -75.72
CA ARG E 198 -33.57 -24.49 -75.25
C ARG E 198 -34.33 -23.84 -76.39
N ASP E 199 -33.67 -22.89 -77.07
CA ASP E 199 -34.31 -22.08 -78.10
C ASP E 199 -35.04 -20.85 -77.53
N GLY E 200 -34.68 -19.66 -78.02
CA GLY E 200 -35.36 -18.44 -77.62
C GLY E 200 -34.44 -17.47 -76.88
N ASN E 201 -33.33 -17.98 -76.33
CA ASN E 201 -32.51 -17.16 -75.47
C ASN E 201 -31.11 -17.28 -75.99
N PRO E 202 -30.43 -16.15 -76.19
CA PRO E 202 -29.06 -16.20 -76.63
C PRO E 202 -28.08 -16.39 -75.48
N GLU E 203 -28.50 -15.98 -74.30
CA GLU E 203 -27.65 -16.17 -73.13
C GLU E 203 -27.93 -17.53 -72.54
N ARG E 204 -28.98 -18.19 -73.06
CA ARG E 204 -29.28 -19.52 -72.60
C ARG E 204 -29.44 -20.43 -73.80
N PRO E 205 -28.29 -20.96 -74.26
CA PRO E 205 -28.32 -21.78 -75.48
C PRO E 205 -28.78 -23.20 -75.18
N THR E 206 -28.62 -23.63 -73.94
CA THR E 206 -28.91 -24.98 -73.54
C THR E 206 -29.97 -24.96 -72.45
N LYS E 207 -30.41 -26.13 -72.05
CA LYS E 207 -31.42 -26.25 -71.00
C LYS E 207 -30.85 -25.84 -69.64
N TYR E 208 -29.51 -25.82 -69.49
CA TYR E 208 -28.91 -25.46 -68.20
C TYR E 208 -29.37 -24.05 -67.76
N GLU E 209 -29.79 -23.94 -66.49
CA GLU E 209 -30.18 -22.68 -65.90
C GLU E 209 -29.24 -22.22 -64.79
N GLU E 210 -28.97 -23.08 -63.81
CA GLU E 210 -28.11 -22.75 -62.67
C GLU E 210 -27.83 -24.01 -61.84
N GLY E 211 -27.38 -23.82 -60.59
CA GLY E 211 -27.47 -24.84 -59.56
C GLY E 211 -26.86 -26.20 -59.83
N PRO E 212 -25.61 -26.27 -60.34
CA PRO E 212 -25.02 -27.57 -60.65
C PRO E 212 -24.72 -28.34 -59.36
N TRP E 213 -24.75 -29.67 -59.46
CA TRP E 213 -24.38 -30.58 -58.41
C TRP E 213 -23.56 -31.72 -58.98
N LEU E 214 -22.32 -31.88 -58.49
CA LEU E 214 -21.38 -32.89 -58.98
C LEU E 214 -21.41 -34.11 -58.05
N TYR E 215 -21.64 -35.28 -58.65
CA TYR E 215 -21.84 -36.53 -57.91
C TYR E 215 -21.13 -37.65 -58.67
N LYS E 216 -20.70 -38.68 -57.92
CA LYS E 216 -20.08 -39.83 -58.57
C LYS E 216 -20.80 -41.12 -58.16
N ARG E 217 -20.97 -42.03 -59.13
CA ARG E 217 -21.48 -43.37 -58.83
C ARG E 217 -20.76 -44.35 -59.73
N LYS E 218 -20.10 -45.33 -59.10
CA LYS E 218 -19.21 -46.29 -59.76
C LYS E 218 -18.20 -45.51 -60.60
N ASP E 219 -18.17 -45.72 -61.93
CA ASP E 219 -17.15 -45.06 -62.75
C ASP E 219 -17.74 -43.90 -63.53
N LEU E 220 -18.93 -43.41 -63.14
CA LEU E 220 -19.58 -42.33 -63.87
C LEU E 220 -19.72 -41.09 -62.99
N TYR E 221 -19.39 -39.93 -63.58
CA TYR E 221 -19.65 -38.63 -62.95
C TYR E 221 -20.96 -38.07 -63.49
N TYR E 222 -21.76 -37.49 -62.57
CA TYR E 222 -23.03 -36.86 -62.90
C TYR E 222 -22.98 -35.39 -62.50
N LEU E 223 -23.53 -34.54 -63.37
CA LEU E 223 -23.79 -33.15 -63.03
C LEU E 223 -25.30 -32.93 -63.13
N PHE E 224 -25.97 -32.77 -61.99
CA PHE E 224 -27.38 -32.45 -61.94
C PHE E 224 -27.55 -30.94 -61.97
N TRP E 225 -28.65 -30.46 -62.55
CA TRP E 225 -28.80 -29.01 -62.62
C TRP E 225 -30.27 -28.64 -62.84
N PRO E 226 -30.75 -27.54 -62.23
CA PRO E 226 -31.98 -26.91 -62.69
C PRO E 226 -31.86 -26.52 -64.16
N GLY E 227 -32.92 -26.77 -64.89
CA GLY E 227 -33.03 -26.35 -66.26
C GLY E 227 -34.23 -25.44 -66.51
N GLY E 228 -34.08 -24.61 -67.55
CA GLY E 228 -35.12 -23.73 -68.01
C GLY E 228 -35.54 -24.08 -69.44
N PRO E 229 -36.51 -23.34 -70.03
CA PRO E 229 -37.11 -22.12 -69.42
C PRO E 229 -37.98 -22.47 -68.20
N LEU E 230 -38.16 -21.48 -67.32
CA LEU E 230 -39.00 -21.63 -66.15
C LEU E 230 -40.43 -22.02 -66.54
N PRO E 231 -41.16 -22.79 -65.71
CA PRO E 231 -40.74 -23.29 -64.39
C PRO E 231 -39.62 -24.33 -64.50
N GLU E 232 -38.70 -24.29 -63.53
CA GLU E 232 -37.48 -25.08 -63.62
C GLU E 232 -37.76 -26.56 -63.42
N PHE E 233 -36.98 -27.36 -64.13
CA PHE E 233 -36.98 -28.81 -63.97
C PHE E 233 -35.58 -29.20 -63.53
N ILE E 234 -35.33 -30.50 -63.30
CA ILE E 234 -33.98 -30.96 -63.02
C ILE E 234 -33.56 -31.90 -64.15
N GLY E 235 -32.48 -31.51 -64.84
CA GLY E 235 -31.81 -32.37 -65.80
C GLY E 235 -30.46 -32.84 -65.28
N TYR E 236 -29.80 -33.71 -66.04
CA TYR E 236 -28.48 -34.17 -65.65
C TYR E 236 -27.61 -34.42 -66.90
N SER E 237 -26.29 -34.44 -66.67
CA SER E 237 -25.30 -34.78 -67.64
C SER E 237 -24.35 -35.82 -67.03
N THR E 238 -23.61 -36.54 -67.87
CA THR E 238 -22.67 -37.55 -67.43
C THR E 238 -21.31 -37.31 -68.06
N SER E 239 -20.28 -37.89 -67.44
CA SER E 239 -18.93 -37.85 -67.95
C SER E 239 -18.15 -39.02 -67.34
N LYS E 240 -16.98 -39.28 -67.94
CA LYS E 240 -16.02 -40.22 -67.34
C LYS E 240 -15.03 -39.48 -66.46
N SER E 241 -14.98 -38.15 -66.57
CA SER E 241 -14.08 -37.34 -65.76
C SER E 241 -14.86 -36.24 -65.04
N ALA E 242 -14.35 -35.82 -63.88
CA ALA E 242 -14.98 -34.77 -63.10
C ALA E 242 -14.89 -33.42 -63.81
N LYS E 243 -13.86 -33.24 -64.66
CA LYS E 243 -13.66 -31.94 -65.29
C LYS E 243 -14.41 -31.87 -66.63
N GLY E 244 -15.10 -32.94 -67.03
CA GLY E 244 -15.76 -32.97 -68.32
C GLY E 244 -15.00 -33.87 -69.28
N PRO E 245 -15.43 -33.96 -70.56
CA PRO E 245 -16.54 -33.18 -71.12
C PRO E 245 -17.92 -33.77 -70.74
N TRP E 246 -19.00 -32.97 -70.86
CA TRP E 246 -20.29 -33.42 -70.35
C TRP E 246 -21.22 -33.87 -71.45
N LYS E 247 -22.03 -34.89 -71.17
CA LYS E 247 -22.96 -35.48 -72.12
C LYS E 247 -24.36 -35.38 -71.56
N TYR E 248 -25.29 -34.75 -72.30
CA TYR E 248 -26.66 -34.63 -71.81
C TYR E 248 -27.26 -36.00 -71.52
N GLY E 249 -27.91 -36.13 -70.36
CA GLY E 249 -28.47 -37.40 -69.94
C GLY E 249 -29.98 -37.44 -70.12
N GLY E 250 -30.69 -36.38 -69.75
CA GLY E 250 -32.12 -36.32 -69.87
C GLY E 250 -32.70 -35.50 -68.72
N ILE E 251 -34.01 -35.63 -68.53
CA ILE E 251 -34.71 -34.94 -67.46
C ILE E 251 -34.80 -35.91 -66.29
N VAL E 252 -34.33 -35.47 -65.12
CA VAL E 252 -34.50 -36.26 -63.90
C VAL E 252 -35.91 -36.02 -63.32
N MET E 253 -36.34 -34.74 -63.28
CA MET E 253 -37.64 -34.47 -62.70
C MET E 253 -38.26 -33.22 -63.33
N PRO E 254 -39.41 -33.38 -64.02
CA PRO E 254 -40.10 -32.23 -64.62
C PRO E 254 -40.60 -31.27 -63.55
N ALA E 255 -40.83 -30.02 -63.97
CA ALA E 255 -41.41 -28.97 -63.15
C ALA E 255 -42.76 -29.43 -62.58
N GLU E 256 -43.00 -29.14 -61.31
CA GLU E 256 -44.23 -29.61 -60.66
C GLU E 256 -44.46 -28.84 -59.37
N GLY E 257 -45.70 -28.42 -59.15
CA GLY E 257 -46.12 -27.76 -57.92
C GLY E 257 -45.99 -26.23 -57.90
N LYS E 258 -45.79 -25.67 -56.70
CA LYS E 258 -45.94 -24.23 -56.52
C LYS E 258 -44.63 -23.43 -56.56
N SER E 259 -43.50 -24.09 -56.75
CA SER E 259 -42.22 -23.37 -56.73
C SER E 259 -41.66 -23.31 -58.15
N PHE E 260 -41.46 -22.12 -58.68
CA PHE E 260 -40.93 -22.00 -60.04
C PHE E 260 -39.43 -22.37 -60.13
N THR E 261 -38.76 -22.57 -58.98
CA THR E 261 -37.42 -23.12 -58.97
C THR E 261 -37.46 -24.53 -58.40
N ASN E 262 -36.43 -25.33 -58.78
CA ASN E 262 -36.09 -26.56 -58.10
C ASN E 262 -34.58 -26.61 -58.06
N HIS E 263 -34.05 -27.28 -57.03
CA HIS E 263 -32.62 -27.27 -56.79
C HIS E 263 -32.18 -28.62 -56.25
N PRO E 264 -31.29 -29.33 -56.97
CA PRO E 264 -31.00 -30.73 -56.61
C PRO E 264 -29.78 -30.89 -55.70
N GLY E 265 -29.88 -31.91 -54.82
CA GLY E 265 -28.73 -32.42 -54.09
C GLY E 265 -28.78 -33.95 -54.07
N VAL E 266 -27.70 -34.62 -54.51
CA VAL E 266 -27.73 -36.07 -54.65
C VAL E 266 -26.61 -36.67 -53.79
N ILE E 267 -26.90 -37.78 -53.11
CA ILE E 267 -25.89 -38.36 -52.25
C ILE E 267 -26.24 -39.81 -51.90
N ASP E 268 -25.21 -40.62 -51.64
CA ASP E 268 -25.37 -41.99 -51.13
C ASP E 268 -25.36 -42.01 -49.61
N PHE E 269 -26.24 -42.83 -49.03
CA PHE E 269 -26.29 -43.03 -47.60
C PHE E 269 -26.72 -44.49 -47.36
N ARG E 270 -25.86 -45.25 -46.66
CA ARG E 270 -26.11 -46.64 -46.29
C ARG E 270 -26.61 -47.46 -47.47
N GLY E 271 -25.96 -47.29 -48.63
CA GLY E 271 -26.18 -48.15 -49.78
C GLY E 271 -27.37 -47.74 -50.66
N LYS E 272 -28.02 -46.61 -50.36
CA LYS E 272 -29.04 -46.09 -51.27
C LYS E 272 -28.67 -44.69 -51.68
N THR E 273 -29.20 -44.25 -52.84
CA THR E 273 -28.97 -42.90 -53.29
C THR E 273 -30.23 -42.07 -53.12
N TYR E 274 -30.06 -40.83 -52.62
CA TYR E 274 -31.18 -39.95 -52.32
C TYR E 274 -31.07 -38.67 -53.12
N PHE E 275 -32.24 -38.24 -53.62
CA PHE E 275 -32.44 -37.04 -54.41
C PHE E 275 -33.20 -36.05 -53.54
N PHE E 276 -32.47 -35.01 -53.08
CA PHE E 276 -33.04 -33.89 -52.36
C PHE E 276 -33.39 -32.80 -53.37
N TYR E 277 -34.51 -32.14 -53.11
CA TYR E 277 -34.99 -31.08 -53.96
C TYR E 277 -35.85 -30.17 -53.09
N HIS E 278 -36.58 -29.24 -53.70
CA HIS E 278 -37.52 -28.45 -52.91
C HIS E 278 -38.75 -28.14 -53.78
N ASN E 279 -39.82 -27.71 -53.09
CA ASN E 279 -41.06 -27.37 -53.76
C ASN E 279 -41.74 -26.29 -52.92
N GLY E 280 -43.05 -26.05 -53.20
CA GLY E 280 -43.79 -25.10 -52.40
C GLY E 280 -45.03 -25.70 -51.72
N ALA E 281 -44.86 -26.84 -51.04
CA ALA E 281 -45.99 -27.64 -50.60
C ALA E 281 -46.46 -27.37 -49.18
N LEU E 282 -45.81 -26.48 -48.42
CA LEU E 282 -46.30 -26.23 -47.05
C LEU E 282 -47.46 -25.23 -47.11
N PRO E 283 -48.26 -25.10 -46.05
CA PRO E 283 -49.20 -23.98 -45.98
C PRO E 283 -48.44 -22.67 -46.17
N GLY E 284 -49.00 -21.81 -47.03
CA GLY E 284 -48.35 -20.56 -47.34
C GLY E 284 -47.12 -20.72 -48.24
N GLY E 285 -46.91 -21.93 -48.80
CA GLY E 285 -45.76 -22.17 -49.63
C GLY E 285 -45.91 -21.55 -51.01
N SER E 286 -44.76 -21.27 -51.64
CA SER E 286 -44.70 -20.55 -52.90
C SER E 286 -43.25 -20.62 -53.41
N GLY E 287 -42.99 -19.90 -54.51
CA GLY E 287 -41.62 -19.84 -55.04
C GLY E 287 -40.65 -19.10 -54.10
N PHE E 288 -41.18 -18.34 -53.14
CA PHE E 288 -40.32 -17.61 -52.21
C PHE E 288 -40.51 -18.10 -50.76
N THR E 289 -41.32 -19.15 -50.57
CA THR E 289 -41.52 -19.80 -49.27
C THR E 289 -41.50 -21.30 -49.53
N ARG E 290 -40.29 -21.82 -49.76
CA ARG E 290 -40.14 -23.17 -50.27
C ARG E 290 -39.94 -24.16 -49.11
N SER E 291 -39.87 -25.44 -49.45
CA SER E 291 -39.73 -26.51 -48.48
C SER E 291 -38.92 -27.65 -49.13
N VAL E 292 -37.93 -28.14 -48.37
CA VAL E 292 -37.03 -29.16 -48.85
C VAL E 292 -37.72 -30.54 -48.80
N CYS E 293 -37.45 -31.37 -49.84
CA CYS E 293 -38.04 -32.68 -49.97
C CYS E 293 -36.93 -33.69 -50.32
N VAL E 294 -37.23 -34.98 -50.15
CA VAL E 294 -36.29 -36.01 -50.54
C VAL E 294 -37.03 -37.26 -50.98
N GLN E 295 -36.48 -37.96 -51.98
CA GLN E 295 -36.98 -39.27 -52.34
C GLN E 295 -35.81 -40.08 -52.89
N GLU E 296 -35.99 -41.41 -52.94
CA GLU E 296 -34.93 -42.28 -53.41
C GLU E 296 -34.70 -42.05 -54.91
N LEU E 297 -33.42 -42.14 -55.32
CA LEU E 297 -33.03 -42.03 -56.72
C LEU E 297 -32.66 -43.42 -57.24
N ASN E 298 -33.36 -43.87 -58.31
CA ASN E 298 -33.11 -45.16 -58.92
C ASN E 298 -32.29 -44.99 -60.21
N PHE E 299 -31.37 -45.94 -60.47
CA PHE E 299 -30.60 -45.95 -61.70
C PHE E 299 -30.95 -47.18 -62.55
N ASN E 300 -30.82 -47.08 -63.86
CA ASN E 300 -30.81 -48.24 -64.73
C ASN E 300 -29.43 -48.90 -64.63
N LYS E 301 -29.33 -50.14 -65.17
CA LYS E 301 -28.07 -50.88 -65.08
C LYS E 301 -26.91 -50.16 -65.78
N ASP E 302 -27.20 -49.37 -66.82
CA ASP E 302 -26.12 -48.66 -67.52
C ASP E 302 -25.71 -47.35 -66.82
N GLY E 303 -26.42 -46.97 -65.73
CA GLY E 303 -26.08 -45.74 -65.04
C GLY E 303 -26.90 -44.51 -65.46
N THR E 304 -27.77 -44.65 -66.46
CA THR E 304 -28.70 -43.56 -66.76
C THR E 304 -29.83 -43.60 -65.72
N ILE E 305 -30.61 -42.51 -65.70
CA ILE E 305 -31.57 -42.27 -64.64
C ILE E 305 -32.96 -42.17 -65.26
N PRO E 306 -33.92 -43.01 -64.86
CA PRO E 306 -35.28 -42.86 -65.35
C PRO E 306 -35.94 -41.61 -64.77
N GLN E 307 -36.69 -40.92 -65.62
CA GLN E 307 -37.46 -39.74 -65.22
C GLN E 307 -38.41 -40.11 -64.09
N MET E 308 -38.56 -39.19 -63.14
CA MET E 308 -39.42 -39.44 -62.01
C MET E 308 -40.23 -38.19 -61.69
N LYS E 309 -41.36 -38.41 -61.03
CA LYS E 309 -42.18 -37.31 -60.58
C LYS E 309 -42.02 -37.18 -59.07
N MET E 310 -42.65 -36.15 -58.50
CA MET E 310 -42.57 -35.97 -57.07
C MET E 310 -43.39 -37.04 -56.38
N THR E 311 -42.76 -37.68 -55.40
CA THR E 311 -43.39 -38.73 -54.65
C THR E 311 -43.52 -38.19 -53.23
N GLU E 312 -44.12 -39.00 -52.40
CA GLU E 312 -44.36 -38.55 -51.05
C GLU E 312 -43.26 -39.02 -50.13
N GLY E 313 -42.14 -39.43 -50.70
CA GLY E 313 -41.01 -39.73 -49.85
C GLY E 313 -40.70 -41.12 -49.33
N ILE E 314 -39.89 -41.12 -48.28
CA ILE E 314 -39.40 -42.35 -47.70
C ILE E 314 -40.51 -42.98 -46.86
N THR E 315 -40.93 -44.18 -47.20
CA THR E 315 -42.08 -44.82 -46.55
C THR E 315 -41.68 -45.51 -45.25
N LYS E 316 -40.41 -45.90 -45.16
CA LYS E 316 -39.97 -46.63 -44.00
C LYS E 316 -38.62 -46.15 -43.53
N GLY E 317 -38.51 -46.01 -42.21
CA GLY E 317 -37.24 -45.67 -41.59
C GLY E 317 -36.22 -46.79 -41.74
N ILE E 318 -34.96 -46.41 -41.90
CA ILE E 318 -33.91 -47.41 -42.02
C ILE E 318 -33.28 -47.73 -40.67
N ALA E 319 -33.77 -47.10 -39.59
CA ALA E 319 -33.31 -47.36 -38.24
C ALA E 319 -34.41 -46.89 -37.30
N ALA E 320 -34.37 -47.43 -36.07
CA ALA E 320 -35.36 -47.05 -35.06
C ALA E 320 -34.86 -45.82 -34.29
N LEU E 321 -35.80 -45.10 -33.69
CA LEU E 321 -35.46 -44.01 -32.79
C LEU E 321 -35.60 -44.52 -31.35
N ASN E 322 -34.59 -44.17 -30.52
CA ASN E 322 -34.56 -44.66 -29.16
C ASN E 322 -35.26 -43.63 -28.27
N PRO E 323 -36.46 -43.93 -27.70
CA PRO E 323 -37.16 -42.94 -26.89
C PRO E 323 -36.62 -42.79 -25.47
N TYR E 324 -35.62 -43.58 -25.09
CA TYR E 324 -35.12 -43.55 -23.71
C TYR E 324 -33.89 -42.67 -23.57
N GLN E 325 -33.58 -41.90 -24.63
CA GLN E 325 -32.54 -40.87 -24.57
C GLN E 325 -33.21 -39.53 -24.81
N LEU E 326 -32.50 -38.46 -24.42
CA LEU E 326 -32.99 -37.10 -24.71
C LEU E 326 -33.23 -36.97 -26.21
N THR E 327 -34.47 -36.61 -26.56
CA THR E 327 -34.84 -36.44 -27.96
C THR E 327 -35.37 -35.03 -28.12
N GLN E 328 -34.86 -34.32 -29.15
CA GLN E 328 -35.21 -32.90 -29.27
C GLN E 328 -36.65 -32.77 -29.79
N ALA E 329 -37.37 -31.75 -29.29
CA ALA E 329 -38.66 -31.41 -29.85
C ALA E 329 -38.54 -31.07 -31.34
N GLU E 330 -37.36 -30.60 -31.77
CA GLU E 330 -37.11 -30.21 -33.15
C GLU E 330 -36.59 -31.38 -33.99
N THR E 331 -36.63 -32.60 -33.43
CA THR E 331 -36.47 -33.82 -34.23
C THR E 331 -37.86 -34.28 -34.64
N ILE E 332 -38.23 -34.03 -35.89
CA ILE E 332 -39.61 -34.14 -36.34
C ILE E 332 -39.68 -34.90 -37.65
N SER E 333 -40.64 -35.81 -37.76
CA SER E 333 -41.03 -36.46 -39.00
C SER E 333 -42.11 -35.63 -39.72
N TRP E 334 -43.27 -35.46 -39.09
CA TRP E 334 -44.32 -34.64 -39.67
C TRP E 334 -44.96 -33.79 -38.58
N SER E 335 -45.42 -32.60 -38.95
CA SER E 335 -45.99 -31.67 -37.98
C SER E 335 -47.01 -30.78 -38.66
N GLU E 336 -47.87 -30.15 -37.85
CA GLU E 336 -48.78 -29.12 -38.34
C GLU E 336 -48.87 -27.99 -37.32
N HIS E 337 -48.86 -26.76 -37.83
CA HIS E 337 -49.05 -25.55 -37.03
C HIS E 337 -47.94 -25.39 -35.97
N VAL E 338 -46.72 -25.76 -36.33
CA VAL E 338 -45.54 -25.64 -35.47
C VAL E 338 -44.43 -24.89 -36.19
N LYS E 339 -43.81 -23.93 -35.48
CA LYS E 339 -42.61 -23.27 -35.96
C LYS E 339 -41.43 -23.40 -34.98
N ALA E 340 -40.21 -23.37 -35.56
CA ALA E 340 -38.98 -23.57 -34.85
C ALA E 340 -38.30 -22.22 -34.58
N PHE E 341 -37.63 -22.14 -33.41
CA PHE E 341 -36.91 -20.94 -33.00
C PHE E 341 -35.63 -21.37 -32.30
N GLN E 342 -34.78 -20.40 -31.95
CA GLN E 342 -33.64 -20.80 -31.11
C GLN E 342 -33.14 -19.62 -30.26
N ASN E 343 -32.46 -19.96 -29.17
CA ASN E 343 -31.79 -18.97 -28.35
C ASN E 343 -30.57 -19.64 -27.71
N ASP E 344 -29.77 -18.84 -27.01
CA ASP E 344 -28.51 -19.29 -26.47
C ASP E 344 -28.62 -20.18 -25.24
N LYS E 345 -29.75 -20.12 -24.56
CA LYS E 345 -29.96 -20.88 -23.35
C LYS E 345 -30.32 -22.36 -23.59
N VAL E 346 -31.27 -22.62 -24.50
CA VAL E 346 -31.75 -23.98 -24.71
C VAL E 346 -31.39 -24.48 -26.10
N GLY E 347 -31.02 -23.58 -27.02
CA GLY E 347 -30.75 -24.00 -28.36
C GLY E 347 -32.02 -23.88 -29.19
N VAL E 348 -32.27 -24.87 -30.06
CA VAL E 348 -33.45 -24.88 -30.91
C VAL E 348 -34.61 -25.46 -30.12
N PHE E 349 -35.80 -24.87 -30.34
CA PHE E 349 -37.01 -25.35 -29.68
C PHE E 349 -38.17 -25.10 -30.65
N VAL E 350 -39.36 -25.54 -30.27
CA VAL E 350 -40.54 -25.40 -31.13
C VAL E 350 -41.71 -24.76 -30.40
N ARG E 351 -42.54 -24.04 -31.15
CA ARG E 351 -43.71 -23.37 -30.64
C ARG E 351 -44.95 -23.82 -31.39
N ALA E 352 -45.97 -24.22 -30.63
CA ALA E 352 -47.26 -24.52 -31.23
C ALA E 352 -47.97 -23.19 -31.46
N LEU E 353 -48.39 -22.97 -32.71
CA LEU E 353 -49.01 -21.69 -33.06
C LEU E 353 -50.52 -21.64 -32.77
N GLN E 354 -51.16 -22.80 -32.57
CA GLN E 354 -52.61 -22.80 -32.35
C GLN E 354 -53.01 -24.14 -31.72
N ASN E 355 -54.25 -24.19 -31.23
CA ASN E 355 -54.75 -25.37 -30.55
C ASN E 355 -54.80 -26.54 -31.54
N GLY E 356 -54.36 -27.70 -31.08
CA GLY E 356 -54.36 -28.91 -31.87
C GLY E 356 -53.16 -29.03 -32.82
N ALA E 357 -52.19 -28.09 -32.76
CA ALA E 357 -50.93 -28.27 -33.46
C ALA E 357 -50.24 -29.53 -32.95
N TYR E 358 -49.38 -30.13 -33.78
CA TYR E 358 -48.74 -31.35 -33.32
C TYR E 358 -47.40 -31.54 -34.02
N THR E 359 -46.53 -32.32 -33.34
CA THR E 359 -45.36 -32.92 -33.96
C THR E 359 -45.46 -34.43 -33.91
N SER E 360 -44.66 -35.10 -34.75
CA SER E 360 -44.68 -36.54 -34.79
C SER E 360 -43.27 -37.08 -35.01
N VAL E 361 -43.01 -38.23 -34.42
CA VAL E 361 -41.78 -38.98 -34.64
C VAL E 361 -42.20 -40.40 -35.06
N LYS E 362 -41.50 -40.99 -36.00
CA LYS E 362 -41.85 -42.29 -36.52
C LYS E 362 -40.86 -43.39 -36.16
N ASN E 363 -41.34 -44.65 -36.13
CA ASN E 363 -40.45 -45.80 -35.96
C ASN E 363 -39.70 -45.75 -34.62
N VAL E 364 -40.42 -45.45 -33.53
CA VAL E 364 -39.84 -45.33 -32.21
C VAL E 364 -39.95 -46.68 -31.51
N ASP E 365 -38.82 -47.21 -31.05
CA ASP E 365 -38.76 -48.57 -30.52
C ASP E 365 -38.74 -48.52 -29.00
N PHE E 366 -39.92 -48.72 -28.39
CA PHE E 366 -40.03 -48.73 -26.93
C PHE E 366 -39.59 -50.07 -26.33
N GLY E 367 -39.40 -51.11 -27.16
CA GLY E 367 -38.87 -52.40 -26.72
C GLY E 367 -39.91 -53.26 -26.01
N ASP E 368 -39.40 -54.29 -25.33
CA ASP E 368 -40.22 -55.32 -24.70
C ASP E 368 -40.69 -54.92 -23.33
N ILE E 369 -39.84 -54.20 -22.56
CA ILE E 369 -40.20 -53.83 -21.19
C ILE E 369 -41.19 -52.67 -21.25
N GLY E 370 -40.75 -51.56 -21.87
CA GLY E 370 -41.60 -50.44 -22.18
C GLY E 370 -41.36 -49.24 -21.24
N ALA E 371 -41.98 -48.13 -21.64
CA ALA E 371 -41.89 -46.87 -20.92
C ALA E 371 -43.06 -46.75 -19.95
N SER E 372 -42.76 -46.25 -18.74
CA SER E 372 -43.80 -46.02 -17.72
C SER E 372 -43.91 -44.56 -17.35
N ALA E 373 -42.86 -43.75 -17.63
CA ALA E 373 -42.86 -42.34 -17.30
C ALA E 373 -42.44 -41.54 -18.54
N PHE E 374 -42.65 -40.21 -18.48
CA PHE E 374 -42.28 -39.32 -19.55
C PHE E 374 -41.85 -37.99 -18.95
N SER E 375 -40.83 -37.39 -19.57
CA SER E 375 -40.31 -36.10 -19.15
C SER E 375 -40.25 -35.16 -20.35
N ALA E 376 -40.49 -33.86 -20.12
CA ALA E 376 -40.37 -32.88 -21.19
C ALA E 376 -40.03 -31.50 -20.62
N ARG E 377 -39.13 -30.78 -21.32
CA ARG E 377 -38.87 -29.38 -20.99
C ARG E 377 -39.78 -28.48 -21.85
N VAL E 378 -40.63 -27.70 -21.17
CA VAL E 378 -41.73 -26.99 -21.82
C VAL E 378 -41.99 -25.67 -21.11
N GLY E 379 -42.84 -24.83 -21.73
CA GLY E 379 -43.36 -23.66 -21.03
C GLY E 379 -44.46 -23.02 -21.83
N THR E 380 -45.12 -22.05 -21.21
CA THR E 380 -46.20 -21.30 -21.87
C THR E 380 -46.32 -19.91 -21.24
N THR E 381 -46.90 -19.00 -22.00
CA THR E 381 -47.17 -17.66 -21.52
C THR E 381 -48.62 -17.51 -21.00
N HIS E 382 -49.43 -18.56 -21.08
CA HIS E 382 -50.84 -18.52 -20.67
C HIS E 382 -51.00 -19.05 -19.24
N ASN E 383 -52.06 -18.57 -18.57
CA ASN E 383 -52.30 -18.87 -17.17
C ASN E 383 -53.33 -20.01 -17.06
N GLY E 384 -52.88 -21.24 -17.16
CA GLY E 384 -53.80 -22.36 -17.03
C GLY E 384 -54.28 -22.89 -18.36
N GLY E 385 -54.72 -24.13 -18.36
CA GLY E 385 -55.52 -24.64 -19.49
C GLY E 385 -54.66 -25.18 -20.64
N VAL E 386 -53.36 -25.36 -20.42
CA VAL E 386 -52.46 -25.75 -21.50
C VAL E 386 -52.01 -27.17 -21.21
N THR E 387 -52.20 -28.04 -22.20
CA THR E 387 -51.82 -29.44 -22.04
C THR E 387 -51.08 -29.88 -23.29
N MET E 388 -50.26 -30.93 -23.12
CA MET E 388 -49.63 -31.62 -24.24
C MET E 388 -49.97 -33.09 -24.12
N GLU E 389 -50.63 -33.64 -25.14
CA GLU E 389 -51.04 -35.03 -25.17
C GLU E 389 -49.98 -35.85 -25.90
N ILE E 390 -49.58 -36.98 -25.29
CA ILE E 390 -48.81 -38.00 -25.97
C ILE E 390 -49.78 -39.04 -26.54
N ARG E 391 -49.80 -39.15 -27.87
CA ARG E 391 -50.66 -40.10 -28.55
C ARG E 391 -49.86 -41.05 -29.43
N MET E 392 -50.45 -42.21 -29.72
CA MET E 392 -49.81 -43.19 -30.60
C MET E 392 -50.52 -43.21 -31.95
N GLY E 393 -49.74 -43.33 -33.05
CA GLY E 393 -50.30 -43.64 -34.34
C GLY E 393 -50.76 -42.43 -35.16
N SER E 394 -51.47 -41.50 -34.50
CA SER E 394 -51.96 -40.31 -35.16
C SER E 394 -52.30 -39.28 -34.09
N GLN E 395 -52.67 -38.08 -34.51
CA GLN E 395 -53.01 -37.01 -33.58
C GLN E 395 -54.36 -37.25 -32.89
N GLU E 396 -55.10 -38.27 -33.33
CA GLU E 396 -56.34 -38.68 -32.70
C GLU E 396 -56.22 -40.08 -32.13
N GLY E 397 -54.99 -40.60 -32.07
CA GLY E 397 -54.82 -41.98 -31.64
C GLY E 397 -54.91 -42.06 -30.13
N PRO E 398 -54.70 -43.27 -29.61
CA PRO E 398 -54.85 -43.49 -28.18
C PRO E 398 -53.92 -42.59 -27.38
N ILE E 399 -54.44 -42.01 -26.29
CA ILE E 399 -53.66 -41.12 -25.44
C ILE E 399 -52.91 -41.95 -24.41
N ALA E 400 -51.58 -41.87 -24.41
CA ALA E 400 -50.73 -42.53 -23.42
C ALA E 400 -50.53 -41.66 -22.16
N GLY E 401 -50.61 -40.33 -22.29
CA GLY E 401 -50.36 -39.46 -21.16
C GLY E 401 -50.65 -38.01 -21.52
N THR E 402 -50.95 -37.21 -20.49
CA THR E 402 -51.19 -35.79 -20.67
C THR E 402 -50.30 -35.00 -19.70
N VAL E 403 -49.62 -33.97 -20.24
CA VAL E 403 -48.71 -33.12 -19.50
C VAL E 403 -49.34 -31.75 -19.33
N LYS E 404 -49.47 -31.30 -18.09
CA LYS E 404 -49.92 -29.93 -17.79
C LYS E 404 -48.72 -28.99 -17.92
N VAL E 405 -48.82 -28.02 -18.83
CA VAL E 405 -47.70 -27.13 -19.11
C VAL E 405 -47.82 -25.91 -18.22
N PRO E 406 -46.80 -25.59 -17.40
CA PRO E 406 -46.92 -24.48 -16.47
C PRO E 406 -46.60 -23.12 -17.10
N LEU E 407 -47.13 -22.07 -16.48
CA LEU E 407 -46.83 -20.72 -16.91
C LEU E 407 -45.38 -20.42 -16.58
N THR E 408 -44.60 -19.99 -17.58
CA THR E 408 -43.21 -19.60 -17.32
C THR E 408 -42.93 -18.14 -17.66
N GLY E 409 -43.78 -17.52 -18.51
CA GLY E 409 -43.66 -16.09 -18.80
C GLY E 409 -43.21 -15.78 -20.22
N GLY E 410 -42.49 -16.72 -20.87
CA GLY E 410 -41.92 -16.48 -22.18
C GLY E 410 -40.90 -17.56 -22.50
N ASP E 411 -40.52 -17.68 -23.77
CA ASP E 411 -39.67 -18.79 -24.19
C ASP E 411 -38.21 -18.63 -23.75
N ASP E 412 -37.96 -17.64 -22.87
CA ASP E 412 -36.67 -17.56 -22.17
C ASP E 412 -36.76 -18.25 -20.80
N ARG E 413 -37.94 -18.81 -20.44
CA ARG E 413 -38.08 -19.48 -19.15
C ARG E 413 -38.73 -20.84 -19.37
N TRP E 414 -38.23 -21.86 -18.67
CA TRP E 414 -38.60 -23.24 -18.96
C TRP E 414 -38.73 -24.02 -17.68
N GLU E 415 -39.56 -25.10 -17.75
CA GLU E 415 -39.71 -26.04 -16.66
C GLU E 415 -39.64 -27.45 -17.23
N ILE E 416 -39.17 -28.39 -16.39
CA ILE E 416 -39.23 -29.81 -16.72
C ILE E 416 -40.41 -30.46 -15.99
N ILE E 417 -41.26 -31.14 -16.75
CA ILE E 417 -42.43 -31.83 -16.21
C ILE E 417 -42.23 -33.33 -16.37
N ASN E 418 -42.38 -34.05 -15.24
CA ASN E 418 -42.33 -35.52 -15.19
C ASN E 418 -43.72 -36.06 -14.91
N VAL E 419 -44.15 -37.04 -15.72
CA VAL E 419 -45.45 -37.66 -15.51
C VAL E 419 -45.27 -39.17 -15.57
N LYS E 420 -46.21 -39.86 -14.90
CA LYS E 420 -46.38 -41.29 -15.05
C LYS E 420 -47.38 -41.52 -16.19
N LEU E 421 -47.03 -42.43 -17.10
CA LEU E 421 -47.94 -42.75 -18.19
C LEU E 421 -49.13 -43.56 -17.69
N ASP E 422 -50.29 -43.32 -18.27
CA ASP E 422 -51.49 -44.05 -17.91
C ASP E 422 -51.29 -45.53 -18.23
N ARG E 423 -50.60 -45.81 -19.32
CA ARG E 423 -50.36 -47.18 -19.72
C ARG E 423 -48.90 -47.29 -20.17
N LYS E 424 -48.30 -48.46 -19.97
CA LYS E 424 -46.98 -48.70 -20.48
C LYS E 424 -46.99 -48.77 -22.00
N ILE E 425 -45.90 -48.34 -22.63
CA ILE E 425 -45.82 -48.36 -24.07
C ILE E 425 -44.68 -49.29 -24.45
N THR E 426 -44.97 -50.21 -25.38
CA THR E 426 -44.00 -51.21 -25.79
C THR E 426 -44.01 -51.30 -27.31
N GLY E 427 -42.94 -51.88 -27.88
CA GLY E 427 -42.84 -52.11 -29.31
C GLY E 427 -42.62 -50.87 -30.15
N ILE E 428 -42.77 -51.02 -31.47
CA ILE E 428 -42.56 -49.92 -32.39
C ILE E 428 -43.80 -49.02 -32.43
N GLN E 429 -43.61 -47.70 -32.28
CA GLN E 429 -44.71 -46.75 -32.32
C GLN E 429 -44.33 -45.52 -33.11
N ASP E 430 -45.35 -44.85 -33.62
CA ASP E 430 -45.22 -43.49 -34.08
C ASP E 430 -45.83 -42.61 -32.98
N VAL E 431 -45.05 -41.61 -32.52
CA VAL E 431 -45.44 -40.83 -31.37
C VAL E 431 -45.84 -39.43 -31.82
N TYR E 432 -47.03 -39.01 -31.37
CA TYR E 432 -47.56 -37.69 -31.67
C TYR E 432 -47.64 -36.87 -30.38
N PHE E 433 -47.14 -35.62 -30.45
CA PHE E 433 -47.26 -34.67 -29.37
C PHE E 433 -48.22 -33.58 -29.82
N VAL E 434 -49.39 -33.50 -29.15
CA VAL E 434 -50.47 -32.59 -29.54
C VAL E 434 -50.57 -31.50 -28.48
N PHE E 435 -50.56 -30.23 -28.94
CA PHE E 435 -50.49 -29.09 -28.03
C PHE E 435 -51.85 -28.40 -27.99
N LYS E 436 -52.42 -28.29 -26.79
CA LYS E 436 -53.80 -27.83 -26.63
C LYS E 436 -53.85 -26.69 -25.62
N GLY E 437 -54.67 -25.67 -25.93
CA GLY E 437 -54.90 -24.60 -24.99
C GLY E 437 -56.12 -23.79 -25.43
N LYS E 438 -56.54 -22.86 -24.57
CA LYS E 438 -57.76 -22.10 -24.83
C LYS E 438 -57.50 -20.84 -25.64
N ALA E 439 -56.25 -20.44 -25.80
CA ALA E 439 -55.92 -19.21 -26.48
C ALA E 439 -55.98 -19.43 -27.99
N SER E 440 -55.93 -18.30 -28.71
CA SER E 440 -56.04 -18.36 -30.16
C SER E 440 -54.67 -18.50 -30.83
N SER E 441 -53.58 -18.19 -30.11
CA SER E 441 -52.25 -18.26 -30.71
C SER E 441 -51.21 -18.67 -29.65
N ASN E 442 -50.00 -19.01 -30.13
CA ASN E 442 -48.83 -19.26 -29.28
C ASN E 442 -49.18 -20.09 -28.04
N ILE E 443 -49.57 -21.36 -28.26
CA ILE E 443 -50.08 -22.16 -27.15
C ILE E 443 -48.97 -22.44 -26.14
N MET E 444 -47.80 -22.92 -26.61
CA MET E 444 -46.72 -23.28 -25.72
C MET E 444 -45.44 -23.48 -26.55
N TYR E 445 -44.35 -23.79 -25.82
CA TYR E 445 -43.03 -24.02 -26.41
C TYR E 445 -42.44 -25.25 -25.77
N PHE E 446 -41.60 -25.95 -26.55
CA PHE E 446 -41.22 -27.33 -26.30
C PHE E 446 -39.75 -27.49 -26.75
N ASP E 447 -38.90 -28.00 -25.85
CA ASP E 447 -37.46 -28.09 -26.13
C ASP E 447 -37.01 -29.54 -26.39
N TYR E 448 -37.31 -30.46 -25.45
CA TYR E 448 -36.92 -31.84 -25.63
C TYR E 448 -37.86 -32.72 -24.79
N TRP E 449 -37.77 -34.03 -25.03
CA TRP E 449 -38.51 -34.99 -24.23
C TRP E 449 -37.67 -36.26 -24.05
N LYS E 450 -38.13 -37.15 -23.17
CA LYS E 450 -37.53 -38.46 -22.99
C LYS E 450 -38.52 -39.34 -22.21
N PHE E 451 -38.46 -40.66 -22.47
CA PHE E 451 -39.22 -41.63 -21.70
C PHE E 451 -38.27 -42.34 -20.74
N SER E 452 -38.87 -42.92 -19.69
CA SER E 452 -38.14 -43.75 -18.76
C SER E 452 -38.88 -45.07 -18.57
N LYS E 453 -38.13 -46.09 -18.13
CA LYS E 453 -38.58 -47.47 -18.08
C LYS E 453 -39.75 -47.73 -17.12
N GLN F 22 -2.01 25.61 19.10
CA GLN F 22 -2.85 25.78 17.90
C GLN F 22 -4.19 25.94 18.49
N ASN F 23 -4.22 26.73 19.53
CA ASN F 23 -5.44 26.84 20.28
C ASN F 23 -6.08 28.19 20.13
N PRO F 24 -5.34 29.33 20.13
CA PRO F 24 -3.89 29.55 20.32
C PRO F 24 -3.28 29.22 21.68
N ILE F 25 -1.97 28.94 21.74
CA ILE F 25 -1.37 28.46 22.98
C ILE F 25 -1.10 29.57 24.00
N ILE F 26 -1.09 30.84 23.54
CA ILE F 26 -0.96 32.01 24.40
C ILE F 26 -2.14 32.91 24.17
N GLN F 27 -2.86 33.26 25.25
CA GLN F 27 -4.07 34.07 25.11
C GLN F 27 -4.01 35.35 25.93
N THR F 28 -2.95 35.54 26.73
CA THR F 28 -2.93 36.66 27.68
C THR F 28 -2.25 37.90 27.07
N MET F 29 -1.78 37.79 25.81
CA MET F 29 -1.14 38.85 25.07
C MET F 29 -1.13 38.40 23.60
N TYR F 30 -0.91 39.38 22.71
CA TYR F 30 -0.77 39.09 21.32
C TYR F 30 0.70 38.77 21.03
N THR F 31 0.92 37.55 20.50
CA THR F 31 2.27 37.08 20.21
C THR F 31 2.37 36.65 18.77
N ALA F 32 3.58 36.66 18.21
CA ALA F 32 3.75 36.23 16.84
C ALA F 32 5.18 35.74 16.61
N ASP F 33 5.43 35.24 15.40
CA ASP F 33 6.76 34.87 14.92
C ASP F 33 7.47 33.91 15.86
N PRO F 34 6.85 32.75 16.17
CA PRO F 34 7.42 31.87 17.19
C PRO F 34 8.75 31.27 16.73
N ALA F 35 9.67 31.13 17.70
CA ALA F 35 11.00 30.57 17.47
C ALA F 35 11.29 29.61 18.61
N PRO F 36 11.03 28.29 18.42
CA PRO F 36 11.29 27.34 19.49
C PRO F 36 12.77 27.02 19.66
N MET F 37 13.08 26.50 20.85
CA MET F 37 14.43 26.13 21.23
C MET F 37 14.35 25.18 22.43
N VAL F 38 15.11 24.09 22.41
CA VAL F 38 15.13 23.11 23.47
C VAL F 38 16.39 23.31 24.30
N TYR F 39 16.23 23.34 25.63
CA TYR F 39 17.40 23.39 26.50
C TYR F 39 17.10 22.58 27.76
N ASN F 40 18.00 21.64 28.08
CA ASN F 40 17.90 20.81 29.27
C ASN F 40 16.47 20.25 29.48
N ASN F 41 15.89 19.65 28.43
CA ASN F 41 14.59 18.99 28.47
C ASN F 41 13.44 19.97 28.78
N ARG F 42 13.53 21.20 28.27
CA ARG F 42 12.43 22.12 28.39
C ARG F 42 12.33 22.79 27.05
N LEU F 43 11.09 22.90 26.56
CA LEU F 43 10.90 23.56 25.27
C LEU F 43 10.53 25.01 25.49
N TYR F 44 11.37 25.89 24.97
CA TYR F 44 11.11 27.33 24.99
C TYR F 44 10.64 27.76 23.62
N VAL F 45 9.80 28.78 23.58
CA VAL F 45 9.43 29.46 22.34
C VAL F 45 9.58 30.97 22.57
N TYR F 46 10.49 31.58 21.84
CA TYR F 46 10.66 33.02 21.85
C TYR F 46 9.71 33.62 20.81
N THR F 47 9.04 34.73 21.17
CA THR F 47 8.05 35.31 20.29
C THR F 47 8.22 36.83 20.28
N THR F 48 7.69 37.45 19.19
CA THR F 48 7.50 38.87 19.17
C THR F 48 6.17 39.19 19.87
N HIS F 49 5.92 40.49 20.07
CA HIS F 49 4.82 40.97 20.88
C HIS F 49 4.08 42.07 20.10
N ASP F 50 2.83 41.78 19.71
CA ASP F 50 1.97 42.80 19.12
C ASP F 50 1.31 43.58 20.25
N GLU F 51 1.48 44.91 20.23
CA GLU F 51 0.80 45.70 21.27
C GLU F 51 -0.72 45.57 21.10
N ASP F 52 -1.46 45.72 22.21
CA ASP F 52 -2.91 45.81 22.15
C ASP F 52 -3.36 46.93 21.22
N GLN F 53 -4.48 46.70 20.50
CA GLN F 53 -5.17 47.66 19.65
C GLN F 53 -4.30 48.20 18.51
N SER F 54 -3.42 47.37 17.97
CA SER F 54 -2.57 47.79 16.86
C SER F 54 -3.35 47.72 15.55
N THR F 55 -3.15 48.75 14.72
CA THR F 55 -3.63 48.77 13.34
C THR F 55 -2.47 48.73 12.36
N TRP F 56 -1.24 48.75 12.92
CA TRP F 56 -0.01 48.58 12.15
C TRP F 56 0.93 47.74 13.04
N PHE F 57 2.09 47.36 12.52
CA PHE F 57 3.04 46.61 13.34
C PHE F 57 3.61 47.49 14.44
N ASN F 58 3.18 47.22 15.68
CA ASN F 58 3.70 47.92 16.85
C ASN F 58 4.39 46.88 17.71
N MET F 59 5.70 46.68 17.47
CA MET F 59 6.44 45.58 18.08
C MET F 59 7.72 46.14 18.70
N ASN F 60 7.85 45.97 20.02
CA ASN F 60 8.86 46.69 20.79
C ASN F 60 9.77 45.74 21.57
N ASP F 61 9.27 44.56 21.96
CA ASP F 61 10.02 43.72 22.87
C ASP F 61 9.76 42.25 22.50
N TRP F 62 10.58 41.38 23.08
CA TRP F 62 10.51 39.96 22.78
C TRP F 62 10.20 39.21 24.06
N LYS F 63 9.46 38.10 23.91
CA LYS F 63 9.02 37.32 25.05
C LYS F 63 9.58 35.90 24.89
N VAL F 64 9.57 35.15 26.00
CA VAL F 64 9.83 33.71 25.89
C VAL F 64 8.83 32.99 26.79
N TYR F 65 8.27 31.90 26.26
CA TYR F 65 7.40 31.02 27.03
C TYR F 65 8.07 29.64 27.03
N SER F 66 7.66 28.79 27.96
CA SER F 66 8.28 27.48 28.06
C SER F 66 7.22 26.45 28.48
N THR F 67 7.54 25.18 28.18
CA THR F 67 6.66 24.09 28.57
C THR F 67 7.48 22.88 28.94
N ASN F 68 6.88 22.07 29.83
CA ASN F 68 7.34 20.74 30.16
C ASN F 68 6.42 19.64 29.58
N ASP F 69 5.27 20.03 29.01
CA ASP F 69 4.20 19.07 28.77
C ASP F 69 3.42 19.29 27.48
N MET F 70 3.68 20.39 26.76
CA MET F 70 3.09 20.72 25.47
C MET F 70 1.63 21.19 25.56
N VAL F 71 1.06 21.32 26.76
CA VAL F 71 -0.32 21.82 26.89
C VAL F 71 -0.35 23.05 27.81
N ASN F 72 0.61 23.14 28.75
CA ASN F 72 0.71 24.26 29.66
C ASN F 72 1.94 25.11 29.32
N TRP F 73 1.73 26.42 29.16
CA TRP F 73 2.81 27.31 28.77
C TRP F 73 3.06 28.34 29.84
N THR F 74 4.32 28.39 30.31
CA THR F 74 4.75 29.36 31.30
C THR F 74 5.22 30.65 30.60
N ASP F 75 4.66 31.77 31.01
CA ASP F 75 5.01 33.08 30.49
C ASP F 75 6.16 33.65 31.32
N HIS F 76 7.32 33.84 30.68
CA HIS F 76 8.50 34.32 31.39
C HIS F 76 8.70 35.82 31.21
N GLY F 77 7.78 36.47 30.48
CA GLY F 77 7.80 37.92 30.36
C GLY F 77 8.80 38.40 29.32
N THR F 78 9.09 39.70 29.39
CA THR F 78 10.05 40.31 28.49
C THR F 78 11.45 39.80 28.84
N ILE F 79 12.19 39.37 27.82
CA ILE F 79 13.59 39.03 28.03
C ILE F 79 14.53 39.92 27.19
N LEU F 80 13.98 40.77 26.31
CA LEU F 80 14.81 41.68 25.54
C LEU F 80 13.89 42.76 24.96
N LYS F 81 14.46 43.96 24.77
CA LYS F 81 13.73 45.06 24.16
C LYS F 81 14.55 45.62 22.99
N TYR F 82 13.88 46.29 22.06
CA TYR F 82 14.56 46.96 20.99
C TYR F 82 15.55 47.97 21.55
N SER F 83 15.19 48.65 22.65
CA SER F 83 16.02 49.72 23.19
C SER F 83 17.23 49.14 23.94
N ASP F 84 17.31 47.83 24.13
CA ASP F 84 18.54 47.22 24.61
C ASP F 84 19.66 47.24 23.57
N PHE F 85 19.32 47.58 22.32
CA PHE F 85 20.30 47.92 21.30
C PHE F 85 20.27 49.44 21.15
N ALA F 86 21.34 50.11 21.62
CA ALA F 86 21.34 51.58 21.65
C ALA F 86 21.22 52.19 20.25
N TRP F 87 21.55 51.41 19.23
CA TRP F 87 21.54 51.89 17.84
C TRP F 87 20.22 51.58 17.13
N ALA F 88 19.26 50.93 17.82
CA ALA F 88 18.00 50.54 17.22
C ALA F 88 16.94 51.63 17.35
N LYS F 89 16.21 51.87 16.25
CA LYS F 89 15.14 52.85 16.20
C LYS F 89 13.79 52.22 16.62
N GLY F 90 13.63 50.90 16.38
CA GLY F 90 12.39 50.23 16.69
C GLY F 90 12.21 48.99 15.84
N ASP F 91 10.97 48.49 15.82
CA ASP F 91 10.56 47.34 15.00
C ASP F 91 11.26 46.07 15.48
N ALA F 92 10.83 45.57 16.65
CA ALA F 92 11.37 44.35 17.21
C ALA F 92 10.68 43.15 16.55
N TRP F 93 11.24 42.69 15.42
CA TRP F 93 10.54 41.68 14.61
C TRP F 93 11.11 40.28 14.85
N ALA F 94 10.80 39.35 13.94
CA ALA F 94 10.94 37.91 14.18
C ALA F 94 12.37 37.51 14.50
N ALA F 95 12.59 36.94 15.70
CA ALA F 95 13.92 36.64 16.23
C ALA F 95 14.04 35.17 16.54
N GLN F 96 15.29 34.70 16.69
CA GLN F 96 15.52 33.29 17.04
C GLN F 96 16.69 33.18 18.01
N CYS F 97 16.53 32.32 19.03
CA CYS F 97 17.58 32.04 19.99
C CYS F 97 18.11 30.63 19.76
N VAL F 98 19.45 30.50 19.73
CA VAL F 98 20.11 29.19 19.66
C VAL F 98 21.07 29.07 20.84
N GLU F 99 21.33 27.84 21.24
CA GLU F 99 22.17 27.55 22.40
C GLU F 99 23.48 26.89 21.94
N LYS F 100 24.56 27.15 22.64
CA LYS F 100 25.83 26.45 22.41
C LYS F 100 26.68 26.58 23.68
N ASN F 101 27.03 25.43 24.27
CA ASN F 101 27.88 25.38 25.47
C ASN F 101 27.36 26.27 26.58
N GLY F 102 26.03 26.26 26.75
CA GLY F 102 25.43 26.97 27.88
C GLY F 102 25.35 28.46 27.65
N LYS F 103 25.64 28.96 26.44
CA LYS F 103 25.41 30.35 26.09
C LYS F 103 24.28 30.42 25.07
N PHE F 104 23.49 31.50 25.15
CA PHE F 104 22.29 31.64 24.35
C PHE F 104 22.44 32.88 23.48
N TYR F 105 22.36 32.68 22.17
CA TYR F 105 22.54 33.74 21.19
C TYR F 105 21.19 34.03 20.56
N LEU F 106 20.72 35.26 20.73
CA LEU F 106 19.41 35.66 20.25
C LEU F 106 19.64 36.65 19.09
N TYR F 107 19.25 36.20 17.90
CA TYR F 107 19.41 36.99 16.67
C TYR F 107 18.10 37.74 16.41
N VAL F 108 18.21 39.06 16.25
CA VAL F 108 17.02 39.91 16.21
C VAL F 108 17.08 40.84 15.00
N PRO F 109 15.96 41.07 14.29
CA PRO F 109 15.93 42.16 13.30
C PRO F 109 15.37 43.43 13.92
N VAL F 110 16.05 44.55 13.69
CA VAL F 110 15.62 45.86 14.19
C VAL F 110 15.96 46.90 13.13
N VAL F 111 15.23 48.02 13.11
CA VAL F 111 15.62 49.14 12.27
C VAL F 111 16.74 49.93 12.97
N SER F 112 17.80 50.23 12.24
CA SER F 112 18.94 50.97 12.77
C SER F 112 18.67 52.48 12.73
N LYS F 113 19.17 53.19 13.74
CA LYS F 113 19.07 54.64 13.81
C LYS F 113 20.03 55.34 12.86
N VAL F 114 21.15 54.71 12.49
CA VAL F 114 22.19 55.42 11.74
C VAL F 114 21.71 55.77 10.33
N ASN F 115 20.99 54.84 9.68
CA ASN F 115 20.63 55.04 8.28
C ASN F 115 19.16 54.67 8.00
N ASN F 116 18.41 54.41 9.06
CA ASN F 116 16.97 54.18 8.99
C ASN F 116 16.66 52.90 8.22
N LYS F 117 17.55 51.92 8.32
CA LYS F 117 17.33 50.68 7.60
C LYS F 117 17.25 49.52 8.57
N GLY F 118 16.56 48.47 8.13
CA GLY F 118 16.55 47.22 8.85
C GLY F 118 17.95 46.65 8.96
N ALA F 119 18.19 45.89 10.03
CA ALA F 119 19.50 45.31 10.28
C ALA F 119 19.29 44.12 11.22
N ILE F 120 20.31 43.24 11.26
CA ILE F 120 20.28 42.12 12.19
C ILE F 120 21.31 42.37 13.29
N GLY F 121 20.86 42.24 14.53
CA GLY F 121 21.74 42.28 15.69
C GLY F 121 21.76 40.92 16.39
N VAL F 122 22.62 40.84 17.42
CA VAL F 122 22.75 39.63 18.19
C VAL F 122 22.98 40.03 19.65
N ALA F 123 22.21 39.42 20.55
CA ALA F 123 22.38 39.54 21.99
C ALA F 123 22.81 38.18 22.52
N VAL F 124 23.51 38.18 23.67
CA VAL F 124 23.99 36.95 24.27
C VAL F 124 23.61 36.95 25.73
N GLY F 125 23.18 35.78 26.22
CA GLY F 125 22.86 35.59 27.63
C GLY F 125 23.32 34.24 28.10
N ASP F 126 23.30 34.05 29.42
CA ASP F 126 23.84 32.86 30.06
C ASP F 126 22.74 31.96 30.60
N SER F 127 21.47 32.30 30.37
CA SER F 127 20.37 31.38 30.61
C SER F 127 19.33 31.65 29.53
N PRO F 128 18.38 30.72 29.31
CA PRO F 128 17.35 30.98 28.29
C PRO F 128 16.48 32.20 28.64
N LEU F 129 16.48 32.60 29.92
CA LEU F 129 15.71 33.75 30.35
C LEU F 129 16.55 35.03 30.36
N GLY F 130 17.80 34.93 29.91
CA GLY F 130 18.67 36.09 29.98
C GLY F 130 19.41 36.16 31.30
N PRO F 131 19.89 37.37 31.66
CA PRO F 131 19.68 38.61 30.88
C PRO F 131 20.43 38.54 29.54
N PHE F 132 19.89 39.23 28.53
CA PHE F 132 20.50 39.26 27.21
C PHE F 132 21.11 40.63 26.98
N TYR F 133 22.32 40.68 26.43
CA TYR F 133 22.94 41.97 26.14
C TYR F 133 23.45 42.02 24.70
N ASP F 134 23.30 43.20 24.08
CA ASP F 134 23.94 43.48 22.81
C ASP F 134 25.46 43.36 22.99
N VAL F 135 26.09 42.34 22.35
CA VAL F 135 27.53 42.19 22.53
C VAL F 135 28.34 42.92 21.45
N LEU F 136 27.67 43.47 20.44
CA LEU F 136 28.36 44.16 19.35
C LEU F 136 28.28 45.68 19.44
N GLY F 137 27.13 46.23 19.88
CA GLY F 137 26.99 47.67 19.90
C GLY F 137 26.69 48.24 18.51
N LYS F 138 26.43 47.38 17.53
CA LYS F 138 26.18 47.77 16.14
C LYS F 138 25.57 46.54 15.46
N PRO F 139 25.10 46.63 14.20
CA PRO F 139 24.52 45.44 13.56
C PRO F 139 25.52 44.30 13.39
N LEU F 140 25.02 43.06 13.51
CA LEU F 140 25.79 41.89 13.12
C LEU F 140 25.98 41.86 11.61
N VAL F 141 24.91 42.19 10.87
CA VAL F 141 24.94 42.23 9.43
C VAL F 141 23.93 43.29 9.01
N GLN F 142 24.33 44.10 8.02
CA GLN F 142 23.43 45.05 7.43
C GLN F 142 23.77 45.13 5.95
N SER F 143 22.75 44.91 5.13
CA SER F 143 22.92 44.89 3.70
C SER F 143 22.36 46.20 3.14
N GLU F 144 21.96 46.13 1.86
CA GLU F 144 21.44 47.32 1.23
C GLU F 144 19.97 47.51 1.61
N TRP F 145 19.25 46.40 1.67
CA TRP F 145 17.86 46.46 2.09
C TRP F 145 17.25 45.09 2.31
N GLY F 146 16.41 44.96 3.33
CA GLY F 146 15.57 43.78 3.50
C GLY F 146 16.12 42.84 4.59
N ASP F 147 16.74 43.46 5.61
CA ASP F 147 17.43 42.72 6.66
C ASP F 147 16.45 42.42 7.79
N ILE F 148 15.59 41.41 7.59
CA ILE F 148 14.69 40.94 8.62
C ILE F 148 14.71 39.41 8.68
N ASP F 149 14.09 38.86 9.72
CA ASP F 149 13.71 37.46 9.86
C ASP F 149 14.90 36.49 9.81
N PRO F 150 15.88 36.59 10.72
CA PRO F 150 16.99 35.64 10.70
C PRO F 150 16.58 34.25 11.22
N THR F 151 17.21 33.23 10.65
CA THR F 151 17.23 31.89 11.22
C THR F 151 18.69 31.42 11.24
N VAL F 152 19.03 30.75 12.35
CA VAL F 152 20.41 30.33 12.63
C VAL F 152 20.37 28.87 13.02
N PHE F 153 21.28 28.08 12.44
CA PHE F 153 21.26 26.65 12.70
C PHE F 153 22.70 26.17 12.89
N ILE F 154 22.92 25.39 13.96
CA ILE F 154 24.20 24.75 14.21
C ILE F 154 24.11 23.30 13.71
N ASP F 155 25.02 22.95 12.78
CA ASP F 155 25.00 21.66 12.12
C ASP F 155 25.57 20.57 13.03
N ASP F 156 25.56 19.34 12.53
CA ASP F 156 26.11 18.20 13.28
C ASP F 156 27.61 18.38 13.49
N ASP F 157 28.30 18.94 12.49
CA ASP F 157 29.73 19.12 12.58
C ASP F 157 30.10 20.36 13.38
N GLY F 158 29.11 21.08 13.92
CA GLY F 158 29.37 22.29 14.70
C GLY F 158 29.37 23.60 13.92
N GLN F 159 29.23 23.55 12.60
CA GLN F 159 29.18 24.76 11.80
C GLN F 159 27.83 25.50 11.88
N ALA F 160 27.89 26.84 11.95
CA ALA F 160 26.69 27.63 12.10
C ALA F 160 26.36 28.36 10.81
N HIS F 161 25.06 28.41 10.51
CA HIS F 161 24.62 28.95 9.23
C HIS F 161 23.49 29.95 9.50
N MET F 162 23.47 31.07 8.75
CA MET F 162 22.40 32.04 8.94
C MET F 162 21.73 32.37 7.61
N TYR F 163 20.39 32.28 7.59
CA TYR F 163 19.59 32.73 6.46
C TYR F 163 18.64 33.82 6.95
N TRP F 164 18.28 34.73 6.03
CA TRP F 164 17.33 35.78 6.41
C TRP F 164 16.88 36.48 5.13
N GLY F 165 15.93 37.42 5.28
CA GLY F 165 15.67 38.32 4.17
C GLY F 165 14.23 38.36 3.67
N ASN F 166 13.82 39.55 3.24
CA ASN F 166 12.57 39.83 2.55
C ASN F 166 12.80 41.12 1.75
N PRO F 167 12.78 41.10 0.41
CA PRO F 167 12.33 39.98 -0.43
C PRO F 167 13.38 38.93 -0.80
N LYS F 168 14.66 39.26 -0.67
CA LYS F 168 15.72 38.39 -1.16
C LYS F 168 16.24 37.51 -0.01
N LEU F 169 16.27 36.20 -0.26
CA LEU F 169 16.85 35.27 0.71
C LEU F 169 18.37 35.40 0.64
N LYS F 170 18.97 35.61 1.82
CA LYS F 170 20.40 35.84 1.95
C LYS F 170 20.95 34.85 2.96
N TYR F 171 22.26 34.66 2.88
CA TYR F 171 22.96 33.61 3.59
C TYR F 171 24.36 34.09 3.98
N VAL F 172 24.81 33.70 5.15
CA VAL F 172 26.19 33.92 5.55
C VAL F 172 26.55 32.73 6.40
N LYS F 173 27.83 32.45 6.48
CA LYS F 173 28.26 31.39 7.36
C LYS F 173 28.81 32.06 8.59
N LEU F 174 28.40 31.60 9.75
CA LEU F 174 28.80 32.27 10.98
C LEU F 174 30.06 31.63 11.58
N ASN F 175 30.89 32.48 12.16
CA ASN F 175 32.10 32.01 12.81
C ASN F 175 31.76 31.23 14.07
N GLU F 176 32.74 30.49 14.57
CA GLU F 176 32.66 29.79 15.83
C GLU F 176 32.06 30.62 16.98
N ASP F 177 32.42 31.92 17.05
CA ASP F 177 32.02 32.79 18.13
C ASP F 177 30.53 33.15 18.06
N MET F 178 29.87 32.88 16.94
CA MET F 178 28.43 33.07 16.73
C MET F 178 28.01 34.55 16.60
N ILE F 179 28.97 35.47 16.67
CA ILE F 179 28.65 36.90 16.71
C ILE F 179 29.42 37.64 15.60
N SER F 180 29.85 36.89 14.58
CA SER F 180 30.53 37.47 13.42
C SER F 180 30.43 36.45 12.28
N TYR F 181 30.76 36.90 11.06
CA TYR F 181 30.72 36.01 9.91
C TYR F 181 31.96 36.18 9.03
N SER F 182 32.21 35.13 8.21
CA SER F 182 33.43 34.89 7.46
C SER F 182 33.47 35.55 6.10
N GLY F 183 32.69 35.02 5.15
CA GLY F 183 32.84 35.41 3.74
C GLY F 183 32.03 36.65 3.38
N ASP F 184 31.32 36.58 2.24
CA ASP F 184 30.45 37.67 1.81
C ASP F 184 28.99 37.28 2.08
N ILE F 185 28.09 38.24 1.89
CA ILE F 185 26.66 37.96 1.89
C ILE F 185 26.32 37.24 0.59
N ILE F 186 25.87 35.97 0.71
CA ILE F 186 25.46 35.17 -0.43
C ILE F 186 23.97 35.35 -0.66
N GLU F 187 23.61 35.77 -1.87
CA GLU F 187 22.20 35.82 -2.27
C GLU F 187 21.84 34.46 -2.87
N VAL F 188 20.93 33.73 -2.19
CA VAL F 188 20.48 32.44 -2.70
C VAL F 188 19.70 32.64 -4.00
N PRO F 189 20.02 31.89 -5.07
CA PRO F 189 19.29 32.03 -6.34
C PRO F 189 17.79 31.80 -6.17
N MET F 190 17.02 32.83 -6.52
CA MET F 190 15.56 32.81 -6.39
C MET F 190 14.96 32.16 -7.63
N THR F 191 15.02 30.82 -7.67
CA THR F 191 14.64 30.04 -8.84
C THR F 191 13.35 29.28 -8.58
N GLU F 192 12.64 28.94 -9.63
CA GLU F 192 11.38 28.22 -9.42
C GLU F 192 11.66 26.79 -8.97
N GLU F 193 12.86 26.33 -9.25
CA GLU F 193 13.27 25.01 -8.84
C GLU F 193 13.42 24.98 -7.31
N SER F 194 13.73 26.13 -6.71
CA SER F 194 13.97 26.18 -5.28
C SER F 194 12.76 26.67 -4.49
N PHE F 195 12.00 27.61 -5.04
CA PHE F 195 10.94 28.24 -4.24
C PHE F 195 9.64 28.45 -4.99
N GLY F 196 9.52 27.96 -6.22
CA GLY F 196 8.25 28.02 -6.92
C GLY F 196 8.01 29.30 -7.71
N LYS F 197 6.76 29.48 -8.16
CA LYS F 197 6.47 30.58 -9.08
C LYS F 197 5.44 31.56 -8.56
N ARG F 198 5.78 32.85 -8.59
CA ARG F 198 4.79 33.87 -8.29
C ARG F 198 4.78 34.82 -9.46
N ASP F 199 3.69 34.85 -10.19
CA ASP F 199 3.63 35.69 -11.39
C ASP F 199 3.10 37.09 -11.09
N GLY F 200 3.41 38.03 -11.98
CA GLY F 200 2.89 39.38 -11.89
C GLY F 200 3.66 40.27 -10.93
N ASN F 201 4.78 39.76 -10.37
CA ASN F 201 5.53 40.55 -9.42
C ASN F 201 7.00 40.56 -9.82
N PRO F 202 7.51 41.74 -10.17
CA PRO F 202 8.90 41.85 -10.59
C PRO F 202 9.88 41.61 -9.45
N GLU F 203 9.56 42.08 -8.25
CA GLU F 203 10.48 41.99 -7.14
C GLU F 203 10.39 40.64 -6.46
N ARG F 204 9.48 39.78 -6.91
CA ARG F 204 9.33 38.51 -6.23
C ARG F 204 9.10 37.42 -7.25
N PRO F 205 10.19 36.89 -7.84
CA PRO F 205 10.03 35.90 -8.90
C PRO F 205 9.51 34.54 -8.43
N THR F 206 9.63 34.25 -7.13
CA THR F 206 9.24 32.96 -6.59
C THR F 206 8.17 33.11 -5.51
N LYS F 207 7.68 32.00 -4.99
CA LYS F 207 6.72 32.05 -3.89
C LYS F 207 7.33 32.60 -2.59
N TYR F 208 8.66 32.50 -2.41
CA TYR F 208 9.28 32.89 -1.16
C TYR F 208 8.96 34.35 -0.82
N GLU F 209 8.55 34.58 0.44
CA GLU F 209 8.22 35.94 0.88
C GLU F 209 9.21 36.43 1.95
N GLU F 210 9.41 35.62 3.01
CA GLU F 210 10.25 36.03 4.13
C GLU F 210 10.44 34.88 5.09
N GLY F 211 10.90 35.18 6.31
CA GLY F 211 10.78 34.29 7.46
C GLY F 211 11.33 32.88 7.33
N PRO F 212 12.57 32.69 6.80
CA PRO F 212 13.07 31.33 6.64
C PRO F 212 13.35 30.69 8.01
N TRP F 213 13.20 29.38 8.06
CA TRP F 213 13.50 28.58 9.24
C TRP F 213 14.22 27.32 8.81
N LEU F 214 15.45 27.13 9.33
CA LEU F 214 16.30 26.01 8.98
C LEU F 214 16.16 24.90 10.01
N TYR F 215 15.85 23.69 9.54
CA TYR F 215 15.57 22.54 10.41
C TYR F 215 16.20 21.30 9.77
N LYS F 216 16.53 20.28 10.58
CA LYS F 216 17.09 19.05 10.05
C LYS F 216 16.35 17.83 10.56
N ARG F 217 16.11 16.84 9.70
CA ARG F 217 15.52 15.56 10.11
C ARG F 217 16.16 14.45 9.26
N LYS F 218 16.68 13.43 9.94
CA LYS F 218 17.41 12.32 9.32
C LYS F 218 18.53 12.91 8.47
N ASP F 219 18.54 12.61 7.15
CA ASP F 219 19.61 13.09 6.29
C ASP F 219 19.22 14.35 5.50
N LEU F 220 18.10 14.99 5.84
CA LEU F 220 17.53 16.04 5.02
C LEU F 220 17.46 17.36 5.81
N TYR F 221 17.85 18.44 5.14
CA TYR F 221 17.66 19.79 5.64
C TYR F 221 16.39 20.38 5.02
N TYR F 222 15.63 21.10 5.86
CA TYR F 222 14.40 21.77 5.43
C TYR F 222 14.55 23.26 5.69
N LEU F 223 14.09 24.06 4.72
CA LEU F 223 13.91 25.49 4.87
C LEU F 223 12.42 25.79 4.75
N PHE F 224 11.78 26.10 5.88
CA PHE F 224 10.40 26.52 5.89
C PHE F 224 10.34 28.02 5.68
N TRP F 225 9.28 28.51 5.03
CA TRP F 225 9.21 29.95 4.82
C TRP F 225 7.78 30.39 4.55
N PRO F 226 7.37 31.58 5.04
CA PRO F 226 6.15 32.20 4.52
C PRO F 226 6.29 32.45 3.03
N GLY F 227 5.18 32.18 2.31
CA GLY F 227 5.10 32.44 0.89
C GLY F 227 3.94 33.36 0.53
N GLY F 228 4.06 34.01 -0.62
CA GLY F 228 3.04 34.87 -1.17
C GLY F 228 2.53 34.39 -2.52
N PRO F 229 1.64 35.16 -3.19
CA PRO F 229 1.21 36.50 -2.76
C PRO F 229 0.32 36.49 -1.50
N LEU F 230 0.25 37.62 -0.79
CA LEU F 230 -0.54 37.67 0.44
C LEU F 230 -2.02 37.35 0.17
N PRO F 231 -2.76 36.73 1.11
CA PRO F 231 -2.29 36.36 2.46
C PRO F 231 -1.28 35.20 2.45
N GLU F 232 -0.31 35.24 3.37
CA GLU F 232 0.79 34.31 3.34
C GLU F 232 0.38 32.87 3.69
N PHE F 233 1.03 31.91 3.04
CA PHE F 233 0.97 30.51 3.40
C PHE F 233 2.37 30.08 3.87
N ILE F 234 2.52 28.81 4.29
CA ILE F 234 3.85 28.31 4.64
C ILE F 234 4.22 27.22 3.65
N GLY F 235 5.32 27.47 2.92
CA GLY F 235 5.92 26.48 2.02
C GLY F 235 7.24 25.99 2.58
N TYR F 236 7.84 25.02 1.90
CA TYR F 236 9.13 24.49 2.33
C TYR F 236 9.98 24.08 1.13
N SER F 237 11.29 24.01 1.36
CA SER F 237 12.27 23.49 0.43
C SER F 237 13.17 22.50 1.18
N THR F 238 13.83 21.60 0.45
CA THR F 238 14.73 20.61 1.04
C THR F 238 16.10 20.65 0.38
N SER F 239 17.10 20.09 1.08
CA SER F 239 18.46 20.02 0.58
C SER F 239 19.23 18.94 1.34
N LYS F 240 20.40 18.57 0.81
CA LYS F 240 21.32 17.65 1.45
C LYS F 240 22.35 18.37 2.29
N SER F 241 22.47 19.68 2.11
CA SER F 241 23.36 20.50 2.92
C SER F 241 22.55 21.64 3.52
N ALA F 242 23.02 22.15 4.67
CA ALA F 242 22.40 23.32 5.26
C ALA F 242 22.56 24.55 4.35
N LYS F 243 23.59 24.52 3.49
CA LYS F 243 23.91 25.65 2.64
C LYS F 243 23.15 25.58 1.31
N GLY F 244 22.41 24.49 1.05
CA GLY F 244 21.74 24.33 -0.23
C GLY F 244 22.51 23.38 -1.16
N PRO F 245 22.11 23.26 -2.43
CA PRO F 245 21.01 24.00 -3.05
C PRO F 245 19.61 23.52 -2.65
N TRP F 246 18.60 24.38 -2.77
CA TRP F 246 17.28 24.01 -2.25
C TRP F 246 16.31 23.62 -3.35
N LYS F 247 15.50 22.59 -3.05
CA LYS F 247 14.51 22.11 -3.98
C LYS F 247 13.12 22.31 -3.38
N TYR F 248 12.24 22.93 -4.17
CA TYR F 248 10.89 23.18 -3.69
C TYR F 248 10.20 21.90 -3.26
N GLY F 249 9.56 21.93 -2.10
CA GLY F 249 8.93 20.76 -1.52
C GLY F 249 7.41 20.81 -1.70
N GLY F 250 6.79 21.96 -1.43
CA GLY F 250 5.36 22.09 -1.55
C GLY F 250 4.81 23.06 -0.52
N ILE F 251 3.46 23.04 -0.37
CA ILE F 251 2.78 23.86 0.62
C ILE F 251 2.65 23.04 1.91
N VAL F 252 3.13 23.62 3.01
CA VAL F 252 2.93 22.99 4.32
C VAL F 252 1.57 23.40 4.87
N MET F 253 1.22 24.69 4.76
CA MET F 253 -0.02 25.15 5.38
C MET F 253 -0.59 26.33 4.58
N PRO F 254 -1.77 26.16 3.95
CA PRO F 254 -2.37 27.29 3.20
C PRO F 254 -2.78 28.42 4.13
N ALA F 255 -2.90 29.63 3.55
CA ALA F 255 -3.40 30.80 4.25
C ALA F 255 -4.80 30.52 4.81
N GLU F 256 -5.05 30.95 6.06
CA GLU F 256 -6.30 30.64 6.73
C GLU F 256 -6.44 31.56 7.96
N GLY F 257 -7.66 32.04 8.22
CA GLY F 257 -7.98 32.81 9.41
C GLY F 257 -7.75 34.31 9.26
N LYS F 258 -7.57 35.01 10.39
CA LYS F 258 -7.67 36.48 10.39
C LYS F 258 -6.34 37.23 10.24
N SER F 259 -5.21 36.51 10.17
CA SER F 259 -3.90 37.13 10.08
C SER F 259 -3.33 36.94 8.67
N PHE F 260 -3.05 38.04 7.97
CA PHE F 260 -2.46 37.95 6.64
C PHE F 260 -1.00 37.47 6.63
N THR F 261 -0.37 37.35 7.80
CA THR F 261 0.94 36.76 7.90
C THR F 261 0.85 35.40 8.61
N ASN F 262 1.78 34.50 8.28
CA ASN F 262 2.07 33.35 9.09
C ASN F 262 3.60 33.19 9.09
N HIS F 263 4.12 32.63 10.17
CA HIS F 263 5.55 32.56 10.38
C HIS F 263 5.90 31.24 11.05
N PRO F 264 6.75 30.40 10.44
CA PRO F 264 6.95 29.03 10.94
C PRO F 264 8.16 28.88 11.87
N GLY F 265 8.00 27.99 12.86
CA GLY F 265 9.12 27.51 13.65
C GLY F 265 8.95 26.02 13.89
N VAL F 266 9.96 25.22 13.54
CA VAL F 266 9.85 23.77 13.58
C VAL F 266 10.94 23.24 14.49
N ILE F 267 10.61 22.23 15.32
CA ILE F 267 11.62 21.71 16.25
C ILE F 267 11.21 20.31 16.73
N ASP F 268 12.24 19.48 17.04
CA ASP F 268 12.03 18.22 17.73
C ASP F 268 12.03 18.40 19.25
N PHE F 269 11.10 17.71 19.93
CA PHE F 269 11.04 17.69 21.37
C PHE F 269 10.53 16.30 21.78
N ARG F 270 11.36 15.60 22.58
CA ARG F 270 11.04 14.28 23.12
C ARG F 270 10.48 13.34 22.05
N GLY F 271 11.15 13.30 20.89
CA GLY F 271 10.84 12.31 19.87
C GLY F 271 9.71 12.71 18.91
N LYS F 272 9.12 13.91 19.05
CA LYS F 272 8.14 14.35 18.06
C LYS F 272 8.55 15.69 17.46
N THR F 273 7.98 16.00 16.30
CA THR F 273 8.26 17.25 15.62
C THR F 273 7.05 18.18 15.73
N TYR F 274 7.33 19.46 16.06
CA TYR F 274 6.26 20.42 16.32
C TYR F 274 6.42 21.62 15.41
N PHE F 275 5.26 22.07 14.90
CA PHE F 275 5.09 23.16 13.96
C PHE F 275 4.42 24.31 14.69
N PHE F 276 5.21 25.34 14.99
CA PHE F 276 4.72 26.57 15.58
C PHE F 276 4.42 27.55 14.45
N TYR F 277 3.33 28.32 14.62
CA TYR F 277 2.91 29.29 13.65
C TYR F 277 2.14 30.36 14.42
N HIS F 278 1.46 31.26 13.69
CA HIS F 278 0.60 32.22 14.37
C HIS F 278 -0.62 32.51 13.50
N ASN F 279 -1.65 33.12 14.13
CA ASN F 279 -2.88 33.44 13.46
C ASN F 279 -3.47 34.67 14.12
N GLY F 280 -4.75 34.95 13.83
CA GLY F 280 -5.46 36.03 14.47
C GLY F 280 -6.73 35.54 15.19
N ALA F 281 -6.64 34.46 15.99
CA ALA F 281 -7.82 33.79 16.50
C ALA F 281 -8.28 34.28 17.87
N LEU F 282 -7.54 35.21 18.50
CA LEU F 282 -7.96 35.71 19.80
C LEU F 282 -9.04 36.79 19.62
N PRO F 283 -9.82 37.10 20.67
CA PRO F 283 -10.70 38.26 20.57
C PRO F 283 -9.86 39.50 20.25
N GLY F 284 -10.31 40.30 19.30
CA GLY F 284 -9.54 41.44 18.85
C GLY F 284 -8.35 41.04 17.99
N GLY F 285 -8.25 39.76 17.57
CA GLY F 285 -7.14 39.33 16.76
C GLY F 285 -7.24 39.86 15.33
N SER F 286 -6.08 39.97 14.67
CA SER F 286 -5.95 40.49 13.33
C SER F 286 -4.51 40.29 12.87
N GLY F 287 -4.17 40.81 11.68
CA GLY F 287 -2.82 40.69 11.20
C GLY F 287 -1.80 41.48 12.02
N PHE F 288 -2.29 42.43 12.85
CA PHE F 288 -1.40 43.20 13.71
C PHE F 288 -1.65 42.92 15.20
N THR F 289 -2.53 41.95 15.51
CA THR F 289 -2.80 41.49 16.86
C THR F 289 -2.87 39.97 16.79
N ARG F 290 -1.69 39.35 16.66
CA ARG F 290 -1.62 37.94 16.34
C ARG F 290 -1.52 37.09 17.60
N SER F 291 -1.48 35.76 17.41
CA SER F 291 -1.42 34.80 18.52
C SER F 291 -0.66 33.57 18.05
N VAL F 292 0.29 33.10 18.88
CA VAL F 292 1.11 31.95 18.53
C VAL F 292 0.31 30.65 18.72
N CYS F 293 0.53 29.68 17.80
CA CYS F 293 -0.11 28.38 17.84
C CYS F 293 0.93 27.29 17.60
N VAL F 294 0.55 26.05 17.88
CA VAL F 294 1.41 24.91 17.63
C VAL F 294 0.58 23.66 17.37
N GLN F 295 1.07 22.80 16.47
CA GLN F 295 0.50 21.47 16.28
C GLN F 295 1.62 20.52 15.87
N GLU F 296 1.32 19.21 15.95
CA GLU F 296 2.34 18.25 15.53
C GLU F 296 2.53 18.31 14.02
N LEU F 297 3.80 18.17 13.57
CA LEU F 297 4.11 18.10 12.15
C LEU F 297 4.31 16.64 11.74
N ASN F 298 3.49 16.19 10.79
CA ASN F 298 3.52 14.82 10.29
C ASN F 298 4.36 14.75 9.02
N PHE F 299 5.19 13.69 8.93
CA PHE F 299 5.99 13.44 7.75
C PHE F 299 5.48 12.21 7.02
N ASN F 300 5.61 12.24 5.68
CA ASN F 300 5.38 11.07 4.86
C ASN F 300 6.56 10.09 5.02
N LYS F 301 6.34 8.86 4.53
CA LYS F 301 7.33 7.80 4.66
C LYS F 301 8.64 8.16 3.96
N ASP F 302 8.56 8.90 2.86
CA ASP F 302 9.77 9.34 2.15
C ASP F 302 10.35 10.62 2.75
N GLY F 303 9.73 11.20 3.78
CA GLY F 303 10.27 12.41 4.39
C GLY F 303 9.69 13.71 3.83
N THR F 304 8.76 13.62 2.86
CA THR F 304 8.09 14.83 2.40
C THR F 304 7.01 15.18 3.41
N ILE F 305 6.42 16.40 3.27
CA ILE F 305 5.49 16.89 4.27
C ILE F 305 4.12 17.06 3.64
N PRO F 306 3.09 16.35 4.13
CA PRO F 306 1.73 16.58 3.63
C PRO F 306 1.18 17.92 4.11
N GLN F 307 0.49 18.62 3.20
CA GLN F 307 -0.22 19.84 3.48
C GLN F 307 -1.19 19.62 4.64
N MET F 308 -1.26 20.61 5.52
CA MET F 308 -2.03 20.48 6.75
C MET F 308 -2.71 21.81 7.04
N LYS F 309 -3.83 21.73 7.75
CA LYS F 309 -4.53 22.95 8.05
C LYS F 309 -4.39 23.26 9.53
N MET F 310 -4.93 24.40 9.90
CA MET F 310 -4.88 24.80 11.28
C MET F 310 -5.82 23.91 12.08
N THR F 311 -5.22 23.27 13.09
CA THR F 311 -5.94 22.28 13.89
C THR F 311 -6.17 22.78 15.32
N GLU F 312 -6.75 21.93 16.14
CA GLU F 312 -7.11 22.30 17.50
C GLU F 312 -5.90 22.29 18.42
N GLY F 313 -4.82 21.68 17.94
CA GLY F 313 -3.61 21.72 18.71
C GLY F 313 -3.36 20.43 19.46
N ILE F 314 -2.51 20.57 20.48
CA ILE F 314 -2.12 19.42 21.28
C ILE F 314 -3.26 19.14 22.26
N THR F 315 -3.83 17.96 22.15
CA THR F 315 -4.97 17.56 22.98
C THR F 315 -4.48 16.80 24.22
N LYS F 316 -3.28 16.21 24.15
CA LYS F 316 -2.74 15.44 25.26
C LYS F 316 -1.39 15.92 25.76
N GLY F 317 -1.30 16.05 27.07
CA GLY F 317 -0.04 16.37 27.72
C GLY F 317 0.92 15.18 27.64
N ILE F 318 2.19 15.48 27.36
CA ILE F 318 3.19 14.43 27.34
C ILE F 318 3.85 14.26 28.71
N ALA F 319 3.41 15.04 29.71
CA ALA F 319 3.85 14.86 31.08
C ALA F 319 2.80 15.49 31.99
N ALA F 320 2.83 15.10 33.28
CA ALA F 320 1.92 15.65 34.26
C ALA F 320 2.51 16.92 34.87
N LEU F 321 1.62 17.77 35.38
CA LEU F 321 2.00 18.95 36.14
C LEU F 321 1.78 18.66 37.64
N ASN F 322 2.76 19.07 38.45
CA ASN F 322 2.71 18.79 39.87
C ASN F 322 2.03 19.95 40.58
N PRO F 323 0.81 19.75 41.14
CA PRO F 323 0.13 20.85 41.84
C PRO F 323 0.67 21.11 43.24
N TYR F 324 1.63 20.30 43.70
CA TYR F 324 2.14 20.43 45.06
C TYR F 324 3.41 21.27 45.10
N GLN F 325 3.72 21.92 43.98
CA GLN F 325 4.78 22.91 44.07
C GLN F 325 4.31 24.19 43.46
N LEU F 326 5.01 25.28 43.75
CA LEU F 326 4.59 26.61 43.29
C LEU F 326 4.38 26.63 41.78
N THR F 327 3.17 27.01 41.36
CA THR F 327 2.83 27.07 39.95
C THR F 327 2.35 28.48 39.66
N GLN F 328 2.88 29.05 38.58
CA GLN F 328 2.63 30.46 38.29
C GLN F 328 1.24 30.61 37.73
N ALA F 329 0.55 31.71 38.13
CA ALA F 329 -0.71 32.06 37.50
C ALA F 329 -0.56 32.22 35.99
N GLU F 330 0.64 32.55 35.52
CA GLU F 330 0.96 32.73 34.12
C GLU F 330 1.44 31.43 33.45
N THR F 331 1.35 30.29 34.15
CA THR F 331 1.49 28.99 33.52
C THR F 331 0.07 28.55 33.11
N ILE F 332 -0.24 28.69 31.82
CA ILE F 332 -1.63 28.62 31.39
C ILE F 332 -1.74 27.71 30.16
N SER F 333 -2.77 26.85 30.18
CA SER F 333 -3.19 26.07 29.03
C SER F 333 -4.20 26.84 28.18
N TRP F 334 -5.37 27.15 28.77
CA TRP F 334 -6.39 27.93 28.09
C TRP F 334 -6.95 28.99 29.05
N SER F 335 -7.37 30.13 28.51
CA SER F 335 -7.90 31.19 29.35
C SER F 335 -8.81 32.09 28.53
N GLU F 336 -9.67 32.85 29.24
CA GLU F 336 -10.47 33.88 28.61
C GLU F 336 -10.52 35.10 29.54
N HIS F 337 -10.47 36.29 28.90
CA HIS F 337 -10.61 37.59 29.56
C HIS F 337 -9.53 37.78 30.64
N VAL F 338 -8.35 37.25 30.38
CA VAL F 338 -7.19 37.41 31.25
C VAL F 338 -6.05 38.01 30.43
N LYS F 339 -5.39 39.02 31.01
CA LYS F 339 -4.17 39.57 30.37
C LYS F 339 -3.01 39.45 31.32
N ALA F 340 -1.79 39.36 30.77
CA ALA F 340 -0.56 39.20 31.53
C ALA F 340 0.17 40.53 31.68
N PHE F 341 0.87 40.67 32.81
CA PHE F 341 1.65 41.87 33.15
C PHE F 341 2.90 41.44 33.86
N GLN F 342 3.79 42.38 34.16
CA GLN F 342 4.88 42.08 35.07
C GLN F 342 5.37 43.33 35.79
N ASN F 343 6.01 43.10 36.94
CA ASN F 343 6.71 44.14 37.67
C ASN F 343 7.91 43.53 38.35
N ASP F 344 8.72 44.35 38.99
CA ASP F 344 9.97 43.93 39.62
C ASP F 344 9.77 43.17 40.94
N LYS F 345 8.60 43.36 41.55
CA LYS F 345 8.34 42.82 42.87
C LYS F 345 7.92 41.35 42.81
N VAL F 346 7.05 40.98 41.86
CA VAL F 346 6.55 39.61 41.75
C VAL F 346 6.95 38.98 40.42
N GLY F 347 7.37 39.76 39.43
CA GLY F 347 7.64 39.17 38.14
C GLY F 347 6.38 39.22 37.27
N VAL F 348 6.09 38.13 36.54
CA VAL F 348 4.91 38.06 35.71
C VAL F 348 3.71 37.65 36.57
N PHE F 349 2.56 38.29 36.28
CA PHE F 349 1.31 37.98 36.94
C PHE F 349 0.20 38.18 35.94
N VAL F 350 -1.03 37.80 36.30
CA VAL F 350 -2.17 37.96 35.39
C VAL F 350 -3.28 38.75 36.06
N ARG F 351 -4.06 39.46 35.24
CA ARG F 351 -5.21 40.20 35.73
C ARG F 351 -6.46 39.69 35.01
N ALA F 352 -7.53 39.44 35.79
CA ALA F 352 -8.83 39.13 35.25
C ALA F 352 -9.53 40.42 34.83
N LEU F 353 -9.90 40.54 33.54
CA LEU F 353 -10.46 41.75 32.98
C LEU F 353 -11.97 41.92 33.23
N GLN F 354 -12.70 40.86 33.60
CA GLN F 354 -14.14 40.96 33.76
C GLN F 354 -14.63 39.75 34.54
N ASN F 355 -15.89 39.83 35.03
CA ASN F 355 -16.47 38.75 35.82
C ASN F 355 -16.57 37.49 34.95
N GLY F 356 -16.19 36.35 35.53
CA GLY F 356 -16.25 35.09 34.79
C GLY F 356 -15.02 34.81 33.93
N ALA F 357 -14.01 35.70 33.95
CA ALA F 357 -12.74 35.39 33.32
C ALA F 357 -12.13 34.16 34.01
N TYR F 358 -11.29 33.41 33.27
CA TYR F 358 -10.73 32.22 33.87
C TYR F 358 -9.40 31.87 33.22
N THR F 359 -8.59 31.13 33.99
CA THR F 359 -7.43 30.40 33.48
C THR F 359 -7.61 28.90 33.73
N SER F 360 -6.84 28.07 33.03
CA SER F 360 -6.88 26.64 33.23
C SER F 360 -5.49 26.07 33.00
N VAL F 361 -5.21 24.96 33.71
CA VAL F 361 -4.06 24.12 33.44
C VAL F 361 -4.56 22.68 33.21
N LYS F 362 -3.92 21.96 32.30
CA LYS F 362 -4.35 20.61 31.94
C LYS F 362 -3.40 19.54 32.48
N ASN F 363 -3.94 18.32 32.67
CA ASN F 363 -3.14 17.14 32.99
C ASN F 363 -2.36 17.31 34.32
N VAL F 364 -3.08 17.72 35.36
CA VAL F 364 -2.49 17.95 36.67
C VAL F 364 -2.68 16.69 37.51
N ASP F 365 -1.57 16.13 38.02
CA ASP F 365 -1.60 14.89 38.76
C ASP F 365 -1.61 15.17 40.27
N PHE F 366 -2.81 15.07 40.87
CA PHE F 366 -2.95 15.21 42.31
C PHE F 366 -2.59 13.94 43.06
N GLY F 367 -2.39 12.82 42.35
CA GLY F 367 -1.90 11.58 42.94
C GLY F 367 -3.01 10.84 43.69
N ASP F 368 -2.52 9.86 44.47
CA ASP F 368 -3.38 8.96 45.21
C ASP F 368 -3.85 9.52 46.55
N ILE F 369 -3.02 10.32 47.23
CA ILE F 369 -3.39 10.86 48.53
C ILE F 369 -4.41 11.99 48.35
N GLY F 370 -4.00 13.00 47.59
CA GLY F 370 -4.85 14.11 47.20
C GLY F 370 -4.52 15.40 47.93
N ALA F 371 -5.10 16.49 47.39
CA ALA F 371 -4.91 17.84 47.88
C ALA F 371 -6.03 18.16 48.88
N SER F 372 -5.65 18.73 50.02
CA SER F 372 -6.61 19.14 51.05
C SER F 372 -6.67 20.66 51.24
N ALA F 373 -5.56 21.35 50.94
CA ALA F 373 -5.43 22.78 51.14
C ALA F 373 -4.96 23.43 49.83
N PHE F 374 -5.11 24.77 49.77
CA PHE F 374 -4.79 25.52 48.58
C PHE F 374 -4.32 26.90 49.01
N SER F 375 -3.30 27.40 48.30
CA SER F 375 -2.74 28.72 48.57
C SER F 375 -2.67 29.52 47.27
N ALA F 376 -2.91 30.83 47.35
CA ALA F 376 -2.72 31.69 46.19
C ALA F 376 -2.22 33.07 46.62
N ARG F 377 -1.29 33.65 45.86
CA ARG F 377 -0.95 35.05 46.00
C ARG F 377 -1.78 35.90 45.04
N VAL F 378 -2.59 36.81 45.60
CA VAL F 378 -3.63 37.50 44.87
C VAL F 378 -3.83 38.89 45.46
N GLY F 379 -4.63 39.70 44.75
CA GLY F 379 -5.09 40.97 45.29
C GLY F 379 -6.18 41.54 44.38
N THR F 380 -6.82 42.60 44.88
CA THR F 380 -7.82 43.33 44.11
C THR F 380 -7.86 44.78 44.56
N THR F 381 -8.40 45.62 43.69
CA THR F 381 -8.60 47.03 43.96
C THR F 381 -10.03 47.31 44.45
N HIS F 382 -10.90 46.27 44.49
CA HIS F 382 -12.29 46.42 44.88
C HIS F 382 -12.46 46.06 46.34
N ASN F 383 -13.44 46.68 47.00
CA ASN F 383 -13.66 46.53 48.43
C ASN F 383 -14.79 45.52 48.65
N GLY F 384 -14.43 44.25 48.72
CA GLY F 384 -15.44 43.23 49.01
C GLY F 384 -15.95 42.57 47.73
N GLY F 385 -16.44 41.34 47.87
CA GLY F 385 -17.18 40.74 46.80
C GLY F 385 -16.34 40.08 45.70
N VAL F 386 -15.03 39.90 45.96
CA VAL F 386 -14.17 39.32 44.92
C VAL F 386 -13.76 37.91 45.35
N THR F 387 -14.00 36.94 44.47
CA THR F 387 -13.68 35.55 44.77
C THR F 387 -12.97 34.94 43.56
N MET F 388 -12.20 33.89 43.84
CA MET F 388 -11.63 33.05 42.81
C MET F 388 -12.02 31.60 43.14
N GLU F 389 -12.71 30.97 42.20
CA GLU F 389 -13.19 29.59 42.38
C GLU F 389 -12.18 28.64 41.75
N ILE F 390 -11.82 27.59 42.50
CA ILE F 390 -11.07 26.45 42.00
C ILE F 390 -12.07 25.37 41.59
N ARG F 391 -12.13 25.09 40.28
CA ARG F 391 -13.05 24.12 39.72
C ARG F 391 -12.30 23.08 38.88
N MET F 392 -12.95 21.92 38.69
CA MET F 392 -12.36 20.80 37.96
C MET F 392 -13.06 20.65 36.61
N GLY F 393 -12.28 20.35 35.55
CA GLY F 393 -12.85 19.94 34.29
C GLY F 393 -13.20 21.08 33.32
N SER F 394 -13.85 22.14 33.84
CA SER F 394 -14.19 23.29 33.01
C SER F 394 -14.50 24.46 33.93
N GLN F 395 -14.81 25.62 33.37
CA GLN F 395 -15.12 26.80 34.18
C GLN F 395 -16.47 26.68 34.87
N GLU F 396 -17.28 25.71 34.46
CA GLU F 396 -18.56 25.42 35.06
C GLU F 396 -18.57 23.98 35.57
N GLY F 397 -17.38 23.43 35.81
CA GLY F 397 -17.28 22.12 36.43
C GLY F 397 -17.36 22.22 37.96
N PRO F 398 -17.23 21.08 38.63
CA PRO F 398 -17.40 21.02 40.08
C PRO F 398 -16.41 21.90 40.82
N ILE F 399 -16.91 22.61 41.84
CA ILE F 399 -16.11 23.56 42.61
C ILE F 399 -15.41 22.82 43.75
N ALA F 400 -14.08 22.88 43.75
CA ALA F 400 -13.26 22.35 44.84
C ALA F 400 -13.08 23.37 45.97
N GLY F 401 -13.08 24.67 45.61
CA GLY F 401 -12.83 25.64 46.67
C GLY F 401 -13.04 27.05 46.20
N THR F 402 -13.18 27.96 47.17
CA THR F 402 -13.35 29.37 46.88
C THR F 402 -12.37 30.21 47.70
N VAL F 403 -11.65 31.11 47.01
CA VAL F 403 -10.74 32.03 47.67
C VAL F 403 -11.34 33.44 47.67
N LYS F 404 -11.48 34.00 48.87
CA LYS F 404 -11.90 35.37 49.01
C LYS F 404 -10.69 36.27 48.89
N VAL F 405 -10.69 37.12 47.87
CA VAL F 405 -9.53 37.92 47.55
C VAL F 405 -9.64 39.26 48.26
N PRO F 406 -8.65 39.63 49.09
CA PRO F 406 -8.78 40.87 49.88
C PRO F 406 -8.35 42.10 49.06
N LEU F 407 -8.83 43.24 49.53
CA LEU F 407 -8.44 44.51 48.96
C LEU F 407 -6.98 44.76 49.31
N THR F 408 -6.16 45.03 48.26
CA THR F 408 -4.76 45.35 48.50
C THR F 408 -4.40 46.76 48.02
N GLY F 409 -5.19 47.32 47.11
CA GLY F 409 -5.01 48.72 46.67
C GLY F 409 -4.53 48.83 45.22
N GLY F 410 -3.83 47.82 44.72
CA GLY F 410 -3.25 47.87 43.40
C GLY F 410 -2.27 46.71 43.21
N ASP F 411 -1.91 46.43 41.96
CA ASP F 411 -1.09 45.24 41.70
C ASP F 411 0.37 45.39 42.14
N ASP F 412 0.66 46.42 42.92
CA ASP F 412 1.94 46.51 43.61
C ASP F 412 1.86 45.94 45.03
N ARG F 413 0.66 45.50 45.45
CA ARG F 413 0.46 44.97 46.80
C ARG F 413 -0.31 43.66 46.72
N TRP F 414 0.11 42.67 47.51
CA TRP F 414 -0.34 41.30 47.37
C TRP F 414 -0.52 40.65 48.74
N GLU F 415 -1.39 39.63 48.78
CA GLU F 415 -1.58 38.80 49.96
C GLU F 415 -1.61 37.35 49.54
N ILE F 416 -1.18 36.47 50.46
CA ILE F 416 -1.32 35.03 50.29
C ILE F 416 -2.51 34.52 51.10
N ILE F 417 -3.44 33.85 50.42
CA ILE F 417 -4.64 33.32 51.03
C ILE F 417 -4.57 31.80 51.04
N ASN F 418 -4.75 31.23 52.24
CA ASN F 418 -4.78 29.78 52.45
C ASN F 418 -6.20 29.31 52.75
N VAL F 419 -6.70 28.34 52.00
CA VAL F 419 -7.99 27.72 52.30
C VAL F 419 -7.89 26.20 52.27
N LYS F 420 -8.70 25.59 53.18
CA LYS F 420 -9.06 24.18 53.10
C LYS F 420 -10.23 23.93 52.18
N LEU F 421 -10.01 23.03 51.24
CA LEU F 421 -10.95 22.78 50.18
C LEU F 421 -12.12 21.95 50.71
N ASP F 422 -13.26 22.14 50.07
CA ASP F 422 -14.48 21.48 50.46
C ASP F 422 -14.35 19.99 50.27
N ARG F 423 -13.58 19.56 49.28
CA ARG F 423 -13.38 18.14 49.08
C ARG F 423 -11.93 17.89 48.66
N LYS F 424 -11.43 16.69 48.91
CA LYS F 424 -10.12 16.33 48.43
C LYS F 424 -10.07 16.12 46.93
N ILE F 425 -8.92 16.41 46.30
CA ILE F 425 -8.75 16.19 44.87
C ILE F 425 -7.71 15.12 44.68
N THR F 426 -8.04 14.12 43.86
CA THR F 426 -7.09 13.04 43.55
C THR F 426 -7.08 12.82 42.06
N GLY F 427 -6.02 12.14 41.57
CA GLY F 427 -5.94 11.74 40.17
C GLY F 427 -5.66 12.89 39.22
N ILE F 428 -5.75 12.59 37.92
CA ILE F 428 -5.51 13.57 36.87
C ILE F 428 -6.71 14.50 36.73
N GLN F 429 -6.44 15.80 36.75
CA GLN F 429 -7.49 16.81 36.63
C GLN F 429 -7.00 17.92 35.69
N ASP F 430 -7.98 18.58 35.07
CA ASP F 430 -7.79 19.89 34.49
C ASP F 430 -8.34 20.89 35.49
N VAL F 431 -7.53 21.88 35.87
CA VAL F 431 -7.86 22.78 36.96
C VAL F 431 -8.16 24.16 36.39
N TYR F 432 -9.34 24.70 36.73
CA TYR F 432 -9.78 26.00 36.27
C TYR F 432 -9.87 26.95 37.45
N PHE F 433 -9.33 28.16 37.27
CA PHE F 433 -9.45 29.25 38.22
C PHE F 433 -10.36 30.29 37.59
N VAL F 434 -11.53 30.51 38.22
CA VAL F 434 -12.52 31.45 37.71
C VAL F 434 -12.56 32.66 38.63
N PHE F 435 -12.47 33.88 38.04
CA PHE F 435 -12.37 35.11 38.84
C PHE F 435 -13.70 35.85 38.78
N LYS F 436 -14.28 36.15 39.94
CA LYS F 436 -15.61 36.72 40.02
C LYS F 436 -15.62 37.97 40.90
N GLY F 437 -16.37 38.98 40.46
CA GLY F 437 -16.55 40.18 41.23
C GLY F 437 -17.69 40.98 40.60
N LYS F 438 -18.11 42.04 41.28
CA LYS F 438 -19.23 42.86 40.84
C LYS F 438 -18.86 44.03 39.93
N ALA F 439 -17.56 44.28 39.75
CA ALA F 439 -17.18 45.41 38.92
C ALA F 439 -17.19 44.99 37.47
N SER F 440 -17.20 45.99 36.61
CA SER F 440 -17.25 45.72 35.18
C SER F 440 -15.87 45.47 34.57
N SER F 441 -14.79 45.83 35.28
CA SER F 441 -13.44 45.61 34.79
C SER F 441 -12.52 45.28 35.97
N ASN F 442 -11.30 44.82 35.63
CA ASN F 442 -10.21 44.65 36.61
C ASN F 442 -10.70 43.98 37.89
N ILE F 443 -11.10 42.70 37.77
CA ILE F 443 -11.66 42.02 38.92
C ILE F 443 -10.59 41.80 40.00
N MET F 444 -9.43 41.25 39.60
CA MET F 444 -8.37 40.91 40.52
C MET F 444 -7.11 40.57 39.76
N TYR F 445 -6.01 40.34 40.51
CA TYR F 445 -4.72 39.97 39.97
C TYR F 445 -4.21 38.76 40.75
N PHE F 446 -3.40 37.94 40.05
CA PHE F 446 -3.10 36.58 40.47
C PHE F 446 -1.64 36.31 40.06
N ASP F 447 -0.82 35.86 41.03
CA ASP F 447 0.62 35.68 40.81
C ASP F 447 1.00 34.20 40.73
N TYR F 448 0.68 33.42 41.76
CA TYR F 448 1.00 31.99 41.76
C TYR F 448 0.02 31.23 42.65
N TRP F 449 0.05 29.90 42.56
CA TRP F 449 -0.77 29.06 43.43
C TRP F 449 -0.01 27.78 43.78
N LYS F 450 -0.53 27.02 44.74
CA LYS F 450 -0.01 25.71 45.11
C LYS F 450 -1.05 24.98 45.95
N PHE F 451 -1.04 23.64 45.87
CA PHE F 451 -1.85 22.78 46.73
C PHE F 451 -0.97 22.13 47.79
N SER F 452 -1.61 21.66 48.85
CA SER F 452 -0.94 20.96 49.94
C SER F 452 -1.75 19.69 50.26
N LYS F 453 -1.03 18.69 50.82
CA LYS F 453 -1.59 17.37 51.07
C LYS F 453 -2.74 17.35 52.08
N GLN G 22 -55.09 13.02 -28.94
CA GLN G 22 -55.88 11.77 -29.08
C GLN G 22 -55.32 10.73 -28.10
N ASN G 23 -56.16 9.74 -27.82
CA ASN G 23 -55.83 8.73 -26.87
C ASN G 23 -56.24 7.44 -27.54
N PRO G 24 -55.48 6.33 -27.35
CA PRO G 24 -54.22 6.27 -26.59
C PRO G 24 -53.08 7.05 -27.23
N ILE G 25 -52.12 7.52 -26.43
CA ILE G 25 -51.02 8.33 -26.95
C ILE G 25 -49.95 7.47 -27.62
N ILE G 26 -49.91 6.17 -27.29
CA ILE G 26 -48.97 5.22 -27.87
C ILE G 26 -49.76 4.10 -28.50
N GLN G 27 -49.51 3.87 -29.83
CA GLN G 27 -50.31 2.86 -30.51
C GLN G 27 -49.44 1.76 -31.12
N THR G 28 -48.12 1.88 -31.04
CA THR G 28 -47.20 1.00 -31.74
C THR G 28 -46.77 -0.20 -30.88
N MET G 29 -47.33 -0.29 -29.66
CA MET G 29 -47.07 -1.35 -28.71
C MET G 29 -48.13 -1.21 -27.63
N TYR G 30 -48.34 -2.31 -26.89
CA TYR G 30 -49.22 -2.28 -25.74
C TYR G 30 -48.44 -1.81 -24.51
N THR G 31 -48.89 -0.69 -23.94
CA THR G 31 -48.18 -0.05 -22.83
C THR G 31 -49.13 0.14 -21.65
N ALA G 32 -48.57 0.19 -20.46
CA ALA G 32 -49.40 0.32 -19.29
C ALA G 32 -48.63 1.00 -18.15
N ASP G 33 -49.35 1.27 -17.06
CA ASP G 33 -48.80 1.76 -15.80
C ASP G 33 -47.96 3.01 -15.99
N PRO G 34 -48.52 4.08 -16.59
CA PRO G 34 -47.69 5.23 -16.94
C PRO G 34 -47.16 5.97 -15.71
N ALA G 35 -45.89 6.38 -15.78
CA ALA G 35 -45.21 7.07 -14.69
C ALA G 35 -44.46 8.27 -15.29
N PRO G 36 -45.08 9.47 -15.31
CA PRO G 36 -44.43 10.62 -15.89
C PRO G 36 -43.31 11.20 -15.02
N MET G 37 -42.46 11.98 -15.70
CA MET G 37 -41.31 12.60 -15.06
C MET G 37 -40.83 13.76 -15.95
N VAL G 38 -40.53 14.91 -15.38
CA VAL G 38 -40.07 16.06 -16.12
C VAL G 38 -38.57 16.20 -15.91
N TYR G 39 -37.83 16.41 -17.00
CA TYR G 39 -36.41 16.73 -16.86
C TYR G 39 -36.01 17.72 -17.94
N ASN G 40 -35.42 18.84 -17.49
CA ASN G 40 -34.91 19.87 -18.39
C ASN G 40 -35.94 20.25 -19.46
N ASN G 41 -37.17 20.55 -19.02
CA ASN G 41 -38.22 21.06 -19.91
C ASN G 41 -38.64 20.03 -20.98
N ARG G 42 -38.50 18.73 -20.67
CA ARG G 42 -39.09 17.70 -21.53
C ARG G 42 -39.87 16.74 -20.62
N LEU G 43 -41.02 16.27 -21.10
CA LEU G 43 -41.87 15.39 -20.29
C LEU G 43 -41.72 13.95 -20.76
N TYR G 44 -41.27 13.10 -19.87
CA TYR G 44 -41.08 11.67 -20.12
C TYR G 44 -42.20 10.91 -19.43
N VAL G 45 -42.53 9.74 -19.96
CA VAL G 45 -43.44 8.79 -19.32
C VAL G 45 -42.80 7.42 -19.43
N TYR G 46 -42.49 6.81 -18.30
CA TYR G 46 -42.02 5.42 -18.26
C TYR G 46 -43.25 4.52 -18.21
N THR G 47 -43.18 3.41 -18.99
CA THR G 47 -44.31 2.52 -19.03
C THR G 47 -43.84 1.08 -18.97
N THR G 48 -44.76 0.21 -18.55
CA THR G 48 -44.59 -1.22 -18.70
C THR G 48 -45.06 -1.61 -20.09
N HIS G 49 -44.82 -2.90 -20.44
CA HIS G 49 -44.95 -3.37 -21.81
C HIS G 49 -45.70 -4.69 -21.77
N ASP G 50 -46.95 -4.69 -22.26
CA ASP G 50 -47.71 -5.92 -22.43
C ASP G 50 -47.31 -6.55 -23.77
N GLU G 51 -46.85 -7.80 -23.73
CA GLU G 51 -46.48 -8.48 -24.98
C GLU G 51 -47.71 -8.59 -25.91
N ASP G 52 -47.47 -8.62 -27.22
CA ASP G 52 -48.52 -8.95 -28.17
C ASP G 52 -49.20 -10.29 -27.85
N GLN G 53 -50.53 -10.32 -28.08
CA GLN G 53 -51.33 -11.55 -27.97
C GLN G 53 -51.29 -12.17 -26.56
N SER G 54 -51.28 -11.32 -25.54
CA SER G 54 -51.32 -11.78 -24.17
C SER G 54 -52.74 -12.14 -23.75
N THR G 55 -52.86 -13.27 -23.05
CA THR G 55 -54.10 -13.63 -22.36
C THR G 55 -53.89 -13.60 -20.85
N TRP G 56 -52.66 -13.29 -20.44
CA TRP G 56 -52.29 -13.10 -19.03
C TRP G 56 -51.28 -11.95 -19.01
N PHE G 57 -50.89 -11.48 -17.83
CA PHE G 57 -49.87 -10.45 -17.74
C PHE G 57 -48.51 -11.00 -18.21
N ASN G 58 -48.09 -10.59 -19.43
CA ASN G 58 -46.82 -11.03 -19.99
C ASN G 58 -45.95 -9.78 -20.09
N MET G 59 -45.17 -9.52 -19.03
CA MET G 59 -44.56 -8.17 -18.93
C MET G 59 -43.08 -8.33 -18.57
N ASN G 60 -42.20 -7.88 -19.48
CA ASN G 60 -40.80 -8.28 -19.42
C ASN G 60 -39.82 -7.10 -19.31
N ASP G 61 -40.19 -5.94 -19.87
CA ASP G 61 -39.25 -4.82 -19.90
C ASP G 61 -40.03 -3.51 -19.74
N TRP G 62 -39.28 -2.41 -19.59
CA TRP G 62 -39.85 -1.09 -19.38
C TRP G 62 -39.44 -0.18 -20.51
N LYS G 63 -40.30 0.76 -20.88
CA LYS G 63 -40.06 1.68 -21.97
C LYS G 63 -40.08 3.11 -21.43
N VAL G 64 -39.57 4.05 -22.24
CA VAL G 64 -39.80 5.45 -21.90
C VAL G 64 -40.13 6.21 -23.20
N TYR G 65 -41.15 7.07 -23.12
CA TYR G 65 -41.52 7.95 -24.23
C TYR G 65 -41.36 9.38 -23.74
N SER G 66 -41.28 10.34 -24.68
CA SER G 66 -41.10 11.73 -24.29
C SER G 66 -41.81 12.65 -25.25
N THR G 67 -42.10 13.87 -24.78
CA THR G 67 -42.75 14.86 -25.62
C THR G 67 -42.23 16.24 -25.27
N ASN G 68 -42.31 17.10 -26.29
CA ASN G 68 -42.08 18.53 -26.15
C ASN G 68 -43.38 19.34 -26.26
N ASP G 69 -44.51 18.70 -26.65
CA ASP G 69 -45.64 19.44 -27.17
C ASP G 69 -46.99 18.84 -26.76
N MET G 70 -46.99 17.66 -26.15
CA MET G 70 -48.17 16.99 -25.61
C MET G 70 -49.03 16.33 -26.70
N VAL G 71 -48.62 16.37 -27.97
CA VAL G 71 -49.40 15.72 -29.02
C VAL G 71 -48.53 14.70 -29.76
N ASN G 72 -47.21 14.92 -29.81
CA ASN G 72 -46.30 13.99 -30.46
C ASN G 72 -45.41 13.34 -29.40
N TRP G 73 -45.34 12.01 -29.45
CA TRP G 73 -44.58 11.23 -28.47
C TRP G 73 -43.46 10.48 -29.14
N THR G 74 -42.24 10.67 -28.63
CA THR G 74 -41.06 9.96 -29.09
C THR G 74 -40.89 8.65 -28.32
N ASP G 75 -40.75 7.55 -29.06
CA ASP G 75 -40.51 6.24 -28.48
C ASP G 75 -38.99 6.05 -28.35
N HIS G 76 -38.53 5.91 -27.10
CA HIS G 76 -37.09 5.79 -26.86
C HIS G 76 -36.69 4.33 -26.65
N GLY G 77 -37.65 3.40 -26.79
CA GLY G 77 -37.29 1.98 -26.80
C GLY G 77 -37.21 1.41 -25.39
N THR G 78 -36.70 0.19 -25.32
CA THR G 78 -36.52 -0.47 -24.02
C THR G 78 -35.37 0.24 -23.29
N ILE G 79 -35.60 0.60 -22.02
CA ILE G 79 -34.54 1.22 -21.24
C ILE G 79 -34.13 0.37 -20.01
N LEU G 80 -34.86 -0.73 -19.75
CA LEU G 80 -34.54 -1.63 -18.65
C LEU G 80 -35.35 -2.90 -18.84
N LYS G 81 -34.80 -4.03 -18.36
CA LYS G 81 -35.45 -5.32 -18.45
C LYS G 81 -35.44 -6.00 -17.09
N TYR G 82 -36.37 -6.94 -16.90
CA TYR G 82 -36.39 -7.70 -15.67
C TYR G 82 -35.05 -8.40 -15.47
N SER G 83 -34.46 -8.88 -16.55
CA SER G 83 -33.23 -9.67 -16.46
C SER G 83 -32.02 -8.81 -16.12
N ASP G 84 -32.15 -7.49 -16.18
CA ASP G 84 -31.08 -6.63 -15.71
C ASP G 84 -30.93 -6.67 -14.18
N PHE G 85 -31.88 -7.28 -13.49
CA PHE G 85 -31.75 -7.63 -12.09
C PHE G 85 -31.50 -9.14 -12.06
N ALA G 86 -30.26 -9.55 -11.72
CA ALA G 86 -29.91 -10.97 -11.81
C ALA G 86 -30.77 -11.86 -10.90
N TRP G 87 -31.39 -11.26 -9.90
CA TRP G 87 -32.19 -12.00 -8.92
C TRP G 87 -33.68 -12.02 -9.25
N ALA G 88 -34.08 -11.38 -10.39
CA ALA G 88 -35.48 -11.33 -10.77
C ALA G 88 -35.87 -12.52 -11.64
N LYS G 89 -37.05 -13.11 -11.35
CA LYS G 89 -37.55 -14.23 -12.13
C LYS G 89 -38.42 -13.75 -13.30
N GLY G 90 -39.07 -12.61 -13.13
CA GLY G 90 -39.95 -12.08 -14.17
C GLY G 90 -40.91 -11.07 -13.57
N ASP G 91 -41.97 -10.78 -14.34
CA ASP G 91 -43.05 -9.87 -13.97
C ASP G 91 -42.56 -8.43 -13.81
N ALA G 92 -42.20 -7.78 -14.93
CA ALA G 92 -41.74 -6.39 -14.92
C ALA G 92 -42.96 -5.46 -14.84
N TRP G 93 -43.39 -5.15 -13.61
CA TRP G 93 -44.66 -4.44 -13.42
C TRP G 93 -44.42 -2.95 -13.16
N ALA G 94 -45.44 -2.24 -12.64
CA ALA G 94 -45.50 -0.79 -12.65
C ALA G 94 -44.31 -0.14 -11.94
N ALA G 95 -43.55 0.69 -12.68
CA ALA G 95 -42.34 1.31 -12.16
C ALA G 95 -42.48 2.83 -12.18
N GLN G 96 -41.57 3.50 -11.44
CA GLN G 96 -41.49 4.96 -11.51
C GLN G 96 -40.03 5.40 -11.47
N CYS G 97 -39.71 6.41 -12.28
CA CYS G 97 -38.41 7.04 -12.26
C CYS G 97 -38.54 8.46 -11.68
N VAL G 98 -37.58 8.78 -10.77
CA VAL G 98 -37.46 10.14 -10.26
C VAL G 98 -36.04 10.62 -10.48
N GLU G 99 -35.88 11.94 -10.64
CA GLU G 99 -34.58 12.55 -10.93
C GLU G 99 -34.11 13.32 -9.68
N LYS G 100 -32.79 13.39 -9.49
CA LYS G 100 -32.21 14.22 -8.44
C LYS G 100 -30.77 14.54 -8.82
N ASN G 101 -30.48 15.82 -8.97
CA ASN G 101 -29.14 16.31 -9.35
C ASN G 101 -28.59 15.59 -10.57
N GLY G 102 -29.44 15.38 -11.56
CA GLY G 102 -29.08 14.77 -12.82
C GLY G 102 -28.75 13.27 -12.74
N LYS G 103 -29.13 12.60 -11.64
CA LYS G 103 -29.15 11.14 -11.59
C LYS G 103 -30.60 10.64 -11.53
N PHE G 104 -30.87 9.50 -12.16
CA PHE G 104 -32.23 9.02 -12.33
C PHE G 104 -32.41 7.65 -11.66
N TYR G 105 -33.36 7.58 -10.73
CA TYR G 105 -33.61 6.39 -9.92
C TYR G 105 -34.94 5.77 -10.32
N LEU G 106 -34.87 4.52 -10.82
CA LEU G 106 -36.04 3.83 -11.33
C LEU G 106 -36.40 2.70 -10.36
N TYR G 107 -37.55 2.86 -9.70
CA TYR G 107 -38.03 1.90 -8.71
C TYR G 107 -39.02 0.96 -9.39
N VAL G 108 -38.73 -0.33 -9.32
CA VAL G 108 -39.42 -1.31 -10.15
C VAL G 108 -39.85 -2.48 -9.27
N PRO G 109 -41.05 -3.04 -9.49
CA PRO G 109 -41.40 -4.29 -8.81
C PRO G 109 -41.09 -5.50 -9.72
N VAL G 110 -40.41 -6.50 -9.16
CA VAL G 110 -40.14 -7.73 -9.86
C VAL G 110 -40.29 -8.89 -8.89
N VAL G 111 -40.60 -10.08 -9.45
CA VAL G 111 -40.64 -11.28 -8.62
C VAL G 111 -39.21 -11.80 -8.44
N SER G 112 -38.83 -12.09 -7.20
CA SER G 112 -37.47 -12.55 -6.92
C SER G 112 -37.38 -14.06 -7.14
N LYS G 113 -36.23 -14.52 -7.64
CA LYS G 113 -35.94 -15.94 -7.74
C LYS G 113 -35.64 -16.58 -6.38
N VAL G 114 -35.17 -15.80 -5.39
CA VAL G 114 -34.72 -16.34 -4.11
C VAL G 114 -35.88 -16.99 -3.36
N ASN G 115 -37.06 -16.35 -3.39
CA ASN G 115 -38.19 -16.83 -2.62
C ASN G 115 -39.49 -16.80 -3.44
N ASN G 116 -39.40 -16.46 -4.72
CA ASN G 116 -40.53 -16.53 -5.63
C ASN G 116 -41.67 -15.59 -5.22
N LYS G 117 -41.34 -14.46 -4.62
CA LYS G 117 -42.34 -13.46 -4.27
C LYS G 117 -41.88 -12.08 -4.70
N GLY G 118 -42.82 -11.15 -4.79
CA GLY G 118 -42.59 -9.78 -5.17
C GLY G 118 -41.51 -9.09 -4.34
N ALA G 119 -40.86 -8.10 -4.98
CA ALA G 119 -39.87 -7.27 -4.31
C ALA G 119 -39.75 -5.98 -5.12
N ILE G 120 -39.24 -4.93 -4.45
CA ILE G 120 -38.92 -3.70 -5.17
C ILE G 120 -37.41 -3.58 -5.29
N GLY G 121 -36.94 -3.34 -6.53
CA GLY G 121 -35.56 -3.02 -6.82
C GLY G 121 -35.46 -1.56 -7.28
N VAL G 122 -34.22 -1.11 -7.46
CA VAL G 122 -33.93 0.23 -7.91
C VAL G 122 -32.72 0.15 -8.85
N ALA G 123 -32.87 0.79 -10.03
CA ALA G 123 -31.78 0.98 -10.96
C ALA G 123 -31.45 2.47 -11.01
N VAL G 124 -30.21 2.82 -11.38
CA VAL G 124 -29.78 4.20 -11.44
C VAL G 124 -29.10 4.43 -12.79
N GLY G 125 -29.37 5.60 -13.38
CA GLY G 125 -28.75 5.99 -14.64
C GLY G 125 -28.42 7.47 -14.64
N ASP G 126 -27.65 7.91 -15.62
CA ASP G 126 -27.21 9.31 -15.65
C ASP G 126 -27.91 10.13 -16.73
N SER G 127 -28.88 9.52 -17.42
CA SER G 127 -29.77 10.28 -18.28
C SER G 127 -31.14 9.61 -18.19
N PRO G 128 -32.22 10.28 -18.64
CA PRO G 128 -33.53 9.64 -18.60
C PRO G 128 -33.59 8.38 -19.45
N LEU G 129 -32.65 8.23 -20.40
CA LEU G 129 -32.65 7.11 -21.32
C LEU G 129 -31.72 6.02 -20.84
N GLY G 130 -31.14 6.18 -19.65
CA GLY G 130 -30.22 5.16 -19.17
C GLY G 130 -28.80 5.45 -19.66
N PRO G 131 -27.93 4.43 -19.69
CA PRO G 131 -28.27 3.06 -19.27
C PRO G 131 -28.60 2.98 -17.78
N PHE G 132 -29.47 2.07 -17.39
CA PHE G 132 -29.87 1.92 -16.00
C PHE G 132 -29.28 0.64 -15.47
N TYR G 133 -28.70 0.72 -14.25
CA TYR G 133 -28.07 -0.48 -13.69
C TYR G 133 -28.62 -0.73 -12.28
N ASP G 134 -28.85 -2.00 -11.99
CA ASP G 134 -29.15 -2.46 -10.64
C ASP G 134 -27.96 -2.12 -9.73
N VAL G 135 -28.12 -1.19 -8.79
CA VAL G 135 -27.02 -0.76 -7.94
C VAL G 135 -26.94 -1.57 -6.64
N LEU G 136 -27.93 -2.42 -6.35
CA LEU G 136 -27.94 -3.20 -5.10
C LEU G 136 -27.60 -4.68 -5.28
N GLY G 137 -28.03 -5.31 -6.38
CA GLY G 137 -27.80 -6.74 -6.53
C GLY G 137 -28.82 -7.56 -5.72
N LYS G 138 -29.82 -6.90 -5.15
CA LYS G 138 -30.83 -7.52 -4.31
C LYS G 138 -31.96 -6.50 -4.19
N PRO G 139 -33.10 -6.87 -3.57
CA PRO G 139 -34.21 -5.91 -3.44
C PRO G 139 -33.80 -4.69 -2.62
N LEU G 140 -34.40 -3.55 -2.98
CA LEU G 140 -34.40 -2.41 -2.08
C LEU G 140 -35.26 -2.72 -0.85
N VAL G 141 -36.40 -3.38 -1.04
CA VAL G 141 -37.29 -3.75 0.05
C VAL G 141 -38.04 -5.02 -0.37
N GLN G 142 -38.21 -5.94 0.57
CA GLN G 142 -39.09 -7.10 0.41
C GLN G 142 -39.77 -7.37 1.74
N SER G 143 -41.10 -7.38 1.72
CA SER G 143 -41.90 -7.67 2.90
C SER G 143 -42.44 -9.09 2.83
N GLU G 144 -43.52 -9.37 3.55
CA GLU G 144 -44.09 -10.70 3.55
C GLU G 144 -44.89 -10.96 2.28
N TRP G 145 -45.63 -9.97 1.83
CA TRP G 145 -46.50 -10.15 0.70
C TRP G 145 -46.91 -8.80 0.11
N GLY G 146 -47.12 -8.79 -1.22
CA GLY G 146 -47.72 -7.67 -1.91
C GLY G 146 -46.73 -6.56 -2.25
N ASP G 147 -45.50 -6.95 -2.64
CA ASP G 147 -44.45 -6.00 -2.94
C ASP G 147 -44.50 -5.59 -4.41
N ILE G 148 -45.49 -4.74 -4.75
CA ILE G 148 -45.61 -4.23 -6.10
C ILE G 148 -45.92 -2.72 -6.04
N ASP G 149 -45.81 -2.07 -7.22
CA ASP G 149 -46.33 -0.75 -7.52
C ASP G 149 -45.74 0.36 -6.67
N PRO G 150 -44.41 0.59 -6.68
CA PRO G 150 -43.83 1.68 -5.89
C PRO G 150 -44.10 3.05 -6.52
N THR G 151 -44.26 4.04 -5.62
CA THR G 151 -44.19 5.44 -5.99
C THR G 151 -43.21 6.11 -5.02
N VAL G 152 -42.44 7.05 -5.56
CA VAL G 152 -41.41 7.76 -4.83
C VAL G 152 -41.62 9.25 -5.07
N PHE G 153 -41.52 10.05 -4.00
CA PHE G 153 -41.66 11.49 -4.13
C PHE G 153 -40.61 12.17 -3.25
N ILE G 154 -39.93 13.17 -3.85
CA ILE G 154 -38.97 13.99 -3.10
C ILE G 154 -39.66 15.30 -2.72
N ASP G 155 -39.73 15.55 -1.40
CA ASP G 155 -40.45 16.72 -0.89
C ASP G 155 -39.64 17.99 -1.09
N ASP G 156 -40.23 19.13 -0.73
CA ASP G 156 -39.57 20.44 -0.86
C ASP G 156 -38.33 20.52 0.03
N ASP G 157 -38.36 19.86 1.18
CA ASP G 157 -37.25 19.83 2.11
C ASP G 157 -36.12 18.89 1.67
N GLY G 158 -36.26 18.22 0.51
CA GLY G 158 -35.22 17.33 0.00
C GLY G 158 -35.33 15.87 0.46
N GLN G 159 -36.38 15.55 1.23
CA GLN G 159 -36.57 14.22 1.82
C GLN G 159 -37.57 13.39 0.96
N ALA G 160 -37.21 12.10 0.76
CA ALA G 160 -37.86 11.22 -0.19
C ALA G 160 -38.70 10.17 0.56
N HIS G 161 -39.88 9.90 -0.01
CA HIS G 161 -40.91 9.07 0.57
C HIS G 161 -41.25 7.98 -0.45
N MET G 162 -41.41 6.74 0.03
CA MET G 162 -41.83 5.66 -0.86
C MET G 162 -43.11 4.99 -0.32
N TYR G 163 -44.11 4.87 -1.21
CA TYR G 163 -45.30 4.07 -0.94
C TYR G 163 -45.39 2.93 -1.95
N TRP G 164 -46.05 1.84 -1.58
CA TRP G 164 -46.28 0.75 -2.51
C TRP G 164 -47.28 -0.22 -1.89
N GLY G 165 -47.65 -1.28 -2.62
CA GLY G 165 -48.33 -2.38 -1.99
C GLY G 165 -49.68 -2.79 -2.59
N ASN G 166 -49.94 -4.10 -2.59
CA ASN G 166 -51.22 -4.72 -2.91
C ASN G 166 -51.27 -6.08 -2.22
N PRO G 167 -52.15 -6.32 -1.24
CA PRO G 167 -53.28 -5.44 -0.87
C PRO G 167 -52.96 -4.35 0.14
N LYS G 168 -51.83 -4.46 0.87
CA LYS G 168 -51.53 -3.55 1.96
C LYS G 168 -50.69 -2.38 1.46
N LEU G 169 -51.17 -1.15 1.73
CA LEU G 169 -50.38 0.04 1.44
C LEU G 169 -49.24 0.13 2.48
N LYS G 170 -48.02 0.26 1.97
CA LYS G 170 -46.82 0.32 2.78
C LYS G 170 -46.02 1.56 2.44
N TYR G 171 -45.22 1.96 3.43
CA TYR G 171 -44.48 3.21 3.34
C TYR G 171 -43.16 3.08 4.06
N VAL G 172 -42.12 3.68 3.49
CA VAL G 172 -40.86 3.81 4.20
C VAL G 172 -40.33 5.16 3.79
N LYS G 173 -39.44 5.69 4.63
CA LYS G 173 -38.77 6.92 4.26
C LYS G 173 -37.40 6.54 3.76
N LEU G 174 -37.02 7.07 2.63
CA LEU G 174 -35.74 6.69 2.06
C LEU G 174 -34.68 7.70 2.45
N ASN G 175 -33.44 7.24 2.53
CA ASN G 175 -32.34 8.14 2.80
C ASN G 175 -32.06 8.96 1.53
N GLU G 176 -31.24 10.00 1.69
CA GLU G 176 -30.75 10.71 0.51
C GLU G 176 -30.12 9.77 -0.54
N ASP G 177 -29.42 8.71 -0.12
CA ASP G 177 -28.77 8.00 -1.21
C ASP G 177 -29.81 7.48 -2.23
N MET G 178 -31.11 7.51 -1.85
CA MET G 178 -32.25 7.10 -2.62
C MET G 178 -32.30 5.57 -2.88
N ILE G 179 -31.33 4.82 -2.36
CA ILE G 179 -31.17 3.43 -2.66
C ILE G 179 -31.10 2.61 -1.37
N SER G 180 -31.63 3.19 -0.28
CA SER G 180 -31.75 2.50 1.00
C SER G 180 -32.83 3.22 1.81
N TYR G 181 -33.26 2.57 2.92
CA TYR G 181 -34.19 3.19 3.84
C TYR G 181 -33.72 2.95 5.27
N SER G 182 -34.11 3.87 6.16
CA SER G 182 -33.63 3.96 7.53
C SER G 182 -34.57 3.39 8.57
N GLY G 183 -35.88 3.62 8.44
CA GLY G 183 -36.74 3.26 9.56
C GLY G 183 -37.31 1.86 9.42
N ASP G 184 -38.57 1.70 9.81
CA ASP G 184 -39.26 0.43 9.65
C ASP G 184 -40.20 0.51 8.43
N ILE G 185 -40.60 -0.68 7.95
CA ILE G 185 -41.68 -0.74 6.98
C ILE G 185 -42.99 -0.43 7.70
N ILE G 186 -43.60 0.71 7.34
CA ILE G 186 -44.83 1.17 7.96
C ILE G 186 -46.01 0.68 7.12
N GLU G 187 -46.93 -0.02 7.79
CA GLU G 187 -48.20 -0.39 7.16
C GLU G 187 -49.20 0.73 7.44
N VAL G 188 -49.59 1.45 6.40
CA VAL G 188 -50.55 2.54 6.53
C VAL G 188 -51.92 1.99 6.91
N PRO G 189 -52.58 2.54 7.95
CA PRO G 189 -53.88 2.00 8.39
C PRO G 189 -54.91 2.07 7.25
N MET G 190 -55.47 0.90 6.95
CA MET G 190 -56.46 0.73 5.89
C MET G 190 -57.85 1.08 6.45
N THR G 191 -58.11 2.36 6.58
CA THR G 191 -59.33 2.89 7.18
C THR G 191 -60.17 3.58 6.10
N GLU G 192 -61.45 3.72 6.40
CA GLU G 192 -62.37 4.37 5.50
C GLU G 192 -62.18 5.88 5.41
N GLU G 193 -61.76 6.52 6.48
CA GLU G 193 -61.58 7.96 6.47
C GLU G 193 -60.43 8.30 5.52
N SER G 194 -59.53 7.35 5.34
CA SER G 194 -58.40 7.57 4.50
C SER G 194 -58.60 7.02 3.09
N PHE G 195 -59.28 5.87 2.92
CA PHE G 195 -59.32 5.27 1.59
C PHE G 195 -60.67 4.80 1.12
N GLY G 196 -61.73 5.14 1.86
CA GLY G 196 -63.07 4.84 1.40
C GLY G 196 -63.50 3.50 1.94
N LYS G 197 -64.79 3.21 1.63
CA LYS G 197 -65.32 1.94 2.12
C LYS G 197 -65.77 1.03 1.00
N ARG G 198 -65.37 -0.23 1.10
CA ARG G 198 -65.84 -1.27 0.24
C ARG G 198 -66.37 -2.28 1.23
N ASP G 199 -67.46 -2.95 0.93
CA ASP G 199 -67.92 -4.03 1.81
C ASP G 199 -67.61 -5.36 1.14
N GLY G 200 -67.44 -6.40 1.95
CA GLY G 200 -67.03 -7.68 1.46
C GLY G 200 -65.52 -7.69 1.61
N ASN G 201 -64.90 -8.83 1.37
CA ASN G 201 -63.45 -8.92 1.39
C ASN G 201 -62.87 -8.28 2.63
N PRO G 202 -62.70 -9.09 3.67
CA PRO G 202 -62.08 -8.58 4.89
C PRO G 202 -60.65 -8.13 4.61
N GLU G 203 -60.02 -8.73 3.58
CA GLU G 203 -58.66 -8.35 3.28
C GLU G 203 -58.60 -7.01 2.54
N ARG G 204 -59.75 -6.53 2.08
CA ARG G 204 -59.79 -5.21 1.49
C ARG G 204 -60.88 -4.43 2.19
N PRO G 205 -60.52 -3.77 3.29
CA PRO G 205 -61.50 -3.02 4.06
C PRO G 205 -61.92 -1.71 3.38
N THR G 206 -61.06 -1.20 2.49
CA THR G 206 -61.24 0.11 1.88
C THR G 206 -61.28 -0.02 0.36
N LYS G 207 -61.50 1.12 -0.30
CA LYS G 207 -61.52 1.14 -1.75
C LYS G 207 -60.12 0.90 -2.35
N TYR G 208 -59.05 1.15 -1.59
CA TYR G 208 -57.68 0.96 -2.09
C TYR G 208 -57.46 -0.45 -2.60
N GLU G 209 -56.90 -0.57 -3.79
CA GLU G 209 -56.50 -1.85 -4.38
C GLU G 209 -54.99 -1.96 -4.53
N GLU G 210 -54.34 -0.97 -5.12
CA GLU G 210 -52.91 -0.99 -5.40
C GLU G 210 -52.44 0.35 -5.94
N GLY G 211 -51.24 0.35 -6.55
CA GLY G 211 -50.79 1.38 -7.47
C GLY G 211 -50.81 2.82 -6.96
N PRO G 212 -50.24 3.11 -5.77
CA PRO G 212 -50.28 4.49 -5.28
C PRO G 212 -49.39 5.40 -6.11
N TRP G 213 -49.77 6.69 -6.18
CA TRP G 213 -48.96 7.72 -6.79
C TRP G 213 -49.00 8.98 -5.91
N LEU G 214 -47.82 9.43 -5.46
CA LEU G 214 -47.71 10.58 -4.56
C LEU G 214 -47.38 11.84 -5.34
N TYR G 215 -48.20 12.87 -5.20
CA TYR G 215 -48.04 14.13 -5.93
C TYR G 215 -48.37 15.29 -5.01
N LYS G 216 -47.82 16.47 -5.26
CA LYS G 216 -48.08 17.64 -4.42
C LYS G 216 -48.53 18.82 -5.31
N ARG G 217 -49.54 19.56 -4.82
CA ARG G 217 -49.95 20.78 -5.49
C ARG G 217 -50.28 21.82 -4.43
N LYS G 218 -49.60 22.99 -4.53
CA LYS G 218 -49.73 24.07 -3.55
C LYS G 218 -49.50 23.49 -2.15
N ASP G 219 -50.49 23.59 -1.24
CA ASP G 219 -50.29 23.16 0.12
C ASP G 219 -50.82 21.75 0.40
N LEU G 220 -51.18 21.00 -0.64
CA LEU G 220 -51.89 19.74 -0.44
C LEU G 220 -51.13 18.60 -1.10
N TYR G 221 -50.96 17.49 -0.37
CA TYR G 221 -50.42 16.26 -0.94
C TYR G 221 -51.57 15.35 -1.35
N TYR G 222 -51.40 14.69 -2.50
CA TYR G 222 -52.39 13.75 -3.03
C TYR G 222 -51.75 12.37 -3.18
N LEU G 223 -52.53 11.35 -2.80
CA LEU G 223 -52.20 9.96 -3.11
C LEU G 223 -53.30 9.42 -4.01
N PHE G 224 -52.97 9.25 -5.30
CA PHE G 224 -53.87 8.63 -6.26
C PHE G 224 -53.70 7.12 -6.22
N TRP G 225 -54.78 6.37 -6.49
CA TRP G 225 -54.63 4.92 -6.42
C TRP G 225 -55.74 4.21 -7.19
N PRO G 226 -55.43 3.07 -7.85
CA PRO G 226 -56.48 2.18 -8.31
C PRO G 226 -57.32 1.69 -7.14
N GLY G 227 -58.63 1.66 -7.34
CA GLY G 227 -59.55 1.17 -6.35
C GLY G 227 -60.41 0.04 -6.88
N GLY G 228 -60.87 -0.78 -5.93
CA GLY G 228 -61.73 -1.90 -6.25
C GLY G 228 -63.08 -1.81 -5.54
N PRO G 229 -63.97 -2.79 -5.75
CA PRO G 229 -63.74 -4.02 -6.53
C PRO G 229 -63.57 -3.77 -8.03
N LEU G 230 -62.92 -4.74 -8.69
CA LEU G 230 -62.68 -4.67 -10.13
C LEU G 230 -64.02 -4.62 -10.86
N PRO G 231 -64.12 -3.98 -12.04
CA PRO G 231 -63.03 -3.27 -12.74
C PRO G 231 -62.59 -2.01 -12.01
N GLU G 232 -61.28 -1.72 -12.09
CA GLU G 232 -60.70 -0.70 -11.23
C GLU G 232 -61.10 0.70 -11.64
N PHE G 233 -61.23 1.56 -10.63
CA PHE G 233 -61.40 2.98 -10.84
C PHE G 233 -60.17 3.66 -10.25
N ILE G 234 -60.07 4.98 -10.40
CA ILE G 234 -58.99 5.73 -9.75
C ILE G 234 -59.63 6.63 -8.71
N GLY G 235 -59.23 6.41 -7.44
CA GLY G 235 -59.59 7.28 -6.34
C GLY G 235 -58.38 8.08 -5.87
N TYR G 236 -58.63 9.00 -4.93
CA TYR G 236 -57.55 9.77 -4.37
C TYR G 236 -57.81 10.08 -2.90
N SER G 237 -56.73 10.35 -2.18
CA SER G 237 -56.75 10.82 -0.81
C SER G 237 -55.85 12.05 -0.76
N THR G 238 -56.07 12.89 0.25
CA THR G 238 -55.28 14.09 0.44
C THR G 238 -54.70 14.09 1.85
N SER G 239 -53.63 14.86 2.02
CA SER G 239 -53.01 14.98 3.31
C SER G 239 -52.27 16.29 3.35
N LYS G 240 -51.92 16.71 4.56
CA LYS G 240 -51.05 17.85 4.71
C LYS G 240 -49.58 17.50 4.71
N SER G 241 -49.25 16.25 4.99
CA SER G 241 -47.85 15.85 4.88
C SER G 241 -47.75 14.70 3.90
N ALA G 242 -46.57 14.53 3.32
CA ALA G 242 -46.29 13.45 2.39
C ALA G 242 -46.35 12.09 3.08
N LYS G 243 -46.11 12.06 4.39
CA LYS G 243 -46.16 10.79 5.11
C LYS G 243 -47.56 10.48 5.63
N GLY G 244 -48.53 11.37 5.43
CA GLY G 244 -49.87 11.14 5.97
C GLY G 244 -50.15 12.04 7.18
N PRO G 245 -51.29 11.82 7.87
CA PRO G 245 -52.25 10.73 7.59
C PRO G 245 -53.15 11.08 6.39
N TRP G 246 -53.79 10.08 5.80
CA TRP G 246 -54.52 10.37 4.57
C TRP G 246 -56.04 10.47 4.79
N LYS G 247 -56.68 11.30 3.98
CA LYS G 247 -58.12 11.44 4.10
C LYS G 247 -58.72 11.28 2.71
N TYR G 248 -59.71 10.42 2.62
CA TYR G 248 -60.33 10.10 1.36
C TYR G 248 -60.84 11.36 0.66
N GLY G 249 -60.62 11.40 -0.64
CA GLY G 249 -61.03 12.52 -1.45
C GLY G 249 -62.24 12.20 -2.29
N GLY G 250 -62.22 11.07 -3.00
CA GLY G 250 -63.33 10.71 -3.88
C GLY G 250 -62.85 9.92 -5.09
N ILE G 251 -63.71 9.75 -6.08
CA ILE G 251 -63.37 9.06 -7.32
C ILE G 251 -62.84 10.09 -8.31
N VAL G 252 -61.63 9.85 -8.83
CA VAL G 252 -61.11 10.69 -9.91
C VAL G 252 -61.70 10.20 -11.24
N MET G 253 -61.69 8.88 -11.45
CA MET G 253 -62.10 8.36 -12.75
C MET G 253 -62.72 6.97 -12.60
N PRO G 254 -64.01 6.82 -12.93
CA PRO G 254 -64.66 5.51 -12.87
C PRO G 254 -64.05 4.52 -13.88
N ALA G 255 -64.28 3.23 -13.63
CA ALA G 255 -63.94 2.16 -14.55
C ALA G 255 -64.69 2.36 -15.87
N GLU G 256 -63.99 2.13 -16.99
CA GLU G 256 -64.53 2.39 -18.31
C GLU G 256 -63.64 1.69 -19.33
N GLY G 257 -64.28 1.05 -20.33
CA GLY G 257 -63.56 0.44 -21.45
C GLY G 257 -63.10 -1.00 -21.19
N LYS G 258 -62.08 -1.43 -21.97
CA LYS G 258 -61.79 -2.85 -22.03
C LYS G 258 -60.69 -3.35 -21.08
N SER G 259 -60.11 -2.48 -20.24
CA SER G 259 -59.07 -2.89 -19.31
C SER G 259 -59.62 -2.92 -17.89
N PHE G 260 -59.58 -4.08 -17.24
CA PHE G 260 -60.07 -4.17 -15.86
C PHE G 260 -59.13 -3.50 -14.86
N THR G 261 -57.94 -3.10 -15.29
CA THR G 261 -57.04 -2.31 -14.43
C THR G 261 -56.99 -0.88 -14.98
N ASN G 262 -56.69 0.04 -14.06
CA ASN G 262 -56.29 1.40 -14.44
C ASN G 262 -55.19 1.78 -13.46
N HIS G 263 -54.26 2.61 -13.93
CA HIS G 263 -53.06 2.88 -13.15
C HIS G 263 -52.65 4.32 -13.37
N PRO G 264 -52.64 5.15 -12.30
CA PRO G 264 -52.49 6.59 -12.49
C PRO G 264 -51.07 7.11 -12.34
N GLY G 265 -50.77 8.17 -13.14
CA GLY G 265 -49.57 8.96 -12.92
C GLY G 265 -49.89 10.44 -13.12
N VAL G 266 -49.56 11.30 -12.15
CA VAL G 266 -49.98 12.69 -12.18
C VAL G 266 -48.76 13.59 -12.11
N ILE G 267 -48.75 14.67 -12.91
CA ILE G 267 -47.56 15.52 -12.94
C ILE G 267 -47.90 16.90 -13.49
N ASP G 268 -47.15 17.92 -13.06
CA ASP G 268 -47.20 19.26 -13.63
C ASP G 268 -46.17 19.38 -14.77
N PHE G 269 -46.59 20.05 -15.85
CA PHE G 269 -45.70 20.34 -16.95
C PHE G 269 -46.15 21.69 -17.54
N ARG G 270 -45.21 22.66 -17.57
CA ARG G 270 -45.40 23.97 -18.20
C ARG G 270 -46.70 24.61 -17.73
N GLY G 271 -46.97 24.54 -16.42
CA GLY G 271 -48.08 25.25 -15.80
C GLY G 271 -49.42 24.54 -15.87
N LYS G 272 -49.51 23.32 -16.44
CA LYS G 272 -50.73 22.55 -16.35
C LYS G 272 -50.47 21.21 -15.65
N THR G 273 -51.56 20.60 -15.14
CA THR G 273 -51.44 19.28 -14.54
C THR G 273 -52.02 18.21 -15.46
N TYR G 274 -51.31 17.07 -15.59
CA TYR G 274 -51.73 15.99 -16.48
C TYR G 274 -51.92 14.71 -15.70
N PHE G 275 -52.96 13.97 -16.11
CA PHE G 275 -53.36 12.69 -15.58
C PHE G 275 -53.12 11.64 -16.65
N PHE G 276 -52.09 10.80 -16.40
CA PHE G 276 -51.81 9.62 -17.22
C PHE G 276 -52.51 8.40 -16.64
N TYR G 277 -52.99 7.53 -17.54
CA TYR G 277 -53.71 6.33 -17.12
C TYR G 277 -53.55 5.33 -18.27
N HIS G 278 -54.32 4.23 -18.25
CA HIS G 278 -54.30 3.35 -19.40
C HIS G 278 -55.69 2.74 -19.58
N ASN G 279 -55.90 2.13 -20.76
CA ASN G 279 -57.16 1.48 -21.09
C ASN G 279 -56.85 0.33 -22.04
N GLY G 280 -57.90 -0.20 -22.69
CA GLY G 280 -57.70 -1.23 -23.70
C GLY G 280 -58.29 -0.84 -25.06
N ALA G 281 -57.98 0.38 -25.53
CA ALA G 281 -58.68 0.98 -26.67
C ALA G 281 -57.97 0.74 -28.00
N LEU G 282 -56.81 0.08 -28.03
CA LEU G 282 -56.19 -0.21 -29.32
C LEU G 282 -56.82 -1.49 -29.90
N PRO G 283 -56.71 -1.71 -31.22
CA PRO G 283 -57.11 -3.00 -31.79
C PRO G 283 -56.40 -4.12 -31.05
N GLY G 284 -57.17 -5.17 -30.70
CA GLY G 284 -56.61 -6.26 -29.93
C GLY G 284 -56.39 -5.92 -28.46
N GLY G 285 -56.91 -4.75 -28.01
CA GLY G 285 -56.69 -4.32 -26.64
C GLY G 285 -57.56 -5.10 -25.66
N SER G 286 -57.10 -5.15 -24.42
CA SER G 286 -57.76 -5.90 -23.35
C SER G 286 -57.06 -5.54 -22.03
N GLY G 287 -57.46 -6.23 -20.95
CA GLY G 287 -56.82 -6.07 -19.67
C GLY G 287 -55.37 -6.55 -19.66
N PHE G 288 -54.95 -7.31 -20.69
CA PHE G 288 -53.57 -7.78 -20.76
C PHE G 288 -52.86 -7.20 -21.99
N THR G 289 -53.54 -6.34 -22.79
CA THR G 289 -52.95 -5.64 -23.92
C THR G 289 -53.43 -4.20 -23.86
N ARG G 290 -52.82 -3.45 -22.94
CA ARG G 290 -53.30 -2.14 -22.55
C ARG G 290 -52.59 -1.05 -23.36
N SER G 291 -53.02 0.19 -23.17
CA SER G 291 -52.53 1.32 -23.93
C SER G 291 -52.58 2.56 -23.04
N VAL G 292 -51.46 3.30 -22.99
CA VAL G 292 -51.34 4.46 -22.11
C VAL G 292 -52.07 5.65 -22.70
N CYS G 293 -52.74 6.43 -21.83
CA CYS G 293 -53.49 7.61 -22.24
C CYS G 293 -53.12 8.78 -21.31
N VAL G 294 -53.48 9.99 -21.73
CA VAL G 294 -53.28 11.17 -20.89
C VAL G 294 -54.35 12.21 -21.23
N GLN G 295 -54.79 12.91 -20.19
CA GLN G 295 -55.64 14.07 -20.36
C GLN G 295 -55.34 15.04 -19.22
N GLU G 296 -55.73 16.31 -19.42
CA GLU G 296 -55.48 17.32 -18.42
C GLU G 296 -56.30 17.05 -17.16
N LEU G 297 -55.71 17.32 -15.99
CA LEU G 297 -56.38 17.15 -14.71
C LEU G 297 -56.80 18.52 -14.18
N ASN G 298 -58.13 18.67 -13.92
CA ASN G 298 -58.69 19.91 -13.39
C ASN G 298 -58.95 19.80 -11.89
N PHE G 299 -58.62 20.88 -11.14
CA PHE G 299 -58.92 20.94 -9.71
C PHE G 299 -60.02 21.99 -9.45
N ASN G 300 -60.81 21.75 -8.41
CA ASN G 300 -61.69 22.76 -7.83
C ASN G 300 -60.86 23.77 -7.03
N LYS G 301 -61.51 24.88 -6.67
CA LYS G 301 -60.79 25.97 -6.03
C LYS G 301 -60.18 25.55 -4.69
N ASP G 302 -60.83 24.61 -3.99
CA ASP G 302 -60.33 24.15 -2.70
C ASP G 302 -59.31 23.02 -2.84
N GLY G 303 -59.01 22.58 -4.06
CA GLY G 303 -58.04 21.51 -4.26
C GLY G 303 -58.64 20.11 -4.37
N THR G 304 -59.96 19.98 -4.27
CA THR G 304 -60.59 18.69 -4.52
C THR G 304 -60.68 18.45 -6.02
N ILE G 305 -60.97 17.20 -6.40
CA ILE G 305 -60.89 16.80 -7.80
C ILE G 305 -62.24 16.25 -8.21
N PRO G 306 -62.93 16.90 -9.18
CA PRO G 306 -64.21 16.35 -9.63
C PRO G 306 -63.98 15.12 -10.50
N GLN G 307 -64.91 14.16 -10.41
CA GLN G 307 -64.95 12.98 -11.26
C GLN G 307 -64.92 13.36 -12.74
N MET G 308 -64.13 12.59 -13.48
CA MET G 308 -63.95 12.84 -14.89
C MET G 308 -63.98 11.48 -15.60
N LYS G 309 -64.47 11.49 -16.84
CA LYS G 309 -64.44 10.28 -17.63
C LYS G 309 -63.34 10.36 -18.67
N MET G 310 -63.12 9.26 -19.38
CA MET G 310 -62.06 9.22 -20.37
C MET G 310 -62.43 10.11 -21.55
N THR G 311 -61.50 10.98 -21.90
CA THR G 311 -61.71 11.96 -22.95
C THR G 311 -60.78 11.58 -24.12
N GLU G 312 -60.86 12.41 -25.15
CA GLU G 312 -60.06 12.21 -26.32
C GLU G 312 -58.67 12.82 -26.19
N GLY G 313 -58.38 13.40 -25.02
CA GLY G 313 -57.02 13.80 -24.71
C GLY G 313 -56.69 15.24 -25.15
N ILE G 314 -55.41 15.46 -25.46
CA ILE G 314 -54.94 16.81 -25.72
C ILE G 314 -55.34 17.20 -27.14
N THR G 315 -56.11 18.27 -27.27
CA THR G 315 -56.67 18.67 -28.56
C THR G 315 -55.73 19.60 -29.32
N LYS G 316 -54.88 20.36 -28.59
CA LYS G 316 -53.93 21.26 -29.24
C LYS G 316 -52.52 21.05 -28.66
N GLY G 317 -51.51 21.05 -29.54
CA GLY G 317 -50.13 21.01 -29.07
C GLY G 317 -49.70 22.31 -28.40
N ILE G 318 -48.84 22.20 -27.39
CA ILE G 318 -48.37 23.38 -26.67
C ILE G 318 -47.08 23.92 -27.26
N ALA G 319 -46.57 23.30 -28.33
CA ALA G 319 -45.40 23.78 -29.05
C ALA G 319 -45.47 23.18 -30.45
N ALA G 320 -44.73 23.82 -31.37
CA ALA G 320 -44.64 23.35 -32.73
C ALA G 320 -43.55 22.29 -32.85
N LEU G 321 -43.68 21.44 -33.89
CA LEU G 321 -42.62 20.52 -34.23
C LEU G 321 -41.84 21.07 -35.44
N ASN G 322 -40.51 21.01 -35.37
CA ASN G 322 -39.67 21.60 -36.40
C ASN G 322 -39.37 20.55 -37.46
N PRO G 323 -39.93 20.65 -38.69
CA PRO G 323 -39.71 19.63 -39.70
C PRO G 323 -38.36 19.73 -40.40
N TYR G 324 -37.55 20.74 -40.06
CA TYR G 324 -36.26 20.92 -40.74
C TYR G 324 -35.13 20.32 -39.93
N GLN G 325 -35.47 19.55 -38.90
CA GLN G 325 -34.48 18.80 -38.13
C GLN G 325 -34.84 17.32 -38.24
N LEU G 326 -33.86 16.46 -37.93
CA LEU G 326 -34.08 15.03 -37.97
C LEU G 326 -35.21 14.67 -37.01
N THR G 327 -36.25 14.05 -37.53
CA THR G 327 -37.42 13.67 -36.75
C THR G 327 -37.63 12.18 -36.88
N GLN G 328 -37.80 11.49 -35.75
CA GLN G 328 -37.78 10.04 -35.74
C GLN G 328 -39.13 9.54 -36.27
N ALA G 329 -39.11 8.43 -37.02
CA ALA G 329 -40.34 7.78 -37.44
C ALA G 329 -41.18 7.36 -36.23
N GLU G 330 -40.52 7.13 -35.07
CA GLU G 330 -41.19 6.71 -33.86
C GLU G 330 -41.56 7.92 -32.98
N THR G 331 -41.46 9.15 -33.51
CA THR G 331 -42.13 10.29 -32.91
C THR G 331 -43.53 10.40 -33.57
N ILE G 332 -44.56 10.02 -32.83
CA ILE G 332 -45.86 9.75 -33.43
C ILE G 332 -46.94 10.40 -32.58
N SER G 333 -47.91 11.05 -33.24
CA SER G 333 -49.15 11.52 -32.62
C SER G 333 -50.22 10.43 -32.70
N TRP G 334 -50.61 10.07 -33.94
CA TRP G 334 -51.58 9.01 -34.15
C TRP G 334 -51.11 8.11 -35.29
N SER G 335 -51.42 6.81 -35.21
CA SER G 335 -50.99 5.87 -36.22
C SER G 335 -51.96 4.71 -36.25
N GLU G 336 -51.91 3.96 -37.38
CA GLU G 336 -52.66 2.71 -37.47
C GLU G 336 -51.82 1.67 -38.16
N HIS G 337 -51.90 0.42 -37.65
CA HIS G 337 -51.28 -0.77 -38.25
C HIS G 337 -49.76 -0.58 -38.35
N VAL G 338 -49.17 0.07 -37.32
CA VAL G 338 -47.75 0.26 -37.23
C VAL G 338 -47.25 -0.31 -35.90
N LYS G 339 -46.10 -0.98 -35.95
CA LYS G 339 -45.46 -1.48 -34.75
C LYS G 339 -44.04 -0.92 -34.64
N ALA G 340 -43.54 -0.79 -33.39
CA ALA G 340 -42.23 -0.26 -33.14
C ALA G 340 -41.24 -1.38 -32.80
N PHE G 341 -39.98 -1.21 -33.25
CA PHE G 341 -38.92 -2.17 -33.02
C PHE G 341 -37.64 -1.41 -32.74
N GLN G 342 -36.58 -2.14 -32.37
CA GLN G 342 -35.29 -1.46 -32.28
C GLN G 342 -34.15 -2.43 -32.53
N ASN G 343 -33.00 -1.86 -32.87
CA ASN G 343 -31.77 -2.61 -33.05
C ASN G 343 -30.62 -1.69 -32.61
N ASP G 344 -29.41 -2.22 -32.66
CA ASP G 344 -28.25 -1.47 -32.19
C ASP G 344 -27.67 -0.56 -33.27
N LYS G 345 -27.99 -0.84 -34.53
CA LYS G 345 -27.42 -0.07 -35.62
C LYS G 345 -28.18 1.24 -35.88
N VAL G 346 -29.52 1.22 -35.86
CA VAL G 346 -30.30 2.43 -36.13
C VAL G 346 -31.11 2.89 -34.91
N GLY G 347 -31.25 2.03 -33.89
CA GLY G 347 -32.03 2.44 -32.74
C GLY G 347 -33.50 1.99 -32.93
N VAL G 348 -34.44 2.85 -32.52
CA VAL G 348 -35.84 2.55 -32.64
C VAL G 348 -36.32 2.93 -34.04
N PHE G 349 -37.17 2.07 -34.62
CA PHE G 349 -37.74 2.28 -35.94
C PHE G 349 -39.16 1.72 -35.92
N VAL G 350 -39.91 1.94 -37.01
CA VAL G 350 -41.26 1.42 -37.10
C VAL G 350 -41.41 0.56 -38.36
N ARG G 351 -42.32 -0.43 -38.27
CA ARG G 351 -42.69 -1.23 -39.42
C ARG G 351 -44.19 -1.08 -39.67
N ALA G 352 -44.54 -0.88 -40.95
CA ALA G 352 -45.94 -0.92 -41.38
C ALA G 352 -46.37 -2.37 -41.57
N LEU G 353 -47.41 -2.79 -40.86
CA LEU G 353 -47.77 -4.20 -40.81
C LEU G 353 -48.69 -4.62 -41.95
N GLN G 354 -49.32 -3.69 -42.65
CA GLN G 354 -50.28 -3.98 -43.69
C GLN G 354 -50.50 -2.68 -44.46
N ASN G 355 -51.15 -2.84 -45.61
CA ASN G 355 -51.47 -1.70 -46.46
C ASN G 355 -52.49 -0.82 -45.72
N GLY G 356 -52.29 0.49 -45.86
CA GLY G 356 -53.13 1.46 -45.18
C GLY G 356 -52.66 1.73 -43.74
N ALA G 357 -51.47 1.22 -43.38
CA ALA G 357 -50.81 1.69 -42.19
C ALA G 357 -50.34 3.11 -42.46
N TYR G 358 -50.28 3.87 -41.35
CA TYR G 358 -49.76 5.22 -41.47
C TYR G 358 -49.33 5.68 -40.08
N THR G 359 -48.44 6.69 -40.09
CA THR G 359 -48.10 7.49 -38.92
C THR G 359 -48.47 8.94 -39.20
N SER G 360 -48.65 9.71 -38.13
CA SER G 360 -48.94 11.12 -38.26
C SER G 360 -48.21 11.86 -37.14
N VAL G 361 -47.83 13.09 -37.47
CA VAL G 361 -47.30 14.01 -36.47
C VAL G 361 -48.11 15.31 -36.59
N LYS G 362 -48.38 15.95 -35.45
CA LYS G 362 -49.27 17.10 -35.38
C LYS G 362 -48.52 18.41 -35.13
N ASN G 363 -49.13 19.52 -35.58
CA ASN G 363 -48.67 20.87 -35.26
C ASN G 363 -47.25 21.12 -35.75
N VAL G 364 -46.99 20.80 -37.02
CA VAL G 364 -45.69 20.96 -37.62
C VAL G 364 -45.62 22.33 -38.30
N ASP G 365 -44.58 23.12 -37.94
CA ASP G 365 -44.46 24.47 -38.45
C ASP G 365 -43.47 24.52 -39.61
N PHE G 366 -43.99 24.57 -40.84
CA PHE G 366 -43.11 24.69 -42.00
C PHE G 366 -42.68 26.14 -42.26
N GLY G 367 -43.35 27.11 -41.60
CA GLY G 367 -42.99 28.52 -41.77
C GLY G 367 -43.52 29.14 -43.07
N ASP G 368 -43.02 30.32 -43.41
CA ASP G 368 -43.56 31.10 -44.52
C ASP G 368 -42.99 30.69 -45.88
N ILE G 369 -41.69 30.36 -45.92
CA ILE G 369 -41.05 30.04 -47.18
C ILE G 369 -41.42 28.60 -47.54
N GLY G 370 -41.11 27.65 -46.62
CA GLY G 370 -41.60 26.30 -46.77
C GLY G 370 -40.52 25.32 -47.18
N ALA G 371 -40.92 24.04 -47.17
CA ALA G 371 -40.05 22.92 -47.52
C ALA G 371 -40.25 22.57 -49.00
N SER G 372 -39.14 22.31 -49.69
CA SER G 372 -39.15 21.87 -51.08
C SER G 372 -38.65 20.44 -51.27
N ALA G 373 -37.87 19.92 -50.33
CA ALA G 373 -37.26 18.59 -50.43
C ALA G 373 -37.56 17.81 -49.14
N PHE G 374 -37.38 16.48 -49.20
CA PHE G 374 -37.69 15.58 -48.10
C PHE G 374 -36.73 14.39 -48.17
N SER G 375 -36.30 13.92 -47.01
CA SER G 375 -35.42 12.76 -46.90
C SER G 375 -35.98 11.77 -45.87
N ALA G 376 -35.87 10.47 -46.15
CA ALA G 376 -36.25 9.46 -45.15
C ALA G 376 -35.28 8.27 -45.21
N ARG G 377 -34.97 7.72 -44.02
CA ARG G 377 -34.28 6.44 -43.97
C ARG G 377 -35.30 5.30 -43.87
N VAL G 378 -35.31 4.43 -44.86
CA VAL G 378 -36.39 3.45 -45.05
C VAL G 378 -35.80 2.18 -45.68
N GLY G 379 -36.60 1.12 -45.68
CA GLY G 379 -36.26 -0.07 -46.43
C GLY G 379 -37.45 -1.01 -46.48
N THR G 380 -37.31 -2.06 -47.30
CA THR G 380 -38.37 -3.06 -47.44
C THR G 380 -37.76 -4.40 -47.84
N THR G 381 -38.52 -5.45 -47.60
CA THR G 381 -38.20 -6.80 -47.99
C THR G 381 -38.88 -7.19 -49.31
N HIS G 382 -39.69 -6.31 -49.89
CA HIS G 382 -40.43 -6.61 -51.11
C HIS G 382 -39.70 -6.04 -52.34
N ASN G 383 -39.91 -6.68 -53.49
CA ASN G 383 -39.24 -6.33 -54.73
C ASN G 383 -40.15 -5.47 -55.60
N GLY G 384 -40.15 -4.16 -55.38
CA GLY G 384 -40.94 -3.26 -56.20
C GLY G 384 -42.30 -2.97 -55.57
N GLY G 385 -42.93 -1.88 -56.00
CA GLY G 385 -44.32 -1.62 -55.62
C GLY G 385 -44.52 -1.02 -54.23
N VAL G 386 -43.43 -0.62 -53.53
CA VAL G 386 -43.56 -0.13 -52.17
C VAL G 386 -43.32 1.38 -52.19
N THR G 387 -44.30 2.13 -51.66
CA THR G 387 -44.21 3.58 -51.63
C THR G 387 -44.59 4.07 -50.23
N MET G 388 -44.12 5.28 -49.93
CA MET G 388 -44.59 5.99 -48.75
C MET G 388 -45.04 7.37 -49.22
N GLU G 389 -46.31 7.69 -48.95
CA GLU G 389 -46.88 8.95 -49.38
C GLU G 389 -46.82 9.95 -48.22
N ILE G 390 -46.36 11.16 -48.53
CA ILE G 390 -46.39 12.26 -47.59
C ILE G 390 -47.64 13.11 -47.90
N ARG G 391 -48.60 13.12 -46.96
CA ARG G 391 -49.88 13.79 -47.16
C ARG G 391 -50.12 14.79 -46.03
N MET G 392 -50.94 15.81 -46.31
CA MET G 392 -51.20 16.88 -45.34
C MET G 392 -52.62 16.75 -44.80
N GLY G 393 -52.76 16.94 -43.49
CA GLY G 393 -54.06 17.00 -42.86
C GLY G 393 -54.65 15.65 -42.45
N SER G 394 -54.58 14.64 -43.34
CA SER G 394 -55.09 13.33 -43.00
C SER G 394 -54.47 12.31 -43.94
N GLN G 395 -54.78 11.04 -43.68
CA GLN G 395 -54.23 9.93 -44.47
C GLN G 395 -54.84 9.90 -45.87
N GLU G 396 -55.92 10.69 -46.11
CA GLU G 396 -56.49 10.77 -47.44
C GLU G 396 -56.26 12.17 -48.04
N GLY G 397 -55.40 12.98 -47.40
CA GLY G 397 -55.25 14.35 -47.82
C GLY G 397 -54.27 14.47 -48.98
N PRO G 398 -54.08 15.72 -49.44
CA PRO G 398 -53.30 15.93 -50.66
C PRO G 398 -51.87 15.41 -50.52
N ILE G 399 -51.38 14.78 -51.57
CA ILE G 399 -50.05 14.18 -51.60
C ILE G 399 -49.02 15.24 -51.95
N ALA G 400 -48.07 15.48 -51.04
CA ALA G 400 -46.96 16.39 -51.26
C ALA G 400 -45.80 15.71 -52.00
N GLY G 401 -45.64 14.38 -51.78
CA GLY G 401 -44.53 13.67 -52.35
C GLY G 401 -44.73 12.18 -52.11
N THR G 402 -44.11 11.40 -53.01
CA THR G 402 -44.12 9.95 -52.88
C THR G 402 -42.68 9.47 -52.87
N VAL G 403 -42.39 8.55 -51.92
CA VAL G 403 -41.07 7.96 -51.81
C VAL G 403 -41.17 6.52 -52.30
N LYS G 404 -40.34 6.18 -53.30
CA LYS G 404 -40.17 4.80 -53.74
C LYS G 404 -39.17 4.15 -52.80
N VAL G 405 -39.63 3.13 -52.06
CA VAL G 405 -38.81 2.51 -51.04
C VAL G 405 -38.08 1.34 -51.70
N PRO G 406 -36.73 1.31 -51.63
CA PRO G 406 -35.98 0.26 -52.30
C PRO G 406 -35.91 -1.03 -51.50
N LEU G 407 -35.66 -2.12 -52.23
CA LEU G 407 -35.41 -3.41 -51.59
C LEU G 407 -34.09 -3.35 -50.84
N THR G 408 -34.09 -3.68 -49.55
CA THR G 408 -32.85 -3.73 -48.77
C THR G 408 -32.57 -5.11 -48.19
N GLY G 409 -33.60 -5.97 -48.07
CA GLY G 409 -33.40 -7.35 -47.66
C GLY G 409 -33.98 -7.65 -46.27
N GLY G 410 -34.01 -6.63 -45.37
CA GLY G 410 -34.44 -6.84 -44.01
C GLY G 410 -34.11 -5.61 -43.18
N ASP G 411 -34.69 -5.53 -41.97
CA ASP G 411 -34.58 -4.28 -41.23
C ASP G 411 -33.21 -4.10 -40.57
N ASP G 412 -32.24 -4.91 -40.94
CA ASP G 412 -30.84 -4.69 -40.63
C ASP G 412 -30.14 -3.88 -41.74
N ARG G 413 -30.86 -3.56 -42.84
CA ARG G 413 -30.27 -2.82 -43.94
C ARG G 413 -31.21 -1.69 -44.37
N TRP G 414 -30.63 -0.52 -44.65
CA TRP G 414 -31.40 0.71 -44.81
C TRP G 414 -30.85 1.56 -45.95
N GLU G 415 -31.72 2.40 -46.50
CA GLU G 415 -31.32 3.37 -47.54
C GLU G 415 -31.96 4.71 -47.20
N ILE G 416 -31.24 5.80 -47.55
CA ILE G 416 -31.81 7.12 -47.48
C ILE G 416 -32.32 7.56 -48.85
N ILE G 417 -33.58 7.98 -48.92
CA ILE G 417 -34.21 8.44 -50.15
C ILE G 417 -34.49 9.92 -50.04
N ASN G 418 -33.98 10.68 -51.03
CA ASN G 418 -34.17 12.13 -51.14
C ASN G 418 -35.15 12.42 -52.29
N VAL G 419 -36.18 13.24 -52.02
CA VAL G 419 -37.15 13.59 -53.04
C VAL G 419 -37.38 15.10 -53.01
N LYS G 420 -37.74 15.66 -54.17
CA LYS G 420 -38.27 17.00 -54.27
C LYS G 420 -39.79 16.90 -54.21
N LEU G 421 -40.41 17.76 -53.41
CA LEU G 421 -41.85 17.74 -53.23
C LEU G 421 -42.56 18.26 -54.47
N ASP G 422 -43.74 17.71 -54.75
CA ASP G 422 -44.53 18.20 -55.88
C ASP G 422 -44.89 19.66 -55.68
N ARG G 423 -45.09 20.07 -54.42
CA ARG G 423 -45.30 21.47 -54.16
C ARG G 423 -44.65 21.82 -52.83
N LYS G 424 -44.32 23.09 -52.66
CA LYS G 424 -43.81 23.58 -51.42
C LYS G 424 -44.85 23.50 -50.30
N ILE G 425 -44.35 23.22 -49.10
CA ILE G 425 -45.17 23.04 -47.93
C ILE G 425 -44.96 24.22 -47.00
N THR G 426 -46.05 24.88 -46.57
CA THR G 426 -45.93 26.06 -45.74
C THR G 426 -46.92 26.02 -44.59
N GLY G 427 -46.69 26.86 -43.55
CA GLY G 427 -47.63 27.03 -42.46
C GLY G 427 -47.63 25.85 -41.48
N ILE G 428 -48.61 25.85 -40.56
CA ILE G 428 -48.76 24.76 -39.62
C ILE G 428 -49.49 23.60 -40.30
N GLN G 429 -48.94 22.39 -40.22
CA GLN G 429 -49.55 21.22 -40.84
C GLN G 429 -49.56 20.03 -39.88
N ASP G 430 -50.50 19.10 -40.14
CA ASP G 430 -50.39 17.75 -39.65
C ASP G 430 -49.88 16.87 -40.79
N VAL G 431 -48.79 16.11 -40.54
CA VAL G 431 -48.13 15.37 -41.60
C VAL G 431 -48.41 13.89 -41.42
N TYR G 432 -48.90 13.26 -42.51
CA TYR G 432 -49.23 11.83 -42.50
C TYR G 432 -48.30 11.10 -43.46
N PHE G 433 -47.70 10.02 -42.98
CA PHE G 433 -46.86 9.13 -43.78
C PHE G 433 -47.62 7.82 -43.94
N VAL G 434 -48.06 7.53 -45.18
CA VAL G 434 -48.89 6.37 -45.46
C VAL G 434 -48.08 5.36 -46.23
N PHE G 435 -48.09 4.09 -45.76
CA PHE G 435 -47.22 3.08 -46.31
C PHE G 435 -48.03 2.10 -47.17
N LYS G 436 -47.59 1.97 -48.43
CA LYS G 436 -48.34 1.20 -49.40
C LYS G 436 -47.46 0.17 -50.08
N GLY G 437 -48.06 -0.99 -50.36
CA GLY G 437 -47.40 -2.03 -51.11
C GLY G 437 -48.41 -3.09 -51.54
N LYS G 438 -47.95 -4.03 -52.33
CA LYS G 438 -48.82 -5.06 -52.90
C LYS G 438 -48.91 -6.34 -52.09
N ALA G 439 -48.19 -6.41 -50.97
CA ALA G 439 -48.08 -7.62 -50.20
C ALA G 439 -49.05 -7.66 -49.04
N SER G 440 -49.10 -8.81 -48.37
CA SER G 440 -50.12 -8.98 -47.33
C SER G 440 -49.67 -8.43 -45.99
N SER G 441 -48.36 -8.35 -45.77
CA SER G 441 -47.85 -7.97 -44.45
C SER G 441 -46.51 -7.26 -44.64
N ASN G 442 -46.05 -6.64 -43.54
CA ASN G 442 -44.69 -6.10 -43.39
C ASN G 442 -44.29 -5.32 -44.64
N ILE G 443 -44.99 -4.20 -44.84
CA ILE G 443 -44.83 -3.45 -46.08
C ILE G 443 -43.43 -2.84 -46.15
N MET G 444 -43.01 -2.16 -45.07
CA MET G 444 -41.73 -1.48 -45.05
C MET G 444 -41.38 -1.11 -43.62
N TYR G 445 -40.15 -0.62 -43.45
CA TYR G 445 -39.63 -0.10 -42.18
C TYR G 445 -39.06 1.30 -42.41
N PHE G 446 -39.13 2.09 -41.35
CA PHE G 446 -38.99 3.54 -41.39
C PHE G 446 -38.27 3.98 -40.10
N ASP G 447 -37.18 4.73 -40.22
CA ASP G 447 -36.36 5.11 -39.07
C ASP G 447 -36.48 6.59 -38.70
N TYR G 448 -36.26 7.51 -39.66
CA TYR G 448 -36.38 8.93 -39.40
C TYR G 448 -36.65 9.65 -40.71
N TRP G 449 -37.01 10.94 -40.62
CA TRP G 449 -37.21 11.78 -41.78
C TRP G 449 -36.77 13.20 -41.47
N LYS G 450 -36.73 14.05 -42.50
CA LYS G 450 -36.49 15.48 -42.37
C LYS G 450 -36.89 16.16 -43.69
N PHE G 451 -37.31 17.44 -43.58
CA PHE G 451 -37.56 18.28 -44.73
C PHE G 451 -36.40 19.28 -44.89
N SER G 452 -36.32 19.86 -46.09
CA SER G 452 -35.32 20.86 -46.41
C SER G 452 -36.01 22.01 -47.11
N LYS G 453 -35.44 23.22 -46.94
CA LYS G 453 -36.07 24.43 -47.49
C LYS G 453 -36.16 24.48 -49.03
N GLN H 22 3.90 -8.60 13.77
CA GLN H 22 3.22 -9.92 13.85
C GLN H 22 3.73 -10.86 14.98
N ASN H 23 2.78 -11.71 15.36
CA ASN H 23 2.91 -12.67 16.43
C ASN H 23 2.45 -14.00 15.86
N PRO H 24 3.14 -15.13 16.18
CA PRO H 24 4.39 -15.15 16.95
C PRO H 24 5.58 -14.50 16.24
N ILE H 25 6.53 -13.97 17.00
CA ILE H 25 7.66 -13.26 16.39
C ILE H 25 8.73 -14.24 15.87
N ILE H 26 8.67 -15.51 16.33
CA ILE H 26 9.57 -16.56 15.85
C ILE H 26 8.69 -17.69 15.32
N GLN H 27 8.92 -18.07 14.06
CA GLN H 27 8.08 -19.10 13.44
C GLN H 27 8.91 -20.29 12.93
N THR H 28 10.22 -20.24 13.08
CA THR H 28 11.11 -21.24 12.46
C THR H 28 11.43 -22.37 13.45
N MET H 29 10.85 -22.32 14.65
CA MET H 29 11.10 -23.26 15.75
C MET H 29 10.04 -22.95 16.81
N TYR H 30 9.83 -23.90 17.71
CA TYR H 30 8.94 -23.68 18.85
C TYR H 30 9.76 -23.09 19.99
N THR H 31 9.34 -21.88 20.44
CA THR H 31 10.04 -21.19 21.52
C THR H 31 9.07 -20.84 22.64
N ALA H 32 9.58 -20.70 23.85
CA ALA H 32 8.71 -20.36 24.98
C ALA H 32 9.50 -19.62 26.06
N ASP H 33 8.78 -19.22 27.12
CA ASP H 33 9.36 -18.65 28.33
C ASP H 33 10.28 -17.47 28.05
N PRO H 34 9.81 -16.43 27.33
CA PRO H 34 10.72 -15.38 26.88
C PRO H 34 11.30 -14.56 28.04
N ALA H 35 12.58 -14.21 27.92
CA ALA H 35 13.30 -13.42 28.91
C ALA H 35 14.09 -12.32 28.20
N PRO H 36 13.51 -11.11 28.04
CA PRO H 36 14.21 -10.06 27.31
C PRO H 36 15.35 -9.43 28.10
N MET H 37 16.24 -8.79 27.36
CA MET H 37 17.41 -8.14 27.94
C MET H 37 17.93 -7.13 26.93
N VAL H 38 18.24 -5.91 27.40
CA VAL H 38 18.80 -4.88 26.55
C VAL H 38 20.30 -4.81 26.77
N TYR H 39 21.07 -4.78 25.67
CA TYR H 39 22.49 -4.51 25.78
C TYR H 39 22.95 -3.70 24.58
N ASN H 40 23.60 -2.57 24.84
CA ASN H 40 24.16 -1.69 23.81
C ASN H 40 23.17 -1.41 22.66
N ASN H 41 22.03 -0.81 22.96
CA ASN H 41 20.98 -0.45 22.00
C ASN H 41 20.49 -1.63 21.15
N ARG H 42 20.52 -2.85 21.72
CA ARG H 42 19.99 -3.98 20.99
C ARG H 42 19.11 -4.75 21.98
N LEU H 43 17.96 -5.23 21.48
CA LEU H 43 17.07 -5.98 22.35
C LEU H 43 17.23 -7.46 22.05
N TYR H 44 17.59 -8.19 23.11
CA TYR H 44 17.69 -9.64 23.05
C TYR H 44 16.50 -10.25 23.76
N VAL H 45 16.12 -11.46 23.36
CA VAL H 45 15.18 -12.27 24.11
C VAL H 45 15.75 -13.69 24.17
N TYR H 46 16.01 -14.16 25.39
CA TYR H 46 16.40 -15.55 25.60
C TYR H 46 15.14 -16.40 25.75
N THR H 47 15.16 -17.60 25.17
CA THR H 47 13.97 -18.43 25.19
C THR H 47 14.34 -19.89 25.44
N THR H 48 13.35 -20.64 25.93
CA THR H 48 13.44 -22.09 25.92
C THR H 48 12.99 -22.60 24.56
N HIS H 49 13.18 -23.90 24.33
CA HIS H 49 13.04 -24.51 23.01
C HIS H 49 12.20 -25.77 23.16
N ASP H 50 10.98 -25.75 22.60
CA ASP H 50 10.14 -26.93 22.53
C ASP H 50 10.56 -27.76 21.32
N GLU H 51 10.91 -29.03 21.56
CA GLU H 51 11.24 -29.88 20.41
C GLU H 51 10.03 -30.07 19.50
N ASP H 52 10.26 -30.27 18.22
CA ASP H 52 9.20 -30.61 17.28
C ASP H 52 8.48 -31.90 17.70
N GLN H 53 7.16 -31.95 17.46
CA GLN H 53 6.33 -33.13 17.69
C GLN H 53 6.26 -33.54 19.16
N SER H 54 6.31 -32.55 20.05
CA SER H 54 6.24 -32.82 21.48
C SER H 54 4.80 -33.05 21.93
N THR H 55 4.60 -34.08 22.74
CA THR H 55 3.34 -34.33 23.45
C THR H 55 3.54 -34.16 24.94
N TRP H 56 4.79 -33.88 25.36
CA TRP H 56 5.13 -33.53 26.72
C TRP H 56 6.23 -32.46 26.63
N PHE H 57 6.68 -31.94 27.76
CA PHE H 57 7.77 -30.97 27.76
C PHE H 57 9.07 -31.64 27.34
N ASN H 58 9.51 -31.32 26.11
CA ASN H 58 10.78 -31.84 25.59
C ASN H 58 11.68 -30.63 25.37
N MET H 59 12.47 -30.29 26.39
CA MET H 59 13.14 -28.98 26.39
C MET H 59 14.57 -29.18 26.85
N ASN H 60 15.52 -28.89 25.94
CA ASN H 60 16.89 -29.35 26.13
C ASN H 60 17.91 -28.20 26.12
N ASP H 61 17.61 -27.11 25.42
CA ASP H 61 18.60 -26.06 25.21
C ASP H 61 17.89 -24.72 25.19
N TRP H 62 18.70 -23.66 25.23
CA TRP H 62 18.20 -22.29 25.31
C TRP H 62 18.69 -21.52 24.08
N LYS H 63 17.88 -20.57 23.62
CA LYS H 63 18.19 -19.80 22.42
C LYS H 63 18.23 -18.31 22.81
N VAL H 64 18.79 -17.51 21.90
CA VAL H 64 18.64 -16.07 22.01
C VAL H 64 18.36 -15.48 20.63
N TYR H 65 17.39 -14.58 20.56
CA TYR H 65 17.09 -13.84 19.35
C TYR H 65 17.29 -12.35 19.65
N SER H 66 17.45 -11.52 18.60
CA SER H 66 17.69 -10.12 18.84
C SER H 66 17.03 -9.28 17.75
N THR H 67 16.80 -8.02 18.07
CA THR H 67 16.25 -7.08 17.11
C THR H 67 16.83 -5.70 17.34
N ASN H 68 16.85 -4.95 16.25
CA ASN H 68 17.18 -3.54 16.25
C ASN H 68 15.95 -2.65 16.00
N ASP H 69 14.80 -3.27 15.63
CA ASP H 69 13.71 -2.52 15.03
C ASP H 69 12.33 -2.99 15.49
N MET H 70 12.24 -4.10 16.24
CA MET H 70 11.02 -4.61 16.84
C MET H 70 10.13 -5.37 15.82
N VAL H 71 10.53 -5.50 14.56
CA VAL H 71 9.73 -6.23 13.58
C VAL H 71 10.55 -7.37 12.96
N ASN H 72 11.88 -7.21 12.86
CA ASN H 72 12.75 -8.24 12.33
C ASN H 72 13.60 -8.84 13.43
N TRP H 73 13.60 -10.17 13.54
CA TRP H 73 14.28 -10.87 14.63
C TRP H 73 15.35 -11.80 14.09
N THR H 74 16.57 -11.61 14.60
CA THR H 74 17.69 -12.46 14.23
C THR H 74 17.79 -13.66 15.19
N ASP H 75 17.88 -14.86 14.61
CA ASP H 75 18.06 -16.08 15.37
C ASP H 75 19.58 -16.32 15.55
N HIS H 76 20.03 -16.33 16.81
CA HIS H 76 21.45 -16.53 17.09
C HIS H 76 21.76 -17.96 17.48
N GLY H 77 20.73 -18.83 17.45
CA GLY H 77 20.92 -20.26 17.64
C GLY H 77 21.00 -20.59 19.13
N THR H 78 21.43 -21.82 19.38
CA THR H 78 21.62 -22.33 20.72
C THR H 78 22.79 -21.60 21.38
N ILE H 79 22.59 -21.10 22.59
CA ILE H 79 23.68 -20.45 23.33
C ILE H 79 23.98 -21.17 24.63
N LEU H 80 23.19 -22.19 25.01
CA LEU H 80 23.47 -23.00 26.20
C LEU H 80 22.60 -24.24 26.11
N LYS H 81 23.09 -25.34 26.69
CA LYS H 81 22.35 -26.60 26.73
C LYS H 81 22.30 -27.11 28.18
N TYR H 82 21.31 -27.96 28.48
CA TYR H 82 21.24 -28.58 29.79
C TYR H 82 22.53 -29.33 30.08
N SER H 83 23.11 -29.97 29.05
CA SER H 83 24.27 -30.83 29.24
C SER H 83 25.54 -30.01 29.49
N ASP H 84 25.50 -28.70 29.27
CA ASP H 84 26.62 -27.85 29.67
C ASP H 84 26.72 -27.69 31.20
N PHE H 85 25.69 -28.17 31.94
CA PHE H 85 25.80 -28.38 33.38
C PHE H 85 26.03 -29.86 33.60
N ALA H 86 27.24 -30.23 34.05
CA ALA H 86 27.60 -31.65 34.15
C ALA H 86 26.71 -32.43 35.12
N TRP H 87 26.07 -31.69 36.04
CA TRP H 87 25.22 -32.29 37.06
C TRP H 87 23.73 -32.26 36.68
N ALA H 88 23.40 -31.80 35.48
CA ALA H 88 21.99 -31.64 35.06
C ALA H 88 21.47 -32.88 34.35
N LYS H 89 20.25 -33.29 34.72
CA LYS H 89 19.60 -34.48 34.21
C LYS H 89 18.78 -34.19 32.95
N GLY H 90 18.27 -32.96 32.83
CA GLY H 90 17.41 -32.58 31.71
C GLY H 90 16.51 -31.41 32.15
N ASP H 91 15.47 -31.14 31.35
CA ASP H 91 14.46 -30.14 31.64
C ASP H 91 15.03 -28.73 31.67
N ALA H 92 15.41 -28.23 30.47
CA ALA H 92 15.93 -26.90 30.34
C ALA H 92 14.76 -25.91 30.29
N TRP H 93 14.35 -25.42 31.46
CA TRP H 93 13.12 -24.63 31.55
C TRP H 93 13.44 -23.12 31.64
N ALA H 94 12.45 -22.32 32.04
CA ALA H 94 12.45 -20.88 31.87
C ALA H 94 13.65 -20.20 32.53
N ALA H 95 14.47 -19.51 31.70
CA ALA H 95 15.73 -18.91 32.15
C ALA H 95 15.69 -17.40 32.00
N GLN H 96 16.66 -16.70 32.59
CA GLN H 96 16.81 -15.26 32.39
C GLN H 96 18.27 -14.85 32.34
N CYS H 97 18.62 -13.95 31.40
CA CYS H 97 19.97 -13.40 31.34
C CYS H 97 19.95 -11.92 31.76
N VAL H 98 20.87 -11.55 32.66
CA VAL H 98 21.06 -10.16 33.08
C VAL H 98 22.52 -9.78 32.80
N GLU H 99 22.72 -8.49 32.51
CA GLU H 99 24.03 -7.96 32.18
C GLU H 99 24.50 -7.06 33.32
N LYS H 100 25.81 -7.06 33.57
CA LYS H 100 26.40 -6.14 34.52
C LYS H 100 27.88 -6.00 34.17
N ASN H 101 28.29 -4.76 33.89
CA ASN H 101 29.68 -4.45 33.54
C ASN H 101 30.20 -5.33 32.42
N GLY H 102 29.36 -5.58 31.42
CA GLY H 102 29.78 -6.33 30.25
C GLY H 102 29.95 -7.81 30.49
N LYS H 103 29.48 -8.33 31.64
CA LYS H 103 29.37 -9.78 31.85
C LYS H 103 27.89 -10.16 31.89
N PHE H 104 27.59 -11.35 31.38
CA PHE H 104 26.21 -11.79 31.19
C PHE H 104 25.97 -13.05 32.01
N TYR H 105 24.98 -12.96 32.92
CA TYR H 105 24.68 -14.02 33.87
C TYR H 105 23.32 -14.61 33.49
N LEU H 106 23.33 -15.90 33.14
CA LEU H 106 22.14 -16.59 32.66
C LEU H 106 21.75 -17.60 33.74
N TYR H 107 20.59 -17.35 34.33
CA TYR H 107 20.05 -18.16 35.43
C TYR H 107 19.08 -19.17 34.84
N VAL H 108 19.27 -20.45 35.14
CA VAL H 108 18.52 -21.51 34.45
C VAL H 108 17.97 -22.49 35.47
N PRO H 109 16.74 -23.00 35.29
CA PRO H 109 16.29 -24.16 36.09
C PRO H 109 16.52 -25.46 35.33
N VAL H 110 17.11 -26.44 36.02
CA VAL H 110 17.32 -27.78 35.45
C VAL H 110 17.12 -28.79 36.58
N VAL H 111 16.78 -30.03 36.22
CA VAL H 111 16.72 -31.09 37.21
C VAL H 111 18.14 -31.59 37.47
N SER H 112 18.47 -31.75 38.76
CA SER H 112 19.78 -32.26 39.16
C SER H 112 19.80 -33.79 39.08
N LYS H 113 20.96 -34.33 38.66
CA LYS H 113 21.16 -35.77 38.66
C LYS H 113 21.42 -36.31 40.07
N VAL H 114 21.93 -35.45 40.95
CA VAL H 114 22.41 -35.86 42.28
C VAL H 114 21.25 -36.34 43.13
N ASN H 115 20.07 -35.69 43.04
CA ASN H 115 18.95 -36.01 43.91
C ASN H 115 17.63 -36.00 43.14
N ASN H 116 17.69 -35.89 41.81
CA ASN H 116 16.54 -36.09 40.95
C ASN H 116 15.48 -35.01 41.17
N LYS H 117 15.88 -33.81 41.60
CA LYS H 117 14.91 -32.73 41.79
C LYS H 117 15.45 -31.46 41.15
N GLY H 118 14.52 -30.53 40.83
CA GLY H 118 14.81 -29.22 40.29
C GLY H 118 15.88 -28.44 41.07
N ALA H 119 16.59 -27.57 40.34
CA ALA H 119 17.61 -26.72 40.93
C ALA H 119 17.85 -25.56 39.98
N ILE H 120 18.39 -24.45 40.52
CA ILE H 120 18.72 -23.30 39.69
C ILE H 120 20.24 -23.19 39.62
N GLY H 121 20.75 -23.11 38.37
CA GLY H 121 22.16 -22.93 38.08
C GLY H 121 22.37 -21.54 37.45
N VAL H 122 23.64 -21.21 37.25
CA VAL H 122 24.00 -19.94 36.63
C VAL H 122 25.20 -20.18 35.73
N ALA H 123 25.11 -19.68 34.48
CA ALA H 123 26.22 -19.65 33.54
C ALA H 123 26.62 -18.20 33.30
N VAL H 124 27.88 -17.98 32.92
CA VAL H 124 28.39 -16.64 32.72
C VAL H 124 29.11 -16.59 31.38
N GLY H 125 28.91 -15.50 30.63
CA GLY H 125 29.60 -15.30 29.37
C GLY H 125 30.00 -13.83 29.22
N ASP H 126 30.83 -13.55 28.21
CA ASP H 126 31.34 -12.20 28.03
C ASP H 126 30.71 -11.50 26.83
N SER H 127 29.72 -12.14 26.19
CA SER H 127 28.87 -11.45 25.23
C SER H 127 27.46 -12.04 25.37
N PRO H 128 26.42 -11.39 24.83
CA PRO H 128 25.09 -11.96 24.90
C PRO H 128 24.97 -13.30 24.19
N LEU H 129 25.90 -13.59 23.26
CA LEU H 129 25.85 -14.83 22.51
C LEU H 129 26.73 -15.90 23.14
N GLY H 130 27.34 -15.58 24.29
CA GLY H 130 28.22 -16.55 24.94
C GLY H 130 29.65 -16.43 24.45
N PRO H 131 30.45 -17.50 24.55
CA PRO H 131 30.02 -18.79 25.12
C PRO H 131 29.68 -18.66 26.62
N PHE H 132 28.73 -19.48 27.10
CA PHE H 132 28.31 -19.44 28.49
C PHE H 132 28.82 -20.69 29.18
N TYR H 133 29.35 -20.53 30.40
CA TYR H 133 29.90 -21.67 31.12
C TYR H 133 29.27 -21.71 32.52
N ASP H 134 28.92 -22.92 32.97
CA ASP H 134 28.57 -23.19 34.35
C ASP H 134 29.78 -22.82 35.22
N VAL H 135 29.68 -21.77 36.03
CA VAL H 135 30.84 -21.33 36.81
C VAL H 135 30.90 -21.95 38.20
N LEU H 136 29.85 -22.69 38.60
CA LEU H 136 29.81 -23.26 39.95
C LEU H 136 30.07 -24.77 39.96
N GLY H 137 29.61 -25.49 38.92
CA GLY H 137 29.77 -26.94 38.93
C GLY H 137 28.74 -27.61 39.81
N LYS H 138 27.73 -26.85 40.28
CA LYS H 138 26.70 -27.31 41.20
C LYS H 138 25.59 -26.25 41.15
N PRO H 139 24.45 -26.48 41.82
CA PRO H 139 23.39 -25.46 41.80
C PRO H 139 23.82 -24.16 42.47
N LEU H 140 23.27 -23.05 41.99
CA LEU H 140 23.31 -21.80 42.73
C LEU H 140 22.41 -21.90 43.96
N VAL H 141 21.24 -22.50 43.80
CA VAL H 141 20.32 -22.67 44.93
C VAL H 141 19.52 -23.94 44.68
N GLN H 142 19.40 -24.75 45.74
CA GLN H 142 18.43 -25.84 45.72
C GLN H 142 17.75 -25.90 47.08
N SER H 143 16.44 -25.81 47.03
CA SER H 143 15.60 -25.87 48.21
C SER H 143 14.96 -27.25 48.26
N GLU H 144 13.84 -27.33 48.96
CA GLU H 144 13.23 -28.63 49.21
C GLU H 144 12.53 -29.19 47.98
N TRP H 145 11.80 -28.31 47.29
CA TRP H 145 11.10 -28.73 46.10
C TRP H 145 10.57 -27.51 45.35
N GLY H 146 10.57 -27.58 44.02
CA GLY H 146 9.94 -26.56 43.16
C GLY H 146 10.93 -25.45 42.78
N ASP H 147 12.20 -25.81 42.57
CA ASP H 147 13.23 -24.85 42.19
C ASP H 147 13.22 -24.61 40.67
N ILE H 148 12.24 -23.84 40.20
CA ILE H 148 12.16 -23.48 38.80
C ILE H 148 11.87 -21.99 38.66
N ASP H 149 12.01 -21.50 37.40
CA ASP H 149 11.56 -20.18 36.96
C ASP H 149 12.22 -19.02 37.71
N PRO H 150 13.56 -18.87 37.65
CA PRO H 150 14.20 -17.75 38.30
C PRO H 150 13.99 -16.44 37.53
N THR H 151 13.93 -15.35 38.29
CA THR H 151 14.03 -14.00 37.77
C THR H 151 15.04 -13.24 38.64
N VAL H 152 15.85 -12.40 37.96
CA VAL H 152 16.93 -11.67 38.61
C VAL H 152 16.83 -10.21 38.21
N PHE H 153 17.00 -9.31 39.17
CA PHE H 153 16.88 -7.89 38.90
C PHE H 153 17.98 -7.13 39.66
N ILE H 154 18.69 -6.26 38.93
CA ILE H 154 19.70 -5.40 39.54
C ILE H 154 19.08 -4.01 39.77
N ASP H 155 19.06 -3.58 41.04
CA ASP H 155 18.40 -2.36 41.43
C ASP H 155 19.22 -1.12 41.05
N ASP H 156 18.64 0.06 41.30
CA ASP H 156 19.32 1.33 41.05
C ASP H 156 20.59 1.47 41.88
N ASP H 157 20.56 0.93 43.10
CA ASP H 157 21.68 0.99 44.01
C ASP H 157 22.74 -0.10 43.72
N GLY H 158 22.50 -0.96 42.73
CA GLY H 158 23.45 -2.00 42.36
C GLY H 158 23.14 -3.36 42.95
N GLN H 159 22.18 -3.45 43.86
CA GLN H 159 21.84 -4.71 44.50
C GLN H 159 20.96 -5.64 43.66
N ALA H 160 21.27 -6.94 43.74
CA ALA H 160 20.57 -7.92 42.90
C ALA H 160 19.62 -8.78 43.72
N HIS H 161 18.49 -9.09 43.11
CA HIS H 161 17.45 -9.83 43.82
C HIS H 161 17.05 -10.99 42.92
N MET H 162 16.85 -12.17 43.52
CA MET H 162 16.32 -13.30 42.76
C MET H 162 15.02 -13.82 43.38
N TYR H 163 14.01 -13.96 42.53
CA TYR H 163 12.77 -14.66 42.87
C TYR H 163 12.62 -15.91 42.01
N TRP H 164 11.91 -16.92 42.51
CA TRP H 164 11.64 -18.09 41.71
C TRP H 164 10.58 -18.94 42.41
N GLY H 165 10.19 -20.05 41.77
CA GLY H 165 9.48 -21.07 42.53
C GLY H 165 8.13 -21.48 41.94
N ASN H 166 7.82 -22.78 42.12
CA ASN H 166 6.53 -23.38 41.83
C ASN H 166 6.45 -24.65 42.67
N PRO H 167 5.53 -24.75 43.66
CA PRO H 167 4.40 -23.84 43.90
C PRO H 167 4.71 -22.60 44.76
N LYS H 168 5.81 -22.62 45.53
CA LYS H 168 6.08 -21.57 46.50
C LYS H 168 7.01 -20.50 45.93
N LEU H 169 6.59 -19.24 46.06
CA LEU H 169 7.43 -18.11 45.69
C LEU H 169 8.58 -17.94 46.70
N LYS H 170 9.80 -17.95 46.20
CA LYS H 170 11.00 -17.85 47.01
C LYS H 170 11.85 -16.67 46.56
N TYR H 171 12.70 -16.22 47.47
CA TYR H 171 13.47 -15.01 47.30
C TYR H 171 14.84 -15.19 47.96
N VAL H 172 15.88 -14.66 47.30
CA VAL H 172 17.17 -14.51 47.95
C VAL H 172 17.74 -13.18 47.47
N LYS H 173 18.55 -12.59 48.34
CA LYS H 173 19.34 -11.44 47.96
C LYS H 173 20.68 -11.93 47.44
N LEU H 174 21.00 -11.62 46.18
CA LEU H 174 22.23 -12.16 45.59
C LEU H 174 23.40 -11.28 46.02
N ASN H 175 24.56 -11.92 46.12
CA ASN H 175 25.79 -11.19 46.36
C ASN H 175 26.13 -10.32 45.13
N GLU H 176 26.99 -9.33 45.34
CA GLU H 176 27.56 -8.56 44.25
C GLU H 176 28.13 -9.44 43.12
N ASP H 177 28.71 -10.60 43.40
CA ASP H 177 29.32 -11.43 42.37
C ASP H 177 28.28 -12.09 41.46
N MET H 178 27.00 -12.10 41.89
CA MET H 178 25.86 -12.55 41.09
C MET H 178 25.78 -14.08 41.00
N ILE H 179 26.71 -14.81 41.64
CA ILE H 179 26.75 -16.27 41.52
C ILE H 179 26.75 -16.91 42.92
N SER H 180 26.25 -16.17 43.92
CA SER H 180 26.12 -16.64 45.29
C SER H 180 25.13 -15.73 46.01
N TYR H 181 24.66 -16.16 47.20
CA TYR H 181 23.64 -15.39 47.90
C TYR H 181 23.92 -15.27 49.40
N SER H 182 23.18 -14.37 50.06
CA SER H 182 23.49 -13.78 51.38
C SER H 182 23.33 -14.78 52.52
N GLY H 183 22.07 -14.77 52.97
CA GLY H 183 21.51 -15.36 54.15
C GLY H 183 20.61 -16.52 53.76
N ASP H 184 19.33 -16.47 54.16
CA ASP H 184 18.45 -17.62 54.00
C ASP H 184 17.55 -17.50 52.79
N ILE H 185 17.01 -18.65 52.39
CA ILE H 185 15.95 -18.72 51.39
C ILE H 185 14.65 -18.23 52.02
N ILE H 186 14.09 -17.16 51.46
CA ILE H 186 12.92 -16.49 52.00
C ILE H 186 11.69 -17.01 51.28
N GLU H 187 10.74 -17.53 52.06
CA GLU H 187 9.45 -17.95 51.50
C GLU H 187 8.49 -16.77 51.59
N VAL H 188 8.12 -16.22 50.43
CA VAL H 188 7.25 -15.05 50.40
C VAL H 188 5.86 -15.46 50.87
N PRO H 189 5.25 -14.70 51.82
CA PRO H 189 3.91 -15.04 52.28
C PRO H 189 2.89 -15.07 51.14
N MET H 190 2.28 -16.23 50.95
CA MET H 190 1.33 -16.47 49.88
C MET H 190 -0.07 -16.01 50.34
N THR H 191 -0.28 -14.69 50.30
CA THR H 191 -1.48 -14.08 50.87
C THR H 191 -2.41 -13.60 49.77
N GLU H 192 -3.70 -13.50 50.09
CA GLU H 192 -4.69 -12.87 49.24
C GLU H 192 -4.34 -11.40 48.97
N GLU H 193 -3.81 -10.68 49.95
CA GLU H 193 -3.44 -9.30 49.73
C GLU H 193 -2.37 -9.18 48.62
N SER H 194 -1.48 -10.18 48.55
CA SER H 194 -0.33 -10.09 47.68
C SER H 194 -0.59 -10.69 46.28
N PHE H 195 -1.39 -11.78 46.19
CA PHE H 195 -1.40 -12.53 44.93
C PHE H 195 -2.78 -13.00 44.48
N GLY H 196 -3.85 -12.35 44.94
CA GLY H 196 -5.18 -12.75 44.44
C GLY H 196 -5.78 -13.89 45.27
N LYS H 197 -6.85 -14.47 44.72
CA LYS H 197 -7.71 -15.39 45.43
C LYS H 197 -7.55 -16.86 45.01
N ARG H 198 -8.00 -17.18 43.81
CA ARG H 198 -7.94 -18.52 43.26
C ARG H 198 -9.17 -19.26 43.77
N ASP H 199 -9.17 -20.57 43.61
CA ASP H 199 -10.23 -21.39 44.13
C ASP H 199 -9.66 -22.14 45.32
N GLY H 200 -9.52 -23.45 45.20
CA GLY H 200 -9.19 -24.27 46.35
C GLY H 200 -8.17 -25.32 45.97
N ASN H 201 -6.99 -25.25 46.58
CA ASN H 201 -5.95 -26.19 46.21
C ASN H 201 -4.88 -26.21 47.27
N PRO H 202 -5.17 -26.71 48.49
CA PRO H 202 -4.21 -26.59 49.59
C PRO H 202 -2.86 -25.94 49.33
N GLU H 203 -2.00 -26.58 48.53
CA GLU H 203 -0.71 -26.05 48.19
C GLU H 203 -0.77 -24.75 47.37
N ARG H 204 -1.99 -24.33 47.05
CA ARG H 204 -2.16 -23.14 46.25
C ARG H 204 -3.22 -22.26 46.88
N PRO H 205 -2.78 -21.33 47.76
CA PRO H 205 -3.75 -20.45 48.41
C PRO H 205 -4.13 -19.27 47.51
N THR H 206 -3.22 -18.88 46.60
CA THR H 206 -3.39 -17.67 45.81
C THR H 206 -3.33 -17.97 44.32
N LYS H 207 -3.54 -16.94 43.50
CA LYS H 207 -3.52 -17.10 42.06
C LYS H 207 -2.11 -17.38 41.54
N TYR H 208 -1.06 -17.08 42.31
CA TYR H 208 0.31 -17.30 41.85
C TYR H 208 0.51 -18.77 41.49
N GLU H 209 1.09 -18.99 40.29
CA GLU H 209 1.40 -20.35 39.84
C GLU H 209 2.91 -20.57 39.76
N GLU H 210 3.62 -19.69 39.05
CA GLU H 210 5.05 -19.84 38.83
C GLU H 210 5.59 -18.61 38.12
N GLY H 211 6.79 -18.74 37.54
CA GLY H 211 7.30 -17.83 36.52
C GLY H 211 7.34 -16.35 36.88
N PRO H 212 7.85 -15.97 38.08
CA PRO H 212 7.83 -14.55 38.43
C PRO H 212 8.84 -13.77 37.57
N TRP H 213 8.54 -12.50 37.34
CA TRP H 213 9.40 -11.59 36.59
C TRP H 213 9.42 -10.24 37.32
N LEU H 214 10.62 -9.82 37.77
CA LEU H 214 10.79 -8.59 38.53
C LEU H 214 11.19 -7.45 37.61
N TYR H 215 10.43 -6.35 37.64
CA TYR H 215 10.60 -5.22 36.72
C TYR H 215 10.34 -3.94 37.50
N LYS H 216 10.95 -2.83 37.05
CA LYS H 216 10.75 -1.56 37.74
C LYS H 216 10.36 -0.47 36.75
N ARG H 217 9.41 0.39 37.17
CA ARG H 217 9.07 1.59 36.41
C ARG H 217 8.82 2.73 37.40
N LYS H 218 9.57 3.82 37.20
CA LYS H 218 9.53 4.99 38.09
C LYS H 218 9.84 4.51 39.52
N ASP H 219 8.96 4.79 40.48
CA ASP H 219 9.21 4.41 41.86
C ASP H 219 8.54 3.10 42.26
N LEU H 220 8.06 2.34 41.28
CA LEU H 220 7.22 1.18 41.55
C LEU H 220 7.88 -0.09 41.01
N TYR H 221 7.91 -1.12 41.86
CA TYR H 221 8.37 -2.44 41.46
C TYR H 221 7.17 -3.31 41.11
N TYR H 222 7.32 -4.10 40.04
CA TYR H 222 6.30 -5.02 39.57
C TYR H 222 6.84 -6.44 39.59
N LEU H 223 6.00 -7.37 40.06
CA LEU H 223 6.25 -8.79 39.92
C LEU H 223 5.14 -9.36 39.03
N PHE H 224 5.48 -9.71 37.78
CA PHE H 224 4.56 -10.39 36.88
C PHE H 224 4.64 -11.89 37.12
N TRP H 225 3.54 -12.61 36.92
CA TRP H 225 3.58 -14.04 37.15
C TRP H 225 2.46 -14.74 36.42
N PRO H 226 2.71 -15.94 35.85
CA PRO H 226 1.60 -16.82 35.48
C PRO H 226 0.75 -17.13 36.71
N GLY H 227 -0.57 -17.11 36.49
CA GLY H 227 -1.52 -17.49 37.52
C GLY H 227 -2.39 -18.65 37.07
N GLY H 228 -2.87 -19.38 38.07
CA GLY H 228 -3.76 -20.50 37.85
C GLY H 228 -5.09 -20.32 38.57
N PRO H 229 -5.98 -21.34 38.50
CA PRO H 229 -5.72 -22.65 37.87
C PRO H 229 -5.64 -22.58 36.34
N LEU H 230 -5.20 -23.65 35.72
CA LEU H 230 -5.00 -23.73 34.27
C LEU H 230 -6.34 -23.54 33.57
N PRO H 231 -6.41 -22.93 32.37
CA PRO H 231 -5.24 -22.44 31.61
C PRO H 231 -4.66 -21.16 32.23
N GLU H 232 -3.34 -20.98 32.15
CA GLU H 232 -2.69 -19.89 32.87
C GLU H 232 -3.03 -18.52 32.29
N PHE H 233 -3.20 -17.55 33.20
CA PHE H 233 -3.30 -16.15 32.84
C PHE H 233 -2.04 -15.46 33.37
N ILE H 234 -1.88 -14.16 33.07
CA ILE H 234 -0.75 -13.42 33.63
C ILE H 234 -1.32 -12.34 34.55
N GLY H 235 -0.95 -12.44 35.83
CA GLY H 235 -1.24 -11.40 36.80
C GLY H 235 0.02 -10.65 37.22
N TYR H 236 -0.15 -9.63 38.03
CA TYR H 236 0.98 -8.86 38.54
C TYR H 236 0.69 -8.37 39.97
N SER H 237 1.78 -8.04 40.66
CA SER H 237 1.76 -7.41 41.97
C SER H 237 2.70 -6.21 41.93
N THR H 238 2.53 -5.28 42.87
CA THR H 238 3.35 -4.09 42.97
C THR H 238 3.94 -3.94 44.37
N SER H 239 4.99 -3.11 44.48
CA SER H 239 5.62 -2.86 45.77
C SER H 239 6.48 -1.59 45.67
N LYS H 240 6.84 -1.06 46.84
CA LYS H 240 7.68 0.10 46.94
C LYS H 240 9.17 -0.25 46.97
N SER H 241 9.48 -1.52 47.28
CA SER H 241 10.83 -2.04 47.25
C SER H 241 10.82 -3.40 46.53
N ALA H 242 12.00 -3.83 46.05
CA ALA H 242 12.10 -5.07 45.31
C ALA H 242 11.86 -6.30 46.18
N LYS H 243 11.95 -6.13 47.49
CA LYS H 243 11.80 -7.27 48.39
C LYS H 243 10.38 -7.34 48.92
N GLY H 244 9.52 -6.41 48.49
CA GLY H 244 8.17 -6.45 48.95
C GLY H 244 7.97 -5.51 50.11
N PRO H 245 6.77 -5.52 50.75
CA PRO H 245 5.74 -6.54 50.54
C PRO H 245 4.95 -6.34 49.26
N TRP H 246 4.35 -7.41 48.70
CA TRP H 246 3.70 -7.29 47.40
C TRP H 246 2.20 -7.13 47.52
N LYS H 247 1.62 -6.32 46.64
CA LYS H 247 0.21 -6.02 46.64
C LYS H 247 -0.39 -6.43 45.29
N TYR H 248 -1.46 -7.22 45.33
CA TYR H 248 -2.08 -7.70 44.11
C TYR H 248 -2.50 -6.52 43.22
N GLY H 249 -2.21 -6.62 41.92
CA GLY H 249 -2.53 -5.58 40.98
C GLY H 249 -3.74 -5.94 40.12
N GLY H 250 -3.75 -7.15 39.57
CA GLY H 250 -4.86 -7.56 38.72
C GLY H 250 -4.41 -8.52 37.63
N ILE H 251 -5.26 -8.67 36.61
CA ILE H 251 -4.97 -9.54 35.49
C ILE H 251 -4.34 -8.68 34.40
N VAL H 252 -3.13 -9.05 33.97
CA VAL H 252 -2.51 -8.36 32.83
C VAL H 252 -3.04 -8.95 31.53
N MET H 253 -3.10 -10.30 31.47
CA MET H 253 -3.59 -10.90 30.23
C MET H 253 -4.29 -12.23 30.52
N PRO H 254 -5.61 -12.34 30.26
CA PRO H 254 -6.31 -13.59 30.55
C PRO H 254 -5.81 -14.74 29.66
N ALA H 255 -6.10 -15.97 30.11
CA ALA H 255 -5.80 -17.16 29.34
C ALA H 255 -6.44 -17.13 27.97
N GLU H 256 -5.66 -17.38 26.94
CA GLU H 256 -6.15 -17.30 25.58
C GLU H 256 -5.27 -18.19 24.71
N GLY H 257 -5.90 -18.90 23.77
CA GLY H 257 -5.20 -19.65 22.73
C GLY H 257 -4.98 -21.12 23.07
N LYS H 258 -4.05 -21.73 22.30
CA LYS H 258 -3.87 -23.17 22.37
C LYS H 258 -2.86 -23.67 23.41
N SER H 259 -2.18 -22.74 24.13
CA SER H 259 -1.19 -23.15 25.12
C SER H 259 -1.73 -22.96 26.55
N PHE H 260 -1.77 -24.02 27.34
CA PHE H 260 -2.24 -23.89 28.72
C PHE H 260 -1.25 -23.18 29.64
N THR H 261 -0.02 -22.93 29.18
CA THR H 261 0.89 -22.06 29.94
C THR H 261 1.01 -20.71 29.23
N ASN H 262 1.28 -19.67 30.03
CA ASN H 262 1.77 -18.40 29.52
C ASN H 262 2.88 -17.95 30.46
N HIS H 263 3.86 -17.22 29.91
CA HIS H 263 5.06 -16.92 30.67
C HIS H 263 5.54 -15.52 30.31
N PRO H 264 5.61 -14.58 31.28
CA PRO H 264 5.85 -13.18 30.96
C PRO H 264 7.31 -12.74 31.03
N GLY H 265 7.65 -11.81 30.14
CA GLY H 265 8.89 -11.04 30.22
C GLY H 265 8.64 -9.59 29.87
N VAL H 266 9.00 -8.64 30.76
CA VAL H 266 8.73 -7.23 30.53
C VAL H 266 10.03 -6.45 30.51
N ILE H 267 10.14 -5.47 29.60
CA ILE H 267 11.36 -4.68 29.54
C ILE H 267 11.10 -3.36 28.81
N ASP H 268 11.89 -2.32 29.17
CA ASP H 268 11.92 -1.07 28.41
C ASP H 268 12.96 -1.13 27.29
N PHE H 269 12.62 -0.60 26.13
CA PHE H 269 13.54 -0.48 25.02
C PHE H 269 13.19 0.82 24.29
N ARG H 270 14.19 1.73 24.21
CA ARG H 270 14.06 3.01 23.48
C ARG H 270 12.79 3.75 23.89
N GLY H 271 12.54 3.81 25.21
CA GLY H 271 11.48 4.63 25.76
C GLY H 271 10.11 3.97 25.80
N LYS H 272 9.94 2.74 25.28
CA LYS H 272 8.64 2.07 25.37
C LYS H 272 8.79 0.73 26.09
N THR H 273 7.70 0.25 26.69
CA THR H 273 7.73 -0.99 27.44
C THR H 273 7.07 -2.12 26.65
N TYR H 274 7.70 -3.30 26.67
CA TYR H 274 7.26 -4.45 25.88
C TYR H 274 6.98 -5.64 26.79
N PHE H 275 5.90 -6.33 26.45
CA PHE H 275 5.37 -7.51 27.10
C PHE H 275 5.56 -8.71 26.18
N PHE H 276 6.53 -9.56 26.54
CA PHE H 276 6.77 -10.83 25.87
C PHE H 276 5.96 -11.92 26.58
N TYR H 277 5.43 -12.83 25.78
CA TYR H 277 4.65 -13.93 26.30
C TYR H 277 4.79 -15.08 25.29
N HIS H 278 3.97 -16.12 25.46
CA HIS H 278 3.96 -17.15 24.43
C HIS H 278 2.54 -17.71 24.29
N ASN H 279 2.31 -18.41 23.18
CA ASN H 279 1.02 -19.01 22.90
C ASN H 279 1.27 -20.29 22.09
N GLY H 280 0.23 -20.83 21.48
CA GLY H 280 0.40 -21.97 20.58
C GLY H 280 -0.19 -21.71 19.21
N ALA H 281 0.22 -20.61 18.59
CA ALA H 281 -0.42 -20.12 17.36
C ALA H 281 0.28 -20.60 16.09
N LEU H 282 1.39 -21.34 16.20
CA LEU H 282 2.05 -21.79 14.97
C LEU H 282 1.37 -23.06 14.45
N PRO H 283 1.57 -23.43 13.17
CA PRO H 283 1.16 -24.76 12.72
C PRO H 283 1.74 -25.82 13.63
N GLY H 284 0.89 -26.77 14.07
CA GLY H 284 1.31 -27.78 15.01
C GLY H 284 1.50 -27.26 16.43
N GLY H 285 1.08 -26.01 16.70
CA GLY H 285 1.33 -25.42 18.02
C GLY H 285 0.39 -26.01 19.07
N SER H 286 0.84 -25.99 20.31
CA SER H 286 0.10 -26.59 21.42
C SER H 286 0.78 -26.15 22.71
N GLY H 287 0.28 -26.70 23.84
CA GLY H 287 0.90 -26.40 25.12
C GLY H 287 2.34 -26.92 25.25
N PHE H 288 2.73 -27.87 24.37
CA PHE H 288 4.08 -28.42 24.39
C PHE H 288 4.89 -28.04 23.15
N THR H 289 4.29 -27.23 22.26
CA THR H 289 4.92 -26.70 21.06
C THR H 289 4.54 -25.22 20.95
N ARG H 290 5.16 -24.41 21.79
CA ARG H 290 4.72 -23.03 21.98
C ARG H 290 5.51 -22.08 21.08
N SER H 291 5.15 -20.79 21.12
CA SER H 291 5.73 -19.79 20.25
C SER H 291 5.72 -18.45 20.97
N VAL H 292 6.88 -17.76 20.95
CA VAL H 292 7.04 -16.51 21.69
C VAL H 292 6.40 -15.37 20.90
N CYS H 293 5.78 -14.45 21.64
CA CYS H 293 5.08 -13.29 21.09
C CYS H 293 5.48 -12.04 21.88
N VAL H 294 5.19 -10.87 21.29
CA VAL H 294 5.42 -9.63 22.00
C VAL H 294 4.38 -8.60 21.56
N GLN H 295 3.95 -7.76 22.52
CA GLN H 295 3.18 -6.58 22.21
C GLN H 295 3.59 -5.48 23.19
N GLU H 296 3.22 -4.24 22.85
CA GLU H 296 3.55 -3.13 23.74
C GLU H 296 2.73 -3.23 25.03
N LEU H 297 3.34 -2.88 26.16
CA LEU H 297 2.65 -2.81 27.45
C LEU H 297 2.37 -1.34 27.78
N ASN H 298 1.09 -1.00 27.92
CA ASN H 298 0.63 0.36 28.20
C ASN H 298 0.30 0.49 29.67
N PHE H 299 0.69 1.63 30.27
CA PHE H 299 0.42 1.89 31.66
C PHE H 299 -0.63 2.97 31.86
N ASN H 300 -1.42 2.82 32.92
CA ASN H 300 -2.23 3.94 33.37
C ASN H 300 -1.33 4.92 34.11
N LYS H 301 -1.81 6.17 34.21
CA LYS H 301 -1.03 7.23 34.82
C LYS H 301 -0.70 6.97 36.28
N ASP H 302 -1.51 6.18 36.99
CA ASP H 302 -1.23 5.82 38.38
C ASP H 302 -0.19 4.71 38.52
N GLY H 303 0.24 4.09 37.38
CA GLY H 303 1.16 2.98 37.44
C GLY H 303 0.50 1.59 37.44
N THR H 304 -0.81 1.51 37.54
CA THR H 304 -1.51 0.25 37.37
C THR H 304 -1.57 -0.10 35.88
N ILE H 305 -1.93 -1.36 35.58
CA ILE H 305 -1.81 -1.87 34.23
C ILE H 305 -3.18 -2.29 33.74
N PRO H 306 -3.71 -1.68 32.67
CA PRO H 306 -5.00 -2.15 32.15
C PRO H 306 -4.86 -3.51 31.46
N GLN H 307 -5.86 -4.38 31.73
CA GLN H 307 -5.93 -5.69 31.14
C GLN H 307 -5.93 -5.60 29.62
N MET H 308 -5.22 -6.53 28.99
CA MET H 308 -5.07 -6.49 27.53
C MET H 308 -5.15 -7.91 26.98
N LYS H 309 -5.49 -8.00 25.70
CA LYS H 309 -5.57 -9.31 25.07
C LYS H 309 -4.39 -9.55 24.15
N MET H 310 -4.36 -10.71 23.53
CA MET H 310 -3.34 -11.03 22.55
C MET H 310 -3.63 -10.24 21.27
N THR H 311 -2.63 -9.49 20.78
CA THR H 311 -2.81 -8.57 19.66
C THR H 311 -2.04 -9.06 18.45
N GLU H 312 -2.08 -8.30 17.35
CA GLU H 312 -1.36 -8.76 16.16
C GLU H 312 0.12 -8.41 16.31
N GLY H 313 0.50 -7.76 17.41
CA GLY H 313 1.87 -7.44 17.71
C GLY H 313 2.33 -6.07 17.20
N ILE H 314 3.62 -5.97 16.91
CA ILE H 314 4.19 -4.69 16.54
C ILE H 314 3.86 -4.41 15.07
N THR H 315 3.17 -3.30 14.83
CA THR H 315 2.72 -2.99 13.48
C THR H 315 3.76 -2.21 12.68
N LYS H 316 4.53 -1.35 13.37
CA LYS H 316 5.49 -0.51 12.67
C LYS H 316 6.90 -0.67 13.24
N GLY H 317 7.89 -0.64 12.33
CA GLY H 317 9.26 -0.67 12.74
C GLY H 317 9.69 0.61 13.42
N ILE H 318 10.49 0.47 14.48
CA ILE H 318 11.06 1.67 15.10
C ILE H 318 12.38 2.06 14.44
N ALA H 319 12.85 1.26 13.45
CA ALA H 319 14.06 1.58 12.72
C ALA H 319 14.04 0.79 11.43
N ALA H 320 14.85 1.25 10.46
CA ALA H 320 14.94 0.61 9.17
C ALA H 320 16.03 -0.46 9.17
N LEU H 321 15.91 -1.40 8.23
CA LEU H 321 16.96 -2.39 7.99
C LEU H 321 17.71 -2.03 6.72
N ASN H 322 19.03 -2.12 6.79
CA ASN H 322 19.89 -1.73 5.68
C ASN H 322 20.12 -2.95 4.78
N PRO H 323 19.56 -2.97 3.55
CA PRO H 323 19.73 -4.14 2.69
C PRO H 323 21.08 -4.22 2.01
N TYR H 324 21.94 -3.20 2.19
CA TYR H 324 23.23 -3.18 1.55
C TYR H 324 24.33 -3.74 2.45
N GLN H 325 23.92 -4.33 3.58
CA GLN H 325 24.83 -5.04 4.47
C GLN H 325 24.43 -6.49 4.52
N LEU H 326 25.39 -7.35 4.86
CA LEU H 326 25.12 -8.75 5.11
C LEU H 326 23.95 -8.90 6.10
N THR H 327 22.89 -9.55 5.63
CA THR H 327 21.72 -9.80 6.46
C THR H 327 21.46 -11.29 6.47
N GLN H 328 21.26 -11.85 7.67
CA GLN H 328 21.14 -13.29 7.79
C GLN H 328 19.80 -13.76 7.26
N ALA H 329 19.78 -14.94 6.64
CA ALA H 329 18.53 -15.60 6.27
C ALA H 329 17.64 -15.83 7.50
N GLU H 330 18.28 -15.96 8.66
CA GLU H 330 17.58 -16.21 9.92
C GLU H 330 17.20 -14.91 10.63
N THR H 331 17.36 -13.76 9.96
CA THR H 331 16.74 -12.52 10.41
C THR H 331 15.38 -12.39 9.73
N ILE H 332 14.33 -12.69 10.49
CA ILE H 332 13.01 -12.93 9.90
C ILE H 332 11.94 -12.15 10.65
N SER H 333 11.06 -11.51 9.89
CA SER H 333 9.86 -10.88 10.42
C SER H 333 8.70 -11.88 10.41
N TRP H 334 8.32 -12.35 9.21
CA TRP H 334 7.30 -13.37 9.11
C TRP H 334 7.70 -14.41 8.08
N SER H 335 7.30 -15.67 8.30
CA SER H 335 7.72 -16.76 7.43
C SER H 335 6.69 -17.88 7.51
N GLU H 336 6.71 -18.73 6.48
CA GLU H 336 5.87 -19.93 6.46
C GLU H 336 6.64 -21.07 5.84
N HIS H 337 6.51 -22.27 6.48
CA HIS H 337 7.07 -23.52 6.01
C HIS H 337 8.61 -23.41 5.92
N VAL H 338 9.18 -22.70 6.91
CA VAL H 338 10.62 -22.58 7.03
C VAL H 338 11.02 -23.05 8.43
N LYS H 339 12.10 -23.84 8.48
CA LYS H 339 12.68 -24.24 9.76
C LYS H 339 14.13 -23.74 9.86
N ALA H 340 14.60 -23.48 11.10
CA ALA H 340 15.95 -22.99 11.32
C ALA H 340 16.86 -24.10 11.83
N PHE H 341 18.14 -24.05 11.45
CA PHE H 341 19.14 -25.06 11.81
C PHE H 341 20.46 -24.35 12.07
N GLN H 342 21.47 -25.09 12.55
CA GLN H 342 22.80 -24.51 12.62
C GLN H 342 23.89 -25.57 12.54
N ASN H 343 25.09 -25.14 12.14
CA ASN H 343 26.28 -25.97 12.16
C ASN H 343 27.50 -25.07 12.37
N ASP H 344 28.67 -25.68 12.50
CA ASP H 344 29.90 -24.95 12.82
C ASP H 344 30.47 -24.22 11.60
N LYS H 345 30.06 -24.62 10.39
CA LYS H 345 30.65 -24.05 9.19
C LYS H 345 30.05 -22.67 8.85
N VAL H 346 28.71 -22.51 8.93
CA VAL H 346 28.08 -21.29 8.54
C VAL H 346 27.29 -20.67 9.71
N GLY H 347 27.08 -21.42 10.79
CA GLY H 347 26.29 -20.85 11.88
C GLY H 347 24.83 -21.25 11.71
N VAL H 348 23.93 -20.29 11.98
CA VAL H 348 22.51 -20.51 11.81
C VAL H 348 22.13 -20.28 10.35
N PHE H 349 21.24 -21.16 9.84
CA PHE H 349 20.74 -21.06 8.48
C PHE H 349 19.28 -21.55 8.50
N VAL H 350 18.59 -21.40 7.37
CA VAL H 350 17.19 -21.81 7.30
C VAL H 350 17.01 -22.77 6.12
N ARG H 351 16.02 -23.66 6.27
CA ARG H 351 15.63 -24.57 5.21
C ARG H 351 14.16 -24.34 4.86
N ALA H 352 13.88 -24.32 3.55
CA ALA H 352 12.51 -24.33 3.07
C ALA H 352 11.96 -25.76 3.08
N LEU H 353 10.86 -26.00 3.78
CA LEU H 353 10.30 -27.34 3.91
C LEU H 353 9.41 -27.76 2.74
N GLN H 354 8.89 -26.80 1.95
CA GLN H 354 8.05 -27.18 0.82
C GLN H 354 8.04 -26.04 -0.19
N ASN H 355 7.51 -26.32 -1.37
CA ASN H 355 7.44 -25.33 -2.44
C ASN H 355 6.55 -24.18 -2.03
N GLY H 356 7.01 -22.94 -2.28
CA GLY H 356 6.26 -21.76 -1.91
C GLY H 356 6.44 -21.34 -0.44
N ALA H 357 7.36 -22.00 0.29
CA ALA H 357 7.74 -21.50 1.61
C ALA H 357 8.39 -20.14 1.45
N TYR H 358 8.34 -19.30 2.48
CA TYR H 358 8.92 -17.97 2.31
C TYR H 358 9.35 -17.39 3.64
N THR H 359 10.32 -16.47 3.56
CA THR H 359 10.68 -15.59 4.66
C THR H 359 10.47 -14.15 4.23
N SER H 360 10.35 -13.26 5.22
CA SER H 360 10.15 -11.84 4.91
C SER H 360 10.88 -11.00 5.93
N VAL H 361 11.32 -9.83 5.46
CA VAL H 361 11.88 -8.78 6.32
C VAL H 361 11.07 -7.50 6.06
N LYS H 362 10.83 -6.73 7.11
CA LYS H 362 10.03 -5.51 7.04
C LYS H 362 10.90 -4.24 7.16
N ASN H 363 10.38 -3.15 6.58
CA ASN H 363 10.93 -1.81 6.77
C ASN H 363 12.39 -1.73 6.28
N VAL H 364 12.62 -2.20 5.05
CA VAL H 364 13.94 -2.22 4.46
C VAL H 364 14.10 -0.97 3.60
N ASP H 365 15.14 -0.18 3.88
CA ASP H 365 15.33 1.11 3.26
C ASP H 365 16.36 1.01 2.12
N PHE H 366 15.87 0.92 0.87
CA PHE H 366 16.77 0.83 -0.27
C PHE H 366 17.32 2.20 -0.68
N GLY H 367 16.75 3.29 -0.14
CA GLY H 367 17.27 4.64 -0.41
C GLY H 367 16.90 5.21 -1.79
N ASP H 368 17.60 6.28 -2.15
CA ASP H 368 17.21 7.06 -3.32
C ASP H 368 17.85 6.54 -4.60
N ILE H 369 19.10 6.02 -4.50
CA ILE H 369 19.78 5.51 -5.68
C ILE H 369 19.18 4.14 -6.04
N GLY H 370 19.21 3.23 -5.05
CA GLY H 370 18.49 1.97 -5.13
C GLY H 370 19.44 0.79 -5.35
N ALA H 371 18.89 -0.41 -5.08
CA ALA H 371 19.62 -1.65 -5.21
C ALA H 371 19.41 -2.19 -6.64
N SER H 372 20.50 -2.62 -7.29
CA SER H 372 20.42 -3.17 -8.63
C SER H 372 20.91 -4.61 -8.71
N ALA H 373 21.72 -5.07 -7.75
CA ALA H 373 22.26 -6.43 -7.77
C ALA H 373 22.00 -7.08 -6.41
N PHE H 374 22.09 -8.41 -6.36
CA PHE H 374 21.78 -9.17 -5.16
C PHE H 374 22.70 -10.37 -5.06
N SER H 375 23.11 -10.68 -3.84
CA SER H 375 23.96 -11.83 -3.56
C SER H 375 23.33 -12.68 -2.45
N ALA H 376 23.54 -14.00 -2.51
CA ALA H 376 23.02 -14.86 -1.44
C ALA H 376 23.87 -16.13 -1.25
N ARG H 377 23.98 -16.63 -0.01
CA ARG H 377 24.60 -17.93 0.19
C ARG H 377 23.51 -18.99 0.26
N VAL H 378 23.57 -19.96 -0.66
CA VAL H 378 22.48 -20.92 -0.78
C VAL H 378 22.96 -22.28 -1.24
N GLY H 379 22.08 -23.27 -1.16
CA GLY H 379 22.36 -24.56 -1.75
C GLY H 379 21.11 -25.43 -1.75
N THR H 380 21.21 -26.57 -2.44
CA THR H 380 20.11 -27.52 -2.48
C THR H 380 20.66 -28.93 -2.69
N THR H 381 19.81 -29.91 -2.35
CA THR H 381 20.10 -31.31 -2.60
C THR H 381 19.48 -31.81 -3.91
N HIS H 382 18.70 -30.97 -4.61
CA HIS H 382 17.95 -31.35 -5.79
C HIS H 382 18.70 -30.93 -7.07
N ASN H 383 18.44 -31.66 -8.16
CA ASN H 383 19.21 -31.53 -9.38
C ASN H 383 18.47 -30.68 -10.40
N GLY H 384 18.58 -29.35 -10.29
CA GLY H 384 17.84 -28.48 -11.16
C GLY H 384 16.51 -28.02 -10.55
N GLY H 385 15.94 -26.97 -11.12
CA GLY H 385 14.56 -26.61 -10.86
C GLY H 385 14.35 -25.79 -9.58
N VAL H 386 15.43 -25.29 -8.96
CA VAL H 386 15.30 -24.69 -7.64
C VAL H 386 15.60 -23.23 -7.77
N THR H 387 14.66 -22.39 -7.33
CA THR H 387 14.80 -20.95 -7.47
C THR H 387 14.42 -20.32 -6.15
N MET H 388 14.96 -19.10 -5.94
CA MET H 388 14.48 -18.25 -4.87
C MET H 388 14.11 -16.91 -5.52
N GLU H 389 12.83 -16.53 -5.32
CA GLU H 389 12.33 -15.28 -5.89
C GLU H 389 12.44 -14.19 -4.84
N ILE H 390 12.97 -13.02 -5.25
CA ILE H 390 12.94 -11.83 -4.42
C ILE H 390 11.75 -10.99 -4.83
N ARG H 391 10.81 -10.80 -3.90
CA ARG H 391 9.58 -10.08 -4.16
C ARG H 391 9.39 -8.94 -3.18
N MET H 392 8.59 -7.95 -3.56
CA MET H 392 8.28 -6.80 -2.73
C MET H 392 6.86 -6.91 -2.19
N GLY H 393 6.66 -6.54 -0.92
CA GLY H 393 5.34 -6.32 -0.38
C GLY H 393 4.69 -7.57 0.24
N SER H 394 4.71 -8.69 -0.50
CA SER H 394 4.16 -9.94 0.01
C SER H 394 4.75 -11.08 -0.80
N GLN H 395 4.40 -12.32 -0.45
CA GLN H 395 4.96 -13.47 -1.15
C GLN H 395 4.36 -13.63 -2.54
N GLU H 396 3.35 -12.82 -2.86
CA GLU H 396 2.70 -12.87 -4.14
C GLU H 396 2.93 -11.57 -4.86
N GLY H 397 3.89 -10.77 -4.34
CA GLY H 397 4.14 -9.47 -4.90
C GLY H 397 5.11 -9.45 -6.05
N PRO H 398 5.35 -8.26 -6.60
CA PRO H 398 6.15 -8.17 -7.82
C PRO H 398 7.56 -8.73 -7.60
N ILE H 399 8.03 -9.52 -8.59
CA ILE H 399 9.32 -10.16 -8.52
C ILE H 399 10.42 -9.21 -8.96
N ALA H 400 11.38 -8.97 -8.05
CA ALA H 400 12.49 -8.07 -8.26
C ALA H 400 13.67 -8.78 -8.93
N GLY H 401 13.82 -10.10 -8.67
CA GLY H 401 14.88 -10.89 -9.24
C GLY H 401 14.67 -12.35 -8.88
N THR H 402 15.35 -13.22 -9.62
CA THR H 402 15.27 -14.65 -9.41
C THR H 402 16.69 -15.20 -9.28
N VAL H 403 16.90 -16.05 -8.26
CA VAL H 403 18.17 -16.72 -8.04
C VAL H 403 18.00 -18.20 -8.39
N LYS H 404 18.89 -18.67 -9.26
CA LYS H 404 18.98 -20.11 -9.54
C LYS H 404 19.89 -20.74 -8.50
N VAL H 405 19.34 -21.65 -7.67
CA VAL H 405 20.08 -22.22 -6.56
C VAL H 405 20.76 -23.50 -7.06
N PRO H 406 22.10 -23.59 -6.94
CA PRO H 406 22.81 -24.75 -7.49
C PRO H 406 22.80 -25.96 -6.55
N LEU H 407 22.98 -27.13 -7.15
CA LEU H 407 23.13 -28.37 -6.40
C LEU H 407 24.47 -28.29 -5.64
N THR H 408 24.43 -28.48 -4.32
CA THR H 408 25.66 -28.52 -3.53
C THR H 408 25.87 -29.88 -2.85
N GLY H 409 24.80 -30.66 -2.66
CA GLY H 409 24.89 -32.00 -2.13
C GLY H 409 24.24 -32.13 -0.75
N GLY H 410 24.24 -31.05 0.04
CA GLY H 410 23.73 -31.12 1.42
C GLY H 410 24.11 -29.85 2.16
N ASP H 411 23.49 -29.61 3.32
CA ASP H 411 23.64 -28.29 3.95
C ASP H 411 25.00 -28.12 4.62
N ASP H 412 25.93 -29.02 4.36
CA ASP H 412 27.34 -28.83 4.72
C ASP H 412 28.12 -28.19 3.57
N ARG H 413 27.47 -27.93 2.43
CA ARG H 413 28.14 -27.32 1.28
C ARG H 413 27.29 -26.19 0.73
N TRP H 414 27.96 -25.06 0.38
CA TRP H 414 27.24 -23.85 0.04
C TRP H 414 27.88 -23.16 -1.16
N GLU H 415 27.10 -22.31 -1.86
CA GLU H 415 27.62 -21.45 -2.92
C GLU H 415 27.03 -20.05 -2.73
N ILE H 416 27.75 -19.06 -3.26
CA ILE H 416 27.30 -17.69 -3.35
C ILE H 416 26.78 -17.43 -4.77
N ILE H 417 25.55 -16.93 -4.88
CA ILE H 417 24.95 -16.56 -6.16
C ILE H 417 24.82 -15.07 -6.29
N ASN H 418 25.41 -14.49 -7.36
CA ASN H 418 25.29 -13.08 -7.68
C ASN H 418 24.39 -12.88 -8.88
N VAL H 419 23.33 -12.06 -8.75
CA VAL H 419 22.46 -11.79 -9.87
C VAL H 419 22.16 -10.29 -9.99
N LYS H 420 21.80 -9.89 -11.21
CA LYS H 420 21.15 -8.63 -11.47
C LYS H 420 19.68 -8.68 -11.23
N LEU H 421 19.16 -7.62 -10.60
CA LEU H 421 17.71 -7.47 -10.46
C LEU H 421 17.07 -7.08 -11.78
N ASP H 422 15.87 -7.57 -12.01
CA ASP H 422 15.16 -7.27 -13.23
C ASP H 422 14.87 -5.78 -13.25
N ARG H 423 15.07 -5.16 -12.12
CA ARG H 423 14.67 -3.79 -11.93
C ARG H 423 15.42 -3.21 -10.76
N LYS H 424 15.60 -1.89 -10.74
CA LYS H 424 16.18 -1.25 -9.56
C LYS H 424 15.10 -1.07 -8.52
N ILE H 425 15.51 -1.15 -7.26
CA ILE H 425 14.58 -1.05 -6.14
C ILE H 425 14.96 0.16 -5.30
N THR H 426 13.97 0.99 -4.94
CA THR H 426 14.19 2.19 -4.15
C THR H 426 13.16 2.29 -3.03
N GLY H 427 13.44 3.13 -2.03
CA GLY H 427 12.47 3.43 -1.00
C GLY H 427 12.30 2.29 0.01
N ILE H 428 11.31 2.47 0.90
CA ILE H 428 11.04 1.52 1.97
C ILE H 428 10.24 0.36 1.40
N GLN H 429 10.71 -0.87 1.68
CA GLN H 429 10.07 -2.08 1.16
C GLN H 429 9.99 -3.12 2.25
N ASP H 430 9.05 -4.03 2.10
CA ASP H 430 9.09 -5.33 2.75
C ASP H 430 9.61 -6.33 1.71
N VAL H 431 10.64 -7.10 2.07
CA VAL H 431 11.28 -8.01 1.12
C VAL H 431 10.92 -9.44 1.47
N TYR H 432 10.37 -10.17 0.49
CA TYR H 432 10.01 -11.56 0.65
C TYR H 432 10.91 -12.43 -0.21
N PHE H 433 11.44 -13.50 0.40
CA PHE H 433 12.23 -14.52 -0.30
C PHE H 433 11.36 -15.78 -0.35
N VAL H 434 10.97 -16.16 -1.57
CA VAL H 434 10.06 -17.30 -1.78
C VAL H 434 10.85 -18.42 -2.43
N PHE H 435 10.77 -19.63 -1.85
CA PHE H 435 11.62 -20.75 -2.25
C PHE H 435 10.81 -21.75 -3.05
N LYS H 436 11.29 -22.07 -4.24
CA LYS H 436 10.52 -22.87 -5.18
C LYS H 436 11.38 -24.02 -5.70
N GLY H 437 10.76 -25.21 -5.81
CA GLY H 437 11.40 -26.34 -6.45
C GLY H 437 10.34 -27.38 -6.85
N LYS H 438 10.82 -28.42 -7.56
CA LYS H 438 10.01 -29.54 -7.95
C LYS H 438 9.87 -30.63 -6.89
N ALA H 439 10.69 -30.58 -5.83
CA ALA H 439 10.62 -31.64 -4.84
C ALA H 439 9.47 -31.42 -3.90
N SER H 440 9.11 -32.49 -3.16
CA SER H 440 7.98 -32.36 -2.24
C SER H 440 8.38 -31.76 -0.90
N SER H 441 9.68 -31.86 -0.57
CA SER H 441 10.16 -31.44 0.74
C SER H 441 11.57 -30.87 0.59
N ASN H 442 12.03 -30.18 1.65
CA ASN H 442 13.40 -29.71 1.80
C ASN H 442 13.93 -29.11 0.49
N ILE H 443 13.35 -27.99 0.08
CA ILE H 443 13.60 -27.44 -1.24
C ILE H 443 15.06 -26.96 -1.33
N MET H 444 15.49 -26.16 -0.35
CA MET H 444 16.81 -25.59 -0.37
C MET H 444 17.14 -25.04 1.02
N TYR H 445 18.39 -24.57 1.15
CA TYR H 445 18.88 -23.97 2.39
C TYR H 445 19.52 -22.62 2.03
N PHE H 446 19.44 -21.72 3.02
CA PHE H 446 19.66 -20.30 2.83
C PHE H 446 20.38 -19.76 4.08
N ASP H 447 21.51 -19.06 3.88
CA ASP H 447 22.35 -18.63 5.00
C ASP H 447 22.28 -17.12 5.21
N TYR H 448 22.59 -16.32 4.18
CA TYR H 448 22.53 -14.87 4.28
C TYR H 448 22.30 -14.27 2.90
N TRP H 449 22.01 -12.96 2.87
CA TRP H 449 21.88 -12.24 1.60
C TRP H 449 22.39 -10.82 1.75
N LYS H 450 22.51 -10.10 0.62
CA LYS H 450 22.85 -8.68 0.59
C LYS H 450 22.52 -8.12 -0.79
N PHE H 451 22.21 -6.83 -0.86
CA PHE H 451 22.03 -6.10 -2.09
C PHE H 451 23.22 -5.17 -2.35
N SER H 452 23.33 -4.73 -3.60
CA SER H 452 24.39 -3.84 -4.04
C SER H 452 23.76 -2.72 -4.88
N LYS H 453 24.42 -1.57 -4.94
CA LYS H 453 23.92 -0.42 -5.68
C LYS H 453 23.94 -0.66 -7.20
#